data_2W0C
#
_entry.id   2W0C
#
_cell.length_a   946.900
_cell.length_b   677.600
_cell.length_c   1067.600
_cell.angle_alpha   90.00
_cell.angle_beta   102.90
_cell.angle_gamma   90.00
#
_symmetry.space_group_name_H-M   'C 1 2 1'
#
loop_
_entity.id
_entity.type
_entity.pdbx_description
1 polymer 'MAJOR CAPSID PROTEIN P2'
2 polymer 'PROTEIN 2'
3 polymer 'PROTEIN P3'
4 polymer 'PROTEIN P6'
5 non-polymer 'CALCIUM ION'
#
loop_
_entity_poly.entity_id
_entity_poly.type
_entity_poly.pdbx_seq_one_letter_code
_entity_poly.pdbx_strand_id
1 'polypeptide(L)'
;MRSFLNLNSIPNVAAGNSCSIKLPIGQTYEVIDLRYSGVTPSQIKNVRVELDGRLLSTYKTLNDLILENTRHKRKIKAGV
VSFHFVRPEMKGVNVTDLVQQRMFALGTVGLTTCEIKFDIDEAAAGPKLSAIAQKSVGTAPSWLTMRRNFFKQLNNGTTE
IADLPRPVGYRIAAIHIKAAGVDAVEFQIDGTKWRDLLKKADNDYILEQYGKAVLDNTYTIDFMLEGDVYQSVLLDQMIQ
DLRLKIDSTMDEQAEIIVEYMGVWSRNGF
;
A,B,C,D,E,F,G,H,I,J
2 'polypeptide(L)'
;MIVKKKLAAGEFAETFKNGNNITIIKAVGELVLRAYGADGGEGLRTIVRQGVSIKGMNYTSVMLHTEYAQEIEYWVGDLD
YSFQEQTTKSRDVNSFQIPLRDGVRELLPEDASRNRASIKSPVDIWIGGENMTALNGIVDGGRKFEAGQEFQINTFGSVN
YWVSDEEIRVFKEYSARAKYAQNEGRTALEANNVPFFDIDVPPELDGVPFSLKARVRHKSKGVDGLGDYTSISVKPAFYI
TEGDETTDTLIKYTSYGSTGSHSGYDFDDNTLDVMVTLSAGVHRVFPVETELDYDAVQEVQHDWYDESFTTFIEVYSDDP
LLTVKGYAQILMERT
;
L
3 'polypeptide(L)'
;MNTSVPTSVPTNQSVWGNVSTGLDALISGWARVEQIKAAKASTGQGRVEQAMTPELDNGAAVVVEAPKKAAQPSETLVFG
VPQKTLLLGFGGLLVLGLVMRGNK
;
P,Q,R,S
4 'polypeptide(L)'
;MANFLTKNFVWILAAGVGVWFYQKADNAAKTATKPIADFLAELQFLVNGSNYVKFPNAGFVLTRDALQDDFIAYDDRIKA
WLGTHDRHKDFLAEILDHERRVKPVYRKLIGNIIDASTIRAASGVEL
;
T
#
loop_
_chem_comp.id
_chem_comp.type
_chem_comp.name
_chem_comp.formula
CA non-polymer 'CALCIUM ION' 'Ca 2'
#
# COMPACT_ATOMS: atom_id res chain seq x y z
N MET A 1 39.15 23.16 -38.02
CA MET A 1 40.32 23.39 -37.18
C MET A 1 40.03 24.46 -36.13
N ARG A 2 40.44 24.17 -34.90
CA ARG A 2 40.25 25.12 -33.79
C ARG A 2 41.49 25.99 -33.65
N SER A 3 41.36 27.10 -32.95
CA SER A 3 42.47 28.00 -32.71
C SER A 3 42.65 28.23 -31.22
N PHE A 4 43.87 28.03 -30.74
CA PHE A 4 44.20 28.24 -29.34
C PHE A 4 44.95 29.55 -29.23
N LEU A 5 44.35 30.53 -28.57
CA LEU A 5 44.95 31.85 -28.45
C LEU A 5 45.25 32.29 -27.03
N ASN A 6 46.35 33.00 -26.86
CA ASN A 6 46.73 33.56 -25.57
C ASN A 6 46.04 34.93 -25.50
N LEU A 7 44.91 34.98 -24.82
CA LEU A 7 44.14 36.22 -24.71
C LEU A 7 45.00 37.40 -24.27
N ASN A 8 44.57 38.60 -24.64
CA ASN A 8 45.28 39.82 -24.27
C ASN A 8 45.42 39.89 -22.76
N SER A 9 46.44 40.61 -22.30
CA SER A 9 46.69 40.75 -20.88
C SER A 9 45.49 41.37 -20.15
N ILE A 10 45.18 40.85 -18.97
CA ILE A 10 44.06 41.36 -18.18
C ILE A 10 44.51 42.66 -17.50
N PRO A 11 43.80 43.75 -17.80
CA PRO A 11 44.15 45.06 -17.27
C PRO A 11 43.94 45.23 -15.77
N ASN A 12 44.91 45.87 -15.13
CA ASN A 12 44.85 46.19 -13.70
C ASN A 12 44.51 45.05 -12.77
N VAL A 13 45.35 44.02 -12.76
CA VAL A 13 45.15 42.88 -11.86
C VAL A 13 45.82 43.16 -10.52
N ALA A 14 45.05 43.57 -9.54
CA ALA A 14 45.57 43.87 -8.21
C ALA A 14 44.50 43.62 -7.15
N ALA A 15 44.95 43.44 -5.90
CA ALA A 15 44.04 43.20 -4.79
C ALA A 15 43.05 44.35 -4.61
N GLY A 16 41.78 44.01 -4.43
CA GLY A 16 40.73 45.00 -4.23
C GLY A 16 40.28 45.65 -5.53
N ASN A 17 40.85 45.21 -6.65
CA ASN A 17 40.52 45.76 -7.95
C ASN A 17 39.36 45.04 -8.61
N SER A 18 38.69 45.74 -9.53
CA SER A 18 37.58 45.17 -10.28
C SER A 18 38.05 45.01 -11.72
N CYS A 19 38.37 43.78 -12.11
CA CYS A 19 38.88 43.52 -13.44
C CYS A 19 37.85 42.89 -14.36
N SER A 20 38.20 42.77 -15.63
CA SER A 20 37.30 42.21 -16.61
C SER A 20 38.07 41.55 -17.75
N ILE A 21 37.52 40.45 -18.27
CA ILE A 21 38.12 39.75 -19.40
C ILE A 21 37.29 40.07 -20.64
N LYS A 22 37.68 41.11 -21.35
CA LYS A 22 36.96 41.52 -22.54
C LYS A 22 37.32 40.64 -23.72
N LEU A 23 36.34 39.90 -24.22
CA LEU A 23 36.55 38.99 -25.33
C LEU A 23 36.23 39.63 -26.68
N PRO A 24 37.15 39.46 -27.62
CA PRO A 24 36.99 40.01 -28.96
C PRO A 24 35.84 39.32 -29.69
N ILE A 25 34.96 40.12 -30.29
CA ILE A 25 33.80 39.60 -31.01
C ILE A 25 34.17 39.12 -32.41
N GLY A 26 33.46 38.09 -32.88
CA GLY A 26 33.70 37.56 -34.22
C GLY A 26 33.65 36.03 -34.29
N GLN A 27 34.31 35.37 -33.34
CA GLN A 27 34.36 33.91 -33.34
C GLN A 27 33.56 33.25 -32.23
N THR A 28 33.77 31.95 -32.04
CA THR A 28 33.09 31.18 -31.02
C THR A 28 34.06 30.72 -29.94
N TYR A 29 33.69 30.92 -28.68
CA TYR A 29 34.52 30.50 -27.56
C TYR A 29 33.98 29.20 -26.96
N GLU A 30 34.71 28.12 -27.17
CA GLU A 30 34.30 26.82 -26.65
C GLU A 30 34.73 26.67 -25.20
N VAL A 31 35.97 27.07 -24.92
CA VAL A 31 36.52 27.00 -23.57
C VAL A 31 37.47 28.17 -23.31
N ILE A 32 37.47 28.65 -22.08
CA ILE A 32 38.36 29.73 -21.67
C ILE A 32 39.13 29.30 -20.42
N ASP A 33 40.43 29.11 -20.57
CA ASP A 33 41.28 28.68 -19.46
C ASP A 33 41.87 29.86 -18.70
N LEU A 34 41.45 30.03 -17.45
CA LEU A 34 41.93 31.13 -16.64
C LEU A 34 42.97 30.68 -15.63
N ARG A 35 44.20 31.16 -15.80
CA ARG A 35 45.29 30.82 -14.91
C ARG A 35 45.37 31.87 -13.80
N TYR A 36 45.50 31.41 -12.56
CA TYR A 36 45.56 32.31 -11.42
C TYR A 36 46.67 31.94 -10.44
N SER A 37 47.19 32.94 -9.76
CA SER A 37 48.25 32.76 -8.77
C SER A 37 48.32 34.01 -7.89
N GLY A 38 48.72 33.83 -6.64
CA GLY A 38 48.80 34.95 -5.70
C GLY A 38 47.39 35.31 -5.22
N VAL A 39 46.45 34.42 -5.48
CA VAL A 39 45.06 34.63 -5.08
C VAL A 39 44.32 33.30 -5.11
N THR A 40 43.34 33.15 -4.22
CA THR A 40 42.54 31.94 -4.16
C THR A 40 41.28 32.10 -5.00
N PRO A 41 40.71 30.99 -5.45
CA PRO A 41 39.50 31.03 -6.25
C PRO A 41 38.38 31.71 -5.49
N SER A 42 38.39 31.56 -4.17
CA SER A 42 37.38 32.17 -3.32
C SER A 42 37.62 33.67 -3.17
N GLN A 43 38.82 34.11 -3.56
CA GLN A 43 39.17 35.52 -3.48
C GLN A 43 38.80 36.26 -4.77
N ILE A 44 38.31 35.50 -5.76
CA ILE A 44 37.86 36.08 -7.02
C ILE A 44 36.33 36.08 -6.95
N LYS A 45 35.77 37.16 -6.43
CA LYS A 45 34.34 37.27 -6.20
C LYS A 45 33.51 37.88 -7.34
N ASN A 46 32.20 37.69 -7.24
CA ASN A 46 31.24 38.22 -8.20
C ASN A 46 31.65 38.05 -9.65
N VAL A 47 31.78 36.79 -10.07
CA VAL A 47 32.14 36.49 -11.45
C VAL A 47 30.88 36.54 -12.31
N ARG A 48 30.87 37.45 -13.29
CA ARG A 48 29.72 37.60 -14.15
C ARG A 48 30.08 37.54 -15.63
N VAL A 49 29.36 36.70 -16.37
CA VAL A 49 29.55 36.56 -17.79
C VAL A 49 28.48 37.44 -18.44
N GLU A 50 28.90 38.50 -19.11
CA GLU A 50 27.96 39.44 -19.72
C GLU A 50 28.03 39.50 -21.24
N LEU A 51 26.86 39.44 -21.86
CA LEU A 51 26.75 39.53 -23.31
C LEU A 51 25.96 40.81 -23.63
N ASP A 52 26.64 41.79 -24.21
CA ASP A 52 25.99 43.05 -24.54
C ASP A 52 25.56 43.81 -23.29
N GLY A 53 26.31 43.65 -22.20
CA GLY A 53 26.00 44.32 -20.95
C GLY A 53 25.02 43.56 -20.06
N ARG A 54 24.39 42.54 -20.61
CA ARG A 54 23.41 41.75 -19.86
C ARG A 54 24.05 40.53 -19.20
N LEU A 55 23.49 40.10 -18.09
CA LEU A 55 24.03 38.95 -17.35
C LEU A 55 23.61 37.62 -17.94
N LEU A 56 24.59 36.73 -18.14
CA LEU A 56 24.33 35.40 -18.65
C LEU A 56 24.44 34.40 -17.51
N SER A 57 25.65 34.30 -16.95
CA SER A 57 25.91 33.40 -15.83
C SER A 57 26.58 34.16 -14.70
N THR A 58 26.38 33.70 -13.47
CA THR A 58 26.97 34.36 -12.32
C THR A 58 27.55 33.36 -11.32
N TYR A 59 28.71 33.70 -10.76
CA TYR A 59 29.37 32.87 -9.76
C TYR A 59 29.74 33.75 -8.56
N LYS A 60 29.29 33.38 -7.37
CA LYS A 60 29.61 34.13 -6.17
C LYS A 60 31.13 34.27 -6.06
N THR A 61 31.83 33.18 -6.33
CA THR A 61 33.29 33.17 -6.32
C THR A 61 33.79 32.20 -7.39
N LEU A 62 35.06 32.32 -7.77
CA LEU A 62 35.63 31.45 -8.79
C LEU A 62 35.64 29.99 -8.34
N ASN A 63 35.51 29.78 -7.04
CA ASN A 63 35.50 28.43 -6.48
C ASN A 63 34.26 27.65 -6.92
N ASP A 64 33.20 28.37 -7.23
CA ASP A 64 31.96 27.75 -7.67
C ASP A 64 32.12 27.20 -9.09
N LEU A 65 33.04 27.78 -9.85
CA LEU A 65 33.31 27.32 -11.20
C LEU A 65 34.15 26.05 -11.12
N ILE A 66 35.00 25.98 -10.10
CA ILE A 66 35.84 24.81 -9.86
C ILE A 66 34.97 23.63 -9.45
N LEU A 67 33.96 23.91 -8.64
CA LEU A 67 33.03 22.90 -8.17
C LEU A 67 32.11 22.45 -9.29
N GLU A 68 31.76 23.38 -10.18
CA GLU A 68 30.91 23.07 -11.31
C GLU A 68 31.60 22.05 -12.21
N ASN A 69 32.90 22.24 -12.41
CA ASN A 69 33.68 21.33 -13.25
C ASN A 69 33.94 20.01 -12.53
N THR A 70 34.18 20.08 -11.22
CA THR A 70 34.43 18.90 -10.41
C THR A 70 33.22 17.96 -10.44
N ARG A 71 32.03 18.53 -10.39
CA ARG A 71 30.79 17.75 -10.39
C ARG A 71 30.66 16.84 -11.62
N HIS A 72 31.08 17.35 -12.77
CA HIS A 72 31.01 16.59 -14.02
C HIS A 72 32.26 15.73 -14.19
N LYS A 73 33.14 15.78 -13.20
CA LYS A 73 34.38 15.03 -13.24
C LYS A 73 35.29 15.50 -14.37
N ARG A 74 35.31 16.80 -14.61
CA ARG A 74 36.16 17.37 -15.65
C ARG A 74 37.56 17.54 -15.07
N LYS A 75 38.56 17.61 -15.94
CA LYS A 75 39.94 17.75 -15.50
C LYS A 75 40.15 19.01 -14.66
N ILE A 76 40.59 18.81 -13.42
CA ILE A 76 40.84 19.92 -12.51
C ILE A 76 42.34 20.03 -12.25
N LYS A 77 42.87 21.24 -12.39
CA LYS A 77 44.29 21.49 -12.17
C LYS A 77 44.47 22.74 -11.31
N ALA A 78 45.33 22.63 -10.30
CA ALA A 78 45.62 23.76 -9.42
C ALA A 78 46.32 24.88 -10.18
N GLY A 79 45.84 26.10 -10.00
CA GLY A 79 46.43 27.24 -10.68
C GLY A 79 45.69 27.58 -11.96
N VAL A 80 44.68 26.77 -12.30
CA VAL A 80 43.90 27.00 -13.51
C VAL A 80 42.44 26.59 -13.33
N VAL A 81 41.54 27.38 -13.91
CA VAL A 81 40.11 27.10 -13.87
C VAL A 81 39.53 27.44 -15.23
N SER A 82 38.81 26.49 -15.82
CA SER A 82 38.27 26.69 -17.16
C SER A 82 36.77 26.97 -17.19
N PHE A 83 36.36 27.75 -18.20
CA PHE A 83 34.97 28.07 -18.42
C PHE A 83 34.52 27.18 -19.56
N HIS A 84 33.85 26.09 -19.23
CA HIS A 84 33.38 25.15 -20.24
C HIS A 84 32.03 25.55 -20.82
N PHE A 85 32.06 26.27 -21.94
CA PHE A 85 30.83 26.69 -22.59
C PHE A 85 30.27 25.47 -23.32
N VAL A 86 31.16 24.77 -24.02
CA VAL A 86 30.78 23.54 -24.68
C VAL A 86 30.67 22.48 -23.58
N ARG A 87 29.54 21.79 -23.52
CA ARG A 87 29.33 20.78 -22.49
C ARG A 87 29.74 19.39 -22.98
N PRO A 88 30.89 18.94 -22.52
CA PRO A 88 31.47 17.65 -22.92
C PRO A 88 30.65 16.42 -22.56
N GLU A 89 29.75 16.56 -21.59
CA GLU A 89 28.94 15.44 -21.14
C GLU A 89 27.68 15.23 -21.97
N MET A 90 27.41 16.17 -22.88
CA MET A 90 26.22 16.08 -23.72
C MET A 90 26.21 14.86 -24.64
N LYS A 91 25.04 14.28 -24.79
CA LYS A 91 24.85 13.11 -25.67
C LYS A 91 23.69 13.42 -26.62
N GLY A 92 23.88 13.11 -27.90
CA GLY A 92 22.86 13.39 -28.91
C GLY A 92 21.77 12.31 -28.95
N VAL A 93 20.56 12.73 -29.27
CA VAL A 93 19.43 11.81 -29.37
C VAL A 93 19.05 11.64 -30.83
N ASN A 94 18.99 12.77 -31.55
CA ASN A 94 18.67 12.76 -32.98
C ASN A 94 19.81 13.44 -33.74
N VAL A 95 20.88 13.76 -33.02
CA VAL A 95 22.07 14.37 -33.58
C VAL A 95 23.27 13.73 -32.91
N THR A 96 24.46 13.98 -33.42
CA THR A 96 25.67 13.41 -32.85
C THR A 96 25.99 14.04 -31.50
N ASP A 97 26.75 13.32 -30.68
CA ASP A 97 27.13 13.83 -29.37
C ASP A 97 27.90 15.15 -29.52
N LEU A 98 28.78 15.18 -30.52
CA LEU A 98 29.60 16.37 -30.79
C LEU A 98 28.73 17.60 -31.04
N VAL A 99 27.66 17.42 -31.80
CA VAL A 99 26.76 18.53 -32.12
C VAL A 99 26.04 19.02 -30.86
N GLN A 100 25.63 18.08 -30.02
CA GLN A 100 24.93 18.40 -28.79
C GLN A 100 25.82 19.10 -27.77
N GLN A 101 27.12 18.79 -27.80
CA GLN A 101 28.08 19.40 -26.89
C GLN A 101 28.49 20.79 -27.37
N ARG A 102 28.83 20.89 -28.65
CA ARG A 102 29.28 22.15 -29.23
C ARG A 102 28.16 23.18 -29.31
N MET A 103 26.91 22.72 -29.24
CA MET A 103 25.76 23.60 -29.31
C MET A 103 25.70 24.59 -28.15
N PHE A 104 26.54 24.38 -27.14
CA PHE A 104 26.58 25.26 -25.98
C PHE A 104 27.72 26.27 -26.04
N ALA A 105 28.53 26.17 -27.09
CA ALA A 105 29.66 27.08 -27.26
C ALA A 105 29.21 28.54 -27.25
N LEU A 106 30.08 29.42 -26.78
CA LEU A 106 29.77 30.84 -26.72
C LEU A 106 30.04 31.57 -28.02
N GLY A 107 29.05 31.58 -28.92
CA GLY A 107 29.18 32.29 -30.18
C GLY A 107 29.07 33.77 -29.88
N THR A 108 29.78 34.60 -30.64
CA THR A 108 29.78 36.05 -30.41
C THR A 108 29.25 36.86 -31.58
N VAL A 109 28.94 36.19 -32.68
CA VAL A 109 28.42 36.86 -33.87
C VAL A 109 27.16 37.69 -33.59
N GLY A 110 27.20 38.97 -33.95
CA GLY A 110 26.07 39.86 -33.74
C GLY A 110 26.15 40.58 -32.41
N LEU A 111 27.13 40.18 -31.58
CA LEU A 111 27.33 40.78 -30.26
C LEU A 111 28.09 42.10 -30.35
N THR A 112 27.88 42.95 -29.35
CA THR A 112 28.57 44.23 -29.30
C THR A 112 29.67 44.14 -28.24
N THR A 113 29.41 43.37 -27.19
CA THR A 113 30.37 43.16 -26.13
C THR A 113 30.23 41.80 -25.46
N CYS A 114 31.37 41.18 -25.17
CA CYS A 114 31.42 39.91 -24.48
C CYS A 114 32.44 40.05 -23.35
N GLU A 115 31.96 40.01 -22.12
CA GLU A 115 32.82 40.22 -20.97
C GLU A 115 32.70 39.19 -19.85
N ILE A 116 33.77 39.04 -19.09
CA ILE A 116 33.79 38.18 -17.93
C ILE A 116 34.33 39.02 -16.78
N LYS A 117 33.42 39.69 -16.08
CA LYS A 117 33.79 40.58 -14.99
C LYS A 117 33.92 39.83 -13.66
N PHE A 118 34.72 40.41 -12.77
CA PHE A 118 34.95 39.83 -11.45
C PHE A 118 35.70 40.82 -10.56
N ASP A 119 35.62 40.60 -9.25
CA ASP A 119 36.30 41.47 -8.30
C ASP A 119 37.38 40.71 -7.55
N ILE A 120 38.55 41.33 -7.42
CA ILE A 120 39.66 40.70 -6.70
C ILE A 120 39.61 41.12 -5.24
N ASP A 121 39.54 40.15 -4.35
CA ASP A 121 39.48 40.43 -2.92
C ASP A 121 40.66 41.27 -2.47
N GLU A 122 40.46 42.07 -1.43
CA GLU A 122 41.50 42.94 -0.89
C GLU A 122 42.62 42.15 -0.22
N ALA A 123 42.30 40.97 0.29
CA ALA A 123 43.27 40.13 0.97
C ALA A 123 44.20 39.38 0.01
N ALA A 124 43.92 39.47 -1.27
CA ALA A 124 44.73 38.78 -2.29
C ALA A 124 46.21 39.07 -2.11
N ALA A 125 46.99 38.01 -1.94
CA ALA A 125 48.44 38.13 -1.74
C ALA A 125 49.12 38.96 -2.84
N GLY A 126 49.12 38.44 -4.06
CA GLY A 126 49.73 39.11 -5.19
C GLY A 126 49.12 38.58 -6.49
N PRO A 127 47.83 38.85 -6.66
CA PRO A 127 47.07 38.37 -7.82
C PRO A 127 47.77 38.45 -9.16
N LYS A 128 47.68 37.36 -9.91
CA LYS A 128 48.26 37.26 -11.25
C LYS A 128 47.30 36.41 -12.07
N LEU A 129 46.69 37.01 -13.09
CA LEU A 129 45.73 36.30 -13.91
C LEU A 129 45.94 36.46 -15.40
N SER A 130 45.84 35.34 -16.12
CA SER A 130 45.99 35.34 -17.57
C SER A 130 44.94 34.38 -18.13
N ALA A 131 44.61 34.53 -19.40
CA ALA A 131 43.60 33.67 -20.02
C ALA A 131 43.98 33.18 -21.41
N ILE A 132 43.54 31.96 -21.70
CA ILE A 132 43.76 31.35 -23.00
C ILE A 132 42.41 30.95 -23.57
N ALA A 133 42.22 31.15 -24.87
CA ALA A 133 40.94 30.83 -25.49
C ALA A 133 41.01 29.71 -26.53
N GLN A 134 40.10 28.76 -26.41
CA GLN A 134 39.98 27.66 -27.37
C GLN A 134 38.77 28.04 -28.22
N LYS A 135 39.03 28.64 -29.38
CA LYS A 135 37.95 29.12 -30.24
C LYS A 135 37.71 28.29 -31.49
N SER A 136 36.59 28.59 -32.14
CA SER A 136 36.19 27.94 -33.38
C SER A 136 35.43 28.96 -34.22
N VAL A 137 35.01 28.56 -35.42
CA VAL A 137 34.29 29.46 -36.30
C VAL A 137 33.13 30.19 -35.61
N GLY A 138 32.93 31.44 -35.99
CA GLY A 138 31.90 32.29 -35.39
C GLY A 138 30.47 31.78 -35.57
N THR A 139 29.67 31.97 -34.52
CA THR A 139 28.27 31.59 -34.51
C THR A 139 27.55 32.57 -33.60
N ALA A 140 26.23 32.65 -33.72
CA ALA A 140 25.45 33.53 -32.85
C ALA A 140 25.53 32.95 -31.44
N PRO A 141 25.23 33.75 -30.42
CA PRO A 141 25.26 33.28 -29.05
C PRO A 141 24.43 32.00 -28.95
N SER A 142 23.24 32.01 -29.53
CA SER A 142 22.37 30.84 -29.56
C SER A 142 22.19 30.16 -28.20
N TRP A 143 22.14 28.83 -28.22
CA TRP A 143 21.94 28.04 -27.00
C TRP A 143 23.11 28.21 -26.03
N LEU A 144 22.81 28.73 -24.84
CA LEU A 144 23.82 28.96 -23.82
C LEU A 144 23.33 28.50 -22.44
N THR A 145 24.28 28.21 -21.56
CA THR A 145 23.96 27.83 -20.19
C THR A 145 23.93 29.12 -19.36
N MET A 146 22.86 29.32 -18.61
CA MET A 146 22.72 30.53 -17.81
C MET A 146 22.62 30.21 -16.31
N ARG A 147 23.76 30.25 -15.64
CA ARG A 147 23.83 29.95 -14.21
C ARG A 147 23.30 31.13 -13.40
N ARG A 148 22.23 30.90 -12.64
CA ARG A 148 21.62 31.93 -11.83
C ARG A 148 21.71 31.64 -10.33
N ASN A 149 21.85 32.71 -9.55
CA ASN A 149 22.00 32.61 -8.10
C ASN A 149 20.73 33.04 -7.36
N PHE A 150 20.37 32.27 -6.34
CA PHE A 150 19.20 32.58 -5.53
C PHE A 150 19.48 32.23 -4.07
N PHE A 151 19.02 33.08 -3.14
CA PHE A 151 19.22 32.84 -1.73
C PHE A 151 17.88 32.71 -1.02
N LYS A 152 17.69 31.60 -0.31
CA LYS A 152 16.43 31.36 0.38
C LYS A 152 16.67 30.75 1.76
N GLN A 153 15.73 31.01 2.67
CA GLN A 153 15.84 30.51 4.03
C GLN A 153 15.30 29.09 4.16
N LEU A 154 16.09 28.24 4.81
CA LEU A 154 15.71 26.86 5.05
C LEU A 154 15.42 26.72 6.53
N ASN A 155 14.42 25.92 6.85
CA ASN A 155 14.08 25.73 8.23
C ASN A 155 14.52 24.36 8.64
N ASN A 156 14.45 24.13 9.94
CA ASN A 156 14.71 22.83 10.47
C ASN A 156 13.31 22.21 10.49
N GLY A 157 13.08 21.36 9.51
CA GLY A 157 11.79 20.74 9.28
C GLY A 157 11.62 20.72 7.77
N THR A 158 10.52 21.30 7.28
CA THR A 158 10.26 21.32 5.85
C THR A 158 10.12 22.73 5.27
N THR A 159 10.89 23.02 4.23
CA THR A 159 10.81 24.30 3.54
C THR A 159 10.41 24.06 2.09
N GLU A 160 9.60 24.99 1.55
CA GLU A 160 9.14 24.88 0.17
C GLU A 160 9.54 26.11 -0.65
N ILE A 161 10.15 25.87 -1.80
CA ILE A 161 10.59 26.94 -2.69
C ILE A 161 9.89 26.83 -4.05
N ALA A 162 8.89 27.69 -4.27
CA ALA A 162 8.13 27.65 -5.51
C ALA A 162 8.20 28.95 -6.30
N ASP A 163 9.04 29.88 -5.86
CA ASP A 163 9.17 31.17 -6.54
C ASP A 163 10.39 31.28 -7.47
N LEU A 164 10.83 30.14 -8.00
CA LEU A 164 11.96 30.14 -8.91
C LEU A 164 11.53 30.65 -10.28
N PRO A 165 12.33 31.54 -10.86
CA PRO A 165 12.01 32.12 -12.17
C PRO A 165 11.71 31.03 -13.20
N ARG A 166 10.68 31.25 -14.01
CA ARG A 166 10.29 30.30 -15.03
C ARG A 166 10.23 30.94 -16.42
N PRO A 167 11.38 31.41 -16.90
CA PRO A 167 11.45 32.03 -18.22
C PRO A 167 10.86 31.09 -19.27
N VAL A 168 9.88 31.59 -20.01
CA VAL A 168 9.20 30.79 -21.03
C VAL A 168 10.10 30.34 -22.17
N GLY A 169 10.04 29.06 -22.51
CA GLY A 169 10.83 28.51 -23.61
C GLY A 169 12.18 27.99 -23.14
N TYR A 170 12.59 28.41 -21.95
CA TYR A 170 13.87 27.99 -21.38
C TYR A 170 13.76 26.63 -20.72
N ARG A 171 14.89 26.06 -20.34
CA ARG A 171 14.93 24.76 -19.68
C ARG A 171 15.77 24.85 -18.41
N ILE A 172 15.67 23.82 -17.58
CA ILE A 172 16.46 23.75 -16.36
C ILE A 172 17.27 22.45 -16.39
N ALA A 173 18.59 22.60 -16.48
CA ALA A 173 19.47 21.44 -16.52
C ALA A 173 19.64 20.82 -15.14
N ALA A 174 19.79 21.67 -14.13
CA ALA A 174 19.96 21.19 -12.77
C ALA A 174 19.71 22.27 -11.72
N ILE A 175 19.53 21.83 -10.47
CA ILE A 175 19.32 22.73 -9.36
C ILE A 175 20.23 22.27 -8.22
N HIS A 176 21.04 23.18 -7.70
CA HIS A 176 21.96 22.85 -6.63
C HIS A 176 21.62 23.59 -5.34
N ILE A 177 21.23 22.83 -4.32
CA ILE A 177 20.89 23.42 -3.03
C ILE A 177 22.12 23.41 -2.13
N LYS A 178 22.69 24.59 -1.89
CA LYS A 178 23.88 24.70 -1.05
C LYS A 178 23.52 24.95 0.40
N ALA A 179 23.46 23.87 1.18
CA ALA A 179 23.14 23.94 2.59
C ALA A 179 23.77 22.73 3.28
N ALA A 180 24.10 22.88 4.57
CA ALA A 180 24.75 21.82 5.31
C ALA A 180 23.83 20.83 6.02
N GLY A 181 22.56 21.17 6.15
CA GLY A 181 21.61 20.31 6.87
C GLY A 181 20.42 19.79 6.06
N VAL A 182 20.61 19.56 4.78
CA VAL A 182 19.54 19.03 3.94
C VAL A 182 19.53 17.50 3.96
N ASP A 183 18.42 16.94 4.42
CA ASP A 183 18.27 15.49 4.52
C ASP A 183 17.68 14.87 3.26
N ALA A 184 16.58 15.44 2.80
CA ALA A 184 15.90 14.94 1.61
C ALA A 184 15.21 16.08 0.87
N VAL A 185 14.95 15.87 -0.41
CA VAL A 185 14.31 16.88 -1.23
C VAL A 185 13.29 16.22 -2.17
N GLU A 186 12.27 16.99 -2.53
CA GLU A 186 11.23 16.50 -3.43
C GLU A 186 10.98 17.58 -4.47
N PHE A 187 10.88 17.17 -5.73
CA PHE A 187 10.63 18.11 -6.81
C PHE A 187 9.34 17.77 -7.54
N GLN A 188 8.50 18.77 -7.74
CA GLN A 188 7.24 18.56 -8.44
C GLN A 188 6.84 19.72 -9.33
N ILE A 189 6.08 19.40 -10.37
CA ILE A 189 5.60 20.41 -11.31
C ILE A 189 4.12 20.16 -11.55
N ASP A 190 3.28 21.09 -11.11
CA ASP A 190 1.84 20.95 -11.27
C ASP A 190 1.31 19.73 -10.53
N GLY A 191 1.78 19.55 -9.29
CA GLY A 191 1.34 18.43 -8.47
C GLY A 191 2.10 17.13 -8.77
N THR A 192 2.55 16.97 -10.01
CA THR A 192 3.28 15.78 -10.41
C THR A 192 4.65 15.70 -9.73
N LYS A 193 4.87 14.61 -9.00
CA LYS A 193 6.13 14.41 -8.30
C LYS A 193 7.18 13.73 -9.18
N TRP A 194 7.97 14.55 -9.87
CA TRP A 194 9.01 14.03 -10.76
C TRP A 194 10.17 13.44 -9.96
N ARG A 195 10.36 13.95 -8.76
CA ARG A 195 11.41 13.45 -7.87
C ARG A 195 10.80 13.27 -6.49
N ASP A 196 10.60 12.01 -6.11
CA ASP A 196 10.04 11.70 -4.81
C ASP A 196 10.93 12.28 -3.73
N LEU A 197 10.43 12.29 -2.50
CA LEU A 197 11.22 12.77 -1.37
C LEU A 197 12.40 11.83 -1.23
N LEU A 198 13.46 12.08 -2.00
CA LEU A 198 14.65 11.23 -2.01
C LEU A 198 15.64 11.63 -0.93
N LYS A 199 16.08 10.65 -0.14
CA LYS A 199 17.07 10.90 0.89
C LYS A 199 18.39 11.27 0.23
N LYS A 200 19.16 12.12 0.90
CA LYS A 200 20.45 12.56 0.37
C LYS A 200 21.33 11.39 -0.10
N ALA A 201 21.45 10.36 0.73
CA ALA A 201 22.25 9.20 0.40
C ALA A 201 21.78 8.53 -0.89
N ASP A 202 20.46 8.51 -1.10
CA ASP A 202 19.88 7.90 -2.27
C ASP A 202 20.06 8.78 -3.52
N ASN A 203 19.88 10.08 -3.34
CA ASN A 203 20.05 11.03 -4.43
C ASN A 203 21.50 11.05 -4.88
N ASP A 204 22.41 11.07 -3.90
CA ASP A 204 23.84 11.10 -4.18
C ASP A 204 24.33 9.83 -4.85
N TYR A 205 23.64 8.72 -4.60
CA TYR A 205 24.00 7.44 -5.19
C TYR A 205 23.68 7.47 -6.69
N ILE A 206 22.52 8.02 -7.03
CA ILE A 206 22.11 8.12 -8.43
C ILE A 206 23.06 9.05 -9.19
N LEU A 207 23.46 10.14 -8.53
CA LEU A 207 24.39 11.10 -9.15
C LEU A 207 25.69 10.39 -9.52
N GLU A 208 26.31 9.73 -8.54
CA GLU A 208 27.56 9.01 -8.75
C GLU A 208 27.37 7.91 -9.78
N GLN A 209 26.16 7.37 -9.84
CA GLN A 209 25.83 6.30 -10.76
C GLN A 209 25.99 6.76 -12.21
N TYR A 210 25.97 8.07 -12.41
CA TYR A 210 26.10 8.64 -13.75
C TYR A 210 27.43 9.38 -13.99
N GLY A 211 28.44 9.02 -13.20
CA GLY A 211 29.78 9.59 -13.35
C GLY A 211 29.94 10.99 -12.78
N LYS A 212 28.99 11.42 -11.94
CA LYS A 212 29.07 12.75 -11.32
C LYS A 212 29.69 12.66 -9.93
N ALA A 213 30.28 13.76 -9.50
CA ALA A 213 30.90 13.82 -8.18
C ALA A 213 29.99 14.62 -7.25
N VAL A 214 29.74 14.09 -6.06
CA VAL A 214 28.89 14.77 -5.09
C VAL A 214 29.65 15.92 -4.42
N LEU A 215 29.06 17.11 -4.45
CA LEU A 215 29.67 18.28 -3.85
C LEU A 215 29.30 18.40 -2.38
N ASP A 216 30.25 18.85 -1.56
CA ASP A 216 30.04 18.99 -0.13
C ASP A 216 28.94 20.01 0.17
N ASN A 217 28.11 19.69 1.16
CA ASN A 217 27.03 20.58 1.58
C ASN A 217 26.17 21.03 0.41
N THR A 218 25.90 20.10 -0.51
CA THR A 218 25.09 20.40 -1.69
C THR A 218 24.16 19.24 -2.04
N TYR A 219 22.92 19.58 -2.37
CA TYR A 219 21.95 18.58 -2.82
C TYR A 219 21.65 18.92 -4.27
N THR A 220 22.22 18.13 -5.18
CA THR A 220 22.07 18.37 -6.61
C THR A 220 20.93 17.59 -7.23
N ILE A 221 20.08 18.30 -7.97
CA ILE A 221 18.98 17.69 -8.70
C ILE A 221 19.31 17.79 -10.18
N ASP A 222 20.04 16.79 -10.68
CA ASP A 222 20.47 16.74 -12.06
C ASP A 222 19.36 16.23 -12.98
N PHE A 223 18.93 17.08 -13.90
CA PHE A 223 17.87 16.71 -14.84
C PHE A 223 18.45 16.22 -16.17
N MET A 224 19.78 16.16 -16.25
CA MET A 224 20.46 15.71 -17.46
C MET A 224 21.51 14.66 -17.14
N LEU A 225 21.18 13.74 -16.25
CA LEU A 225 22.09 12.69 -15.84
C LEU A 225 22.62 11.84 -17.01
N GLU A 226 21.76 11.61 -17.99
CA GLU A 226 22.14 10.82 -19.16
C GLU A 226 22.88 11.64 -20.21
N GLY A 227 22.86 12.95 -20.05
CA GLY A 227 23.52 13.84 -21.00
C GLY A 227 22.53 14.28 -22.07
N ASP A 228 21.29 13.81 -21.96
CA ASP A 228 20.24 14.14 -22.90
C ASP A 228 19.59 15.46 -22.51
N VAL A 229 19.71 16.47 -23.39
CA VAL A 229 19.15 17.78 -23.13
C VAL A 229 17.63 17.77 -23.01
N TYR A 230 17.00 16.77 -23.65
CA TYR A 230 15.54 16.65 -23.64
C TYR A 230 15.00 16.08 -22.33
N GLN A 231 15.90 15.78 -21.41
CA GLN A 231 15.51 15.23 -20.12
C GLN A 231 15.38 16.37 -19.12
N SER A 232 15.93 17.52 -19.48
CA SER A 232 15.87 18.70 -18.63
C SER A 232 14.45 19.23 -18.53
N VAL A 233 14.21 20.06 -17.52
CA VAL A 233 12.90 20.66 -17.30
C VAL A 233 12.58 21.73 -18.34
N LEU A 234 11.52 21.50 -19.12
CA LEU A 234 11.10 22.47 -20.11
C LEU A 234 10.11 23.43 -19.48
N LEU A 235 10.53 24.67 -19.28
CA LEU A 235 9.69 25.67 -18.66
C LEU A 235 8.51 26.07 -19.55
N ASP A 236 7.53 25.17 -19.64
CA ASP A 236 6.32 25.36 -20.43
C ASP A 236 5.54 26.56 -19.94
N GLN A 237 5.11 27.41 -20.87
CA GLN A 237 4.32 28.60 -20.55
C GLN A 237 2.99 28.21 -19.89
N MET A 238 2.78 26.92 -19.69
CA MET A 238 1.56 26.42 -19.09
C MET A 238 1.72 25.81 -17.70
N ILE A 239 2.96 25.70 -17.23
CA ILE A 239 3.21 25.17 -15.90
C ILE A 239 2.62 26.11 -14.86
N GLN A 240 1.82 25.57 -13.95
CA GLN A 240 1.18 26.37 -12.92
C GLN A 240 1.98 26.40 -11.62
N ASP A 241 2.68 25.32 -11.33
CA ASP A 241 3.46 25.22 -10.11
C ASP A 241 4.76 24.44 -10.27
N LEU A 242 5.87 25.09 -9.92
CA LEU A 242 7.19 24.49 -9.96
C LEU A 242 7.67 24.56 -8.52
N ARG A 243 7.54 23.46 -7.78
CA ARG A 243 7.84 23.45 -6.36
C ARG A 243 8.99 22.55 -5.91
N LEU A 244 9.63 22.96 -4.82
CA LEU A 244 10.73 22.21 -4.23
C LEU A 244 10.44 22.07 -2.74
N LYS A 245 10.38 20.83 -2.26
CA LYS A 245 10.14 20.57 -0.84
C LYS A 245 11.41 20.08 -0.17
N ILE A 246 12.03 20.94 0.62
CA ILE A 246 13.29 20.61 1.28
C ILE A 246 13.14 20.24 2.74
N ASP A 247 13.64 19.06 3.09
CA ASP A 247 13.61 18.58 4.47
C ASP A 247 14.99 18.81 5.07
N SER A 248 15.11 19.88 5.87
CA SER A 248 16.38 20.23 6.50
C SER A 248 16.43 19.85 7.97
N THR A 249 17.61 19.96 8.55
CA THR A 249 17.82 19.65 9.97
C THR A 249 18.40 20.88 10.65
N MET A 250 18.67 21.90 9.85
CA MET A 250 19.24 23.14 10.34
C MET A 250 18.43 24.34 9.87
N ASP A 251 18.57 25.45 10.56
CA ASP A 251 17.88 26.68 10.17
C ASP A 251 18.95 27.60 9.59
N GLU A 252 19.07 27.61 8.26
CA GLU A 252 20.08 28.40 7.59
C GLU A 252 19.58 28.98 6.28
N GLN A 253 20.39 29.85 5.68
CA GLN A 253 20.05 30.43 4.38
C GLN A 253 20.81 29.65 3.33
N ALA A 254 20.06 29.01 2.44
CA ALA A 254 20.65 28.21 1.38
C ALA A 254 20.86 29.02 0.12
N GLU A 255 21.92 28.70 -0.61
CA GLU A 255 22.18 29.33 -1.89
C GLU A 255 21.72 28.35 -2.96
N ILE A 256 20.63 28.69 -3.64
CA ILE A 256 20.08 27.83 -4.67
C ILE A 256 20.64 28.19 -6.05
N ILE A 257 21.38 27.25 -6.64
CA ILE A 257 21.96 27.45 -7.96
C ILE A 257 21.08 26.79 -9.01
N VAL A 258 20.62 27.57 -9.99
CA VAL A 258 19.78 27.05 -11.05
C VAL A 258 20.46 27.20 -12.40
N GLU A 259 20.73 26.09 -13.05
CA GLU A 259 21.36 26.11 -14.37
C GLU A 259 20.30 26.14 -15.46
N TYR A 260 20.00 27.33 -15.94
CA TYR A 260 19.01 27.49 -17.00
C TYR A 260 19.65 27.27 -18.36
N MET A 261 18.81 27.12 -19.38
CA MET A 261 19.28 26.90 -20.74
C MET A 261 18.26 27.48 -21.72
N GLY A 262 18.76 28.04 -22.82
CA GLY A 262 17.88 28.62 -23.83
C GLY A 262 18.69 29.41 -24.85
N VAL A 263 18.05 29.77 -25.96
CA VAL A 263 18.66 30.56 -27.02
C VAL A 263 18.77 31.98 -26.50
N TRP A 264 19.99 32.46 -26.41
CA TRP A 264 20.23 33.79 -25.91
C TRP A 264 19.51 34.84 -26.74
N SER A 265 18.87 35.78 -26.04
CA SER A 265 18.15 36.87 -26.69
C SER A 265 18.56 38.20 -26.08
N ARG A 266 18.73 39.20 -26.94
CA ARG A 266 19.14 40.53 -26.52
C ARG A 266 18.19 41.12 -25.48
N ASN A 267 16.95 40.65 -25.49
CA ASN A 267 15.95 41.15 -24.54
C ASN A 267 15.33 39.99 -23.77
N GLY A 268 16.09 38.91 -23.59
CA GLY A 268 15.60 37.73 -22.89
C GLY A 268 16.17 37.56 -21.49
N PHE A 269 15.93 36.39 -20.91
CA PHE A 269 16.38 36.05 -19.56
C PHE A 269 17.85 36.40 -19.33
N MET B 1 11.49 13.93 -19.54
CA MET B 1 11.79 13.98 -18.11
C MET B 1 11.58 12.63 -17.44
N ARG B 2 12.54 12.23 -16.62
CA ARG B 2 12.45 10.97 -15.90
C ARG B 2 11.84 11.21 -14.53
N SER B 3 11.38 10.13 -13.90
CA SER B 3 10.80 10.22 -12.57
C SER B 3 11.52 9.27 -11.62
N PHE B 4 11.96 9.80 -10.49
CA PHE B 4 12.64 9.02 -9.47
C PHE B 4 11.66 8.78 -8.34
N LEU B 5 11.28 7.52 -8.14
CA LEU B 5 10.29 7.17 -7.13
C LEU B 5 10.80 6.23 -6.05
N ASN B 6 10.33 6.45 -4.83
CA ASN B 6 10.66 5.59 -3.70
C ASN B 6 9.61 4.48 -3.72
N LEU B 7 9.98 3.33 -4.28
CA LEU B 7 9.07 2.20 -4.39
C LEU B 7 8.38 1.86 -3.06
N ASN B 8 7.20 1.26 -3.15
CA ASN B 8 6.45 0.88 -1.97
C ASN B 8 7.29 -0.04 -1.09
N SER B 9 7.00 -0.05 0.20
CA SER B 9 7.74 -0.88 1.14
C SER B 9 7.68 -2.36 0.77
N ILE B 10 8.82 -3.04 0.88
CA ILE B 10 8.88 -4.47 0.57
C ILE B 10 8.26 -5.25 1.73
N PRO B 11 7.22 -6.00 1.42
CA PRO B 11 6.49 -6.77 2.43
C PRO B 11 7.26 -7.93 3.05
N ASN B 12 7.12 -8.07 4.35
CA ASN B 12 7.73 -9.17 5.11
C ASN B 12 9.21 -9.41 4.89
N VAL B 13 10.03 -8.40 5.19
CA VAL B 13 11.48 -8.55 5.06
C VAL B 13 12.06 -9.12 6.34
N ALA B 14 12.33 -10.42 6.33
CA ALA B 14 12.89 -11.09 7.50
C ALA B 14 13.73 -12.30 7.08
N ALA B 15 14.61 -12.74 7.98
CA ALA B 15 15.49 -13.87 7.70
C ALA B 15 14.68 -15.14 7.42
N GLY B 16 15.06 -15.85 6.37
CA GLY B 16 14.40 -17.10 5.99
C GLY B 16 13.10 -16.86 5.24
N ASN B 17 12.77 -15.59 5.00
CA ASN B 17 11.54 -15.23 4.31
C ASN B 17 11.72 -15.17 2.79
N SER B 18 10.62 -15.32 2.08
CA SER B 18 10.63 -15.23 0.62
C SER B 18 9.88 -13.96 0.24
N CYS B 19 10.62 -12.93 -0.14
CA CYS B 19 10.03 -11.64 -0.47
C CYS B 19 9.99 -11.39 -1.98
N SER B 20 9.31 -10.31 -2.35
CA SER B 20 9.17 -9.96 -3.75
C SER B 20 9.02 -8.45 -3.93
N ILE B 21 9.57 -7.92 -5.01
CA ILE B 21 9.45 -6.50 -5.32
C ILE B 21 8.46 -6.37 -6.47
N LYS B 22 7.19 -6.19 -6.13
CA LYS B 22 6.15 -6.07 -7.14
C LYS B 22 6.14 -4.67 -7.75
N LEU B 23 6.44 -4.60 -9.04
CA LEU B 23 6.49 -3.33 -9.74
C LEU B 23 5.17 -2.96 -10.41
N PRO B 24 4.72 -1.74 -10.18
CA PRO B 24 3.49 -1.24 -10.76
C PRO B 24 3.61 -1.14 -12.29
N ILE B 25 2.61 -1.68 -12.98
CA ILE B 25 2.60 -1.68 -14.44
C ILE B 25 2.13 -0.34 -15.00
N GLY B 26 2.68 0.04 -16.16
CA GLY B 26 2.29 1.28 -16.81
C GLY B 26 3.45 2.03 -17.45
N GLN B 27 4.56 2.15 -16.71
CA GLN B 27 5.73 2.88 -17.19
C GLN B 27 6.92 1.99 -17.52
N THR B 28 8.07 2.63 -17.74
CA THR B 28 9.31 1.94 -18.08
C THR B 28 10.32 2.07 -16.94
N TYR B 29 10.92 0.94 -16.57
CA TYR B 29 11.93 0.94 -15.50
C TYR B 29 13.32 0.85 -16.11
N GLU B 30 14.07 1.95 -16.03
CA GLU B 30 15.42 1.99 -16.57
C GLU B 30 16.41 1.40 -15.57
N VAL B 31 16.24 1.78 -14.31
CA VAL B 31 17.11 1.29 -13.24
C VAL B 31 16.35 1.14 -11.94
N ILE B 32 16.71 0.11 -11.17
CA ILE B 32 16.10 -0.12 -9.88
C ILE B 32 17.19 -0.24 -8.81
N ASP B 33 17.25 0.74 -7.93
CA ASP B 33 18.26 0.75 -6.88
C ASP B 33 17.76 0.06 -5.61
N LEU B 34 18.37 -1.07 -5.28
CA LEU B 34 17.99 -1.82 -4.09
C LEU B 34 18.96 -1.61 -2.93
N ARG B 35 18.46 -0.98 -1.88
CA ARG B 35 19.27 -0.72 -0.69
C ARG B 35 19.10 -1.88 0.29
N TYR B 36 20.22 -2.37 0.82
CA TYR B 36 20.19 -3.49 1.75
C TYR B 36 21.07 -3.26 2.97
N SER B 37 20.67 -3.86 4.08
CA SER B 37 21.41 -3.76 5.34
C SER B 37 20.94 -4.88 6.28
N GLY B 38 21.85 -5.34 7.14
CA GLY B 38 21.53 -6.42 8.06
C GLY B 38 21.53 -7.75 7.31
N VAL B 39 22.09 -7.74 6.10
CA VAL B 39 22.17 -8.92 5.26
C VAL B 39 23.21 -8.72 4.18
N THR B 40 23.85 -9.82 3.77
CA THR B 40 24.86 -9.75 2.72
C THR B 40 24.23 -10.07 1.38
N PRO B 41 24.85 -9.59 0.30
CA PRO B 41 24.33 -9.83 -1.05
C PRO B 41 24.25 -11.33 -1.32
N SER B 42 25.18 -12.08 -0.73
CA SER B 42 25.19 -13.52 -0.90
C SER B 42 24.08 -14.19 -0.09
N GLN B 43 23.50 -13.43 0.83
CA GLN B 43 22.41 -13.94 1.67
C GLN B 43 21.06 -13.71 1.02
N ILE B 44 21.06 -13.01 -0.12
CA ILE B 44 19.84 -12.76 -0.88
C ILE B 44 19.88 -13.73 -2.06
N LYS B 45 19.34 -14.92 -1.86
CA LYS B 45 19.39 -15.98 -2.86
C LYS B 45 18.23 -16.05 -3.85
N ASN B 46 18.44 -16.81 -4.92
CA ASN B 46 17.44 -17.05 -5.96
C ASN B 46 16.70 -15.79 -6.40
N VAL B 47 17.44 -14.83 -6.94
CA VAL B 47 16.84 -13.60 -7.43
C VAL B 47 16.28 -13.84 -8.83
N ARG B 48 14.96 -13.68 -8.98
CA ARG B 48 14.29 -13.93 -10.24
C ARG B 48 13.49 -12.72 -10.74
N VAL B 49 13.76 -12.30 -11.97
CA VAL B 49 13.00 -11.22 -12.58
C VAL B 49 11.92 -11.86 -13.43
N GLU B 50 10.67 -11.69 -13.02
CA GLU B 50 9.56 -12.32 -13.73
C GLU B 50 8.59 -11.35 -14.37
N LEU B 51 8.26 -11.62 -15.63
CA LEU B 51 7.30 -10.80 -16.38
C LEU B 51 6.10 -11.69 -16.70
N ASP B 52 4.97 -11.38 -16.07
CA ASP B 52 3.75 -12.17 -16.28
C ASP B 52 3.91 -13.60 -15.77
N GLY B 53 4.68 -13.76 -14.70
CA GLY B 53 4.89 -15.06 -14.09
C GLY B 53 6.03 -15.85 -14.74
N ARG B 54 6.49 -15.38 -15.89
CA ARG B 54 7.57 -16.05 -16.59
C ARG B 54 8.93 -15.49 -16.19
N LEU B 55 9.94 -16.34 -16.20
CA LEU B 55 11.28 -15.93 -15.80
C LEU B 55 12.00 -15.16 -16.91
N LEU B 56 12.60 -14.03 -16.53
CA LEU B 56 13.34 -13.23 -17.49
C LEU B 56 14.83 -13.42 -17.21
N SER B 57 15.25 -12.99 -16.02
CA SER B 57 16.63 -13.11 -15.60
C SER B 57 16.71 -13.80 -14.23
N THR B 58 17.81 -14.50 -13.99
CA THR B 58 17.99 -15.20 -12.72
C THR B 58 19.39 -15.01 -12.14
N TYR B 59 19.46 -14.83 -10.83
CA TYR B 59 20.72 -14.66 -10.12
C TYR B 59 20.74 -15.61 -8.93
N LYS B 60 21.75 -16.47 -8.86
CA LYS B 60 21.88 -17.41 -7.74
C LYS B 60 21.82 -16.61 -6.43
N THR B 61 22.55 -15.51 -6.40
CA THR B 61 22.57 -14.62 -5.25
C THR B 61 22.71 -13.17 -5.72
N LEU B 62 22.38 -12.23 -4.84
CA LEU B 62 22.47 -10.82 -5.19
C LEU B 62 23.91 -10.40 -5.49
N ASN B 63 24.86 -11.21 -5.04
CA ASN B 63 26.28 -10.93 -5.28
C ASN B 63 26.63 -11.03 -6.76
N ASP B 64 25.86 -11.81 -7.49
CA ASP B 64 26.08 -11.99 -8.92
C ASP B 64 25.68 -10.74 -9.69
N LEU B 65 24.77 -9.96 -9.11
CA LEU B 65 24.32 -8.71 -9.72
C LEU B 65 25.38 -7.65 -9.47
N ILE B 66 26.06 -7.77 -8.33
CA ILE B 66 27.13 -6.85 -7.96
C ILE B 66 28.32 -7.08 -8.89
N LEU B 67 28.58 -8.35 -9.20
CA LEU B 67 29.67 -8.71 -10.09
C LEU B 67 29.35 -8.35 -11.54
N GLU B 68 28.07 -8.43 -11.89
CA GLU B 68 27.63 -8.08 -13.23
C GLU B 68 27.91 -6.60 -13.49
N ASN B 69 27.64 -5.77 -12.49
CA ASN B 69 27.86 -4.33 -12.59
C ASN B 69 29.36 -4.00 -12.53
N THR B 70 30.09 -4.73 -11.69
CA THR B 70 31.52 -4.53 -11.53
C THR B 70 32.25 -4.78 -12.84
N ARG B 71 31.83 -5.82 -13.56
CA ARG B 71 32.44 -6.19 -14.83
C ARG B 71 32.43 -5.06 -15.85
N HIS B 72 31.33 -4.30 -15.88
CA HIS B 72 31.19 -3.19 -16.81
C HIS B 72 31.76 -1.92 -16.22
N LYS B 73 32.33 -2.04 -15.03
CA LYS B 73 32.92 -0.90 -14.33
C LYS B 73 31.87 0.15 -13.98
N ARG B 74 30.68 -0.31 -13.62
CA ARG B 74 29.61 0.58 -13.22
C ARG B 74 29.83 0.97 -11.76
N LYS B 75 29.26 2.11 -11.36
CA LYS B 75 29.41 2.60 -10.00
C LYS B 75 28.91 1.59 -8.97
N ILE B 76 29.81 1.17 -8.09
CA ILE B 76 29.47 0.22 -7.05
C ILE B 76 29.54 0.90 -5.69
N LYS B 77 28.50 0.72 -4.89
CA LYS B 77 28.45 1.32 -3.56
C LYS B 77 27.96 0.29 -2.54
N ALA B 78 28.66 0.22 -1.41
CA ALA B 78 28.30 -0.72 -0.35
C ALA B 78 26.96 -0.33 0.25
N GLY B 79 26.07 -1.32 0.40
CA GLY B 79 24.75 -1.08 0.96
C GLY B 79 23.70 -0.87 -0.12
N VAL B 80 24.13 -0.88 -1.38
CA VAL B 80 23.22 -0.69 -2.50
C VAL B 80 23.66 -1.48 -3.73
N VAL B 81 22.67 -2.05 -4.42
CA VAL B 81 22.92 -2.80 -5.64
C VAL B 81 21.83 -2.43 -6.64
N SER B 82 22.23 -2.04 -7.84
CA SER B 82 21.26 -1.62 -8.85
C SER B 82 21.00 -2.65 -9.95
N PHE B 83 19.78 -2.61 -10.48
CA PHE B 83 19.38 -3.47 -11.58
C PHE B 83 19.41 -2.58 -12.82
N HIS B 84 20.48 -2.69 -13.60
CA HIS B 84 20.61 -1.87 -14.80
C HIS B 84 19.94 -2.51 -16.00
N PHE B 85 18.69 -2.12 -16.25
CA PHE B 85 17.97 -2.65 -17.40
C PHE B 85 18.49 -1.94 -18.64
N VAL B 86 18.63 -0.62 -18.53
CA VAL B 86 19.22 0.17 -19.60
C VAL B 86 20.72 -0.10 -19.54
N ARG B 87 21.31 -0.49 -20.66
CA ARG B 87 22.73 -0.78 -20.71
C ARG B 87 23.55 0.44 -21.13
N PRO B 88 24.21 1.04 -20.15
CA PRO B 88 24.99 2.26 -20.35
C PRO B 88 26.19 2.13 -21.28
N GLU B 89 26.66 0.90 -21.47
CA GLU B 89 27.82 0.64 -22.32
C GLU B 89 27.47 0.52 -23.80
N MET B 90 26.18 0.49 -24.11
CA MET B 90 25.74 0.35 -25.50
C MET B 90 26.17 1.51 -26.39
N LYS B 91 26.53 1.18 -27.62
CA LYS B 91 26.94 2.17 -28.61
C LYS B 91 26.11 1.94 -29.88
N GLY B 92 25.60 3.02 -30.46
CA GLY B 92 24.77 2.92 -31.66
C GLY B 92 25.59 2.80 -32.93
N VAL B 93 25.07 2.06 -33.90
CA VAL B 93 25.74 1.89 -35.19
C VAL B 93 24.99 2.68 -36.26
N ASN B 94 23.66 2.56 -36.24
CA ASN B 94 22.81 3.28 -37.17
C ASN B 94 21.82 4.14 -36.40
N VAL B 95 21.99 4.15 -35.08
CA VAL B 95 21.17 4.95 -34.18
C VAL B 95 22.10 5.55 -33.14
N THR B 96 21.58 6.48 -32.33
CA THR B 96 22.39 7.11 -31.30
C THR B 96 22.70 6.14 -30.17
N ASP B 97 23.78 6.41 -29.44
CA ASP B 97 24.16 5.57 -28.30
C ASP B 97 23.01 5.52 -27.30
N LEU B 98 22.39 6.67 -27.04
CA LEU B 98 21.28 6.76 -26.10
C LEU B 98 20.14 5.81 -26.46
N VAL B 99 19.82 5.74 -27.74
CA VAL B 99 18.74 4.88 -28.21
C VAL B 99 19.09 3.41 -28.01
N GLN B 100 20.36 3.07 -28.26
CA GLN B 100 20.84 1.70 -28.11
C GLN B 100 20.88 1.25 -26.64
N GLN B 101 21.12 2.21 -25.75
CA GLN B 101 21.18 1.91 -24.32
C GLN B 101 19.79 1.80 -23.71
N ARG B 102 18.94 2.78 -24.04
CA ARG B 102 17.58 2.82 -23.50
C ARG B 102 16.70 1.70 -24.05
N MET B 103 17.10 1.14 -25.18
CA MET B 103 16.34 0.06 -25.80
C MET B 103 16.20 -1.17 -24.91
N PHE B 104 17.07 -1.29 -23.91
CA PHE B 104 17.06 -2.42 -22.99
C PHE B 104 16.22 -2.18 -21.74
N ALA B 105 15.68 -0.96 -21.62
CA ALA B 105 14.86 -0.61 -20.47
C ALA B 105 13.69 -1.57 -20.29
N LEU B 106 13.27 -1.77 -19.05
CA LEU B 106 12.17 -2.69 -18.75
C LEU B 106 10.80 -2.04 -18.90
N GLY B 107 10.25 -2.08 -20.11
CA GLY B 107 8.93 -1.53 -20.37
C GLY B 107 7.91 -2.49 -19.76
N THR B 108 6.81 -1.95 -19.26
CA THR B 108 5.79 -2.79 -18.63
C THR B 108 4.43 -2.74 -19.32
N VAL B 109 4.30 -1.92 -20.36
CA VAL B 109 3.05 -1.80 -21.08
C VAL B 109 2.57 -3.14 -21.65
N GLY B 110 1.33 -3.50 -21.33
CA GLY B 110 0.74 -4.75 -21.80
C GLY B 110 0.96 -5.89 -20.81
N LEU B 111 1.78 -5.63 -19.79
CA LEU B 111 2.08 -6.63 -18.78
C LEU B 111 0.97 -6.73 -17.74
N THR B 112 0.89 -7.90 -17.09
CA THR B 112 -0.10 -8.12 -16.05
C THR B 112 0.61 -8.09 -14.70
N THR B 113 1.86 -8.55 -14.69
CA THR B 113 2.67 -8.55 -13.48
C THR B 113 4.15 -8.42 -13.76
N CYS B 114 4.83 -7.63 -12.93
CA CYS B 114 6.27 -7.42 -13.04
C CYS B 114 6.83 -7.57 -11.63
N GLU B 115 7.60 -8.64 -11.43
CA GLU B 115 8.11 -8.95 -10.10
C GLU B 115 9.60 -9.24 -10.05
N ILE B 116 10.18 -9.00 -8.88
CA ILE B 116 11.58 -9.32 -8.61
C ILE B 116 11.60 -10.13 -7.32
N LYS B 117 11.48 -11.45 -7.47
CA LYS B 117 11.43 -12.34 -6.32
C LYS B 117 12.81 -12.75 -5.83
N PHE B 118 12.89 -13.11 -4.56
CA PHE B 118 14.15 -13.53 -3.95
C PHE B 118 13.89 -14.11 -2.57
N ASP B 119 14.85 -14.88 -2.07
CA ASP B 119 14.74 -15.49 -0.76
C ASP B 119 15.79 -14.94 0.19
N ILE B 120 15.38 -14.62 1.41
CA ILE B 120 16.31 -14.11 2.41
C ILE B 120 16.85 -15.27 3.24
N ASP B 121 18.17 -15.44 3.23
CA ASP B 121 18.79 -16.51 3.99
C ASP B 121 18.39 -16.48 5.46
N GLU B 122 18.39 -17.65 6.09
CA GLU B 122 18.03 -17.76 7.50
C GLU B 122 19.05 -17.12 8.43
N ALA B 123 20.31 -17.09 7.99
CA ALA B 123 21.39 -16.53 8.79
C ALA B 123 21.43 -15.01 8.79
N ALA B 124 20.58 -14.40 7.96
CA ALA B 124 20.52 -12.94 7.87
C ALA B 124 20.39 -12.29 9.25
N ALA B 125 21.35 -11.42 9.57
CA ALA B 125 21.37 -10.73 10.86
C ALA B 125 20.06 -10.00 11.17
N GLY B 126 19.75 -8.99 10.37
CA GLY B 126 18.52 -8.20 10.56
C GLY B 126 18.18 -7.51 9.24
N PRO B 127 17.85 -8.31 8.24
CA PRO B 127 17.54 -7.81 6.91
C PRO B 127 16.67 -6.55 6.85
N LYS B 128 17.09 -5.61 6.02
CA LYS B 128 16.37 -4.37 5.79
C LYS B 128 16.55 -4.02 4.32
N LEU B 129 15.46 -4.04 3.56
CA LEU B 129 15.53 -3.75 2.13
C LEU B 129 14.49 -2.75 1.64
N SER B 130 14.96 -1.82 0.79
CA SER B 130 14.10 -0.81 0.20
C SER B 130 14.53 -0.62 -1.25
N ALA B 131 13.64 -0.09 -2.07
CA ALA B 131 13.96 0.09 -3.48
C ALA B 131 13.52 1.42 -4.04
N ILE B 132 14.32 1.95 -4.98
CA ILE B 132 14.03 3.20 -5.65
C ILE B 132 14.00 2.93 -7.14
N ALA B 133 13.05 3.54 -7.85
CA ALA B 133 12.94 3.31 -9.28
C ALA B 133 13.20 4.54 -10.14
N GLN B 134 14.06 4.37 -11.14
CA GLN B 134 14.34 5.43 -12.10
C GLN B 134 13.52 5.04 -13.33
N LYS B 135 12.37 5.68 -13.48
CA LYS B 135 11.45 5.35 -14.57
C LYS B 135 11.37 6.38 -15.69
N SER B 136 10.73 5.99 -16.77
CA SER B 136 10.51 6.85 -17.93
C SER B 136 9.19 6.43 -18.57
N VAL B 137 8.78 7.13 -19.62
CA VAL B 137 7.53 6.82 -20.31
C VAL B 137 7.36 5.33 -20.62
N GLY B 138 6.12 4.85 -20.50
CA GLY B 138 5.81 3.45 -20.72
C GLY B 138 6.10 2.93 -22.13
N THR B 139 6.58 1.69 -22.18
CA THR B 139 6.88 1.01 -23.43
C THR B 139 6.65 -0.48 -23.22
N ALA B 140 6.51 -1.24 -24.29
CA ALA B 140 6.33 -2.69 -24.17
C ALA B 140 7.64 -3.25 -23.65
N PRO B 141 7.59 -4.46 -23.08
CA PRO B 141 8.80 -5.09 -22.57
C PRO B 141 9.88 -5.05 -23.65
N SER B 142 9.50 -5.40 -24.87
CA SER B 142 10.38 -5.34 -26.01
C SER B 142 11.76 -5.98 -25.78
N TRP B 143 12.78 -5.38 -26.37
CA TRP B 143 14.15 -5.89 -26.27
C TRP B 143 14.64 -5.91 -24.82
N LEU B 144 14.92 -7.11 -24.32
CA LEU B 144 15.36 -7.26 -22.94
C LEU B 144 16.55 -8.19 -22.83
N THR B 145 17.29 -8.04 -21.73
CA THR B 145 18.44 -8.90 -21.44
C THR B 145 17.91 -10.06 -20.61
N MET B 146 18.20 -11.28 -21.03
CA MET B 146 17.73 -12.46 -20.31
C MET B 146 18.88 -13.31 -19.75
N ARG B 147 19.24 -13.04 -18.50
CA ARG B 147 20.32 -13.75 -17.84
C ARG B 147 19.87 -15.16 -17.43
N ARG B 148 20.53 -16.18 -17.99
CA ARG B 148 20.19 -17.56 -17.70
C ARG B 148 21.32 -18.30 -16.99
N ASN B 149 20.93 -19.23 -16.12
CA ASN B 149 21.88 -20.00 -15.32
C ASN B 149 22.01 -21.45 -15.81
N PHE B 150 23.25 -21.94 -15.87
CA PHE B 150 23.51 -23.32 -16.28
C PHE B 150 24.67 -23.89 -15.46
N PHE B 151 24.55 -25.17 -15.08
CA PHE B 151 25.59 -25.82 -14.30
C PHE B 151 26.16 -27.03 -15.04
N LYS B 152 27.48 -27.06 -15.21
CA LYS B 152 28.11 -28.17 -15.93
C LYS B 152 29.43 -28.60 -15.29
N GLN B 153 29.67 -29.90 -15.31
CA GLN B 153 30.89 -30.47 -14.74
C GLN B 153 32.10 -30.22 -15.67
N LEU B 154 33.14 -29.61 -15.14
CA LEU B 154 34.35 -29.32 -15.89
C LEU B 154 35.47 -30.31 -15.51
N ASN B 155 36.08 -30.93 -16.48
CA ASN B 155 37.16 -31.90 -16.21
C ASN B 155 38.53 -31.26 -16.21
N ASN B 156 39.49 -32.05 -15.75
CA ASN B 156 40.86 -31.60 -15.77
C ASN B 156 41.37 -32.17 -17.10
N GLY B 157 41.47 -31.28 -18.07
CA GLY B 157 41.85 -31.62 -19.43
C GLY B 157 40.95 -30.77 -20.33
N THR B 158 40.14 -31.41 -21.14
CA THR B 158 39.25 -30.69 -22.05
C THR B 158 37.78 -31.06 -21.89
N THR B 159 36.93 -30.05 -21.81
CA THR B 159 35.49 -30.26 -21.72
C THR B 159 34.79 -29.47 -22.82
N GLU B 160 33.74 -30.04 -23.38
CA GLU B 160 32.98 -29.38 -24.44
C GLU B 160 31.52 -29.22 -24.06
N ILE B 161 31.00 -28.00 -24.23
CA ILE B 161 29.61 -27.70 -23.90
C ILE B 161 28.88 -27.20 -25.14
N ALA B 162 28.06 -28.07 -25.74
CA ALA B 162 27.32 -27.74 -26.95
C ALA B 162 25.81 -27.79 -26.79
N ASP B 163 25.34 -28.02 -25.56
CA ASP B 163 23.91 -28.12 -25.30
C ASP B 163 23.27 -26.86 -24.75
N LEU B 164 23.86 -25.70 -25.05
CA LEU B 164 23.31 -24.44 -24.59
C LEU B 164 22.07 -24.08 -25.41
N PRO B 165 21.02 -23.64 -24.73
CA PRO B 165 19.76 -23.29 -25.40
C PRO B 165 20.01 -22.29 -26.53
N ARG B 166 19.34 -22.50 -27.65
CA ARG B 166 19.48 -21.62 -28.81
C ARG B 166 18.14 -21.09 -29.28
N PRO B 167 17.46 -20.32 -28.42
CA PRO B 167 16.17 -19.74 -28.77
C PRO B 167 16.28 -18.98 -30.10
N VAL B 168 15.43 -19.33 -31.04
CA VAL B 168 15.44 -18.71 -32.37
C VAL B 168 15.11 -17.23 -32.36
N GLY B 169 15.94 -16.44 -33.06
CA GLY B 169 15.73 -15.00 -33.16
C GLY B 169 16.44 -14.24 -32.05
N TYR B 170 16.81 -14.95 -30.98
CA TYR B 170 17.48 -14.34 -29.85
C TYR B 170 18.98 -14.18 -30.11
N ARG B 171 19.65 -13.45 -29.24
CA ARG B 171 21.08 -13.22 -29.37
C ARG B 171 21.79 -13.56 -28.07
N ILE B 172 23.11 -13.65 -28.13
CA ILE B 172 23.93 -13.91 -26.95
C ILE B 172 24.93 -12.79 -26.80
N ALA B 173 24.79 -12.01 -25.73
CA ALA B 173 25.68 -10.89 -25.48
C ALA B 173 27.02 -11.38 -24.92
N ALA B 174 26.94 -12.35 -24.01
CA ALA B 174 28.15 -12.87 -23.40
C ALA B 174 27.93 -14.20 -22.69
N ILE B 175 29.03 -14.89 -22.40
CA ILE B 175 28.99 -16.16 -21.70
C ILE B 175 30.05 -16.11 -20.61
N HIS B 176 29.63 -16.39 -19.37
CA HIS B 176 30.57 -16.36 -18.24
C HIS B 176 30.75 -17.74 -17.63
N ILE B 177 31.97 -18.26 -17.73
CA ILE B 177 32.28 -19.56 -17.16
C ILE B 177 32.84 -19.39 -15.76
N LYS B 178 32.06 -19.77 -14.75
CA LYS B 178 32.47 -19.63 -13.36
C LYS B 178 33.15 -20.89 -12.86
N ALA B 179 34.49 -20.91 -12.95
CA ALA B 179 35.29 -22.04 -12.51
C ALA B 179 36.67 -21.51 -12.11
N ALA B 180 37.32 -22.19 -11.19
CA ALA B 180 38.63 -21.76 -10.71
C ALA B 180 39.84 -22.30 -11.47
N GLY B 181 39.63 -23.33 -12.29
CA GLY B 181 40.74 -23.93 -13.02
C GLY B 181 40.67 -23.89 -14.54
N VAL B 182 40.07 -22.84 -15.09
CA VAL B 182 39.98 -22.71 -16.54
C VAL B 182 41.20 -22.00 -17.11
N ASP B 183 41.93 -22.69 -17.98
CA ASP B 183 43.15 -22.15 -18.58
C ASP B 183 42.88 -21.42 -19.88
N ALA B 184 42.13 -22.06 -20.77
CA ALA B 184 41.81 -21.48 -22.06
C ALA B 184 40.45 -21.96 -22.54
N VAL B 185 39.84 -21.19 -23.43
CA VAL B 185 38.53 -21.55 -23.97
C VAL B 185 38.47 -21.25 -25.46
N GLU B 186 37.65 -22.01 -26.17
CA GLU B 186 37.49 -21.83 -27.61
C GLU B 186 36.00 -21.84 -27.92
N PHE B 187 35.55 -20.91 -28.75
CA PHE B 187 34.14 -20.82 -29.11
C PHE B 187 33.97 -20.98 -30.62
N GLN B 188 33.04 -21.84 -31.01
CA GLN B 188 32.79 -22.04 -32.43
C GLN B 188 31.31 -22.29 -32.74
N ILE B 189 30.92 -21.91 -33.95
CA ILE B 189 29.56 -22.09 -34.42
C ILE B 189 29.62 -22.72 -35.81
N ASP B 190 29.13 -23.94 -35.93
CA ASP B 190 29.13 -24.65 -37.20
C ASP B 190 30.55 -24.86 -37.72
N GLY B 191 31.44 -25.27 -36.83
CA GLY B 191 32.83 -25.53 -37.19
C GLY B 191 33.68 -24.26 -37.21
N THR B 192 33.06 -23.13 -37.51
CA THR B 192 33.78 -21.85 -37.56
C THR B 192 34.26 -21.43 -36.17
N LYS B 193 35.56 -21.23 -36.05
CA LYS B 193 36.16 -20.83 -34.78
C LYS B 193 36.17 -19.31 -34.62
N TRP B 194 35.11 -18.78 -34.02
CA TRP B 194 34.99 -17.34 -33.80
C TRP B 194 35.94 -16.86 -32.73
N ARG B 195 36.27 -17.75 -31.80
CA ARG B 195 37.20 -17.45 -30.73
C ARG B 195 38.18 -18.60 -30.62
N ASP B 196 39.42 -18.36 -31.05
CA ASP B 196 40.45 -19.37 -31.01
C ASP B 196 40.66 -19.81 -29.56
N LEU B 197 41.39 -20.89 -29.37
CA LEU B 197 41.69 -21.36 -28.02
C LEU B 197 42.54 -20.28 -27.37
N LEU B 198 41.87 -19.28 -26.79
CA LEU B 198 42.56 -18.15 -26.16
C LEU B 198 42.91 -18.44 -24.70
N LYS B 199 44.17 -18.19 -24.34
CA LYS B 199 44.61 -18.38 -22.96
C LYS B 199 43.90 -17.34 -22.09
N LYS B 200 43.64 -17.70 -20.84
CA LYS B 200 42.97 -16.78 -19.91
C LYS B 200 43.62 -15.40 -19.88
N ALA B 201 44.94 -15.37 -19.77
CA ALA B 201 45.67 -14.11 -19.72
C ALA B 201 45.41 -13.26 -20.96
N ASP B 202 45.29 -13.92 -22.10
CA ASP B 202 45.07 -13.22 -23.37
C ASP B 202 43.63 -12.74 -23.49
N ASN B 203 42.69 -13.58 -23.06
CA ASN B 203 41.28 -13.24 -23.10
C ASN B 203 41.00 -12.08 -22.13
N ASP B 204 41.58 -12.16 -20.94
CA ASP B 204 41.39 -11.14 -19.93
C ASP B 204 42.00 -9.80 -20.34
N TYR B 205 43.05 -9.86 -21.17
CA TYR B 205 43.70 -8.64 -21.64
C TYR B 205 42.77 -7.90 -22.60
N ILE B 206 42.12 -8.65 -23.48
CA ILE B 206 41.19 -8.06 -24.43
C ILE B 206 40.00 -7.45 -23.69
N LEU B 207 39.52 -8.14 -22.66
CA LEU B 207 38.40 -7.65 -21.86
C LEU B 207 38.74 -6.29 -21.25
N GLU B 208 39.87 -6.22 -20.56
CA GLU B 208 40.32 -4.99 -19.93
C GLU B 208 40.57 -3.92 -20.98
N GLN B 209 40.96 -4.35 -22.17
CA GLN B 209 41.25 -3.44 -23.28
C GLN B 209 40.00 -2.66 -23.67
N TYR B 210 38.83 -3.17 -23.29
CA TYR B 210 37.57 -2.51 -23.61
C TYR B 210 36.86 -1.92 -22.40
N GLY B 211 37.63 -1.63 -21.35
CA GLY B 211 37.09 -1.00 -20.15
C GLY B 211 36.34 -1.93 -19.20
N LYS B 212 36.47 -3.23 -19.41
CA LYS B 212 35.79 -4.21 -18.56
C LYS B 212 36.71 -4.67 -17.44
N ALA B 213 36.11 -5.14 -16.34
CA ALA B 213 36.87 -5.64 -15.21
C ALA B 213 36.78 -7.16 -15.19
N VAL B 214 37.92 -7.82 -15.01
CA VAL B 214 37.96 -9.27 -14.97
C VAL B 214 37.46 -9.79 -13.63
N LEU B 215 36.49 -10.70 -13.68
CA LEU B 215 35.92 -11.28 -12.46
C LEU B 215 36.71 -12.49 -12.01
N ASP B 216 36.86 -12.64 -10.70
CA ASP B 216 37.61 -13.76 -10.14
C ASP B 216 36.98 -15.11 -10.48
N ASN B 217 37.83 -16.08 -10.79
CA ASN B 217 37.37 -17.42 -11.13
C ASN B 217 36.29 -17.42 -12.22
N THR B 218 36.47 -16.55 -13.21
CA THR B 218 35.53 -16.42 -14.31
C THR B 218 36.23 -16.23 -15.64
N TYR B 219 35.74 -16.92 -16.67
CA TYR B 219 36.25 -16.75 -18.01
C TYR B 219 35.11 -16.16 -18.83
N THR B 220 35.19 -14.86 -19.08
CA THR B 220 34.14 -14.16 -19.80
C THR B 220 34.37 -14.08 -21.31
N ILE B 221 33.34 -14.44 -22.07
CA ILE B 221 33.39 -14.36 -23.52
C ILE B 221 32.42 -13.27 -23.93
N ASP B 222 32.92 -12.04 -23.96
CA ASP B 222 32.11 -10.86 -24.30
C ASP B 222 31.95 -10.70 -25.80
N PHE B 223 30.72 -10.80 -26.28
CA PHE B 223 30.44 -10.65 -27.71
C PHE B 223 30.02 -9.23 -28.06
N MET B 224 30.03 -8.35 -27.05
CA MET B 224 29.66 -6.96 -27.25
C MET B 224 30.69 -6.01 -26.66
N LEU B 225 31.98 -6.35 -26.83
CA LEU B 225 33.07 -5.54 -26.29
C LEU B 225 33.03 -4.08 -26.75
N GLU B 226 32.61 -3.85 -27.99
CA GLU B 226 32.54 -2.50 -28.55
C GLU B 226 31.26 -1.78 -28.14
N GLY B 227 30.30 -2.53 -27.61
CA GLY B 227 29.03 -1.96 -27.20
C GLY B 227 28.01 -2.09 -28.34
N ASP B 228 28.47 -2.66 -29.45
CA ASP B 228 27.61 -2.88 -30.62
C ASP B 228 26.79 -4.14 -30.45
N VAL B 229 25.48 -4.00 -30.42
CA VAL B 229 24.57 -5.13 -30.25
C VAL B 229 24.66 -6.13 -31.40
N TYR B 230 25.05 -5.66 -32.57
CA TYR B 230 25.14 -6.51 -33.75
C TYR B 230 26.42 -7.33 -33.83
N GLN B 231 27.19 -7.31 -32.75
CA GLN B 231 28.42 -8.09 -32.68
C GLN B 231 28.12 -9.37 -31.89
N SER B 232 27.00 -9.36 -31.19
CA SER B 232 26.58 -10.50 -30.39
C SER B 232 26.18 -11.67 -31.29
N VAL B 233 26.13 -12.86 -30.71
CA VAL B 233 25.77 -14.07 -31.45
C VAL B 233 24.28 -14.09 -31.79
N LEU B 234 23.97 -14.13 -33.07
CA LEU B 234 22.58 -14.19 -33.51
C LEU B 234 22.18 -15.66 -33.66
N LEU B 235 21.32 -16.12 -32.77
CA LEU B 235 20.89 -17.52 -32.79
C LEU B 235 19.98 -17.84 -33.97
N ASP B 236 20.58 -18.04 -35.13
CA ASP B 236 19.83 -18.37 -36.34
C ASP B 236 19.25 -19.78 -36.28
N GLN B 237 18.06 -19.95 -36.81
CA GLN B 237 17.38 -21.25 -36.80
C GLN B 237 18.16 -22.32 -37.54
N MET B 238 19.09 -21.91 -38.40
CA MET B 238 19.88 -22.83 -39.20
C MET B 238 21.16 -23.32 -38.50
N ILE B 239 21.59 -22.62 -37.46
CA ILE B 239 22.79 -23.01 -36.74
C ILE B 239 22.69 -24.48 -36.33
N GLN B 240 23.71 -25.26 -36.67
CA GLN B 240 23.71 -26.68 -36.36
C GLN B 240 24.55 -27.01 -35.12
N ASP B 241 25.55 -26.18 -34.85
CA ASP B 241 26.41 -26.42 -33.70
C ASP B 241 26.94 -25.14 -33.04
N LEU B 242 26.65 -25.00 -31.75
CA LEU B 242 27.12 -23.89 -30.95
C LEU B 242 27.93 -24.55 -29.84
N ARG B 243 29.25 -24.57 -30.01
CA ARG B 243 30.13 -25.27 -29.09
C ARG B 243 31.13 -24.43 -28.30
N LEU B 244 31.47 -24.92 -27.11
CA LEU B 244 32.44 -24.28 -26.24
C LEU B 244 33.45 -25.32 -25.80
N LYS B 245 34.73 -25.07 -26.10
CA LYS B 245 35.79 -26.00 -25.72
C LYS B 245 36.60 -25.42 -24.57
N ILE B 246 36.40 -25.96 -23.38
CA ILE B 246 37.08 -25.45 -22.18
C ILE B 246 38.27 -26.29 -21.74
N ASP B 247 39.42 -25.64 -21.61
CA ASP B 247 40.63 -26.31 -21.15
C ASP B 247 40.82 -25.96 -19.68
N SER B 248 40.48 -26.90 -18.81
CA SER B 248 40.59 -26.70 -17.37
C SER B 248 41.78 -27.42 -16.77
N THR B 249 42.06 -27.11 -15.51
CA THR B 249 43.18 -27.73 -14.79
C THR B 249 42.61 -28.39 -13.54
N MET B 250 41.32 -28.22 -13.33
CA MET B 250 40.64 -28.76 -12.16
C MET B 250 39.39 -29.55 -12.54
N ASP B 251 38.98 -30.42 -11.64
CA ASP B 251 37.76 -31.21 -11.79
C ASP B 251 36.76 -30.54 -10.87
N GLU B 252 35.84 -29.77 -11.44
CA GLU B 252 34.88 -29.03 -10.64
C GLU B 252 33.55 -28.79 -11.34
N GLN B 253 32.63 -28.19 -10.60
CA GLN B 253 31.31 -27.86 -11.12
C GLN B 253 31.32 -26.39 -11.50
N ALA B 254 31.10 -26.10 -12.78
CA ALA B 254 31.10 -24.72 -13.22
C ALA B 254 29.70 -24.17 -13.37
N GLU B 255 29.53 -22.90 -13.02
CA GLU B 255 28.25 -22.24 -13.21
C GLU B 255 28.39 -21.40 -14.46
N ILE B 256 27.70 -21.80 -15.53
CA ILE B 256 27.77 -21.08 -16.79
C ILE B 256 26.67 -20.03 -16.88
N ILE B 257 27.06 -18.76 -16.95
CA ILE B 257 26.11 -17.68 -17.07
C ILE B 257 26.02 -17.26 -18.53
N VAL B 258 24.80 -17.27 -19.06
CA VAL B 258 24.58 -16.88 -20.45
C VAL B 258 23.65 -15.68 -20.52
N GLU B 259 24.15 -14.57 -21.06
CA GLU B 259 23.34 -13.37 -21.21
C GLU B 259 22.66 -13.37 -22.56
N TYR B 260 21.41 -13.79 -22.58
CA TYR B 260 20.63 -13.83 -23.82
C TYR B 260 20.00 -12.46 -24.07
N MET B 261 19.50 -12.27 -25.28
CA MET B 261 18.86 -11.02 -25.67
C MET B 261 17.81 -11.30 -26.73
N GLY B 262 16.71 -10.56 -26.68
CA GLY B 262 15.66 -10.73 -27.67
C GLY B 262 14.40 -9.96 -27.27
N VAL B 263 13.46 -9.86 -28.20
CA VAL B 263 12.20 -9.19 -27.94
C VAL B 263 11.37 -10.09 -27.04
N TRP B 264 11.04 -9.60 -25.84
CA TRP B 264 10.26 -10.39 -24.89
C TRP B 264 8.92 -10.81 -25.47
N SER B 265 8.56 -12.07 -25.26
CA SER B 265 7.30 -12.62 -25.74
C SER B 265 6.65 -13.39 -24.58
N ARG B 266 5.35 -13.22 -24.40
CA ARG B 266 4.67 -13.90 -23.30
C ARG B 266 4.78 -15.41 -23.40
N ASN B 267 5.03 -15.91 -24.61
CA ASN B 267 5.18 -17.34 -24.82
C ASN B 267 6.51 -17.67 -25.49
N GLY B 268 7.54 -16.88 -25.19
CA GLY B 268 8.87 -17.08 -25.74
C GLY B 268 9.88 -17.52 -24.68
N PHE B 269 11.15 -17.46 -25.04
CA PHE B 269 12.25 -17.86 -24.15
C PHE B 269 12.12 -17.27 -22.75
N MET C 1 29.67 -10.00 -35.97
CA MET C 1 30.48 -10.76 -35.02
C MET C 1 31.96 -10.67 -35.38
N ARG C 2 32.79 -10.43 -34.38
CA ARG C 2 34.23 -10.33 -34.58
C ARG C 2 34.87 -11.70 -34.33
N SER C 3 36.10 -11.86 -34.82
CA SER C 3 36.84 -13.10 -34.63
C SER C 3 38.17 -12.84 -33.96
N PHE C 4 38.44 -13.55 -32.87
CA PHE C 4 39.69 -13.42 -32.16
C PHE C 4 40.55 -14.62 -32.50
N LEU C 5 41.67 -14.37 -33.17
CA LEU C 5 42.55 -15.44 -33.63
C LEU C 5 43.95 -15.38 -33.06
N ASN C 6 44.51 -16.55 -32.79
CA ASN C 6 45.88 -16.66 -32.32
C ASN C 6 46.75 -16.74 -33.58
N LEU C 7 47.32 -15.60 -33.97
CA LEU C 7 48.14 -15.54 -35.18
C LEU C 7 49.20 -16.64 -35.23
N ASN C 8 49.60 -17.01 -36.45
CA ASN C 8 50.61 -18.03 -36.63
C ASN C 8 51.89 -17.65 -35.89
N SER C 9 52.67 -18.65 -35.53
CA SER C 9 53.92 -18.42 -34.80
C SER C 9 54.86 -17.50 -35.58
N ILE C 10 55.51 -16.57 -34.86
CA ILE C 10 56.45 -15.65 -35.48
C ILE C 10 57.76 -16.39 -35.73
N PRO C 11 58.16 -16.45 -37.00
CA PRO C 11 59.36 -17.16 -37.40
C PRO C 11 60.68 -16.55 -36.93
N ASN C 12 61.57 -17.40 -36.48
CA ASN C 12 62.92 -17.00 -36.05
C ASN C 12 62.99 -15.86 -35.05
N VAL C 13 62.40 -16.04 -33.87
CA VAL C 13 62.45 -15.02 -32.84
C VAL C 13 63.70 -15.22 -31.98
N ALA C 14 64.73 -14.43 -32.25
CA ALA C 14 65.98 -14.53 -31.51
C ALA C 14 66.71 -13.18 -31.49
N ALA C 15 67.59 -13.00 -30.51
CA ALA C 15 68.34 -11.75 -30.37
C ALA C 15 69.16 -11.45 -31.63
N GLY C 16 69.09 -10.20 -32.06
CA GLY C 16 69.84 -9.76 -33.24
C GLY C 16 69.17 -10.18 -34.55
N ASN C 17 68.02 -10.82 -34.45
CA ASN C 17 67.29 -11.29 -35.63
C ASN C 17 66.33 -10.25 -36.16
N SER C 18 65.99 -10.36 -37.44
CA SER C 18 65.04 -9.47 -38.08
C SER C 18 63.79 -10.28 -38.38
N CYS C 19 62.75 -10.08 -37.58
CA CYS C 19 61.52 -10.84 -37.75
C CYS C 19 60.41 -10.03 -38.37
N SER C 20 59.31 -10.71 -38.68
CA SER C 20 58.18 -10.06 -39.31
C SER C 20 56.88 -10.77 -38.96
N ILE C 21 55.80 -9.99 -38.83
CA ILE C 21 54.48 -10.54 -38.55
C ILE C 21 53.67 -10.45 -39.83
N LYS C 22 53.72 -11.52 -40.62
CA LYS C 22 52.99 -11.55 -41.89
C LYS C 22 51.51 -11.85 -41.66
N LEU C 23 50.68 -10.87 -42.00
CA LEU C 23 49.24 -10.99 -41.80
C LEU C 23 48.53 -11.54 -43.04
N PRO C 24 47.68 -12.53 -42.83
CA PRO C 24 46.92 -13.14 -43.91
C PRO C 24 45.92 -12.13 -44.48
N ILE C 25 45.90 -12.02 -45.81
CA ILE C 25 45.02 -11.10 -46.50
C ILE C 25 43.61 -11.66 -46.64
N GLY C 26 42.61 -10.78 -46.60
CA GLY C 26 41.22 -11.19 -46.75
C GLY C 26 40.25 -10.45 -45.83
N GLN C 27 40.64 -10.31 -44.56
CA GLN C 27 39.77 -9.64 -43.59
C GLN C 27 40.29 -8.29 -43.11
N THR C 28 39.67 -7.77 -42.05
CA THR C 28 40.03 -6.48 -41.48
C THR C 28 40.64 -6.67 -40.09
N TYR C 29 41.77 -6.01 -39.85
CA TYR C 29 42.44 -6.08 -38.55
C TYR C 29 42.15 -4.82 -37.75
N GLU C 30 41.33 -4.96 -36.70
CA GLU C 30 40.99 -3.83 -35.85
C GLU C 30 42.08 -3.59 -34.82
N VAL C 31 42.55 -4.68 -34.22
CA VAL C 31 43.60 -4.61 -33.21
C VAL C 31 44.51 -5.84 -33.25
N ILE C 32 45.79 -5.62 -32.99
CA ILE C 32 46.75 -6.71 -32.97
C ILE C 32 47.51 -6.67 -31.65
N ASP C 33 47.26 -7.68 -30.81
CA ASP C 33 47.92 -7.76 -29.51
C ASP C 33 49.23 -8.54 -29.58
N LEU C 34 50.33 -7.84 -29.35
CA LEU C 34 51.65 -8.47 -29.39
C LEU C 34 52.20 -8.74 -27.99
N ARG C 35 52.33 -10.01 -27.66
CA ARG C 35 52.87 -10.43 -26.36
C ARG C 35 54.37 -10.60 -26.47
N TYR C 36 55.10 -10.04 -25.50
CA TYR C 36 56.55 -10.11 -25.51
C TYR C 36 57.13 -10.49 -24.16
N SER C 37 58.28 -11.15 -24.18
CA SER C 37 58.97 -11.56 -22.96
C SER C 37 60.42 -11.90 -23.31
N GLY C 38 61.32 -11.70 -22.35
CA GLY C 38 62.73 -11.96 -22.58
C GLY C 38 63.34 -10.84 -23.43
N VAL C 39 62.60 -9.74 -23.55
CA VAL C 39 63.03 -8.58 -24.32
C VAL C 39 62.23 -7.36 -23.92
N THR C 40 62.87 -6.18 -24.00
CA THR C 40 62.20 -4.93 -23.66
C THR C 40 61.61 -4.29 -24.91
N PRO C 41 60.58 -3.48 -24.74
CA PRO C 41 59.95 -2.80 -25.87
C PRO C 41 60.98 -1.96 -26.62
N SER C 42 61.95 -1.43 -25.88
CA SER C 42 62.99 -0.61 -26.47
C SER C 42 63.99 -1.48 -27.24
N GLN C 43 63.93 -2.78 -27.00
CA GLN C 43 64.83 -3.71 -27.67
C GLN C 43 64.23 -4.22 -28.98
N ILE C 44 62.99 -3.82 -29.24
CA ILE C 44 62.31 -4.17 -30.48
C ILE C 44 62.36 -2.93 -31.36
N LYS C 45 63.42 -2.81 -32.14
CA LYS C 45 63.66 -1.63 -32.96
C LYS C 45 63.09 -1.66 -34.38
N ASN C 46 63.06 -0.48 -34.99
CA ASN C 46 62.59 -0.30 -36.37
C ASN C 46 61.32 -1.06 -36.71
N VAL C 47 60.24 -0.73 -36.01
CA VAL C 47 58.94 -1.36 -36.27
C VAL C 47 58.27 -0.67 -37.45
N ARG C 48 57.99 -1.43 -38.50
CA ARG C 48 57.35 -0.89 -39.70
C ARG C 48 56.10 -1.68 -40.09
N VAL C 49 55.02 -0.95 -40.37
CA VAL C 49 53.79 -1.58 -40.84
C VAL C 49 53.77 -1.36 -42.35
N GLU C 50 53.88 -2.45 -43.11
CA GLU C 50 53.95 -2.34 -44.56
C GLU C 50 52.78 -2.99 -45.28
N LEU C 51 52.21 -2.25 -46.24
CA LEU C 51 51.11 -2.75 -47.07
C LEU C 51 51.61 -2.83 -48.50
N ASP C 52 51.76 -4.04 -49.01
CA ASP C 52 52.24 -4.25 -50.37
C ASP C 52 53.68 -3.77 -50.53
N GLY C 53 54.46 -3.90 -49.46
CA GLY C 53 55.86 -3.50 -49.48
C GLY C 53 56.10 -2.03 -49.17
N ARG C 54 55.03 -1.24 -49.20
CA ARG C 54 55.13 0.19 -48.92
C ARG C 54 54.92 0.49 -47.44
N LEU C 55 55.71 1.44 -46.91
CA LEU C 55 55.64 1.80 -45.50
C LEU C 55 54.37 2.57 -45.16
N LEU C 56 53.70 2.15 -44.10
CA LEU C 56 52.49 2.82 -43.64
C LEU C 56 52.83 3.61 -42.38
N SER C 57 53.22 2.90 -41.33
CA SER C 57 53.60 3.53 -40.06
C SER C 57 54.96 3.03 -39.63
N THR C 58 55.68 3.85 -38.87
CA THR C 58 57.01 3.48 -38.40
C THR C 58 57.23 3.87 -36.94
N TYR C 59 57.88 2.98 -36.20
CA TYR C 59 58.20 3.22 -34.80
C TYR C 59 59.68 2.92 -34.58
N LYS C 60 60.41 3.89 -34.03
CA LYS C 60 61.83 3.71 -33.77
C LYS C 60 62.01 2.46 -32.90
N THR C 61 61.14 2.32 -31.89
CA THR C 61 61.16 1.16 -31.02
C THR C 61 59.72 0.86 -30.59
N LEU C 62 59.50 -0.34 -30.08
CA LEU C 62 58.17 -0.76 -29.65
C LEU C 62 57.67 0.10 -28.49
N ASN C 63 58.58 0.78 -27.82
CA ASN C 63 58.23 1.63 -26.68
C ASN C 63 57.42 2.84 -27.13
N ASP C 64 57.59 3.23 -28.39
CA ASP C 64 56.87 4.36 -28.95
C ASP C 64 55.40 4.01 -29.16
N LEU C 65 55.13 2.71 -29.33
CA LEU C 65 53.76 2.24 -29.52
C LEU C 65 53.09 2.20 -28.15
N ILE C 66 53.89 1.93 -27.11
CA ILE C 66 53.39 1.90 -25.75
C ILE C 66 53.00 3.31 -25.31
N LEU C 67 53.82 4.28 -25.72
CA LEU C 67 53.59 5.67 -25.40
C LEU C 67 52.42 6.23 -26.20
N GLU C 68 52.26 5.74 -27.42
CA GLU C 68 51.15 6.16 -28.28
C GLU C 68 49.83 5.77 -27.62
N ASN C 69 49.78 4.57 -27.05
CA ASN C 69 48.57 4.08 -26.39
C ASN C 69 48.36 4.77 -25.04
N THR C 70 49.46 5.03 -24.33
CA THR C 70 49.41 5.68 -23.04
C THR C 70 48.83 7.09 -23.17
N ARG C 71 49.20 7.79 -24.23
CA ARG C 71 48.74 9.15 -24.47
C ARG C 71 47.21 9.25 -24.54
N HIS C 72 46.59 8.25 -25.15
CA HIS C 72 45.14 8.22 -25.30
C HIS C 72 44.49 7.58 -24.08
N LYS C 73 45.32 7.21 -23.12
CA LYS C 73 44.85 6.56 -21.89
C LYS C 73 44.22 5.21 -22.17
N ARG C 74 44.79 4.48 -23.12
CA ARG C 74 44.31 3.15 -23.47
C ARG C 74 44.88 2.17 -22.46
N LYS C 75 44.23 1.01 -22.33
CA LYS C 75 44.68 0.00 -21.38
C LYS C 75 46.09 -0.47 -21.66
N ILE C 76 46.98 -0.27 -20.69
CA ILE C 76 48.37 -0.69 -20.82
C ILE C 76 48.67 -1.85 -19.88
N LYS C 77 49.26 -2.91 -20.40
CA LYS C 77 49.60 -4.07 -19.60
C LYS C 77 51.03 -4.52 -19.88
N ALA C 78 51.78 -4.79 -18.83
CA ALA C 78 53.16 -5.23 -18.97
C ALA C 78 53.21 -6.61 -19.62
N GLY C 79 54.08 -6.75 -20.63
CA GLY C 79 54.22 -8.02 -21.33
C GLY C 79 53.38 -8.06 -22.60
N VAL C 80 52.62 -6.99 -22.84
CA VAL C 80 51.78 -6.91 -24.02
C VAL C 80 51.67 -5.48 -24.55
N VAL C 81 51.67 -5.35 -25.86
CA VAL C 81 51.52 -4.06 -26.52
C VAL C 81 50.63 -4.26 -27.74
N SER C 82 49.58 -3.43 -27.84
CA SER C 82 48.62 -3.57 -28.93
C SER C 82 48.77 -2.54 -30.03
N PHE C 83 48.40 -2.95 -31.24
CA PHE C 83 48.40 -2.07 -32.39
C PHE C 83 46.95 -1.69 -32.62
N HIS C 84 46.57 -0.50 -32.18
CA HIS C 84 45.19 -0.04 -32.33
C HIS C 84 44.97 0.63 -33.67
N PHE C 85 44.49 -0.13 -34.64
CA PHE C 85 44.20 0.43 -35.96
C PHE C 85 42.89 1.19 -35.85
N VAL C 86 41.92 0.57 -35.19
CA VAL C 86 40.65 1.22 -34.94
C VAL C 86 40.91 2.21 -33.80
N ARG C 87 40.55 3.47 -34.00
CA ARG C 87 40.77 4.49 -33.00
C ARG C 87 39.56 4.66 -32.08
N PRO C 88 39.68 4.13 -30.87
CA PRO C 88 38.60 4.14 -29.89
C PRO C 88 38.15 5.51 -29.42
N GLU C 89 39.00 6.52 -29.59
CA GLU C 89 38.70 7.87 -29.15
C GLU C 89 37.89 8.68 -30.18
N MET C 90 37.71 8.11 -31.36
CA MET C 90 36.98 8.79 -32.43
C MET C 90 35.53 9.07 -32.07
N LYS C 91 35.04 10.24 -32.49
CA LYS C 91 33.66 10.63 -32.26
C LYS C 91 33.06 11.06 -33.60
N GLY C 92 31.85 10.60 -33.89
CA GLY C 92 31.21 10.93 -35.16
C GLY C 92 30.53 12.29 -35.13
N VAL C 93 30.52 12.95 -36.29
CA VAL C 93 29.89 14.26 -36.42
C VAL C 93 28.60 14.11 -37.23
N ASN C 94 28.70 13.36 -38.32
CA ASN C 94 27.54 13.09 -39.18
C ASN C 94 27.32 11.59 -39.30
N VAL C 95 28.11 10.84 -38.53
CA VAL C 95 28.01 9.39 -38.46
C VAL C 95 28.18 9.00 -37.01
N THR C 96 27.92 7.74 -36.69
CA THR C 96 28.05 7.25 -35.32
C THR C 96 29.51 7.19 -34.91
N ASP C 97 29.76 7.22 -33.60
CA ASP C 97 31.12 7.13 -33.07
C ASP C 97 31.76 5.83 -33.53
N LEU C 98 31.00 4.76 -33.48
CA LEU C 98 31.49 3.44 -33.88
C LEU C 98 32.00 3.43 -35.32
N VAL C 99 31.28 4.10 -36.21
CA VAL C 99 31.67 4.16 -37.61
C VAL C 99 32.96 4.94 -37.77
N GLN C 100 33.09 6.04 -37.02
CA GLN C 100 34.27 6.88 -37.08
C GLN C 100 35.51 6.18 -36.51
N GLN C 101 35.30 5.31 -35.55
CA GLN C 101 36.41 4.57 -34.94
C GLN C 101 36.84 3.40 -35.80
N ARG C 102 35.87 2.62 -36.27
CA ARG C 102 36.14 1.45 -37.10
C ARG C 102 36.70 1.82 -38.47
N MET C 103 36.48 3.06 -38.88
CA MET C 103 36.96 3.51 -40.19
C MET C 103 38.48 3.47 -40.29
N PHE C 104 39.15 3.41 -39.14
CA PHE C 104 40.60 3.37 -39.12
C PHE C 104 41.14 1.94 -39.12
N ALA C 105 40.25 0.97 -39.07
CA ALA C 105 40.64 -0.44 -39.07
C ALA C 105 41.50 -0.79 -40.28
N LEU C 106 42.41 -1.74 -40.10
CA LEU C 106 43.30 -2.16 -41.18
C LEU C 106 42.66 -3.19 -42.10
N GLY C 107 41.95 -2.72 -43.13
CA GLY C 107 41.34 -3.62 -44.11
C GLY C 107 42.46 -4.14 -44.99
N THR C 108 42.32 -5.38 -45.45
CA THR C 108 43.36 -6.00 -46.28
C THR C 108 42.88 -6.38 -47.68
N VAL C 109 41.59 -6.19 -47.96
CA VAL C 109 41.04 -6.53 -49.26
C VAL C 109 41.75 -5.82 -50.41
N GLY C 110 42.20 -6.60 -51.39
CA GLY C 110 42.90 -6.05 -52.55
C GLY C 110 44.41 -5.99 -52.33
N LEU C 111 44.84 -6.28 -51.10
CA LEU C 111 46.25 -6.26 -50.76
C LEU C 111 46.95 -7.54 -51.20
N THR C 112 48.26 -7.45 -51.40
CA THR C 112 49.06 -8.60 -51.78
C THR C 112 49.87 -9.06 -50.57
N THR C 113 50.25 -8.10 -49.73
CA THR C 113 51.01 -8.40 -48.52
C THR C 113 50.73 -7.40 -47.41
N CYS C 114 50.62 -7.90 -46.19
CA CYS C 114 50.42 -7.08 -45.00
C CYS C 114 51.43 -7.56 -43.96
N GLU C 115 52.39 -6.72 -43.64
CA GLU C 115 53.45 -7.11 -42.72
C GLU C 115 53.75 -6.11 -41.62
N ILE C 116 54.28 -6.63 -40.52
CA ILE C 116 54.71 -5.81 -39.39
C ILE C 116 56.14 -6.24 -39.07
N LYS C 117 57.09 -5.59 -39.72
CA LYS C 117 58.50 -5.93 -39.57
C LYS C 117 59.15 -5.22 -38.38
N PHE C 118 60.20 -5.82 -37.85
CA PHE C 118 60.92 -5.24 -36.72
C PHE C 118 62.22 -6.01 -36.50
N ASP C 119 63.15 -5.39 -35.78
CA ASP C 119 64.44 -6.00 -35.50
C ASP C 119 64.60 -6.24 -34.01
N ILE C 120 65.06 -7.43 -33.64
CA ILE C 120 65.28 -7.75 -32.24
C ILE C 120 66.71 -7.40 -31.86
N ASP C 121 66.86 -6.54 -30.86
CA ASP C 121 68.19 -6.13 -30.40
C ASP C 121 69.05 -7.33 -30.01
N GLU C 122 70.36 -7.18 -30.16
CA GLU C 122 71.31 -8.24 -29.85
C GLU C 122 71.38 -8.53 -28.34
N ALA C 123 71.11 -7.51 -27.54
CA ALA C 123 71.16 -7.65 -26.09
C ALA C 123 69.95 -8.36 -25.49
N ALA C 124 68.95 -8.63 -26.32
CA ALA C 124 67.74 -9.31 -25.88
C ALA C 124 68.05 -10.58 -25.09
N ALA C 125 67.57 -10.63 -23.85
CA ALA C 125 67.81 -11.77 -22.97
C ALA C 125 67.41 -13.10 -23.61
N GLY C 126 66.11 -13.27 -23.83
CA GLY C 126 65.58 -14.50 -24.44
C GLY C 126 64.22 -14.20 -25.08
N PRO C 127 64.25 -13.37 -26.11
CA PRO C 127 63.03 -12.95 -26.81
C PRO C 127 61.99 -14.03 -27.05
N LYS C 128 60.74 -13.69 -26.75
CA LYS C 128 59.60 -14.58 -26.96
C LYS C 128 58.43 -13.69 -27.38
N LEU C 129 57.98 -13.85 -28.62
CA LEU C 129 56.88 -13.02 -29.14
C LEU C 129 55.77 -13.80 -29.81
N SER C 130 54.54 -13.43 -29.48
CA SER C 130 53.35 -14.06 -30.08
C SER C 130 52.33 -12.96 -30.35
N ALA C 131 51.39 -13.22 -31.25
CA ALA C 131 50.39 -12.21 -31.58
C ALA C 131 48.98 -12.76 -31.69
N ILE C 132 48.02 -11.93 -31.31
CA ILE C 132 46.60 -12.27 -31.38
C ILE C 132 45.92 -11.19 -32.21
N ALA C 133 44.98 -11.60 -33.06
CA ALA C 133 44.29 -10.64 -33.91
C ALA C 133 42.80 -10.52 -33.64
N GLN C 134 42.33 -9.29 -33.49
CA GLN C 134 40.91 -9.00 -33.31
C GLN C 134 40.45 -8.52 -34.68
N LYS C 135 39.86 -9.42 -35.45
CA LYS C 135 39.44 -9.10 -36.81
C LYS C 135 37.95 -8.95 -37.01
N SER C 136 37.59 -8.42 -38.18
CA SER C 136 36.20 -8.23 -38.58
C SER C 136 36.12 -8.42 -40.09
N VAL C 137 34.91 -8.32 -40.64
CA VAL C 137 34.72 -8.49 -42.08
C VAL C 137 35.71 -7.67 -42.92
N GLY C 138 36.14 -8.26 -44.03
CA GLY C 138 37.13 -7.63 -44.91
C GLY C 138 36.68 -6.30 -45.53
N THR C 139 37.63 -5.38 -45.63
CA THR C 139 37.42 -4.07 -46.23
C THR C 139 38.74 -3.65 -46.86
N ALA C 140 38.69 -2.67 -47.77
CA ALA C 140 39.91 -2.17 -48.39
C ALA C 140 40.71 -1.46 -47.30
N PRO C 141 42.00 -1.24 -47.54
CA PRO C 141 42.83 -0.55 -46.57
C PRO C 141 42.16 0.77 -46.18
N SER C 142 41.68 1.49 -47.19
CA SER C 142 40.96 2.74 -46.98
C SER C 142 41.65 3.71 -46.03
N TRP C 143 40.84 4.44 -45.26
CA TRP C 143 41.35 5.44 -44.32
C TRP C 143 42.24 4.82 -43.25
N LEU C 144 43.51 5.23 -43.24
CA LEU C 144 44.47 4.69 -42.29
C LEU C 144 45.30 5.76 -41.62
N THR C 145 45.85 5.43 -40.45
CA THR C 145 46.74 6.34 -39.73
C THR C 145 48.16 6.02 -40.20
N MET C 146 48.90 7.06 -40.60
CA MET C 146 50.25 6.87 -41.08
C MET C 146 51.28 7.60 -40.22
N ARG C 147 51.82 6.89 -39.25
CA ARG C 147 52.81 7.46 -38.33
C ARG C 147 54.16 7.59 -39.03
N ARG C 148 54.65 8.82 -39.14
CA ARG C 148 55.93 9.10 -39.79
C ARG C 148 56.96 9.66 -38.83
N ASN C 149 58.23 9.32 -39.06
CA ASN C 149 59.34 9.74 -38.22
C ASN C 149 60.20 10.81 -38.89
N PHE C 150 60.57 11.83 -38.11
CA PHE C 150 61.43 12.90 -38.62
C PHE C 150 62.40 13.35 -37.53
N PHE C 151 63.63 13.62 -37.91
CA PHE C 151 64.64 14.07 -36.95
C PHE C 151 65.14 15.46 -37.32
N LYS C 152 64.99 16.40 -36.39
CA LYS C 152 65.42 17.77 -36.62
C LYS C 152 66.21 18.30 -35.43
N GLN C 153 67.21 19.13 -35.70
CA GLN C 153 68.04 19.69 -34.66
C GLN C 153 67.38 20.93 -34.05
N LEU C 154 67.47 21.05 -32.73
CA LEU C 154 66.90 22.20 -32.03
C LEU C 154 68.00 23.06 -31.41
N ASN C 155 67.77 24.37 -31.39
CA ASN C 155 68.76 25.28 -30.86
C ASN C 155 68.31 25.69 -29.50
N ASN C 156 69.06 26.58 -28.82
CA ASN C 156 68.61 27.01 -27.55
C ASN C 156 68.19 28.40 -27.92
N GLY C 157 66.87 28.60 -27.99
CA GLY C 157 66.27 29.85 -28.47
C GLY C 157 65.10 29.37 -29.33
N THR C 158 64.95 29.94 -30.53
CA THR C 158 63.84 29.56 -31.40
C THR C 158 64.27 28.73 -32.60
N THR C 159 63.52 27.67 -32.87
CA THR C 159 63.77 26.81 -34.02
C THR C 159 62.49 26.70 -34.82
N GLU C 160 62.59 26.86 -36.14
CA GLU C 160 61.42 26.78 -37.00
C GLU C 160 61.50 25.58 -37.93
N ILE C 161 60.42 24.80 -37.98
CA ILE C 161 60.35 23.61 -38.83
C ILE C 161 59.19 23.76 -39.83
N ALA C 162 59.53 24.05 -41.08
CA ALA C 162 58.52 24.25 -42.11
C ALA C 162 58.66 23.28 -43.28
N ASP C 163 59.56 22.31 -43.15
CA ASP C 163 59.78 21.34 -44.23
C ASP C 163 59.10 19.99 -44.02
N LEU C 164 58.00 19.99 -43.26
CA LEU C 164 57.26 18.76 -43.04
C LEU C 164 56.46 18.39 -44.28
N PRO C 165 56.51 17.11 -44.65
CA PRO C 165 55.80 16.63 -45.84
C PRO C 165 54.33 17.03 -45.81
N ARG C 166 53.82 17.46 -46.95
CA ARG C 166 52.42 17.87 -47.06
C ARG C 166 51.69 17.12 -48.17
N PRO C 167 51.58 15.80 -48.02
CA PRO C 167 50.89 14.99 -49.00
C PRO C 167 49.49 15.54 -49.27
N VAL C 168 49.19 15.82 -50.52
CA VAL C 168 47.91 16.40 -50.91
C VAL C 168 46.72 15.49 -50.64
N GLY C 169 45.69 16.05 -49.99
CA GLY C 169 44.47 15.30 -49.69
C GLY C 169 44.54 14.63 -48.32
N TYR C 170 45.75 14.51 -47.79
CA TYR C 170 45.96 13.88 -46.49
C TYR C 170 45.68 14.87 -45.36
N ARG C 171 45.64 14.35 -44.14
CA ARG C 171 45.38 15.17 -42.96
C ARG C 171 46.46 14.91 -41.92
N ILE C 172 46.51 15.78 -40.91
CA ILE C 172 47.45 15.62 -39.80
C ILE C 172 46.65 15.58 -38.50
N ALA C 173 46.66 14.43 -37.85
CA ALA C 173 45.93 14.26 -36.60
C ALA C 173 46.67 14.92 -35.44
N ALA C 174 47.98 14.75 -35.42
CA ALA C 174 48.79 15.32 -34.35
C ALA C 174 50.27 15.39 -34.69
N ILE C 175 51.01 16.16 -33.92
CA ILE C 175 52.45 16.30 -34.08
C ILE C 175 53.09 16.20 -32.70
N HIS C 176 54.05 15.29 -32.56
CA HIS C 176 54.71 15.10 -31.28
C HIS C 176 56.18 15.47 -31.34
N ILE C 177 56.56 16.50 -30.60
CA ILE C 177 57.94 16.95 -30.55
C ILE C 177 58.64 16.29 -29.38
N LYS C 178 59.54 15.35 -29.68
CA LYS C 178 60.28 14.64 -28.65
C LYS C 178 61.60 15.32 -28.32
N ALA C 179 61.58 16.17 -27.30
CA ALA C 179 62.75 16.90 -26.86
C ALA C 179 62.59 17.21 -25.37
N ALA C 180 63.71 17.34 -24.66
CA ALA C 180 63.66 17.58 -23.22
C ALA C 180 63.66 19.06 -22.80
N GLY C 181 63.97 19.96 -23.74
CA GLY C 181 64.04 21.38 -23.40
C GLY C 181 63.09 22.30 -24.17
N VAL C 182 61.90 21.80 -24.51
CA VAL C 182 60.92 22.62 -25.21
C VAL C 182 60.03 23.38 -24.23
N ASP C 183 60.07 24.70 -24.32
CA ASP C 183 59.30 25.56 -23.42
C ASP C 183 57.92 25.89 -23.98
N ALA C 184 57.90 26.32 -25.23
CA ALA C 184 56.65 26.69 -25.88
C ALA C 184 56.73 26.43 -27.37
N VAL C 185 55.57 26.28 -28.00
CA VAL C 185 55.51 26.02 -29.44
C VAL C 185 54.38 26.81 -30.08
N GLU C 186 54.54 27.13 -31.35
CA GLU C 186 53.55 27.88 -32.09
C GLU C 186 53.35 27.20 -33.45
N PHE C 187 52.09 27.02 -33.84
CA PHE C 187 51.80 26.38 -35.12
C PHE C 187 51.00 27.32 -36.01
N GLN C 188 51.43 27.44 -37.26
CA GLN C 188 50.75 28.31 -38.21
C GLN C 188 50.73 27.75 -39.62
N ILE C 189 49.70 28.14 -40.37
CA ILE C 189 49.55 27.71 -41.76
C ILE C 189 49.22 28.94 -42.59
N ASP C 190 50.12 29.31 -43.48
CA ASP C 190 49.92 30.49 -44.33
C ASP C 190 49.80 31.76 -43.51
N GLY C 191 50.67 31.91 -42.53
CA GLY C 191 50.67 33.10 -41.66
C GLY C 191 49.66 33.00 -40.52
N THR C 192 48.56 32.29 -40.75
CA THR C 192 47.52 32.14 -39.73
C THR C 192 48.02 31.33 -38.55
N LYS C 193 47.94 31.93 -37.36
CA LYS C 193 48.40 31.27 -36.13
C LYS C 193 47.28 30.44 -35.49
N TRP C 194 47.21 29.17 -35.88
CA TRP C 194 46.19 28.27 -35.35
C TRP C 194 46.46 27.91 -33.91
N ARG C 195 47.74 27.93 -33.54
CA ARG C 195 48.16 27.64 -32.17
C ARG C 195 49.16 28.70 -31.75
N ASP C 196 48.71 29.61 -30.89
CA ASP C 196 49.56 30.67 -30.39
C ASP C 196 50.78 30.06 -29.70
N LEU C 197 51.78 30.89 -29.42
CA LEU C 197 52.97 30.43 -28.72
C LEU C 197 52.52 29.98 -27.33
N LEU C 198 52.06 28.75 -27.23
CA LEU C 198 51.55 28.20 -25.98
C LEU C 198 52.65 27.60 -25.11
N LYS C 199 52.69 28.00 -23.85
CA LYS C 199 53.67 27.45 -22.92
C LYS C 199 53.35 25.98 -22.68
N LYS C 200 54.39 25.19 -22.45
CA LYS C 200 54.21 23.75 -22.23
C LYS C 200 53.13 23.45 -21.19
N ALA C 201 53.18 24.15 -20.05
CA ALA C 201 52.22 23.93 -18.98
C ALA C 201 50.78 24.18 -19.45
N ASP C 202 50.62 25.17 -20.32
CA ASP C 202 49.31 25.52 -20.84
C ASP C 202 48.83 24.52 -21.88
N ASN C 203 49.76 24.08 -22.74
CA ASN C 203 49.44 23.11 -23.78
C ASN C 203 49.09 21.77 -23.14
N ASP C 204 49.88 21.38 -22.13
CA ASP C 204 49.67 20.12 -21.43
C ASP C 204 48.36 20.12 -20.64
N TYR C 205 47.92 21.30 -20.22
CA TYR C 205 46.68 21.41 -19.47
C TYR C 205 45.48 21.13 -20.39
N ILE C 206 45.55 21.66 -21.61
CA ILE C 206 44.49 21.45 -22.58
C ILE C 206 44.43 19.97 -22.96
N LEU C 207 45.60 19.35 -23.12
CA LEU C 207 45.67 17.94 -23.47
C LEU C 207 44.95 17.10 -22.42
N GLU C 208 45.35 17.27 -21.17
CA GLU C 208 44.74 16.54 -20.06
C GLU C 208 43.26 16.86 -19.96
N GLN C 209 42.90 18.07 -20.37
CA GLN C 209 41.51 18.53 -20.32
C GLN C 209 40.63 17.66 -21.21
N TYR C 210 41.25 16.96 -22.16
CA TYR C 210 40.52 16.11 -23.09
C TYR C 210 40.76 14.62 -22.88
N GLY C 211 41.17 14.24 -21.67
CA GLY C 211 41.38 12.85 -21.31
C GLY C 211 42.69 12.25 -21.82
N LYS C 212 43.60 13.09 -22.28
CA LYS C 212 44.88 12.61 -22.77
C LYS C 212 45.95 12.65 -21.67
N ALA C 213 46.96 11.80 -21.82
CA ALA C 213 48.06 11.75 -20.86
C ALA C 213 49.28 12.42 -21.48
N VAL C 214 49.92 13.29 -20.71
CA VAL C 214 51.11 13.99 -21.19
C VAL C 214 52.32 13.07 -21.16
N LEU C 215 53.01 12.97 -22.29
CA LEU C 215 54.20 12.12 -22.40
C LEU C 215 55.46 12.88 -21.99
N ASP C 216 56.36 12.18 -21.31
CA ASP C 216 57.60 12.79 -20.85
C ASP C 216 58.46 13.28 -22.01
N ASN C 217 59.07 14.46 -21.85
CA ASN C 217 59.94 15.03 -22.86
C ASN C 217 59.28 15.10 -24.23
N THR C 218 57.99 15.43 -24.24
CA THR C 218 57.22 15.54 -25.47
C THR C 218 56.24 16.70 -25.46
N TYR C 219 56.18 17.43 -26.57
CA TYR C 219 55.23 18.52 -26.73
C TYR C 219 54.25 18.09 -27.81
N THR C 220 53.06 17.68 -27.39
CA THR C 220 52.05 17.18 -28.32
C THR C 220 51.09 18.25 -28.81
N ILE C 221 50.92 18.32 -30.12
CA ILE C 221 49.98 19.24 -30.74
C ILE C 221 48.84 18.41 -31.32
N ASP C 222 47.85 18.11 -30.46
CA ASP C 222 46.71 17.30 -30.84
C ASP C 222 45.67 18.11 -31.61
N PHE C 223 45.44 17.73 -32.87
CA PHE C 223 44.46 18.42 -33.72
C PHE C 223 43.11 17.71 -33.70
N MET C 224 43.00 16.66 -32.89
CA MET C 224 41.76 15.90 -32.77
C MET C 224 41.38 15.69 -31.32
N LEU C 225 41.57 16.71 -30.50
CA LEU C 225 41.26 16.62 -29.07
C LEU C 225 39.82 16.21 -28.78
N GLU C 226 38.89 16.65 -29.62
CA GLU C 226 37.48 16.33 -29.44
C GLU C 226 37.11 14.95 -30.02
N GLY C 227 38.02 14.39 -30.81
CA GLY C 227 37.78 13.09 -31.44
C GLY C 227 37.20 13.30 -32.83
N ASP C 228 37.00 14.57 -33.20
CA ASP C 228 36.46 14.91 -34.50
C ASP C 228 37.56 14.93 -35.56
N VAL C 229 37.44 14.04 -36.54
CA VAL C 229 38.44 13.92 -37.60
C VAL C 229 38.55 15.18 -38.46
N TYR C 230 37.46 15.94 -38.55
CA TYR C 230 37.43 17.14 -39.38
C TYR C 230 38.04 18.36 -38.70
N GLN C 231 38.64 18.14 -37.53
CA GLN C 231 39.32 19.20 -36.78
C GLN C 231 40.80 19.10 -37.11
N SER C 232 41.19 17.97 -37.69
CA SER C 232 42.57 17.73 -38.05
C SER C 232 43.00 18.63 -39.19
N VAL C 233 44.31 18.76 -39.38
CA VAL C 233 44.87 19.60 -40.44
C VAL C 233 44.67 18.98 -41.81
N LEU C 234 43.94 19.67 -42.68
CA LEU C 234 43.71 19.18 -44.03
C LEU C 234 44.81 19.72 -44.94
N LEU C 235 45.70 18.84 -45.36
CA LEU C 235 46.81 19.24 -46.22
C LEU C 235 46.34 19.64 -47.61
N ASP C 236 45.70 20.80 -47.68
CA ASP C 236 45.19 21.32 -48.94
C ASP C 236 46.34 21.81 -49.81
N GLN C 237 46.29 21.44 -51.09
CA GLN C 237 47.33 21.79 -52.05
C GLN C 237 47.72 23.27 -52.08
N MET C 238 46.72 24.15 -51.98
CA MET C 238 46.98 25.60 -52.03
C MET C 238 47.75 26.12 -50.82
N ILE C 239 48.00 25.25 -49.86
CA ILE C 239 48.76 25.62 -48.67
C ILE C 239 50.18 25.99 -49.09
N GLN C 240 50.64 27.17 -48.69
CA GLN C 240 51.97 27.62 -49.05
C GLN C 240 52.98 27.51 -47.92
N ASP C 241 52.49 27.50 -46.68
CA ASP C 241 53.38 27.40 -45.54
C ASP C 241 52.78 26.67 -44.34
N LEU C 242 53.45 25.60 -43.93
CA LEU C 242 53.06 24.82 -42.76
C LEU C 242 54.27 24.92 -41.83
N ARG C 243 54.19 25.83 -40.86
CA ARG C 243 55.32 26.09 -39.98
C ARG C 243 55.13 25.78 -38.50
N LEU C 244 56.25 25.45 -37.86
CA LEU C 244 56.29 25.14 -36.44
C LEU C 244 57.39 25.98 -35.80
N LYS C 245 57.03 26.79 -34.82
CA LYS C 245 58.01 27.64 -34.12
C LYS C 245 58.25 27.09 -32.72
N ILE C 246 59.40 26.46 -32.53
CA ILE C 246 59.74 25.85 -31.24
C ILE C 246 60.68 26.68 -30.39
N ASP C 247 60.26 26.97 -29.16
CA ASP C 247 61.07 27.72 -28.21
C ASP C 247 61.71 26.72 -27.25
N SER C 248 62.97 26.42 -27.47
CA SER C 248 63.69 25.46 -26.64
C SER C 248 64.65 26.13 -25.66
N THR C 249 65.18 25.35 -24.74
CA THR C 249 66.12 25.84 -23.73
C THR C 249 67.39 25.03 -23.85
N MET C 250 67.37 24.04 -24.73
CA MET C 250 68.51 23.15 -24.94
C MET C 250 68.87 23.05 -26.41
N ASP C 251 70.11 22.65 -26.68
CA ASP C 251 70.58 22.45 -28.05
C ASP C 251 70.65 20.95 -28.28
N GLU C 252 69.59 20.39 -28.85
CA GLU C 252 69.53 18.95 -29.07
C GLU C 252 68.82 18.59 -30.37
N GLN C 253 68.80 17.30 -30.68
CA GLN C 253 68.11 16.80 -31.86
C GLN C 253 66.79 16.17 -31.41
N ALA C 254 65.70 16.70 -31.94
CA ALA C 254 64.36 16.24 -31.58
C ALA C 254 63.82 15.24 -32.59
N GLU C 255 63.01 14.31 -32.08
CA GLU C 255 62.36 13.34 -32.96
C GLU C 255 60.92 13.82 -33.12
N ILE C 256 60.60 14.29 -34.32
CA ILE C 256 59.26 14.79 -34.60
C ILE C 256 58.36 13.69 -35.13
N ILE C 257 57.31 13.37 -34.39
CA ILE C 257 56.37 12.35 -34.79
C ILE C 257 55.14 13.02 -35.41
N VAL C 258 54.82 12.65 -36.63
CA VAL C 258 53.65 13.21 -37.32
C VAL C 258 52.65 12.12 -37.66
N GLU C 259 51.45 12.25 -37.11
CA GLU C 259 50.40 11.28 -37.37
C GLU C 259 49.56 11.73 -38.55
N TYR C 260 49.88 11.20 -39.73
CA TYR C 260 49.15 11.55 -40.94
C TYR C 260 47.90 10.68 -41.06
N MET C 261 47.00 11.06 -41.96
CA MET C 261 45.77 10.31 -42.19
C MET C 261 45.34 10.51 -43.63
N GLY C 262 44.76 9.46 -44.22
CA GLY C 262 44.30 9.54 -45.59
C GLY C 262 43.93 8.17 -46.14
N VAL C 263 43.27 8.15 -47.28
CA VAL C 263 42.88 6.91 -47.91
C VAL C 263 44.13 6.26 -48.50
N TRP C 264 44.46 5.07 -48.00
CA TRP C 264 45.65 4.37 -48.46
C TRP C 264 45.62 4.13 -49.96
N SER C 265 46.75 4.41 -50.60
CA SER C 265 46.88 4.22 -52.04
C SER C 265 48.15 3.46 -52.38
N ARG C 266 48.00 2.60 -53.38
CA ARG C 266 49.09 1.81 -53.94
C ARG C 266 50.23 2.76 -54.32
N ASN C 267 49.87 3.96 -54.74
CA ASN C 267 50.85 4.94 -55.20
C ASN C 267 50.78 6.25 -54.44
N GLY C 268 50.38 6.18 -53.17
CA GLY C 268 50.25 7.37 -52.35
C GLY C 268 51.33 7.49 -51.27
N PHE C 269 51.14 8.43 -50.35
CA PHE C 269 52.07 8.68 -49.25
C PHE C 269 52.47 7.40 -48.51
N MET D 1 -15.78 -63.85 -20.16
CA MET D 1 -15.08 -64.84 -19.37
C MET D 1 -13.60 -64.87 -19.71
N ARG D 2 -12.76 -64.91 -18.69
CA ARG D 2 -11.31 -64.96 -18.89
C ARG D 2 -10.85 -66.42 -18.88
N SER D 3 -9.64 -66.65 -19.39
CA SER D 3 -9.07 -67.98 -19.41
C SER D 3 -7.72 -67.99 -18.72
N PHE D 4 -7.56 -68.92 -17.77
CA PHE D 4 -6.31 -69.06 -17.05
C PHE D 4 -5.59 -70.29 -17.60
N LEU D 5 -4.45 -70.06 -18.23
CA LEU D 5 -3.71 -71.14 -18.87
C LEU D 5 -2.31 -71.35 -18.30
N ASN D 6 -1.90 -72.61 -18.24
CA ASN D 6 -0.55 -72.97 -17.80
C ASN D 6 0.30 -72.94 -19.07
N LEU D 7 1.02 -71.84 -19.26
CA LEU D 7 1.86 -71.67 -20.44
C LEU D 7 2.77 -72.86 -20.69
N ASN D 8 3.15 -73.07 -21.95
CA ASN D 8 4.03 -74.17 -22.31
C ASN D 8 5.32 -74.07 -21.54
N SER D 9 5.98 -75.21 -21.34
CA SER D 9 7.23 -75.26 -20.61
C SER D 9 8.29 -74.35 -21.21
N ILE D 10 9.03 -73.64 -20.36
CA ILE D 10 10.09 -72.75 -20.83
C ILE D 10 11.30 -73.59 -21.21
N PRO D 11 11.71 -73.49 -22.47
CA PRO D 11 12.83 -74.28 -22.99
C PRO D 11 14.20 -73.91 -22.43
N ASN D 12 14.98 -74.93 -22.13
CA ASN D 12 16.35 -74.78 -21.65
C ASN D 12 16.56 -73.83 -20.48
N VAL D 13 15.93 -74.14 -19.35
CA VAL D 13 16.09 -73.31 -18.15
C VAL D 13 17.29 -73.81 -17.35
N ALA D 14 18.42 -73.12 -17.49
CA ALA D 14 19.63 -73.49 -16.79
C ALA D 14 20.52 -72.27 -16.54
N ALA D 15 21.39 -72.37 -15.55
CA ALA D 15 22.29 -71.27 -15.22
C ALA D 15 23.16 -70.86 -16.40
N GLY D 16 23.26 -69.56 -16.63
CA GLY D 16 24.07 -69.02 -17.72
C GLY D 16 23.38 -69.13 -19.08
N ASN D 17 22.16 -69.63 -19.08
CA ASN D 17 21.39 -69.80 -20.31
C ASN D 17 20.57 -68.57 -20.65
N SER D 18 20.24 -68.43 -21.93
CA SER D 18 19.41 -67.33 -22.42
C SER D 18 18.07 -67.92 -22.84
N CYS D 19 17.06 -67.74 -22.00
CA CYS D 19 15.75 -68.29 -22.28
C CYS D 19 14.75 -67.26 -22.76
N SER D 20 13.58 -67.74 -23.17
CA SER D 20 12.54 -66.86 -23.68
C SER D 20 11.16 -67.44 -23.44
N ILE D 21 10.19 -66.58 -23.17
CA ILE D 21 8.81 -67.00 -22.98
C ILE D 21 8.03 -66.60 -24.22
N LYS D 22 7.95 -67.51 -25.18
CA LYS D 22 7.25 -67.25 -26.43
C LYS D 22 5.75 -67.39 -26.24
N LEU D 23 5.05 -66.28 -26.40
CA LEU D 23 3.59 -66.25 -26.22
C LEU D 23 2.84 -66.48 -27.53
N PRO D 24 1.87 -67.38 -27.48
CA PRO D 24 1.06 -67.70 -28.65
C PRO D 24 0.21 -66.50 -29.03
N ILE D 25 0.21 -66.18 -30.32
CA ILE D 25 -0.54 -65.04 -30.84
C ILE D 25 -2.01 -65.40 -31.07
N GLY D 26 -2.89 -64.42 -30.87
CA GLY D 26 -4.31 -64.63 -31.07
C GLY D 26 -5.20 -63.93 -30.04
N GLN D 27 -4.82 -64.05 -28.77
CA GLN D 27 -5.61 -63.46 -27.69
C GLN D 27 -4.93 -62.28 -27.00
N THR D 28 -5.50 -61.88 -25.86
CA THR D 28 -4.99 -60.76 -25.08
C THR D 28 -4.44 -61.24 -23.75
N TYR D 29 -3.23 -60.79 -23.40
CA TYR D 29 -2.60 -61.15 -22.15
C TYR D 29 -2.73 -60.02 -21.14
N GLU D 30 -3.58 -60.23 -20.13
CA GLU D 30 -3.79 -59.21 -19.10
C GLU D 30 -2.69 -59.30 -18.04
N VAL D 31 -2.37 -60.52 -17.63
CA VAL D 31 -1.34 -60.75 -16.63
C VAL D 31 -0.59 -62.05 -16.90
N ILE D 32 0.71 -62.05 -16.61
CA ILE D 32 1.54 -63.23 -16.78
C ILE D 32 2.26 -63.52 -15.48
N ASP D 33 1.90 -64.61 -14.81
CA ASP D 33 2.51 -64.99 -13.55
C ASP D 33 3.71 -65.90 -13.76
N LEU D 34 4.90 -65.39 -13.43
CA LEU D 34 6.13 -66.16 -13.58
C LEU D 34 6.61 -66.72 -12.25
N ARG D 35 6.58 -68.05 -12.14
CA ARG D 35 7.04 -68.73 -10.93
C ARG D 35 8.53 -69.06 -11.07
N TYR D 36 9.30 -68.77 -10.04
CA TYR D 36 10.74 -69.02 -10.07
C TYR D 36 11.25 -69.69 -8.80
N SER D 37 12.31 -70.48 -8.94
CA SER D 37 12.92 -71.16 -7.81
C SER D 37 14.31 -71.61 -8.22
N GLY D 38 15.22 -71.69 -7.26
CA GLY D 38 16.60 -72.08 -7.53
C GLY D 38 17.35 -70.92 -8.18
N VAL D 39 16.75 -69.73 -8.11
CA VAL D 39 17.34 -68.52 -8.68
C VAL D 39 16.69 -67.29 -8.07
N THR D 40 17.47 -66.21 -7.96
CA THR D 40 16.95 -64.96 -7.41
C THR D 40 16.46 -64.06 -8.54
N PRO D 41 15.54 -63.16 -8.21
CA PRO D 41 15.00 -62.23 -9.21
C PRO D 41 16.14 -61.41 -9.81
N SER D 42 17.15 -61.14 -9.00
CA SER D 42 18.30 -60.36 -9.46
C SER D 42 19.19 -61.20 -10.37
N GLN D 43 18.98 -62.51 -10.36
CA GLN D 43 19.77 -63.43 -11.17
C GLN D 43 19.13 -63.63 -12.55
N ILE D 44 17.95 -63.03 -12.74
CA ILE D 44 17.25 -63.09 -14.01
C ILE D 44 17.47 -61.74 -14.66
N LYS D 45 18.55 -61.62 -15.42
CA LYS D 45 18.93 -60.35 -16.03
C LYS D 45 18.39 -60.07 -17.43
N ASN D 46 18.51 -58.82 -17.84
CA ASN D 46 18.08 -58.35 -19.16
C ASN D 46 16.73 -58.88 -19.62
N VAL D 47 15.69 -58.53 -18.87
CA VAL D 47 14.34 -58.95 -19.21
C VAL D 47 13.77 -57.99 -20.26
N ARG D 48 13.40 -58.53 -21.42
CA ARG D 48 12.86 -57.72 -22.52
C ARG D 48 11.53 -58.27 -23.02
N VAL D 49 10.55 -57.39 -23.16
CA VAL D 49 9.26 -57.76 -23.72
C VAL D 49 9.29 -57.29 -25.18
N GLU D 50 9.28 -58.25 -26.10
CA GLU D 50 9.36 -57.91 -27.52
C GLU D 50 8.14 -58.28 -28.33
N LEU D 51 7.68 -57.33 -29.16
CA LEU D 51 6.54 -57.54 -30.04
C LEU D 51 7.04 -57.43 -31.47
N ASP D 52 7.05 -58.56 -32.17
CA ASP D 52 7.52 -58.59 -33.56
C ASP D 52 9.01 -58.27 -33.64
N GLY D 53 9.76 -58.67 -32.62
CA GLY D 53 11.20 -58.46 -32.58
C GLY D 53 11.61 -57.09 -32.03
N ARG D 54 10.65 -56.19 -31.91
CA ARG D 54 10.92 -54.84 -31.39
C ARG D 54 10.73 -54.77 -29.88
N LEU D 55 11.61 -54.03 -29.22
CA LEU D 55 11.57 -53.91 -27.76
C LEU D 55 10.40 -53.05 -27.30
N LEU D 56 9.67 -53.56 -26.31
CA LEU D 56 8.55 -52.84 -25.73
C LEU D 56 8.96 -52.31 -24.37
N SER D 57 9.25 -53.23 -23.46
CA SER D 57 9.67 -52.88 -22.11
C SER D 57 10.97 -53.61 -21.76
N THR D 58 11.77 -53.01 -20.88
CA THR D 58 13.03 -53.62 -20.49
C THR D 58 13.28 -53.51 -18.99
N TYR D 59 13.81 -54.58 -18.41
CA TYR D 59 14.14 -54.63 -17.00
C TYR D 59 15.57 -55.13 -16.83
N LYS D 60 16.40 -54.37 -16.14
CA LYS D 60 17.79 -54.77 -15.91
C LYS D 60 17.80 -56.16 -15.28
N THR D 61 16.91 -56.35 -14.30
CA THR D 61 16.76 -57.63 -13.63
C THR D 61 15.29 -57.83 -13.25
N LEU D 62 14.92 -59.06 -12.95
CA LEU D 62 13.54 -59.37 -12.58
C LEU D 62 13.13 -58.68 -11.29
N ASN D 63 14.12 -58.23 -10.52
CA ASN D 63 13.86 -57.55 -9.26
C ASN D 63 13.20 -56.19 -9.50
N ASP D 64 13.45 -55.62 -10.67
CA ASP D 64 12.87 -54.32 -11.02
C ASP D 64 11.38 -54.46 -11.28
N LEU D 65 10.95 -55.66 -11.67
CA LEU D 65 9.55 -55.93 -11.92
C LEU D 65 8.85 -56.11 -10.57
N ILE D 66 9.59 -56.64 -9.61
CA ILE D 66 9.08 -56.84 -8.26
C ILE D 66 8.86 -55.49 -7.59
N LEU D 67 9.80 -54.57 -7.84
CA LEU D 67 9.73 -53.23 -7.29
C LEU D 67 8.65 -52.41 -7.97
N GLU D 68 8.44 -52.66 -9.26
CA GLU D 68 7.42 -51.97 -10.02
C GLU D 68 6.04 -52.30 -9.42
N ASN D 69 5.83 -53.57 -9.08
CA ASN D 69 4.57 -54.00 -8.50
C ASN D 69 4.43 -53.53 -7.05
N THR D 70 5.54 -53.53 -6.31
CA THR D 70 5.55 -53.10 -4.93
C THR D 70 5.15 -51.63 -4.80
N ARG D 71 5.62 -50.82 -5.74
CA ARG D 71 5.33 -49.39 -5.75
C ARG D 71 3.84 -49.09 -5.79
N HIS D 72 3.10 -49.89 -6.56
CA HIS D 72 1.66 -49.71 -6.69
C HIS D 72 0.92 -50.47 -5.60
N LYS D 73 1.69 -51.10 -4.72
CA LYS D 73 1.12 -51.87 -3.61
C LYS D 73 0.33 -53.07 -4.12
N ARG D 74 0.83 -53.70 -5.18
CA ARG D 74 0.19 -54.88 -5.74
C ARG D 74 0.62 -56.08 -4.92
N LYS D 75 -0.17 -57.15 -4.97
CA LYS D 75 0.13 -58.36 -4.20
C LYS D 75 1.49 -58.95 -4.58
N ILE D 76 2.38 -59.03 -3.59
CA ILE D 76 3.71 -59.58 -3.81
C ILE D 76 3.84 -60.91 -3.06
N LYS D 77 4.32 -61.93 -3.77
CA LYS D 77 4.50 -63.24 -3.17
C LYS D 77 5.86 -63.81 -3.55
N ALA D 78 6.56 -64.34 -2.55
CA ALA D 78 7.87 -64.93 -2.77
C ALA D 78 7.78 -66.17 -3.65
N GLY D 79 8.62 -66.24 -4.67
CA GLY D 79 8.62 -67.38 -5.58
C GLY D 79 7.79 -67.11 -6.83
N VAL D 80 7.19 -65.93 -6.88
CA VAL D 80 6.37 -65.54 -8.02
C VAL D 80 6.44 -64.05 -8.31
N VAL D 81 6.48 -63.70 -9.59
CA VAL D 81 6.51 -62.31 -10.01
C VAL D 81 5.60 -62.18 -11.23
N SER D 82 4.67 -61.24 -11.19
CA SER D 82 3.72 -61.07 -12.28
C SER D 82 4.00 -59.89 -13.20
N PHE D 83 3.60 -60.04 -14.45
CA PHE D 83 3.74 -58.99 -15.45
C PHE D 83 2.35 -58.41 -15.60
N HIS D 84 2.10 -57.27 -14.95
CA HIS D 84 0.79 -56.62 -15.01
C HIS D 84 0.68 -55.71 -16.22
N PHE D 85 0.12 -56.24 -17.31
CA PHE D 85 -0.07 -55.44 -18.51
C PHE D 85 -1.29 -54.55 -18.27
N VAL D 86 -2.34 -55.14 -17.72
CA VAL D 86 -3.53 -54.39 -17.34
C VAL D 86 -3.16 -53.65 -16.06
N ARG D 87 -3.36 -52.33 -16.05
CA ARG D 87 -3.03 -51.53 -14.89
C ARG D 87 -4.23 -51.37 -13.94
N PRO D 88 -4.19 -52.11 -12.84
CA PRO D 88 -5.27 -52.13 -11.86
C PRO D 88 -5.55 -50.81 -11.16
N GLU D 89 -4.58 -49.91 -11.17
CA GLU D 89 -4.72 -48.61 -10.51
C GLU D 89 -5.41 -47.56 -11.38
N MET D 90 -5.64 -47.90 -12.64
CA MET D 90 -6.27 -46.96 -13.57
C MET D 90 -7.68 -46.56 -13.16
N LYS D 91 -8.02 -45.30 -13.37
CA LYS D 91 -9.34 -44.77 -13.07
C LYS D 91 -9.85 -44.06 -14.32
N GLY D 92 -11.11 -44.30 -14.67
CA GLY D 92 -11.70 -43.70 -15.86
C GLY D 92 -12.21 -42.28 -15.61
N VAL D 93 -12.11 -41.44 -16.63
CA VAL D 93 -12.58 -40.07 -16.54
C VAL D 93 -13.86 -39.91 -17.36
N ASN D 94 -13.85 -40.48 -18.56
CA ASN D 94 -15.01 -40.45 -19.44
C ASN D 94 -15.41 -41.88 -19.81
N VAL D 95 -14.73 -42.83 -19.18
CA VAL D 95 -15.01 -44.25 -19.36
C VAL D 95 -14.90 -44.91 -17.99
N THR D 96 -15.33 -46.16 -17.89
CA THR D 96 -15.27 -46.87 -16.62
C THR D 96 -13.84 -47.19 -16.23
N ASP D 97 -13.61 -47.41 -14.93
CA ASP D 97 -12.28 -47.74 -14.44
C ASP D 97 -11.79 -49.02 -15.12
N LEU D 98 -12.69 -49.99 -15.24
CA LEU D 98 -12.36 -51.28 -15.87
C LEU D 98 -11.83 -51.10 -17.28
N VAL D 99 -12.46 -50.21 -18.05
CA VAL D 99 -12.04 -49.96 -19.43
C VAL D 99 -10.65 -49.33 -19.46
N GLN D 100 -10.40 -48.40 -18.54
CA GLN D 100 -9.13 -47.71 -18.46
C GLN D 100 -7.99 -48.64 -18.03
N GLN D 101 -8.32 -49.64 -17.23
CA GLN D 101 -7.32 -50.59 -16.75
C GLN D 101 -7.02 -51.66 -17.80
N ARG D 102 -8.08 -52.22 -18.39
CA ARG D 102 -7.94 -53.25 -19.41
C ARG D 102 -7.33 -52.73 -20.70
N MET D 103 -7.39 -51.42 -20.90
CA MET D 103 -6.83 -50.82 -22.11
C MET D 103 -5.33 -51.02 -22.23
N PHE D 104 -4.69 -51.36 -21.11
CA PHE D 104 -3.25 -51.59 -21.10
C PHE D 104 -2.88 -53.05 -21.35
N ALA D 105 -3.89 -53.90 -21.45
CA ALA D 105 -3.68 -55.32 -21.69
C ALA D 105 -2.85 -55.57 -22.95
N LEU D 106 -2.06 -56.64 -22.95
CA LEU D 106 -1.22 -56.98 -24.09
C LEU D 106 -1.97 -57.76 -25.16
N GLY D 107 -2.60 -57.04 -26.09
CA GLY D 107 -3.31 -57.67 -27.19
C GLY D 107 -2.24 -58.18 -28.17
N THR D 108 -2.53 -59.29 -28.83
CA THR D 108 -1.57 -59.88 -29.76
C THR D 108 -2.07 -59.97 -31.20
N VAL D 109 -3.31 -59.58 -31.43
CA VAL D 109 -3.89 -59.63 -32.77
C VAL D 109 -3.08 -58.82 -33.78
N GLY D 110 -2.71 -59.48 -34.88
CA GLY D 110 -1.94 -58.83 -35.94
C GLY D 110 -0.43 -58.99 -35.73
N LEU D 111 -0.06 -59.54 -34.57
CA LEU D 111 1.34 -59.75 -34.23
C LEU D 111 1.88 -61.02 -34.88
N THR D 112 3.19 -61.05 -35.08
CA THR D 112 3.85 -62.22 -35.66
C THR D 112 4.58 -62.97 -34.54
N THR D 113 5.07 -62.22 -33.56
CA THR D 113 5.76 -62.81 -32.42
C THR D 113 5.60 -61.97 -31.15
N CYS D 114 5.41 -62.67 -30.03
CA CYS D 114 5.29 -62.02 -28.73
C CYS D 114 6.22 -62.80 -27.79
N GLU D 115 7.28 -62.15 -27.33
CA GLU D 115 8.27 -62.81 -26.51
C GLU D 115 8.67 -62.06 -25.26
N ILE D 116 9.11 -62.82 -24.26
CA ILE D 116 9.63 -62.25 -23.02
C ILE D 116 10.99 -62.91 -22.78
N LYS D 117 12.03 -62.29 -23.33
CA LYS D 117 13.38 -62.82 -23.23
C LYS D 117 14.09 -62.39 -21.95
N PHE D 118 15.06 -63.20 -21.53
CA PHE D 118 15.82 -62.92 -20.33
C PHE D 118 17.02 -63.87 -20.24
N ASP D 119 18.01 -63.49 -19.44
CA ASP D 119 19.21 -64.30 -19.28
C ASP D 119 19.32 -64.80 -17.84
N ILE D 120 19.62 -66.08 -17.69
CA ILE D 120 19.78 -66.66 -16.36
C ILE D 120 21.24 -66.56 -15.93
N ASP D 121 21.49 -65.91 -14.80
CA ASP D 121 22.84 -65.74 -14.30
C ASP D 121 23.54 -67.09 -14.12
N GLU D 122 24.86 -67.07 -14.26
CA GLU D 122 25.67 -68.29 -14.13
C GLU D 122 25.68 -68.83 -12.70
N ALA D 123 25.53 -67.93 -11.73
CA ALA D 123 25.54 -68.31 -10.32
C ALA D 123 24.25 -68.97 -9.84
N ALA D 124 23.23 -68.97 -10.71
CA ALA D 124 21.94 -69.55 -10.37
C ALA D 124 22.09 -70.96 -9.80
N ALA D 125 21.59 -71.16 -8.59
CA ALA D 125 21.67 -72.46 -7.91
C ALA D 125 21.12 -73.60 -8.77
N GLY D 126 19.81 -73.57 -9.01
CA GLY D 126 19.15 -74.61 -9.81
C GLY D 126 17.84 -74.04 -10.38
N PRO D 127 17.98 -73.06 -11.26
CA PRO D 127 16.83 -72.37 -11.87
C PRO D 127 15.67 -73.27 -12.28
N LYS D 128 14.47 -72.83 -11.92
CA LYS D 128 13.23 -73.52 -12.27
C LYS D 128 12.18 -72.45 -12.52
N LEU D 129 11.74 -72.33 -13.77
CA LEU D 129 10.76 -71.30 -14.12
C LEU D 129 9.57 -71.81 -14.92
N SER D 130 8.38 -71.35 -14.53
CA SER D 130 7.14 -71.72 -15.20
C SER D 130 6.27 -70.47 -15.28
N ALA D 131 5.31 -70.46 -16.20
CA ALA D 131 4.45 -69.29 -16.36
C ALA D 131 2.98 -69.64 -16.55
N ILE D 132 2.12 -68.77 -16.02
CA ILE D 132 0.68 -68.93 -16.14
C ILE D 132 0.15 -67.64 -16.78
N ALA D 133 -0.83 -67.78 -17.67
CA ALA D 133 -1.38 -66.61 -18.34
C ALA D 133 -2.85 -66.36 -18.05
N GLN D 134 -3.16 -65.12 -17.69
CA GLN D 134 -4.54 -64.70 -17.46
C GLN D 134 -4.93 -63.94 -18.73
N LYS D 135 -5.61 -64.63 -19.64
CA LYS D 135 -5.97 -64.02 -20.91
C LYS D 135 -7.42 -63.66 -21.07
N SER D 136 -7.70 -62.91 -22.14
CA SER D 136 -9.06 -62.48 -22.49
C SER D 136 -9.13 -62.40 -24.01
N VAL D 137 -10.30 -62.06 -24.53
CA VAL D 137 -10.50 -61.96 -25.98
C VAL D 137 -9.41 -61.15 -26.68
N GLY D 138 -9.03 -61.59 -27.86
CA GLY D 138 -7.96 -60.94 -28.63
C GLY D 138 -8.23 -59.48 -29.02
N THR D 139 -7.18 -58.69 -28.98
CA THR D 139 -7.22 -57.28 -29.34
C THR D 139 -5.85 -56.92 -29.91
N ALA D 140 -5.77 -55.81 -30.63
CA ALA D 140 -4.49 -55.37 -31.17
C ALA D 140 -3.62 -54.95 -29.99
N PRO D 141 -2.31 -54.86 -30.20
CA PRO D 141 -1.41 -54.44 -29.13
C PRO D 141 -1.92 -53.14 -28.51
N SER D 142 -2.29 -52.20 -29.38
CA SER D 142 -2.86 -50.92 -28.96
C SER D 142 -2.08 -50.22 -27.86
N TRP D 143 -2.79 -49.54 -26.98
CA TRP D 143 -2.19 -48.78 -25.88
C TRP D 143 -1.38 -49.68 -24.94
N LEU D 144 -0.08 -49.44 -24.88
CA LEU D 144 0.80 -50.25 -24.04
C LEU D 144 1.75 -49.40 -23.20
N THR D 145 2.24 -49.99 -22.11
CA THR D 145 3.21 -49.34 -21.25
C THR D 145 4.59 -49.74 -21.77
N MET D 146 5.45 -48.76 -22.00
CA MET D 146 6.79 -49.02 -22.52
C MET D 146 7.88 -48.57 -21.56
N ARG D 147 8.32 -49.50 -20.72
CA ARG D 147 9.36 -49.22 -19.73
C ARG D 147 10.73 -49.15 -20.40
N ARG D 148 11.36 -47.99 -20.31
CA ARG D 148 12.67 -47.76 -20.91
C ARG D 148 13.76 -47.49 -19.87
N ASN D 149 14.98 -47.95 -20.18
CA ASN D 149 16.11 -47.82 -19.28
C ASN D 149 17.11 -46.76 -19.76
N PHE D 150 17.59 -45.94 -18.84
CA PHE D 150 18.59 -44.91 -19.14
C PHE D 150 19.58 -44.78 -18.01
N PHE D 151 20.85 -44.60 -18.35
CA PHE D 151 21.89 -44.46 -17.34
C PHE D 151 22.56 -43.09 -17.47
N LYS D 152 22.50 -42.30 -16.40
CA LYS D 152 23.12 -40.98 -16.39
C LYS D 152 23.95 -40.77 -15.13
N GLN D 153 25.04 -40.03 -15.28
CA GLN D 153 25.93 -39.75 -14.15
C GLN D 153 25.41 -38.56 -13.35
N LEU D 154 25.51 -38.68 -12.03
CA LEU D 154 25.06 -37.60 -11.14
C LEU D 154 26.25 -37.00 -10.39
N ASN D 155 26.18 -35.70 -10.15
CA ASN D 155 27.27 -35.01 -9.48
C ASN D 155 26.86 -34.78 -8.07
N ASN D 156 27.70 -34.11 -7.25
CA ASN D 156 27.29 -33.86 -5.92
C ASN D 156 27.04 -32.38 -6.05
N GLY D 157 25.75 -32.02 -6.08
CA GLY D 157 25.33 -30.64 -6.33
C GLY D 157 24.12 -30.81 -7.27
N THR D 158 24.05 -30.04 -8.34
CA THR D 158 22.92 -30.12 -9.26
C THR D 158 23.27 -30.79 -10.58
N THR D 159 22.39 -31.69 -11.03
CA THR D 159 22.55 -32.37 -12.29
C THR D 159 21.28 -32.18 -13.11
N GLU D 160 21.42 -31.82 -14.37
CA GLU D 160 20.26 -31.61 -15.23
C GLU D 160 20.19 -32.64 -16.36
N ILE D 161 19.04 -33.26 -16.52
CA ILE D 161 18.83 -34.26 -17.56
C ILE D 161 17.72 -33.82 -18.51
N ALA D 162 18.10 -33.36 -19.70
CA ALA D 162 17.14 -32.88 -20.67
C ALA D 162 17.17 -33.64 -21.99
N ASP D 163 17.94 -34.72 -22.04
CA ASP D 163 18.07 -35.51 -23.25
C ASP D 163 17.22 -36.78 -23.27
N LEU D 164 16.12 -36.78 -22.52
CA LEU D 164 15.22 -37.94 -22.50
C LEU D 164 14.40 -37.99 -23.78
N PRO D 165 14.30 -39.18 -24.37
CA PRO D 165 13.55 -39.36 -25.61
C PRO D 165 12.15 -38.81 -25.49
N ARG D 166 11.70 -38.12 -26.54
CA ARG D 166 10.37 -37.53 -26.58
C ARG D 166 9.57 -37.99 -27.79
N PRO D 167 9.30 -39.29 -27.87
CA PRO D 167 8.52 -39.84 -28.98
C PRO D 167 7.21 -39.08 -29.13
N VAL D 168 6.97 -38.56 -30.32
CA VAL D 168 5.77 -37.77 -30.60
C VAL D 168 4.46 -38.56 -30.47
N GLY D 169 3.51 -37.99 -29.74
CA GLY D 169 2.20 -38.61 -29.54
C GLY D 169 2.17 -39.52 -28.31
N TYR D 170 3.35 -39.87 -27.82
CA TYR D 170 3.46 -40.73 -26.64
C TYR D 170 3.29 -39.93 -25.36
N ARG D 171 3.16 -40.63 -24.24
CA ARG D 171 3.01 -39.99 -22.95
C ARG D 171 4.02 -40.55 -21.97
N ILE D 172 4.17 -39.88 -20.83
CA ILE D 172 5.06 -40.33 -19.77
C ILE D 172 4.24 -40.49 -18.49
N ALA D 173 4.11 -41.73 -18.03
CA ALA D 173 3.34 -42.01 -16.83
C ALA D 173 4.14 -41.65 -15.58
N ALA D 174 5.42 -41.99 -15.59
CA ALA D 174 6.28 -41.70 -14.44
C ALA D 174 7.77 -41.76 -14.79
N ILE D 175 8.59 -41.23 -13.90
CA ILE D 175 10.03 -41.24 -14.05
C ILE D 175 10.63 -41.64 -12.71
N HIS D 176 11.46 -42.69 -12.73
CA HIS D 176 12.07 -43.16 -11.50
C HIS D 176 13.59 -42.97 -11.52
N ILE D 177 14.08 -42.14 -10.61
CA ILE D 177 15.50 -41.87 -10.51
C ILE D 177 16.11 -42.80 -9.46
N LYS D 178 16.88 -43.78 -9.92
CA LYS D 178 17.51 -44.74 -9.03
C LYS D 178 18.91 -44.30 -8.60
N ALA D 179 18.97 -43.63 -7.45
CA ALA D 179 20.22 -43.14 -6.90
C ALA D 179 20.08 -43.06 -5.37
N ALA D 180 21.19 -43.20 -4.66
CA ALA D 180 21.16 -43.18 -3.20
C ALA D 180 21.33 -41.82 -2.55
N GLY D 181 21.77 -40.82 -3.32
CA GLY D 181 22.00 -39.50 -2.75
C GLY D 181 21.18 -38.35 -3.35
N VAL D 182 19.95 -38.64 -3.75
CA VAL D 182 19.09 -37.59 -4.31
C VAL D 182 18.28 -36.91 -3.21
N ASP D 183 18.48 -35.60 -3.06
CA ASP D 183 17.81 -34.82 -2.03
C ASP D 183 16.49 -34.24 -2.51
N ALA D 184 16.53 -33.59 -3.68
CA ALA D 184 15.35 -32.97 -4.24
C ALA D 184 15.42 -32.98 -5.76
N VAL D 185 14.27 -32.89 -6.41
CA VAL D 185 14.20 -32.89 -7.86
C VAL D 185 13.18 -31.87 -8.34
N GLU D 186 13.40 -31.37 -9.55
CA GLU D 186 12.51 -30.38 -10.15
C GLU D 186 12.25 -30.80 -11.59
N PHE D 187 10.99 -30.75 -12.01
CA PHE D 187 10.63 -31.12 -13.37
C PHE D 187 9.97 -29.96 -14.08
N GLN D 188 10.43 -29.69 -15.30
CA GLN D 188 9.87 -28.59 -16.08
C GLN D 188 9.80 -28.90 -17.58
N ILE D 189 8.84 -28.27 -18.24
CA ILE D 189 8.66 -28.43 -19.68
C ILE D 189 8.48 -27.05 -20.29
N ASP D 190 9.45 -26.65 -21.12
CA ASP D 190 9.41 -25.34 -21.75
C ASP D 190 9.42 -24.22 -20.72
N GLY D 191 10.29 -24.34 -19.73
CA GLY D 191 10.42 -23.33 -18.69
C GLY D 191 9.40 -23.48 -17.57
N THR D 192 8.22 -24.00 -17.91
CA THR D 192 7.16 -24.20 -16.93
C THR D 192 7.54 -25.25 -15.89
N LYS D 193 7.52 -24.86 -14.63
CA LYS D 193 7.87 -25.76 -13.53
C LYS D 193 6.66 -26.54 -13.04
N TRP D 194 6.43 -27.71 -13.62
CA TRP D 194 5.30 -28.55 -13.25
C TRP D 194 5.51 -29.17 -11.88
N ARG D 195 6.78 -29.39 -11.53
CA ARG D 195 7.13 -29.94 -10.24
C ARG D 195 8.25 -29.10 -9.64
N ASP D 196 7.91 -28.30 -8.63
CA ASP D 196 8.88 -27.44 -7.97
C ASP D 196 10.00 -28.30 -7.41
N LEU D 197 11.09 -27.67 -6.99
CA LEU D 197 12.20 -28.39 -6.39
C LEU D 197 11.68 -29.00 -5.10
N LEU D 198 11.08 -30.18 -5.20
CA LEU D 198 10.48 -30.85 -4.05
C LEU D 198 11.48 -31.73 -3.31
N LYS D 199 11.56 -31.55 -2.00
CA LYS D 199 12.45 -32.36 -1.18
C LYS D 199 11.95 -33.80 -1.19
N LYS D 200 12.87 -34.74 -1.11
CA LYS D 200 12.52 -36.16 -1.12
C LYS D 200 11.40 -36.49 -0.14
N ALA D 201 11.52 -36.02 1.09
CA ALA D 201 10.52 -36.27 2.12
C ALA D 201 9.14 -35.77 1.71
N ASP D 202 9.10 -34.64 1.01
CA ASP D 202 7.85 -34.05 0.57
C ASP D 202 7.28 -34.80 -0.62
N ASN D 203 8.15 -35.20 -1.54
CA ASN D 203 7.72 -35.93 -2.72
C ASN D 203 7.21 -37.31 -2.31
N ASP D 204 7.93 -37.95 -1.40
CA ASP D 204 7.56 -39.28 -0.92
C ASP D 204 6.25 -39.25 -0.14
N TYR D 205 5.95 -38.12 0.49
CA TYR D 205 4.72 -37.98 1.25
C TYR D 205 3.52 -37.96 0.31
N ILE D 206 3.66 -37.24 -0.80
CA ILE D 206 2.60 -37.15 -1.79
C ILE D 206 2.37 -38.53 -2.43
N LEU D 207 3.45 -39.25 -2.69
CA LEU D 207 3.36 -40.58 -3.27
C LEU D 207 2.52 -41.49 -2.37
N GLU D 208 2.92 -41.58 -1.10
CA GLU D 208 2.21 -42.41 -0.13
C GLU D 208 0.78 -41.93 0.04
N GLN D 209 0.57 -40.63 -0.16
CA GLN D 209 -0.75 -40.02 -0.03
C GLN D 209 -1.71 -40.62 -1.05
N TYR D 210 -1.17 -41.21 -2.11
CA TYR D 210 -1.99 -41.80 -3.16
C TYR D 210 -1.93 -43.32 -3.22
N GLY D 211 -1.60 -43.94 -2.08
CA GLY D 211 -1.56 -45.39 -1.97
C GLY D 211 -0.33 -46.06 -2.57
N LYS D 212 0.69 -45.27 -2.89
CA LYS D 212 1.91 -45.81 -3.47
C LYS D 212 2.95 -46.09 -2.40
N ALA D 213 3.85 -47.02 -2.68
CA ALA D 213 4.92 -47.37 -1.75
C ALA D 213 6.23 -46.75 -2.25
N VAL D 214 6.96 -46.11 -1.36
CA VAL D 214 8.23 -45.50 -1.72
C VAL D 214 9.33 -46.55 -1.85
N LEU D 215 10.01 -46.55 -2.99
CA LEU D 215 11.09 -47.50 -3.25
C LEU D 215 12.41 -46.98 -2.73
N ASP D 216 13.22 -47.89 -2.17
CA ASP D 216 14.53 -47.53 -1.63
C ASP D 216 15.46 -46.96 -2.71
N ASN D 217 16.19 -45.91 -2.35
CA ASN D 217 17.15 -45.29 -3.25
C ASN D 217 16.51 -44.91 -4.59
N THR D 218 15.28 -44.42 -4.53
CA THR D 218 14.55 -44.02 -5.73
C THR D 218 13.72 -42.76 -5.50
N TYR D 219 13.77 -41.86 -6.48
CA TYR D 219 12.95 -40.64 -6.45
C TYR D 219 11.94 -40.76 -7.58
N THR D 220 10.70 -41.09 -7.23
CA THR D 220 9.66 -41.30 -8.22
C THR D 220 8.84 -40.05 -8.52
N ILE D 221 8.70 -39.75 -9.80
CA ILE D 221 7.89 -38.62 -10.25
C ILE D 221 6.67 -39.20 -10.94
N ASP D 222 5.64 -39.51 -10.15
CA ASP D 222 4.41 -40.10 -10.65
C ASP D 222 3.48 -39.05 -11.27
N PHE D 223 3.22 -39.18 -12.57
CA PHE D 223 2.35 -38.25 -13.28
C PHE D 223 0.93 -38.77 -13.37
N MET D 224 0.69 -39.93 -12.75
CA MET D 224 -0.65 -40.53 -12.76
C MET D 224 -1.07 -40.94 -11.35
N LEU D 225 -0.77 -40.10 -10.37
CA LEU D 225 -1.11 -40.38 -8.98
C LEU D 225 -2.59 -40.67 -8.75
N GLU D 226 -3.45 -39.98 -9.50
CA GLU D 226 -4.90 -40.15 -9.36
C GLU D 226 -5.41 -41.35 -10.16
N GLY D 227 -4.57 -41.88 -11.04
CA GLY D 227 -4.96 -43.01 -11.88
C GLY D 227 -5.49 -42.51 -13.21
N ASP D 228 -5.53 -41.18 -13.37
CA ASP D 228 -6.01 -40.56 -14.59
C ASP D 228 -4.89 -40.50 -15.63
N VAL D 229 -5.10 -41.19 -16.75
CA VAL D 229 -4.12 -41.24 -17.82
C VAL D 229 -3.84 -39.89 -18.45
N TYR D 230 -4.83 -39.00 -18.40
CA TYR D 230 -4.70 -37.68 -19.02
C TYR D 230 -3.95 -36.67 -18.16
N GLN D 231 -3.40 -37.16 -17.04
CA GLN D 231 -2.62 -36.33 -16.14
C GLN D 231 -1.14 -36.56 -16.47
N SER D 232 -0.89 -37.62 -17.24
CA SER D 232 0.46 -37.97 -17.65
C SER D 232 1.01 -36.94 -18.63
N VAL D 233 2.34 -36.94 -18.79
CA VAL D 233 2.99 -36.01 -19.70
C VAL D 233 2.74 -36.37 -21.16
N LEU D 234 2.11 -35.45 -21.89
CA LEU D 234 1.85 -35.68 -23.31
C LEU D 234 3.02 -35.13 -24.12
N LEU D 235 3.81 -36.04 -24.70
CA LEU D 235 4.97 -35.64 -25.48
C LEU D 235 4.57 -34.96 -26.78
N ASP D 236 4.07 -33.73 -26.65
CA ASP D 236 3.65 -32.94 -27.80
C ASP D 236 4.86 -32.46 -28.59
N GLN D 237 4.79 -32.61 -29.91
CA GLN D 237 5.87 -32.23 -30.81
C GLN D 237 6.44 -30.82 -30.59
N MET D 238 5.56 -29.86 -30.34
CA MET D 238 5.98 -28.47 -30.15
C MET D 238 6.79 -28.25 -28.87
N ILE D 239 6.94 -29.31 -28.07
CA ILE D 239 7.72 -29.23 -26.84
C ILE D 239 9.17 -28.97 -27.20
N GLN D 240 9.77 -27.94 -26.61
CA GLN D 240 11.15 -27.61 -26.91
C GLN D 240 12.13 -28.02 -25.81
N ASP D 241 11.62 -28.18 -24.59
CA ASP D 241 12.48 -28.58 -23.48
C ASP D 241 11.77 -29.42 -22.42
N LEU D 242 12.30 -30.62 -22.20
CA LEU D 242 11.81 -31.53 -21.18
C LEU D 242 13.00 -31.73 -20.25
N ARG D 243 13.02 -31.01 -19.14
CA ARG D 243 14.16 -31.03 -18.24
C ARG D 243 13.92 -31.56 -16.84
N LEU D 244 14.97 -32.13 -16.27
CA LEU D 244 14.96 -32.67 -14.92
C LEU D 244 16.14 -32.10 -14.15
N LYS D 245 15.87 -31.42 -13.04
CA LYS D 245 16.94 -30.83 -12.23
C LYS D 245 17.08 -31.63 -10.94
N ILE D 246 18.16 -32.42 -10.86
CA ILE D 246 18.38 -33.27 -9.70
C ILE D 246 19.42 -32.73 -8.72
N ASP D 247 19.01 -32.59 -7.46
CA ASP D 247 19.90 -32.12 -6.41
C ASP D 247 20.40 -33.34 -5.63
N SER D 248 21.62 -33.75 -5.90
CA SER D 248 22.21 -34.92 -5.25
C SER D 248 23.22 -34.54 -4.18
N THR D 249 23.64 -35.53 -3.40
CA THR D 249 24.62 -35.33 -2.34
C THR D 249 25.79 -36.27 -2.60
N MET D 250 25.66 -37.09 -3.63
CA MET D 250 26.67 -38.06 -4.00
C MET D 250 27.04 -37.95 -5.47
N ASP D 251 28.22 -38.45 -5.81
CA ASP D 251 28.69 -38.48 -7.19
C ASP D 251 28.59 -39.91 -7.68
N GLU D 252 27.48 -40.24 -8.33
CA GLU D 252 27.23 -41.59 -8.78
C GLU D 252 26.51 -41.64 -10.13
N GLN D 253 26.33 -42.86 -10.65
CA GLN D 253 25.60 -43.06 -11.89
C GLN D 253 24.22 -43.58 -11.54
N ALA D 254 23.20 -42.84 -11.97
CA ALA D 254 21.82 -43.19 -11.67
C ALA D 254 21.16 -43.93 -12.83
N GLU D 255 20.23 -44.83 -12.49
CA GLU D 255 19.48 -45.54 -13.50
C GLU D 255 18.12 -44.87 -13.58
N ILE D 256 17.87 -44.17 -14.68
CA ILE D 256 16.61 -43.46 -14.85
C ILE D 256 15.58 -44.35 -15.57
N ILE D 257 14.50 -44.66 -14.87
CA ILE D 257 13.43 -45.47 -15.44
C ILE D 257 12.32 -44.56 -15.92
N VAL D 258 11.96 -44.68 -17.20
CA VAL D 258 10.90 -43.87 -17.78
C VAL D 258 9.77 -44.76 -18.28
N GLU D 259 8.58 -44.58 -17.71
CA GLU D 259 7.42 -45.35 -18.12
C GLU D 259 6.67 -44.60 -19.20
N TYR D 260 6.93 -44.97 -20.45
CA TYR D 260 6.26 -44.33 -21.59
C TYR D 260 4.92 -45.02 -21.84
N MET D 261 4.09 -44.38 -22.66
CA MET D 261 2.77 -44.91 -23.00
C MET D 261 2.39 -44.43 -24.39
N GLY D 262 1.70 -45.29 -25.14
CA GLY D 262 1.27 -44.92 -26.48
C GLY D 262 0.74 -46.13 -27.23
N VAL D 263 0.10 -45.86 -28.37
CA VAL D 263 -0.44 -46.92 -29.20
C VAL D 263 0.74 -47.63 -29.89
N TRP D 264 0.92 -48.91 -29.60
CA TRP D 264 2.01 -49.66 -30.18
C TRP D 264 1.98 -49.65 -31.69
N SER D 265 3.14 -49.40 -32.29
CA SER D 265 3.26 -49.36 -33.73
C SER D 265 4.43 -50.20 -34.21
N ARG D 266 4.20 -50.86 -35.34
CA ARG D 266 5.18 -51.67 -36.04
C ARG D 266 6.44 -50.83 -36.27
N ASN D 267 6.24 -49.53 -36.47
CA ASN D 267 7.34 -48.62 -36.76
C ASN D 267 7.42 -47.46 -35.79
N GLY D 268 6.99 -47.69 -34.56
CA GLY D 268 7.01 -46.64 -33.53
C GLY D 268 8.08 -46.85 -32.47
N PHE D 269 7.98 -46.06 -31.40
CA PHE D 269 8.92 -46.11 -30.28
C PHE D 269 9.15 -47.53 -29.78
N MET E 1 -2.28 -32.24 -16.68
CA MET E 1 -1.09 -32.29 -15.84
C MET E 1 -1.26 -31.40 -14.61
N ARG E 2 -0.90 -31.92 -13.45
CA ARG E 2 -1.00 -31.16 -12.20
C ARG E 2 0.33 -30.49 -11.93
N SER E 3 0.32 -29.49 -11.04
CA SER E 3 1.54 -28.80 -10.67
C SER E 3 1.72 -28.85 -9.16
N PHE E 4 2.91 -29.27 -8.73
CA PHE E 4 3.24 -29.35 -7.31
C PHE E 4 4.15 -28.17 -7.00
N LEU E 5 3.67 -27.25 -6.16
CA LEU E 5 4.42 -26.05 -5.84
C LEU E 5 4.75 -25.90 -4.35
N ASN E 6 5.93 -25.36 -4.08
CA ASN E 6 6.35 -25.08 -2.72
C ASN E 6 5.83 -23.68 -2.42
N LEU E 7 4.71 -23.60 -1.73
CA LEU E 7 4.09 -22.31 -1.40
C LEU E 7 5.09 -21.33 -0.78
N ASN E 8 4.81 -20.04 -0.94
CA ASN E 8 5.66 -19.00 -0.38
C ASN E 8 5.79 -19.19 1.12
N SER E 9 6.89 -18.69 1.68
CA SER E 9 7.13 -18.82 3.12
C SER E 9 6.01 -18.19 3.93
N ILE E 10 5.62 -18.87 5.01
CA ILE E 10 4.56 -18.36 5.89
C ILE E 10 5.15 -17.26 6.77
N PRO E 11 4.59 -16.07 6.66
CA PRO E 11 5.09 -14.91 7.41
C PRO E 11 4.88 -14.96 8.92
N ASN E 12 5.91 -14.56 9.66
CA ASN E 12 5.88 -14.48 11.11
C ASN E 12 5.38 -15.71 11.85
N VAL E 13 6.10 -16.82 11.68
CA VAL E 13 5.73 -18.05 12.37
C VAL E 13 6.43 -18.10 13.74
N ALA E 14 5.68 -17.76 14.78
CA ALA E 14 6.22 -17.77 16.14
C ALA E 14 5.12 -18.05 17.15
N ALA E 15 5.52 -18.49 18.34
CA ALA E 15 4.57 -18.80 19.39
C ALA E 15 3.72 -17.58 19.78
N GLY E 16 2.42 -17.80 19.90
CA GLY E 16 1.50 -16.73 20.27
C GLY E 16 1.15 -15.81 19.11
N ASN E 17 1.69 -16.14 17.93
CA ASN E 17 1.44 -15.33 16.74
C ASN E 17 0.21 -15.78 15.97
N SER E 18 -0.36 -14.86 15.20
CA SER E 18 -1.52 -15.15 14.36
C SER E 18 -1.04 -15.13 12.91
N CYS E 19 -0.87 -16.31 12.33
CA CYS E 19 -0.38 -16.40 10.96
C CYS E 19 -1.47 -16.74 9.96
N SER E 20 -1.12 -16.68 8.68
CA SER E 20 -2.07 -16.97 7.62
C SER E 20 -1.37 -17.51 6.39
N ILE E 21 -2.05 -18.42 5.69
CA ILE E 21 -1.52 -19.00 4.47
C ILE E 21 -2.28 -18.38 3.30
N LYS E 22 -1.76 -17.28 2.78
CA LYS E 22 -2.42 -16.59 1.67
C LYS E 22 -2.14 -17.30 0.35
N LEU E 23 -3.21 -17.82 -0.25
CA LEU E 23 -3.10 -18.55 -1.50
C LEU E 23 -3.30 -17.66 -2.72
N PRO E 24 -2.40 -17.78 -3.69
CA PRO E 24 -2.47 -17.01 -4.92
C PRO E 24 -3.70 -17.42 -5.74
N ILE E 25 -4.46 -16.43 -6.19
CA ILE E 25 -5.65 -16.67 -6.98
C ILE E 25 -5.34 -16.95 -8.44
N GLY E 26 -6.15 -17.78 -9.07
CA GLY E 26 -5.96 -18.11 -10.48
C GLY E 26 -6.20 -19.58 -10.81
N GLN E 27 -5.65 -20.47 -9.99
CA GLN E 27 -5.77 -21.91 -10.23
C GLN E 27 -6.67 -22.64 -9.24
N THR E 28 -6.62 -23.96 -9.28
CA THR E 28 -7.41 -24.82 -8.40
C THR E 28 -6.51 -25.56 -7.42
N TYR E 29 -6.87 -25.53 -6.14
CA TYR E 29 -6.12 -26.23 -5.11
C TYR E 29 -6.82 -27.53 -4.74
N GLU E 30 -6.23 -28.65 -5.13
CA GLU E 30 -6.80 -29.96 -4.82
C GLU E 30 -6.41 -30.40 -3.42
N VAL E 31 -5.14 -30.20 -3.09
CA VAL E 31 -4.62 -30.57 -1.78
C VAL E 31 -3.53 -29.59 -1.33
N ILE E 32 -3.49 -29.33 -0.04
CA ILE E 32 -2.47 -28.45 0.54
C ILE E 32 -1.79 -29.18 1.69
N ASP E 33 -0.51 -29.50 1.51
CA ASP E 33 0.26 -30.21 2.52
C ASP E 33 0.98 -29.25 3.46
N LEU E 34 0.56 -29.24 4.72
CA LEU E 34 1.16 -28.36 5.71
C LEU E 34 2.13 -29.10 6.62
N ARG E 35 3.41 -28.75 6.52
CA ARG E 35 4.44 -29.36 7.35
C ARG E 35 4.63 -28.54 8.61
N TYR E 36 4.69 -29.22 9.75
CA TYR E 36 4.84 -28.53 11.03
C TYR E 36 5.88 -29.19 11.92
N SER E 37 6.52 -28.39 12.76
CA SER E 37 7.52 -28.86 13.70
C SER E 37 7.74 -27.80 14.76
N GLY E 38 8.10 -28.24 15.97
CA GLY E 38 8.30 -27.32 17.08
C GLY E 38 6.95 -26.85 17.62
N VAL E 39 5.89 -27.57 17.23
CA VAL E 39 4.54 -27.26 17.67
C VAL E 39 3.64 -28.46 17.43
N THR E 40 2.64 -28.63 18.28
CA THR E 40 1.70 -29.74 18.15
C THR E 40 0.47 -29.28 17.35
N PRO E 41 -0.21 -30.23 16.72
CA PRO E 41 -1.40 -29.91 15.94
C PRO E 41 -2.44 -29.22 16.82
N SER E 42 -2.47 -29.60 18.09
CA SER E 42 -3.42 -29.02 19.05
C SER E 42 -2.99 -27.61 19.43
N GLN E 43 -1.74 -27.25 19.13
CA GLN E 43 -1.22 -25.93 19.43
C GLN E 43 -1.48 -24.95 18.29
N ILE E 44 -2.05 -25.46 17.20
CA ILE E 44 -2.40 -24.63 16.05
C ILE E 44 -3.92 -24.46 16.14
N LYS E 45 -4.34 -23.41 16.84
CA LYS E 45 -5.76 -23.17 17.07
C LYS E 45 -6.49 -22.28 16.06
N ASN E 46 -7.82 -22.31 16.15
CA ASN E 46 -8.69 -21.53 15.30
C ASN E 46 -8.27 -21.50 13.83
N VAL E 47 -8.30 -22.67 13.20
CA VAL E 47 -7.96 -22.78 11.79
C VAL E 47 -9.20 -22.43 10.96
N ARG E 48 -9.08 -21.38 10.16
CA ARG E 48 -10.19 -20.94 9.33
C ARG E 48 -9.82 -20.81 7.87
N VAL E 49 -10.63 -21.42 7.01
CA VAL E 49 -10.44 -21.33 5.56
C VAL E 49 -11.39 -20.23 5.08
N GLU E 50 -10.81 -19.13 4.60
CA GLU E 50 -11.63 -18.00 4.16
C GLU E 50 -11.54 -17.69 2.68
N LEU E 51 -12.70 -17.51 2.06
CA LEU E 51 -12.77 -17.15 0.65
C LEU E 51 -13.39 -15.76 0.56
N ASP E 52 -12.60 -14.78 0.14
CA ASP E 52 -13.07 -13.41 0.04
C ASP E 52 -13.44 -12.82 1.40
N GLY E 53 -12.73 -13.27 2.43
CA GLY E 53 -12.96 -12.78 3.78
C GLY E 53 -14.04 -13.54 4.54
N ARG E 54 -14.79 -14.37 3.83
CA ARG E 54 -15.87 -15.15 4.45
C ARG E 54 -15.38 -16.53 4.88
N LEU E 55 -16.01 -17.08 5.92
CA LEU E 55 -15.62 -18.38 6.45
C LEU E 55 -16.20 -19.55 5.64
N LEU E 56 -15.33 -20.49 5.30
CA LEU E 56 -15.75 -21.69 4.56
C LEU E 56 -15.77 -22.86 5.53
N SER E 57 -14.59 -23.21 6.05
CA SER E 57 -14.47 -24.30 7.00
C SER E 57 -13.72 -23.83 8.23
N THR E 58 -14.00 -24.45 9.37
CA THR E 58 -13.34 -24.08 10.62
C THR E 58 -12.90 -25.29 11.43
N TYR E 59 -11.72 -25.20 12.03
CA TYR E 59 -11.18 -26.26 12.88
C TYR E 59 -10.73 -25.65 14.19
N LYS E 60 -11.23 -26.16 15.31
CA LYS E 60 -10.84 -25.67 16.63
C LYS E 60 -9.32 -25.73 16.74
N THR E 61 -8.75 -26.83 16.28
CA THR E 61 -7.30 -27.03 16.28
C THR E 61 -6.92 -27.87 15.06
N LEU E 62 -5.64 -27.83 14.70
CA LEU E 62 -5.15 -28.59 13.55
C LEU E 62 -5.33 -30.09 13.74
N ASN E 63 -5.51 -30.50 15.00
CA ASN E 63 -5.69 -31.92 15.32
C ASN E 63 -7.00 -32.45 14.76
N ASP E 64 -7.97 -31.56 14.58
CA ASP E 64 -9.27 -31.94 14.05
C ASP E 64 -9.16 -32.26 12.56
N LEU E 65 -8.16 -31.68 11.91
CA LEU E 65 -7.93 -31.94 10.49
C LEU E 65 -7.25 -33.29 10.35
N ILE E 66 -6.44 -33.64 11.34
CA ILE E 66 -5.74 -34.92 11.37
C ILE E 66 -6.77 -36.04 11.58
N LEU E 67 -7.75 -35.78 12.44
CA LEU E 67 -8.80 -36.74 12.74
C LEU E 67 -9.76 -36.87 11.56
N GLU E 68 -9.97 -35.78 10.85
CA GLU E 68 -10.84 -35.77 9.68
C GLU E 68 -10.27 -36.71 8.62
N ASN E 69 -8.95 -36.66 8.44
CA ASN E 69 -8.27 -37.50 7.47
C ASN E 69 -8.19 -38.94 7.95
N THR E 70 -7.96 -39.11 9.24
CA THR E 70 -7.87 -40.44 9.84
C THR E 70 -9.17 -41.21 9.67
N ARG E 71 -10.29 -40.51 9.82
CA ARG E 71 -11.62 -41.12 9.70
C ARG E 71 -11.84 -41.78 8.34
N HIS E 72 -11.35 -41.15 7.29
CA HIS E 72 -11.50 -41.68 5.93
C HIS E 72 -10.36 -42.64 5.60
N LYS E 73 -9.50 -42.86 6.58
CA LYS E 73 -8.35 -43.75 6.41
C LYS E 73 -7.37 -43.22 5.36
N ARG E 74 -7.20 -41.90 5.35
CA ARG E 74 -6.27 -41.27 4.42
C ARG E 74 -4.87 -41.38 5.01
N LYS E 75 -3.85 -41.29 4.15
CA LYS E 75 -2.47 -41.39 4.61
C LYS E 75 -2.11 -40.33 5.63
N ILE E 76 -1.73 -40.78 6.83
CA ILE E 76 -1.35 -39.88 7.90
C ILE E 76 0.15 -40.00 8.17
N LYS E 77 0.82 -38.86 8.22
CA LYS E 77 2.26 -38.83 8.48
C LYS E 77 2.59 -37.78 9.53
N ALA E 78 3.41 -38.15 10.50
CA ALA E 78 3.82 -37.24 11.56
C ALA E 78 4.66 -36.11 11.00
N GLY E 79 4.33 -34.88 11.38
CA GLY E 79 5.07 -33.72 10.90
C GLY E 79 4.38 -33.08 9.69
N VAL E 80 3.30 -33.69 9.24
CA VAL E 80 2.57 -33.17 8.09
C VAL E 80 1.07 -33.43 8.19
N VAL E 81 0.29 -32.44 7.77
CA VAL E 81 -1.17 -32.55 7.78
C VAL E 81 -1.69 -31.91 6.49
N SER E 82 -2.50 -32.65 5.76
CA SER E 82 -3.01 -32.18 4.48
C SER E 82 -4.46 -31.69 4.50
N PHE E 83 -4.75 -30.72 3.64
CA PHE E 83 -6.09 -30.20 3.48
C PHE E 83 -6.63 -30.82 2.22
N HIS E 84 -7.44 -31.86 2.37
CA HIS E 84 -8.00 -32.55 1.21
C HIS E 84 -9.28 -31.89 0.73
N PHE E 85 -9.15 -31.01 -0.26
CA PHE E 85 -10.32 -30.34 -0.83
C PHE E 85 -11.01 -31.34 -1.75
N VAL E 86 -10.21 -32.02 -2.56
CA VAL E 86 -10.72 -33.07 -3.42
C VAL E 86 -10.97 -34.27 -2.51
N ARG E 87 -12.18 -34.82 -2.56
CA ARG E 87 -12.53 -35.95 -1.72
C ARG E 87 -12.28 -37.28 -2.44
N PRO E 88 -11.20 -37.95 -2.05
CA PRO E 88 -10.77 -39.20 -2.67
C PRO E 88 -11.75 -40.36 -2.52
N GLU E 89 -12.63 -40.28 -1.53
CA GLU E 89 -13.59 -41.35 -1.27
C GLU E 89 -14.86 -41.26 -2.12
N MET E 90 -14.99 -40.16 -2.86
CA MET E 90 -16.17 -39.95 -3.70
C MET E 90 -16.32 -40.99 -4.80
N LYS E 91 -17.55 -41.40 -5.05
CA LYS E 91 -17.88 -42.37 -6.09
C LYS E 91 -18.97 -41.76 -6.98
N GLY E 92 -18.80 -41.87 -8.29
CA GLY E 92 -19.77 -41.31 -9.23
C GLY E 92 -20.98 -42.21 -9.45
N VAL E 93 -22.13 -41.60 -9.68
CA VAL E 93 -23.35 -42.35 -9.93
C VAL E 93 -23.73 -42.21 -11.40
N ASN E 94 -23.65 -40.99 -11.91
CA ASN E 94 -23.94 -40.72 -13.31
C ASN E 94 -22.73 -40.08 -13.97
N VAL E 95 -21.64 -40.01 -13.21
CA VAL E 95 -20.37 -39.47 -13.67
C VAL E 95 -19.27 -40.36 -13.12
N THR E 96 -18.04 -40.17 -13.59
CA THR E 96 -16.92 -40.98 -13.13
C THR E 96 -16.55 -40.62 -11.69
N ASP E 97 -15.89 -41.55 -11.01
CA ASP E 97 -15.46 -41.32 -9.64
C ASP E 97 -14.54 -40.11 -9.58
N LEU E 98 -13.65 -40.01 -10.56
CA LEU E 98 -12.69 -38.91 -10.63
C LEU E 98 -13.39 -37.55 -10.67
N VAL E 99 -14.47 -37.46 -11.44
CA VAL E 99 -15.22 -36.22 -11.56
C VAL E 99 -15.89 -35.87 -10.24
N GLN E 100 -16.42 -36.87 -9.56
CA GLN E 100 -17.10 -36.69 -8.29
C GLN E 100 -16.14 -36.28 -7.17
N GLN E 101 -14.89 -36.73 -7.27
CA GLN E 101 -13.88 -36.41 -6.27
C GLN E 101 -13.29 -35.02 -6.51
N ARG E 102 -12.92 -34.75 -7.76
CA ARG E 102 -12.32 -33.46 -8.13
C ARG E 102 -13.30 -32.31 -8.02
N MET E 103 -14.60 -32.62 -8.03
CA MET E 103 -15.63 -31.61 -7.94
C MET E 103 -15.58 -30.82 -6.63
N PHE E 104 -14.78 -31.30 -5.68
CA PHE E 104 -14.66 -30.64 -4.38
C PHE E 104 -13.41 -29.79 -4.28
N ALA E 105 -12.59 -29.81 -5.33
CA ALA E 105 -11.35 -29.02 -5.35
C ALA E 105 -11.62 -27.55 -5.10
N LEU E 106 -10.66 -26.87 -4.49
CA LEU E 106 -10.80 -25.45 -4.19
C LEU E 106 -10.42 -24.55 -5.36
N GLY E 107 -11.38 -24.28 -6.23
CA GLY E 107 -11.16 -23.38 -7.36
C GLY E 107 -11.09 -21.97 -6.81
N THR E 108 -10.27 -21.13 -7.43
CA THR E 108 -10.09 -19.75 -6.96
C THR E 108 -10.51 -18.69 -7.97
N VAL E 109 -10.89 -19.12 -9.17
CA VAL E 109 -11.29 -18.19 -10.23
C VAL E 109 -12.44 -17.29 -9.79
N GLY E 110 -12.25 -15.98 -9.93
CA GLY E 110 -13.27 -15.00 -9.57
C GLY E 110 -13.11 -14.53 -8.13
N LEU E 111 -12.21 -15.17 -7.41
CA LEU E 111 -11.95 -14.84 -6.00
C LEU E 111 -11.03 -13.63 -5.87
N THR E 112 -11.14 -12.93 -4.75
CA THR E 112 -10.30 -11.77 -4.48
C THR E 112 -9.24 -12.17 -3.45
N THR E 113 -9.61 -13.08 -2.56
CA THR E 113 -8.69 -13.58 -1.54
C THR E 113 -9.01 -15.01 -1.11
N CYS E 114 -7.96 -15.80 -0.93
CA CYS E 114 -8.08 -17.17 -0.47
C CYS E 114 -7.07 -17.34 0.65
N GLU E 115 -7.56 -17.54 1.87
CA GLU E 115 -6.69 -17.62 3.03
C GLU E 115 -6.97 -18.79 3.95
N ILE E 116 -5.92 -19.20 4.67
CA ILE E 116 -6.03 -20.25 5.68
C ILE E 116 -5.40 -19.68 6.95
N LYS E 117 -6.24 -19.04 7.76
CA LYS E 117 -5.78 -18.40 8.98
C LYS E 117 -5.75 -19.36 10.17
N PHE E 118 -4.90 -19.05 11.14
CA PHE E 118 -4.77 -19.87 12.33
C PHE E 118 -3.91 -19.14 13.36
N ASP E 119 -4.03 -19.56 14.62
CA ASP E 119 -3.27 -18.94 15.70
C ASP E 119 -2.30 -19.95 16.31
N ILE E 120 -1.06 -19.51 16.53
CA ILE E 120 -0.06 -20.38 17.13
C ILE E 120 -0.06 -20.20 18.64
N ASP E 121 -0.28 -21.31 19.35
CA ASP E 121 -0.32 -21.26 20.81
C ASP E 121 0.96 -20.65 21.39
N GLU E 122 0.83 -20.04 22.55
CA GLU E 122 1.96 -19.40 23.22
C GLU E 122 2.98 -20.41 23.74
N ALA E 123 2.50 -21.62 24.04
CA ALA E 123 3.35 -22.67 24.57
C ALA E 123 4.19 -23.37 23.50
N ALA E 124 3.94 -23.03 22.24
CA ALA E 124 4.67 -23.62 21.12
C ALA E 124 6.18 -23.55 21.34
N ALA E 125 6.83 -24.72 21.32
CA ALA E 125 8.27 -24.81 21.52
C ALA E 125 9.06 -23.91 20.58
N GLY E 126 9.02 -24.21 19.29
CA GLY E 126 9.73 -23.44 18.28
C GLY E 126 9.06 -23.66 16.91
N PRO E 127 7.82 -23.21 16.81
CA PRO E 127 7.03 -23.38 15.59
C PRO E 127 7.76 -23.17 14.27
N LYS E 128 7.55 -24.11 13.34
CA LYS E 128 8.13 -24.05 12.01
C LYS E 128 7.08 -24.63 11.06
N LEU E 129 6.57 -23.80 10.16
CA LEU E 129 5.53 -24.23 9.24
C LEU E 129 5.78 -23.85 7.79
N SER E 130 5.57 -24.81 6.90
CA SER E 130 5.72 -24.59 5.47
C SER E 130 4.58 -25.31 4.76
N ALA E 131 4.28 -24.90 3.54
CA ALA E 131 3.19 -25.51 2.80
C ALA E 131 3.52 -25.81 1.34
N ILE E 132 2.93 -26.90 0.84
CA ILE E 132 3.10 -27.31 -0.54
C ILE E 132 1.71 -27.44 -1.16
N ALA E 133 1.57 -27.00 -2.40
CA ALA E 133 0.27 -27.05 -3.06
C ALA E 133 0.22 -27.98 -4.27
N GLN E 134 -0.80 -28.83 -4.31
CA GLN E 134 -1.04 -29.71 -5.44
C GLN E 134 -2.18 -29.05 -6.20
N LYS E 135 -1.84 -28.31 -7.25
CA LYS E 135 -2.84 -27.56 -8.00
C LYS E 135 -3.17 -28.13 -9.38
N SER E 136 -4.23 -27.58 -9.97
CA SER E 136 -4.69 -27.98 -11.29
C SER E 136 -5.30 -26.74 -11.94
N VAL E 137 -5.75 -26.88 -13.19
CA VAL E 137 -6.35 -25.76 -13.91
C VAL E 137 -7.41 -25.02 -13.09
N GLY E 138 -7.45 -23.70 -13.25
CA GLY E 138 -8.38 -22.85 -12.52
C GLY E 138 -9.85 -23.14 -12.76
N THR E 139 -10.64 -23.04 -11.69
CA THR E 139 -12.09 -23.23 -11.74
C THR E 139 -12.70 -22.34 -10.66
N ALA E 140 -14.00 -22.08 -10.76
CA ALA E 140 -14.66 -21.26 -9.75
C ALA E 140 -14.68 -22.08 -8.46
N PRO E 141 -14.90 -21.42 -7.33
CA PRO E 141 -14.94 -22.12 -6.05
C PRO E 141 -15.92 -23.30 -6.16
N SER E 142 -17.09 -23.04 -6.72
CA SER E 142 -18.10 -24.06 -6.95
C SER E 142 -18.38 -24.94 -5.73
N TRP E 143 -18.60 -26.23 -5.96
CA TRP E 143 -18.90 -27.18 -4.88
C TRP E 143 -17.75 -27.32 -3.90
N LEU E 144 -18.00 -26.98 -2.65
CA LEU E 144 -16.98 -27.05 -1.61
C LEU E 144 -17.53 -27.67 -0.32
N THR E 145 -16.64 -28.21 0.50
CA THR E 145 -17.02 -28.78 1.78
C THR E 145 -16.90 -27.66 2.81
N MET E 146 -17.95 -27.45 3.60
CA MET E 146 -17.95 -26.38 4.59
C MET E 146 -18.11 -26.93 6.01
N ARG E 147 -16.99 -27.15 6.67
CA ARG E 147 -16.97 -27.69 8.03
C ARG E 147 -17.37 -26.61 9.04
N ARG E 148 -18.46 -26.84 9.75
CA ARG E 148 -18.96 -25.87 10.72
C ARG E 148 -18.92 -26.42 12.15
N ASN E 149 -18.67 -25.52 13.10
CA ASN E 149 -18.55 -25.89 14.51
C ASN E 149 -19.76 -25.44 15.32
N PHE E 150 -20.24 -26.31 16.20
CA PHE E 150 -21.38 -26.00 17.07
C PHE E 150 -21.16 -26.63 18.44
N PHE E 151 -21.53 -25.89 19.50
CA PHE E 151 -21.37 -26.39 20.86
C PHE E 151 -22.73 -26.46 21.54
N LYS E 152 -23.06 -27.65 22.05
CA LYS E 152 -24.34 -27.85 22.70
C LYS E 152 -24.21 -28.70 23.96
N GLN E 153 -25.12 -28.48 24.90
CA GLN E 153 -25.09 -29.22 26.16
C GLN E 153 -25.80 -30.56 26.06
N LEU E 154 -25.13 -31.60 26.55
CA LEU E 154 -25.68 -32.94 26.55
C LEU E 154 -26.01 -33.29 27.98
N ASN E 155 -27.10 -34.00 28.17
CA ASN E 155 -27.48 -34.38 29.51
C ASN E 155 -27.22 -35.84 29.68
N ASN E 156 -27.34 -36.27 30.94
CA ASN E 156 -27.25 -37.66 31.22
C ASN E 156 -28.71 -38.10 31.15
N GLY E 157 -29.04 -38.74 30.04
CA GLY E 157 -30.38 -39.15 29.72
C GLY E 157 -30.53 -38.89 28.22
N THR E 158 -31.54 -38.10 27.85
CA THR E 158 -31.77 -37.82 26.44
C THR E 158 -31.74 -36.33 26.12
N THR E 159 -30.92 -35.96 25.12
CA THR E 159 -30.83 -34.59 24.67
C THR E 159 -31.25 -34.51 23.21
N GLU E 160 -31.92 -33.43 22.84
CA GLU E 160 -32.37 -33.25 21.46
C GLU E 160 -31.81 -31.96 20.86
N ILE E 161 -31.23 -32.08 19.66
CA ILE E 161 -30.65 -30.93 18.98
C ILE E 161 -31.34 -30.73 17.62
N ALA E 162 -32.21 -29.73 17.55
CA ALA E 162 -32.96 -29.46 16.33
C ALA E 162 -32.72 -28.07 15.76
N ASP E 163 -31.77 -27.33 16.36
CA ASP E 163 -31.47 -25.97 15.90
C ASP E 163 -30.25 -25.86 15.00
N LEU E 164 -29.94 -26.94 14.28
CA LEU E 164 -28.80 -26.92 13.37
C LEU E 164 -29.15 -26.14 12.10
N PRO E 165 -28.24 -25.27 11.68
CA PRO E 165 -28.48 -24.46 10.49
C PRO E 165 -28.89 -25.31 9.29
N ARG E 166 -29.87 -24.83 8.54
CA ARG E 166 -30.36 -25.54 7.37
C ARG E 166 -30.31 -24.68 6.11
N PRO E 167 -29.11 -24.28 5.71
CA PRO E 167 -28.95 -23.46 4.51
C PRO E 167 -29.63 -24.13 3.33
N VAL E 168 -30.53 -23.39 2.68
CA VAL E 168 -31.30 -23.92 1.55
C VAL E 168 -30.44 -24.28 0.34
N GLY E 169 -30.66 -25.47 -0.21
CA GLY E 169 -29.92 -25.92 -1.38
C GLY E 169 -28.65 -26.67 -1.02
N TYR E 170 -28.21 -26.51 0.23
CA TYR E 170 -27.00 -27.17 0.70
C TYR E 170 -27.29 -28.60 1.14
N ARG E 171 -26.24 -29.36 1.40
CA ARG E 171 -26.37 -30.75 1.83
C ARG E 171 -25.54 -30.98 3.09
N ILE E 172 -25.77 -32.11 3.73
CA ILE E 172 -25.01 -32.49 4.92
C ILE E 172 -24.37 -33.85 4.67
N ALA E 173 -23.04 -33.86 4.59
CA ALA E 173 -22.31 -35.09 4.35
C ALA E 173 -22.24 -35.95 5.61
N ALA E 174 -22.00 -35.30 6.75
CA ALA E 174 -21.91 -36.02 8.01
C ALA E 174 -22.04 -35.11 9.22
N ILE E 175 -22.29 -35.73 10.37
CA ILE E 175 -22.40 -35.01 11.64
C ILE E 175 -21.58 -35.76 12.67
N HIS E 176 -20.66 -35.06 13.33
CA HIS E 176 -19.80 -35.68 14.33
C HIS E 176 -20.06 -35.12 15.71
N ILE E 177 -20.56 -35.97 16.60
CA ILE E 177 -20.84 -35.58 17.98
C ILE E 177 -19.64 -35.90 18.85
N LYS E 178 -18.94 -34.87 19.29
CA LYS E 178 -17.75 -35.04 20.12
C LYS E 178 -18.10 -34.99 21.60
N ALA E 179 -18.30 -36.17 22.18
CA ALA E 179 -18.63 -36.30 23.59
C ALA E 179 -18.16 -37.67 24.06
N ALA E 180 -17.84 -37.78 25.35
CA ALA E 180 -17.34 -39.03 25.89
C ALA E 180 -18.38 -40.01 26.44
N GLY E 181 -19.60 -39.53 26.64
CA GLY E 181 -20.65 -40.38 27.21
C GLY E 181 -21.89 -40.60 26.34
N VAL E 182 -21.70 -40.64 25.02
CA VAL E 182 -22.82 -40.88 24.11
C VAL E 182 -23.03 -42.38 23.88
N ASP E 183 -24.20 -42.88 24.24
CA ASP E 183 -24.52 -44.30 24.11
C ASP E 183 -25.18 -44.61 22.77
N ALA E 184 -26.19 -43.83 22.41
CA ALA E 184 -26.91 -44.05 21.16
C ALA E 184 -27.44 -42.72 20.63
N VAL E 185 -27.71 -42.68 19.33
CA VAL E 185 -28.22 -41.48 18.69
C VAL E 185 -29.28 -41.83 17.67
N GLU E 186 -30.20 -40.90 17.45
CA GLU E 186 -31.28 -41.10 16.49
C GLU E 186 -31.38 -39.83 15.64
N PHE E 187 -31.51 -40.01 14.33
CA PHE E 187 -31.63 -38.88 13.43
C PHE E 187 -32.94 -38.93 12.66
N GLN E 188 -33.66 -37.81 12.63
CA GLN E 188 -34.93 -37.75 11.93
C GLN E 188 -35.16 -36.41 11.24
N ILE E 189 -35.94 -36.46 10.17
CA ILE E 189 -36.28 -35.26 9.42
C ILE E 189 -37.78 -35.29 9.15
N ASP E 190 -38.50 -34.33 9.74
CA ASP E 190 -39.94 -34.27 9.57
C ASP E 190 -40.63 -35.53 10.10
N GLY E 191 -40.21 -35.97 11.28
CA GLY E 191 -40.79 -37.15 11.91
C GLY E 191 -40.20 -38.46 11.39
N THR E 192 -39.75 -38.46 10.14
CA THR E 192 -39.17 -39.66 9.53
C THR E 192 -37.83 -40.01 10.19
N LYS E 193 -37.75 -41.22 10.72
CA LYS E 193 -36.54 -41.69 11.37
C LYS E 193 -35.56 -42.33 10.39
N TRP E 194 -34.67 -41.52 9.83
CA TRP E 194 -33.69 -42.02 8.87
C TRP E 194 -32.62 -42.86 9.54
N ARG E 195 -32.38 -42.59 10.81
CA ARG E 195 -31.42 -43.35 11.59
C ARG E 195 -32.06 -43.69 12.93
N ASP E 196 -32.41 -44.96 13.09
CA ASP E 196 -33.04 -45.42 14.33
C ASP E 196 -32.10 -45.14 15.48
N LEU E 197 -32.61 -45.27 16.71
CA LEU E 197 -31.77 -45.08 17.89
C LEU E 197 -30.72 -46.18 17.86
N LEU E 198 -29.63 -45.93 17.13
CA LEU E 198 -28.56 -46.91 16.98
C LEU E 198 -27.53 -46.83 18.10
N LYS E 199 -27.23 -47.96 18.71
CA LYS E 199 -26.23 -48.01 19.77
C LYS E 199 -24.87 -47.71 19.18
N LYS E 200 -24.00 -47.08 19.96
CA LYS E 200 -22.66 -46.73 19.50
C LYS E 200 -21.93 -47.90 18.83
N ALA E 201 -21.95 -49.05 19.49
CA ALA E 201 -21.29 -50.24 18.96
C ALA E 201 -21.83 -50.62 17.57
N ASP E 202 -23.14 -50.44 17.38
CA ASP E 202 -23.78 -50.76 16.12
C ASP E 202 -23.47 -49.73 15.04
N ASN E 203 -23.49 -48.46 15.44
CA ASN E 203 -23.19 -47.36 14.52
C ASN E 203 -21.73 -47.45 14.07
N ASP E 204 -20.84 -47.71 15.03
CA ASP E 204 -19.42 -47.80 14.75
C ASP E 204 -19.09 -49.01 13.88
N TYR E 205 -19.91 -50.04 13.95
CA TYR E 205 -19.69 -51.24 13.14
C TYR E 205 -20.00 -50.92 11.67
N ILE E 206 -21.06 -50.18 11.43
CA ILE E 206 -21.44 -49.80 10.08
C ILE E 206 -20.37 -48.88 9.48
N LEU E 207 -19.85 -47.97 10.30
CA LEU E 207 -18.81 -47.05 9.85
C LEU E 207 -17.60 -47.84 9.36
N GLU E 208 -17.08 -48.72 10.21
CA GLU E 208 -15.92 -49.54 9.87
C GLU E 208 -16.24 -50.43 8.67
N GLN E 209 -17.50 -50.80 8.53
CA GLN E 209 -17.95 -51.65 7.43
C GLN E 209 -17.71 -50.97 6.09
N TYR E 210 -17.56 -49.65 6.11
CA TYR E 210 -17.34 -48.89 4.89
C TYR E 210 -15.93 -48.29 4.76
N GLY E 211 -14.98 -48.90 5.47
CA GLY E 211 -13.59 -48.48 5.42
C GLY E 211 -13.26 -47.23 6.23
N LYS E 212 -14.16 -46.83 7.12
CA LYS E 212 -13.93 -45.65 7.95
C LYS E 212 -13.35 -46.04 9.30
N ALA E 213 -12.62 -45.11 9.91
CA ALA E 213 -12.02 -45.35 11.22
C ALA E 213 -12.84 -44.61 12.28
N VAL E 214 -13.18 -45.30 13.36
CA VAL E 214 -13.95 -44.69 14.44
C VAL E 214 -13.06 -43.78 15.29
N LEU E 215 -13.50 -42.54 15.46
CA LEU E 215 -12.76 -41.56 16.24
C LEU E 215 -13.12 -41.65 17.72
N ASP E 216 -12.14 -41.47 18.59
CA ASP E 216 -12.36 -41.54 20.03
C ASP E 216 -13.32 -40.45 20.50
N ASN E 217 -14.21 -40.83 21.43
CA ASN E 217 -15.17 -39.90 22.00
C ASN E 217 -15.95 -39.15 20.93
N THR E 218 -16.33 -39.86 19.87
CA THR E 218 -17.07 -39.28 18.76
C THR E 218 -18.13 -40.24 18.22
N TYR E 219 -19.32 -39.71 17.97
CA TYR E 219 -20.40 -40.48 17.37
C TYR E 219 -20.64 -39.87 15.99
N THR E 220 -20.15 -40.57 14.96
CA THR E 220 -20.25 -40.08 13.59
C THR E 220 -21.47 -40.60 12.85
N ILE E 221 -22.22 -39.67 12.24
CA ILE E 221 -23.38 -40.00 11.44
C ILE E 221 -23.02 -39.71 9.99
N ASP E 222 -22.41 -40.69 9.33
CA ASP E 222 -21.96 -40.55 7.95
C ASP E 222 -23.11 -40.76 6.96
N PHE E 223 -23.43 -39.73 6.20
CA PHE E 223 -24.50 -39.80 5.22
C PHE E 223 -23.96 -40.12 3.83
N MET E 224 -22.66 -40.34 3.74
CA MET E 224 -22.02 -40.64 2.46
C MET E 224 -21.11 -41.87 2.58
N LEU E 225 -21.57 -42.87 3.32
CA LEU E 225 -20.80 -44.09 3.54
C LEU E 225 -20.37 -44.79 2.24
N GLU E 226 -21.23 -44.74 1.23
CA GLU E 226 -20.93 -45.37 -0.05
C GLU E 226 -20.08 -44.48 -0.95
N GLY E 227 -19.94 -43.22 -0.58
CA GLY E 227 -19.17 -42.27 -1.37
C GLY E 227 -20.09 -41.53 -2.34
N ASP E 228 -21.36 -41.87 -2.30
CA ASP E 228 -22.36 -41.25 -3.17
C ASP E 228 -22.85 -39.94 -2.56
N VAL E 229 -22.60 -38.83 -3.26
CA VAL E 229 -22.99 -37.52 -2.78
C VAL E 229 -24.50 -37.37 -2.66
N TYR E 230 -25.24 -38.15 -3.44
CA TYR E 230 -26.70 -38.10 -3.45
C TYR E 230 -27.32 -38.80 -2.24
N GLN E 231 -26.48 -39.37 -1.39
CA GLN E 231 -26.95 -40.07 -0.21
C GLN E 231 -26.96 -39.11 0.97
N SER E 232 -26.27 -37.98 0.80
CA SER E 232 -26.19 -36.98 1.85
C SER E 232 -27.54 -36.29 2.04
N VAL E 233 -27.68 -35.62 3.18
CA VAL E 233 -28.92 -34.92 3.50
C VAL E 233 -29.09 -33.66 2.66
N LEU E 234 -30.15 -33.62 1.86
CA LEU E 234 -30.44 -32.45 1.04
C LEU E 234 -31.32 -31.50 1.83
N LEU E 235 -30.75 -30.37 2.23
CA LEU E 235 -31.48 -29.38 3.02
C LEU E 235 -32.58 -28.70 2.22
N ASP E 236 -33.66 -29.44 1.99
CA ASP E 236 -34.81 -28.98 1.25
C ASP E 236 -35.47 -27.78 1.95
N GLN E 237 -35.77 -26.76 1.17
CA GLN E 237 -36.42 -25.55 1.68
C GLN E 237 -37.78 -25.87 2.28
N MET E 238 -38.15 -27.14 2.27
CA MET E 238 -39.45 -27.58 2.78
C MET E 238 -39.37 -28.42 4.04
N ILE E 239 -38.16 -28.76 4.48
CA ILE E 239 -38.00 -29.54 5.70
C ILE E 239 -38.48 -28.72 6.89
N GLN E 240 -39.36 -29.30 7.71
CA GLN E 240 -39.90 -28.61 8.86
C GLN E 240 -39.14 -28.90 10.14
N ASP E 241 -38.57 -30.09 10.22
CA ASP E 241 -37.83 -30.49 11.43
C ASP E 241 -36.63 -31.39 11.12
N LEU E 242 -35.46 -30.95 11.57
CA LEU E 242 -34.22 -31.70 11.42
C LEU E 242 -33.75 -31.92 12.86
N ARG E 243 -34.03 -33.10 13.38
CA ARG E 243 -33.74 -33.39 14.79
C ARG E 243 -32.73 -34.49 15.06
N LEU E 244 -32.05 -34.35 16.20
CA LEU E 244 -31.06 -35.32 16.66
C LEU E 244 -31.38 -35.67 18.11
N LYS E 245 -31.60 -36.96 18.37
CA LYS E 245 -31.91 -37.42 19.72
C LYS E 245 -30.70 -38.17 20.29
N ILE E 246 -30.00 -37.52 21.22
CA ILE E 246 -28.80 -38.12 21.80
C ILE E 246 -29.02 -38.71 23.18
N ASP E 247 -28.66 -39.99 23.32
CA ASP E 247 -28.76 -40.67 24.60
C ASP E 247 -27.38 -40.72 25.23
N SER E 248 -27.15 -39.83 26.20
CA SER E 248 -25.86 -39.75 26.86
C SER E 248 -25.87 -40.38 28.25
N THR E 249 -24.68 -40.51 28.84
CA THR E 249 -24.55 -41.07 30.18
C THR E 249 -23.83 -40.06 31.05
N MET E 250 -23.42 -38.95 30.43
CA MET E 250 -22.70 -37.90 31.12
C MET E 250 -23.36 -36.55 30.86
N ASP E 251 -23.10 -35.59 31.73
CA ASP E 251 -23.62 -34.24 31.55
C ASP E 251 -22.44 -33.38 31.12
N GLU E 252 -22.31 -33.16 29.82
CA GLU E 252 -21.19 -32.39 29.29
C GLU E 252 -21.59 -31.55 28.10
N GLN E 253 -20.68 -30.70 27.65
CA GLN E 253 -20.92 -29.87 26.48
C GLN E 253 -20.25 -30.55 25.30
N ALA E 254 -21.06 -30.93 24.31
CA ALA E 254 -20.56 -31.62 23.13
C ALA E 254 -20.24 -30.64 22.02
N GLU E 255 -19.21 -30.97 21.24
CA GLU E 255 -18.86 -30.15 20.08
C GLU E 255 -19.42 -30.88 18.87
N ILE E 256 -20.45 -30.30 18.26
CA ILE E 256 -21.09 -30.90 17.10
C ILE E 256 -20.46 -30.39 15.80
N ILE E 257 -19.84 -31.30 15.06
CA ILE E 257 -19.23 -30.95 13.78
C ILE E 257 -20.17 -31.31 12.65
N VAL E 258 -20.51 -30.32 11.82
CA VAL E 258 -21.40 -30.57 10.69
C VAL E 258 -20.69 -30.26 9.37
N GLU E 259 -20.55 -31.28 8.54
CA GLU E 259 -19.90 -31.13 7.25
C GLU E 259 -20.93 -30.78 6.19
N TYR E 260 -21.07 -29.49 5.90
CA TYR E 260 -22.02 -29.02 4.91
C TYR E 260 -21.39 -29.10 3.52
N MET E 261 -22.24 -28.98 2.50
CA MET E 261 -21.78 -29.01 1.11
C MET E 261 -22.70 -28.16 0.25
N GLY E 262 -22.13 -27.48 -0.74
CA GLY E 262 -22.91 -26.65 -1.63
C GLY E 262 -22.00 -25.80 -2.52
N VAL E 263 -22.56 -25.19 -3.55
CA VAL E 263 -21.85 -24.32 -4.46
C VAL E 263 -21.59 -23.02 -3.71
N TRP E 264 -20.31 -22.73 -3.54
CA TRP E 264 -19.91 -21.53 -2.83
C TRP E 264 -20.49 -20.27 -3.47
N SER E 265 -21.01 -19.39 -2.61
CA SER E 265 -21.58 -18.14 -3.07
C SER E 265 -21.02 -16.98 -2.24
N ARG E 266 -20.72 -15.89 -2.93
CA ARG E 266 -20.16 -14.70 -2.30
C ARG E 266 -21.04 -14.18 -1.17
N ASN E 267 -22.33 -14.49 -1.23
CA ASN E 267 -23.27 -14.04 -0.22
C ASN E 267 -24.05 -15.22 0.35
N GLY E 268 -23.42 -16.39 0.34
CA GLY E 268 -24.07 -17.60 0.84
C GLY E 268 -23.55 -18.08 2.19
N PHE E 269 -23.94 -19.29 2.56
CA PHE E 269 -23.55 -19.90 3.83
C PHE E 269 -22.05 -19.80 4.10
N MET F 1 -31.12 -40.94 0.17
CA MET F 1 -30.82 -41.16 1.58
C MET F 1 -31.20 -42.58 2.01
N ARG F 2 -30.32 -43.22 2.77
CA ARG F 2 -30.57 -44.57 3.26
C ARG F 2 -31.17 -44.50 4.66
N SER F 3 -31.77 -45.59 5.09
CA SER F 3 -32.35 -45.66 6.42
C SER F 3 -31.77 -46.83 7.20
N PHE F 4 -31.28 -46.55 8.40
CA PHE F 4 -30.72 -47.58 9.26
C PHE F 4 -31.74 -47.88 10.34
N LEU F 5 -32.27 -49.10 10.33
CA LEU F 5 -33.30 -49.49 11.28
C LEU F 5 -32.93 -50.65 12.18
N ASN F 6 -33.39 -50.58 13.43
CA ASN F 6 -33.19 -51.65 14.38
C ASN F 6 -34.36 -52.61 14.19
N LEU F 7 -34.12 -53.68 13.44
CA LEU F 7 -35.17 -54.66 13.15
C LEU F 7 -35.90 -55.13 14.40
N ASN F 8 -37.15 -55.55 14.22
CA ASN F 8 -37.97 -56.03 15.34
C ASN F 8 -37.25 -57.17 16.04
N SER F 9 -37.56 -57.37 17.31
CA SER F 9 -36.94 -58.43 18.10
C SER F 9 -37.18 -59.81 17.48
N ILE F 10 -36.13 -60.63 17.47
CA ILE F 10 -36.24 -61.98 16.93
C ILE F 10 -36.96 -62.87 17.94
N PRO F 11 -38.10 -63.43 17.52
CA PRO F 11 -38.92 -64.25 18.39
C PRO F 11 -38.31 -65.59 18.78
N ASN F 12 -38.49 -65.93 20.06
CA ASN F 12 -38.03 -67.20 20.62
C ASN F 12 -36.58 -67.58 20.35
N VAL F 13 -35.65 -66.75 20.81
CA VAL F 13 -34.23 -67.05 20.63
C VAL F 13 -33.74 -67.90 21.81
N ALA F 14 -33.63 -69.20 21.59
CA ALA F 14 -33.17 -70.13 22.61
C ALA F 14 -32.48 -71.33 22.00
N ALA F 15 -31.67 -72.02 22.80
CA ALA F 15 -30.94 -73.19 22.33
C ALA F 15 -31.88 -74.28 21.84
N GLY F 16 -31.58 -74.85 20.68
CA GLY F 16 -32.38 -75.93 20.11
C GLY F 16 -33.65 -75.41 19.42
N ASN F 17 -33.81 -74.09 19.40
CA ASN F 17 -34.98 -73.46 18.78
C ASN F 17 -34.77 -73.17 17.30
N SER F 18 -35.87 -73.07 16.57
CA SER F 18 -35.84 -72.74 15.16
C SER F 18 -36.41 -71.35 15.00
N CYS F 19 -35.54 -70.37 14.80
CA CYS F 19 -35.97 -68.98 14.68
C CYS F 19 -35.96 -68.47 13.25
N SER F 20 -36.50 -67.26 13.06
CA SER F 20 -36.57 -66.67 11.74
C SER F 20 -36.54 -65.14 11.81
N ILE F 21 -35.90 -64.51 10.84
CA ILE F 21 -35.85 -63.07 10.77
C ILE F 21 -36.79 -62.62 9.67
N LYS F 22 -38.04 -62.34 10.04
CA LYS F 22 -39.04 -61.93 9.07
C LYS F 22 -38.87 -60.46 8.71
N LEU F 23 -38.55 -60.21 7.45
CA LEU F 23 -38.33 -58.85 6.97
C LEU F 23 -39.59 -58.22 6.38
N PRO F 24 -39.88 -56.99 6.82
CA PRO F 24 -41.04 -56.26 6.33
C PRO F 24 -40.89 -55.93 4.85
N ILE F 25 -41.93 -56.21 4.08
CA ILE F 25 -41.92 -55.96 2.64
C ILE F 25 -42.22 -54.50 2.31
N GLY F 26 -41.61 -54.01 1.23
CA GLY F 26 -41.84 -52.63 0.81
C GLY F 26 -40.57 -51.93 0.30
N GLN F 27 -39.48 -52.09 1.03
CA GLN F 27 -38.22 -51.44 0.66
C GLN F 27 -37.13 -52.39 0.18
N THR F 28 -35.91 -51.87 0.07
CA THR F 28 -34.77 -52.64 -0.38
C THR F 28 -33.77 -52.83 0.74
N TYR F 29 -33.31 -54.07 0.93
CA TYR F 29 -32.33 -54.38 1.97
C TYR F 29 -30.95 -54.53 1.34
N GLU F 30 -30.07 -53.56 1.59
CA GLU F 30 -28.72 -53.60 1.07
C GLU F 30 -27.84 -54.47 1.94
N VAL F 31 -27.96 -54.29 3.26
CA VAL F 31 -27.18 -55.06 4.22
C VAL F 31 -27.97 -55.33 5.47
N ILE F 32 -27.74 -56.50 6.06
CA ILE F 32 -28.41 -56.88 7.30
C ILE F 32 -27.35 -57.30 8.32
N ASP F 33 -27.18 -56.50 9.36
CA ASP F 33 -26.19 -56.79 10.39
C ASP F 33 -26.79 -57.61 11.53
N LEU F 34 -26.33 -58.85 11.66
CA LEU F 34 -26.81 -59.75 12.70
C LEU F 34 -25.84 -59.85 13.88
N ARG F 35 -26.28 -59.35 15.04
CA ARG F 35 -25.46 -59.39 16.24
C ARG F 35 -25.78 -60.67 17.01
N TYR F 36 -24.73 -61.37 17.44
CA TYR F 36 -24.91 -62.63 18.17
C TYR F 36 -24.04 -62.70 19.41
N SER F 37 -24.52 -63.44 20.41
CA SER F 37 -23.79 -63.64 21.66
C SER F 37 -24.40 -64.83 22.39
N GLY F 38 -23.58 -65.54 23.16
CA GLY F 38 -24.03 -66.71 23.89
C GLY F 38 -24.19 -67.89 22.93
N VAL F 39 -23.61 -67.74 21.74
CA VAL F 39 -23.67 -68.77 20.70
C VAL F 39 -22.59 -68.53 19.66
N THR F 40 -22.08 -69.60 19.07
CA THR F 40 -21.06 -69.49 18.04
C THR F 40 -21.71 -69.49 16.67
N PRO F 41 -21.02 -68.92 15.69
CA PRO F 41 -21.54 -68.86 14.33
C PRO F 41 -21.80 -70.27 13.80
N SER F 42 -20.99 -71.22 14.25
CA SER F 42 -21.14 -72.61 13.84
C SER F 42 -22.35 -73.26 14.54
N GLN F 43 -22.84 -72.60 15.58
CA GLN F 43 -23.99 -73.10 16.32
C GLN F 43 -25.30 -72.59 15.73
N ILE F 44 -25.20 -71.73 14.73
CA ILE F 44 -26.36 -71.21 14.02
C ILE F 44 -26.43 -71.96 12.70
N LYS F 45 -27.11 -73.09 12.70
CA LYS F 45 -27.17 -73.96 11.53
C LYS F 45 -28.33 -73.72 10.56
N ASN F 46 -28.20 -74.32 9.37
CA ASN F 46 -29.20 -74.25 8.31
C ASN F 46 -29.77 -72.86 8.09
N VAL F 47 -28.92 -71.92 7.72
CA VAL F 47 -29.34 -70.56 7.44
C VAL F 47 -29.93 -70.49 6.03
N ARG F 48 -31.21 -70.16 5.92
CA ARG F 48 -31.89 -70.09 4.63
C ARG F 48 -32.52 -68.74 4.36
N VAL F 49 -32.20 -68.15 3.22
CA VAL F 49 -32.79 -66.89 2.80
C VAL F 49 -33.93 -67.24 1.86
N GLU F 50 -35.17 -67.00 2.30
CA GLU F 50 -36.34 -67.36 1.50
C GLU F 50 -37.16 -66.17 1.05
N LEU F 51 -37.51 -66.19 -0.24
CA LEU F 51 -38.35 -65.15 -0.84
C LEU F 51 -39.64 -65.81 -1.29
N ASP F 52 -40.74 -65.48 -0.62
CA ASP F 52 -42.04 -66.06 -0.95
C ASP F 52 -42.07 -67.57 -0.68
N GLY F 53 -41.33 -67.99 0.34
CA GLY F 53 -41.29 -69.40 0.72
C GLY F 53 -40.26 -70.20 -0.06
N ARG F 54 -39.72 -69.60 -1.12
CA ARG F 54 -38.73 -70.28 -1.93
C ARG F 54 -37.32 -69.96 -1.45
N LEU F 55 -36.41 -70.92 -1.60
CA LEU F 55 -35.04 -70.74 -1.16
C LEU F 55 -34.22 -69.90 -2.13
N LEU F 56 -33.49 -68.94 -1.58
CA LEU F 56 -32.64 -68.07 -2.38
C LEU F 56 -31.19 -68.50 -2.15
N SER F 57 -30.74 -68.33 -0.90
CA SER F 57 -29.38 -68.70 -0.52
C SER F 57 -29.42 -69.59 0.71
N THR F 58 -28.41 -70.46 0.83
CA THR F 58 -28.33 -71.38 1.95
C THR F 58 -26.93 -71.46 2.54
N TYR F 59 -26.86 -71.51 3.87
CA TYR F 59 -25.60 -71.63 4.58
C TYR F 59 -25.72 -72.76 5.60
N LYS F 60 -24.82 -73.74 5.52
CA LYS F 60 -24.82 -74.85 6.47
C LYS F 60 -24.79 -74.29 7.88
N THR F 61 -23.93 -73.30 8.10
CA THR F 61 -23.82 -72.63 9.39
C THR F 61 -23.51 -71.15 9.16
N LEU F 62 -23.73 -70.34 10.19
CA LEU F 62 -23.45 -68.91 10.09
C LEU F 62 -21.98 -68.64 9.85
N ASN F 63 -21.13 -69.62 10.14
CA ASN F 63 -19.69 -69.47 9.95
C ASN F 63 -19.33 -69.36 8.48
N ASP F 64 -20.19 -69.91 7.62
CA ASP F 64 -19.96 -69.87 6.19
C ASP F 64 -20.20 -68.47 5.64
N LEU F 65 -21.02 -67.70 6.35
CA LEU F 65 -21.30 -66.32 5.97
C LEU F 65 -20.11 -65.45 6.38
N ILE F 66 -19.47 -65.85 7.47
CA ILE F 66 -18.31 -65.14 7.99
C ILE F 66 -17.15 -65.35 7.02
N LEU F 67 -17.03 -66.57 6.51
CA LEU F 67 -15.98 -66.92 5.56
C LEU F 67 -16.24 -66.27 4.20
N GLU F 68 -17.51 -66.14 3.84
CA GLU F 68 -17.89 -65.51 2.58
C GLU F 68 -17.42 -64.06 2.57
N ASN F 69 -17.60 -63.39 3.71
CA ASN F 69 -17.20 -61.99 3.84
C ASN F 69 -15.68 -61.86 3.94
N THR F 70 -15.06 -62.81 4.64
CA THR F 70 -13.62 -62.81 4.82
C THR F 70 -12.90 -62.94 3.48
N ARG F 71 -13.44 -63.77 2.61
CA ARG F 71 -12.85 -64.00 1.29
C ARG F 71 -12.72 -62.72 0.47
N HIS F 72 -13.72 -61.84 0.57
CA HIS F 72 -13.71 -60.59 -0.15
C HIS F 72 -12.99 -59.50 0.63
N LYS F 73 -12.45 -59.90 1.79
CA LYS F 73 -11.74 -58.97 2.66
C LYS F 73 -12.65 -57.87 3.19
N ARG F 74 -13.90 -58.24 3.48
CA ARG F 74 -14.86 -57.30 4.04
C ARG F 74 -14.61 -57.18 5.54
N LYS F 75 -15.05 -56.08 6.13
CA LYS F 75 -14.86 -55.84 7.55
C LYS F 75 -15.49 -56.93 8.40
N ILE F 76 -14.65 -57.61 9.18
CA ILE F 76 -15.13 -58.68 10.06
C ILE F 76 -14.99 -58.23 11.51
N LYS F 77 -16.05 -58.42 12.28
CA LYS F 77 -16.06 -58.05 13.69
C LYS F 77 -16.67 -59.16 14.52
N ALA F 78 -16.01 -59.51 15.62
CA ALA F 78 -16.50 -60.55 16.51
C ALA F 78 -17.79 -60.12 17.18
N GLY F 79 -18.80 -61.00 17.16
CA GLY F 79 -20.08 -60.70 17.77
C GLY F 79 -21.08 -60.18 16.74
N VAL F 80 -20.64 -60.03 15.50
CA VAL F 80 -21.50 -59.54 14.43
C VAL F 80 -21.15 -60.16 13.09
N VAL F 81 -22.18 -60.49 12.32
CA VAL F 81 -22.02 -61.04 10.98
C VAL F 81 -23.05 -60.39 10.07
N SER F 82 -22.59 -59.85 8.94
CA SER F 82 -23.47 -59.15 8.03
C SER F 82 -23.84 -59.94 6.77
N PHE F 83 -25.04 -59.66 6.27
CA PHE F 83 -25.54 -60.26 5.04
C PHE F 83 -25.38 -59.20 3.96
N HIS F 84 -24.32 -59.29 3.18
CA HIS F 84 -24.06 -58.31 2.13
C HIS F 84 -24.80 -58.66 0.84
N PHE F 85 -25.98 -58.09 0.67
CA PHE F 85 -26.75 -58.31 -0.55
C PHE F 85 -26.13 -57.49 -1.65
N VAL F 86 -25.82 -56.22 -1.33
CA VAL F 86 -25.13 -55.34 -2.25
C VAL F 86 -23.67 -55.80 -2.24
N ARG F 87 -23.13 -56.07 -3.42
CA ARG F 87 -21.74 -56.53 -3.53
C ARG F 87 -20.78 -55.36 -3.74
N PRO F 88 -20.07 -55.01 -2.68
CA PRO F 88 -19.14 -53.89 -2.68
C PRO F 88 -17.96 -54.01 -3.64
N GLU F 89 -17.63 -55.24 -4.03
CA GLU F 89 -16.50 -55.49 -4.91
C GLU F 89 -16.84 -55.33 -6.39
N MET F 90 -18.11 -55.13 -6.69
CA MET F 90 -18.56 -54.99 -8.08
C MET F 90 -17.98 -53.76 -8.77
N LYS F 91 -17.65 -53.91 -10.04
CA LYS F 91 -17.10 -52.84 -10.85
C LYS F 91 -17.93 -52.74 -12.13
N GLY F 92 -18.29 -51.53 -12.52
CA GLY F 92 -19.11 -51.33 -13.71
C GLY F 92 -18.29 -51.32 -15.00
N VAL F 93 -18.89 -51.82 -16.07
CA VAL F 93 -18.23 -51.86 -17.37
C VAL F 93 -18.87 -50.82 -18.29
N ASN F 94 -20.20 -50.77 -18.28
CA ASN F 94 -20.94 -49.80 -19.07
C ASN F 94 -21.84 -48.97 -18.16
N VAL F 95 -21.68 -49.20 -16.86
CA VAL F 95 -22.41 -48.47 -15.83
C VAL F 95 -21.43 -48.17 -14.71
N THR F 96 -21.84 -47.34 -13.76
CA THR F 96 -20.97 -46.99 -12.64
C THR F 96 -20.80 -48.17 -11.69
N ASP F 97 -19.71 -48.16 -10.94
CA ASP F 97 -19.45 -49.22 -9.96
C ASP F 97 -20.60 -49.29 -8.98
N LEU F 98 -21.08 -48.14 -8.52
CA LEU F 98 -22.18 -48.07 -7.56
C LEU F 98 -23.43 -48.80 -8.07
N VAL F 99 -23.74 -48.62 -9.35
CA VAL F 99 -24.90 -49.25 -9.95
C VAL F 99 -24.74 -50.76 -10.00
N GLN F 100 -23.53 -51.20 -10.31
CA GLN F 100 -23.22 -52.63 -10.40
C GLN F 100 -23.25 -53.31 -9.03
N GLN F 101 -22.91 -52.56 -7.99
CA GLN F 101 -22.91 -53.10 -6.62
C GLN F 101 -24.31 -53.12 -6.03
N ARG F 102 -25.03 -52.02 -6.19
CA ARG F 102 -26.38 -51.90 -5.64
C ARG F 102 -27.37 -52.79 -6.36
N MET F 103 -27.03 -53.21 -7.57
CA MET F 103 -27.91 -54.06 -8.36
C MET F 103 -28.22 -55.40 -7.69
N PHE F 104 -27.38 -55.79 -6.73
CA PHE F 104 -27.54 -57.06 -6.01
C PHE F 104 -28.37 -56.91 -4.74
N ALA F 105 -28.75 -55.68 -4.41
CA ALA F 105 -29.55 -55.42 -3.21
C ALA F 105 -30.82 -56.25 -3.18
N LEU F 106 -31.28 -56.61 -1.99
CA LEU F 106 -32.49 -57.41 -1.84
C LEU F 106 -33.77 -56.58 -1.87
N GLY F 107 -34.30 -56.35 -3.08
CA GLY F 107 -35.55 -55.61 -3.22
C GLY F 107 -36.67 -56.52 -2.77
N THR F 108 -37.72 -55.95 -2.19
CA THR F 108 -38.84 -56.74 -1.70
C THR F 108 -40.17 -56.42 -2.36
N VAL F 109 -40.18 -55.42 -3.24
CA VAL F 109 -41.40 -55.03 -3.93
C VAL F 109 -42.04 -56.19 -4.70
N GLY F 110 -43.31 -56.44 -4.44
CA GLY F 110 -44.04 -57.51 -5.12
C GLY F 110 -43.98 -58.81 -4.34
N LEU F 111 -43.15 -58.84 -3.30
CA LEU F 111 -42.98 -60.02 -2.46
C LEU F 111 -44.11 -60.16 -1.45
N THR F 112 -44.34 -61.39 -1.01
CA THR F 112 -45.37 -61.67 -0.01
C THR F 112 -44.68 -61.95 1.32
N THR F 113 -43.50 -62.55 1.24
CA THR F 113 -42.72 -62.86 2.44
C THR F 113 -41.21 -62.86 2.16
N CYS F 114 -40.45 -62.31 3.11
CA CYS F 114 -39.00 -62.27 3.03
C CYS F 114 -38.48 -62.73 4.38
N GLU F 115 -37.86 -63.89 4.41
CA GLU F 115 -37.40 -64.48 5.66
C GLU F 115 -35.96 -64.97 5.65
N ILE F 116 -35.37 -65.00 6.84
CA ILE F 116 -34.02 -65.53 7.04
C ILE F 116 -34.13 -66.54 8.17
N LYS F 117 -34.42 -67.79 7.82
CA LYS F 117 -34.59 -68.85 8.79
C LYS F 117 -33.28 -69.50 9.19
N PHE F 118 -33.25 -70.08 10.39
CA PHE F 118 -32.07 -70.75 10.91
C PHE F 118 -32.42 -71.51 12.18
N ASP F 119 -31.56 -72.46 12.53
CA ASP F 119 -31.77 -73.27 13.72
C ASP F 119 -30.67 -73.02 14.74
N ILE F 120 -31.06 -72.86 16.01
CA ILE F 120 -30.08 -72.65 17.07
C ILE F 120 -29.69 -73.98 17.69
N ASP F 121 -28.41 -74.31 17.64
CA ASP F 121 -27.93 -75.56 18.21
C ASP F 121 -28.34 -75.72 19.66
N GLU F 122 -28.50 -76.97 20.09
CA GLU F 122 -28.89 -77.28 21.46
C GLU F 122 -27.81 -76.93 22.48
N ALA F 123 -26.56 -76.99 22.04
CA ALA F 123 -25.42 -76.70 22.92
C ALA F 123 -25.20 -75.22 23.17
N ALA F 124 -25.95 -74.38 22.47
CA ALA F 124 -25.83 -72.93 22.61
C ALA F 124 -25.90 -72.50 24.08
N ALA F 125 -24.84 -71.83 24.54
CA ALA F 125 -24.76 -71.37 25.93
C ALA F 125 -25.97 -70.55 26.36
N GLY F 126 -26.15 -69.38 25.75
CA GLY F 126 -27.27 -68.51 26.07
C GLY F 126 -27.51 -67.55 24.90
N PRO F 127 -27.92 -68.13 23.78
CA PRO F 127 -28.16 -67.38 22.54
C PRO F 127 -28.86 -66.04 22.71
N LYS F 128 -28.31 -65.03 22.05
CA LYS F 128 -28.86 -63.68 22.04
C LYS F 128 -28.63 -63.12 20.64
N LEU F 129 -29.71 -62.88 19.90
CA LEU F 129 -29.58 -62.37 18.53
C LEU F 129 -30.47 -61.18 18.22
N SER F 130 -29.89 -60.19 17.54
CA SER F 130 -30.61 -58.99 17.14
C SER F 130 -30.13 -58.61 15.75
N ALA F 131 -30.95 -57.85 15.02
CA ALA F 131 -30.58 -57.48 13.66
C ALA F 131 -30.85 -56.02 13.34
N ILE F 132 -29.98 -55.46 12.51
CA ILE F 132 -30.10 -54.08 12.05
C ILE F 132 -30.15 -54.09 10.53
N ALA F 133 -31.00 -53.26 9.95
CA ALA F 133 -31.12 -53.23 8.49
C ALA F 133 -30.70 -51.91 7.85
N GLN F 134 -29.85 -52.01 6.83
CA GLN F 134 -29.44 -50.86 6.06
C GLN F 134 -30.27 -50.92 4.79
N LYS F 135 -31.34 -50.14 4.75
CA LYS F 135 -32.27 -50.17 3.62
C LYS F 135 -32.21 -48.96 2.71
N SER F 136 -32.89 -49.08 1.56
CA SER F 136 -32.98 -48.02 0.57
C SER F 136 -34.33 -48.16 -0.13
N VAL F 137 -34.63 -47.24 -1.04
CA VAL F 137 -35.91 -47.28 -1.75
C VAL F 137 -36.26 -48.66 -2.30
N GLY F 138 -37.54 -49.00 -2.26
CA GLY F 138 -38.03 -50.30 -2.72
C GLY F 138 -37.78 -50.61 -4.19
N THR F 139 -37.46 -51.87 -4.46
CA THR F 139 -37.22 -52.36 -5.81
C THR F 139 -37.64 -53.83 -5.84
N ALA F 140 -37.85 -54.38 -7.03
CA ALA F 140 -38.20 -55.78 -7.15
C ALA F 140 -36.99 -56.59 -6.73
N PRO F 141 -37.19 -57.86 -6.39
CA PRO F 141 -36.08 -58.71 -5.98
C PRO F 141 -34.98 -58.63 -7.05
N SER F 142 -35.39 -58.71 -8.31
CA SER F 142 -34.48 -58.57 -9.43
C SER F 142 -33.21 -59.41 -9.33
N TRP F 143 -32.11 -58.85 -9.82
CA TRP F 143 -30.82 -59.53 -9.81
C TRP F 143 -30.35 -59.85 -8.40
N LEU F 144 -30.23 -61.14 -8.09
CA LEU F 144 -29.83 -61.57 -6.77
C LEU F 144 -28.76 -62.65 -6.82
N THR F 145 -28.01 -62.78 -5.72
CA THR F 145 -27.00 -63.81 -5.59
C THR F 145 -27.68 -65.02 -4.96
N MET F 146 -27.52 -66.18 -5.58
CA MET F 146 -28.15 -67.40 -5.07
C MET F 146 -27.12 -68.46 -4.67
N ARG F 147 -26.75 -68.45 -3.39
CA ARG F 147 -25.78 -69.39 -2.86
C ARG F 147 -26.41 -70.78 -2.70
N ARG F 148 -25.86 -71.76 -3.42
CA ARG F 148 -26.37 -73.13 -3.36
C ARG F 148 -25.35 -74.11 -2.80
N ASN F 149 -25.86 -75.12 -2.09
CA ASN F 149 -25.02 -76.12 -1.44
C ASN F 149 -25.06 -77.47 -2.16
N PHE F 150 -23.90 -78.10 -2.31
CA PHE F 150 -23.80 -79.41 -2.95
C PHE F 150 -22.74 -80.25 -2.24
N PHE F 151 -23.01 -81.54 -2.09
CA PHE F 151 -22.07 -82.44 -1.43
C PHE F 151 -21.65 -83.56 -2.38
N LYS F 152 -20.35 -83.74 -2.56
CA LYS F 152 -19.84 -84.78 -3.45
C LYS F 152 -18.60 -85.47 -2.91
N GLN F 153 -18.51 -86.78 -3.15
CA GLN F 153 -17.37 -87.56 -2.69
C GLN F 153 -16.14 -87.31 -3.57
N LEU F 154 -15.03 -86.94 -2.95
CA LEU F 154 -13.79 -86.69 -3.65
C LEU F 154 -12.80 -87.85 -3.45
N ASN F 155 -12.25 -88.37 -4.52
CA ASN F 155 -11.32 -89.50 -4.42
C ASN F 155 -9.88 -89.05 -4.32
N ASN F 156 -9.03 -90.01 -4.01
CA ASN F 156 -7.61 -89.74 -3.96
C ASN F 156 -7.16 -90.13 -5.37
N GLY F 157 -6.94 -89.10 -6.18
CA GLY F 157 -6.59 -89.26 -7.58
C GLY F 157 -7.36 -88.17 -8.31
N THR F 158 -8.23 -88.56 -9.22
CA THR F 158 -9.00 -87.59 -10.00
C THR F 158 -10.51 -87.80 -9.88
N THR F 159 -11.23 -86.71 -9.63
CA THR F 159 -12.69 -86.76 -9.57
C THR F 159 -13.27 -85.72 -10.52
N GLU F 160 -14.39 -86.06 -11.15
CA GLU F 160 -15.04 -85.15 -12.08
C GLU F 160 -16.48 -84.86 -11.67
N ILE F 161 -16.84 -83.58 -11.63
CA ILE F 161 -18.19 -83.16 -11.25
C ILE F 161 -18.83 -82.38 -12.38
N ALA F 162 -19.74 -83.04 -13.10
CA ALA F 162 -20.41 -82.41 -14.24
C ALA F 162 -21.93 -82.30 -14.08
N ASP F 163 -22.44 -82.68 -12.90
CA ASP F 163 -23.87 -82.65 -12.66
C ASP F 163 -24.36 -81.42 -11.90
N LEU F 164 -23.63 -80.32 -12.01
CA LEU F 164 -24.02 -79.08 -11.33
C LEU F 164 -25.20 -78.44 -12.07
N PRO F 165 -26.20 -78.00 -11.32
CA PRO F 165 -27.38 -77.38 -11.92
C PRO F 165 -27.01 -76.25 -12.86
N ARG F 166 -27.68 -76.19 -14.01
CA ARG F 166 -27.42 -75.15 -15.00
C ARG F 166 -28.68 -74.38 -15.36
N PRO F 167 -29.27 -73.70 -14.38
CA PRO F 167 -30.47 -72.91 -14.62
C PRO F 167 -30.25 -71.96 -15.80
N VAL F 168 -31.14 -72.04 -16.78
CA VAL F 168 -31.02 -71.21 -17.98
C VAL F 168 -31.17 -69.72 -17.73
N GLY F 169 -30.24 -68.93 -18.28
CA GLY F 169 -30.26 -67.49 -18.14
C GLY F 169 -29.49 -67.01 -16.92
N TYR F 170 -29.21 -67.93 -16.00
CA TYR F 170 -28.49 -67.61 -14.78
C TYR F 170 -26.99 -67.59 -15.02
N ARG F 171 -26.24 -67.10 -14.03
CA ARG F 171 -24.79 -67.04 -14.14
C ARG F 171 -24.15 -67.68 -12.92
N ILE F 172 -22.84 -67.91 -13.01
CA ILE F 172 -22.09 -68.47 -11.90
C ILE F 172 -20.94 -67.52 -11.56
N ALA F 173 -21.02 -66.92 -10.38
CA ALA F 173 -20.00 -65.98 -9.94
C ALA F 173 -18.74 -66.71 -9.49
N ALA F 174 -18.94 -67.80 -8.75
CA ALA F 174 -17.82 -68.57 -8.25
C ALA F 174 -18.22 -69.96 -7.77
N ILE F 175 -17.21 -70.81 -7.61
CA ILE F 175 -17.41 -72.17 -7.13
C ILE F 175 -16.37 -72.44 -6.05
N HIS F 176 -16.83 -72.88 -4.88
CA HIS F 176 -15.92 -73.14 -3.77
C HIS F 176 -15.92 -74.62 -3.40
N ILE F 177 -14.77 -75.26 -3.60
CA ILE F 177 -14.63 -76.67 -3.25
C ILE F 177 -14.07 -76.80 -1.85
N LYS F 178 -14.90 -77.24 -0.92
CA LYS F 178 -14.50 -77.39 0.48
C LYS F 178 -13.99 -78.80 0.76
N ALA F 179 -12.67 -78.96 0.66
CA ALA F 179 -12.01 -80.24 0.89
C ALA F 179 -10.59 -79.96 1.37
N ALA F 180 -10.03 -80.87 2.16
CA ALA F 180 -8.69 -80.68 2.70
C ALA F 180 -7.55 -81.24 1.84
N GLY F 181 -7.87 -82.07 0.86
CA GLY F 181 -6.82 -82.68 0.04
C GLY F 181 -6.87 -82.38 -1.45
N VAL F 182 -7.33 -81.19 -1.82
CA VAL F 182 -7.39 -80.80 -3.23
C VAL F 182 -6.07 -80.16 -3.67
N ASP F 183 -5.42 -80.78 -4.65
CA ASP F 183 -4.14 -80.30 -5.16
C ASP F 183 -4.31 -79.34 -6.32
N ALA F 184 -5.12 -79.73 -7.30
CA ALA F 184 -5.35 -78.90 -8.48
C ALA F 184 -6.74 -79.12 -9.02
N VAL F 185 -7.24 -78.14 -9.76
CA VAL F 185 -8.57 -78.23 -10.35
C VAL F 185 -8.57 -77.69 -11.76
N GLU F 186 -9.48 -78.22 -12.59
CA GLU F 186 -9.60 -77.78 -13.96
C GLU F 186 -11.08 -77.56 -14.27
N PHE F 187 -11.38 -76.45 -14.93
CA PHE F 187 -12.77 -76.14 -15.26
C PHE F 187 -12.94 -76.00 -16.76
N GLN F 188 -13.96 -76.67 -17.29
CA GLN F 188 -14.22 -76.60 -18.73
C GLN F 188 -15.70 -76.60 -19.06
N ILE F 189 -16.03 -75.99 -20.19
CA ILE F 189 -17.39 -75.92 -20.67
C ILE F 189 -17.39 -76.30 -22.14
N ASP F 190 -18.04 -77.42 -22.46
CA ASP F 190 -18.10 -77.90 -23.84
C ASP F 190 -16.70 -78.19 -24.40
N GLY F 191 -15.89 -78.85 -23.59
CA GLY F 191 -14.53 -79.21 -24.01
C GLY F 191 -13.53 -78.08 -23.82
N THR F 192 -14.00 -76.84 -23.91
CA THR F 192 -13.14 -75.68 -23.76
C THR F 192 -12.63 -75.55 -22.32
N LYS F 193 -11.31 -75.54 -22.17
CA LYS F 193 -10.69 -75.43 -20.86
C LYS F 193 -10.49 -73.97 -20.45
N TRP F 194 -11.49 -73.43 -19.76
CA TRP F 194 -11.43 -72.04 -19.31
C TRP F 194 -10.44 -71.86 -18.16
N ARG F 195 -10.24 -72.93 -17.41
CA ARG F 195 -9.30 -72.93 -16.31
C ARG F 195 -8.46 -74.20 -16.39
N ASP F 196 -7.21 -74.04 -16.80
CA ASP F 196 -6.30 -75.17 -16.93
C ASP F 196 -6.18 -75.86 -15.57
N LEU F 197 -5.58 -77.04 -15.57
CA LEU F 197 -5.36 -77.77 -14.32
C LEU F 197 -4.40 -76.92 -13.51
N LEU F 198 -4.94 -75.96 -12.76
CA LEU F 198 -4.13 -75.06 -11.96
C LEU F 198 -3.83 -75.61 -10.57
N LYS F 199 -2.56 -75.60 -10.18
CA LYS F 199 -2.17 -76.06 -8.86
C LYS F 199 -2.75 -75.11 -7.82
N LYS F 200 -3.07 -75.63 -6.64
CA LYS F 200 -3.64 -74.81 -5.57
C LYS F 200 -2.83 -73.54 -5.31
N ALA F 201 -1.51 -73.69 -5.20
CA ALA F 201 -0.63 -72.55 -4.95
C ALA F 201 -0.76 -71.48 -6.02
N ASP F 202 -0.94 -71.93 -7.27
CA ASP F 202 -1.08 -71.01 -8.39
C ASP F 202 -2.45 -70.33 -8.42
N ASN F 203 -3.48 -71.12 -8.14
CA ASN F 203 -4.84 -70.60 -8.11
C ASN F 203 -4.99 -69.60 -6.96
N ASP F 204 -4.44 -69.94 -5.81
CA ASP F 204 -4.51 -69.09 -4.62
C ASP F 204 -3.74 -67.80 -4.81
N TYR F 205 -2.70 -67.83 -5.64
CA TYR F 205 -1.89 -66.64 -5.91
C TYR F 205 -2.71 -65.64 -6.73
N ILE F 206 -3.44 -66.16 -7.72
CA ILE F 206 -4.28 -65.31 -8.55
C ILE F 206 -5.39 -64.68 -7.71
N LEU F 207 -5.96 -65.47 -6.81
CA LEU F 207 -7.02 -64.99 -5.93
C LEU F 207 -6.53 -63.81 -5.11
N GLU F 208 -5.40 -63.99 -4.42
CA GLU F 208 -4.82 -62.94 -3.59
C GLU F 208 -4.42 -61.75 -4.45
N GLN F 209 -4.07 -62.02 -5.70
CA GLN F 209 -3.67 -60.98 -6.63
C GLN F 209 -4.80 -59.99 -6.88
N TYR F 210 -6.03 -60.41 -6.59
CA TYR F 210 -7.19 -59.56 -6.79
C TYR F 210 -7.84 -59.10 -5.48
N GLY F 211 -7.07 -59.08 -4.41
CA GLY F 211 -7.54 -58.60 -3.11
C GLY F 211 -8.40 -59.58 -2.34
N LYS F 212 -8.43 -60.84 -2.76
CA LYS F 212 -9.23 -61.85 -2.09
C LYS F 212 -8.40 -62.61 -1.05
N ALA F 213 -9.06 -63.17 -0.05
CA ALA F 213 -8.39 -63.94 0.98
C ALA F 213 -8.66 -65.42 0.74
N VAL F 214 -7.62 -66.24 0.81
CA VAL F 214 -7.75 -67.67 0.60
C VAL F 214 -8.34 -68.34 1.84
N LEU F 215 -9.40 -69.10 1.65
CA LEU F 215 -10.06 -69.80 2.74
C LEU F 215 -9.42 -71.16 2.98
N ASP F 216 -9.32 -71.55 4.25
CA ASP F 216 -8.72 -72.83 4.61
C ASP F 216 -9.51 -74.00 4.05
N ASN F 217 -8.78 -75.00 3.57
CA ASN F 217 -9.40 -76.22 3.01
C ASN F 217 -10.45 -75.89 1.96
N THR F 218 -10.15 -74.90 1.13
CA THR F 218 -11.05 -74.48 0.07
C THR F 218 -10.32 -74.15 -1.23
N TYR F 219 -10.87 -74.59 -2.35
CA TYR F 219 -10.33 -74.26 -3.66
C TYR F 219 -11.38 -73.41 -4.34
N THR F 220 -11.13 -72.10 -4.38
CA THR F 220 -12.09 -71.17 -4.96
C THR F 220 -11.82 -70.87 -6.44
N ILE F 221 -12.88 -70.97 -7.24
CA ILE F 221 -12.80 -70.66 -8.66
C ILE F 221 -13.62 -69.39 -8.87
N ASP F 222 -12.97 -68.25 -8.69
CA ASP F 222 -13.62 -66.94 -8.82
C ASP F 222 -13.74 -66.51 -10.28
N PHE F 223 -14.97 -66.37 -10.76
CA PHE F 223 -15.21 -65.96 -12.14
C PHE F 223 -15.45 -64.46 -12.24
N MET F 224 -15.35 -63.77 -11.11
CA MET F 224 -15.54 -62.32 -11.07
C MET F 224 -14.40 -61.63 -10.33
N LEU F 225 -13.17 -62.09 -10.56
CA LEU F 225 -12.01 -61.52 -9.90
C LEU F 225 -11.86 -60.01 -10.11
N GLU F 226 -12.21 -59.53 -11.30
CA GLU F 226 -12.12 -58.10 -11.61
C GLU F 226 -13.31 -57.31 -11.09
N GLY F 227 -14.35 -58.01 -10.67
CA GLY F 227 -15.56 -57.36 -10.17
C GLY F 227 -16.56 -57.18 -11.31
N ASP F 228 -16.16 -57.61 -12.51
CA ASP F 228 -17.02 -57.51 -13.68
C ASP F 228 -17.99 -58.69 -13.73
N VAL F 229 -19.28 -58.39 -13.66
CA VAL F 229 -20.32 -59.41 -13.67
C VAL F 229 -20.35 -60.20 -14.97
N TYR F 230 -19.88 -59.60 -16.06
CA TYR F 230 -19.88 -60.24 -17.36
C TYR F 230 -18.72 -61.18 -17.59
N GLN F 231 -17.95 -61.45 -16.53
CA GLN F 231 -16.83 -62.37 -16.60
C GLN F 231 -17.30 -63.71 -16.03
N SER F 232 -18.42 -63.69 -15.33
CA SER F 232 -18.99 -64.88 -14.73
C SER F 232 -19.52 -65.82 -15.82
N VAL F 233 -19.71 -67.08 -15.44
CA VAL F 233 -20.21 -68.10 -16.37
C VAL F 233 -21.68 -67.88 -16.70
N LEU F 234 -21.99 -67.66 -17.97
CA LEU F 234 -23.37 -67.48 -18.40
C LEU F 234 -23.94 -68.83 -18.80
N LEU F 235 -24.86 -69.34 -17.99
CA LEU F 235 -25.46 -70.64 -18.23
C LEU F 235 -26.39 -70.66 -19.45
N ASP F 236 -25.80 -70.72 -20.64
CA ASP F 236 -26.57 -70.75 -21.87
C ASP F 236 -27.31 -72.07 -22.03
N GLN F 237 -28.52 -72.00 -22.59
CA GLN F 237 -29.35 -73.18 -22.79
C GLN F 237 -28.68 -74.22 -23.70
N MET F 238 -27.71 -73.77 -24.48
CA MET F 238 -27.03 -74.64 -25.43
C MET F 238 -25.83 -75.40 -24.85
N ILE F 239 -25.34 -74.94 -23.70
CA ILE F 239 -24.19 -75.59 -23.06
C ILE F 239 -24.48 -77.08 -22.91
N GLN F 240 -23.56 -77.91 -23.38
CA GLN F 240 -23.73 -79.36 -23.31
C GLN F 240 -22.97 -79.99 -22.16
N ASP F 241 -21.87 -79.35 -21.75
CA ASP F 241 -21.06 -79.88 -20.66
C ASP F 241 -20.40 -78.81 -19.81
N LEU F 242 -20.68 -78.85 -18.51
CA LEU F 242 -20.09 -77.95 -17.53
C LEU F 242 -19.38 -78.89 -16.56
N ARG F 243 -18.07 -79.03 -16.74
CA ARG F 243 -17.31 -79.99 -15.95
C ARG F 243 -16.22 -79.43 -15.05
N LEU F 244 -15.95 -80.14 -13.96
CA LEU F 244 -14.93 -79.77 -13.00
C LEU F 244 -14.05 -81.00 -12.75
N LYS F 245 -12.75 -80.87 -13.00
CA LYS F 245 -11.81 -81.97 -12.80
C LYS F 245 -10.96 -81.68 -11.57
N ILE F 246 -11.23 -82.39 -10.48
CA ILE F 246 -10.52 -82.17 -9.23
C ILE F 246 -9.45 -83.21 -8.94
N ASP F 247 -8.22 -82.75 -8.71
CA ASP F 247 -7.11 -83.62 -8.37
C ASP F 247 -6.90 -83.56 -6.87
N SER F 248 -7.37 -84.58 -6.17
CA SER F 248 -7.25 -84.64 -4.71
C SER F 248 -6.18 -85.59 -4.25
N THR F 249 -5.87 -85.54 -2.96
CA THR F 249 -4.85 -86.41 -2.36
C THR F 249 -5.51 -87.19 -1.23
N MET F 250 -6.78 -86.88 -0.99
CA MET F 250 -7.54 -87.53 0.07
C MET F 250 -8.86 -88.08 -0.43
N ASP F 251 -9.39 -89.03 0.33
CA ASP F 251 -10.69 -89.63 0.04
C ASP F 251 -11.62 -89.00 1.08
N GLU F 252 -12.43 -88.04 0.64
CA GLU F 252 -13.30 -87.34 1.57
C GLU F 252 -14.57 -86.82 0.92
N GLN F 253 -15.44 -86.25 1.75
CA GLN F 253 -16.70 -85.68 1.30
C GLN F 253 -16.51 -84.18 1.19
N ALA F 254 -16.67 -83.65 -0.02
CA ALA F 254 -16.49 -82.22 -0.23
C ALA F 254 -17.81 -81.49 -0.27
N GLU F 255 -17.83 -80.29 0.29
CA GLU F 255 -19.02 -79.45 0.23
C GLU F 255 -18.76 -78.43 -0.88
N ILE F 256 -19.47 -78.57 -1.98
CA ILE F 256 -19.30 -77.66 -3.11
C ILE F 256 -20.26 -76.48 -3.02
N ILE F 257 -19.71 -75.28 -2.87
CA ILE F 257 -20.52 -74.07 -2.80
C ILE F 257 -20.55 -73.41 -4.17
N VAL F 258 -21.74 -73.19 -4.70
CA VAL F 258 -21.89 -72.54 -5.99
C VAL F 258 -22.67 -71.23 -5.86
N GLU F 259 -22.03 -70.13 -6.21
CA GLU F 259 -22.67 -68.83 -6.13
C GLU F 259 -23.34 -68.51 -7.46
N TYR F 260 -24.63 -68.77 -7.56
CA TYR F 260 -25.39 -68.50 -8.78
C TYR F 260 -25.85 -67.05 -8.79
N MET F 261 -26.30 -66.59 -9.94
CA MET F 261 -26.78 -65.23 -10.12
C MET F 261 -27.85 -65.19 -11.19
N GLY F 262 -28.84 -64.34 -11.02
CA GLY F 262 -29.90 -64.21 -12.00
C GLY F 262 -31.04 -63.38 -11.48
N VAL F 263 -31.96 -63.01 -12.37
CA VAL F 263 -33.13 -62.23 -12.00
C VAL F 263 -34.09 -63.16 -11.26
N TRP F 264 -34.36 -62.85 -9.99
CA TRP F 264 -35.24 -63.69 -9.19
C TRP F 264 -36.62 -63.83 -9.81
N SER F 265 -37.12 -65.06 -9.81
CA SER F 265 -38.44 -65.36 -10.36
C SER F 265 -39.20 -66.22 -9.35
N ARG F 266 -40.47 -65.92 -9.14
CA ARG F 266 -41.25 -66.68 -8.16
C ARG F 266 -41.32 -68.17 -8.52
N ASN F 267 -41.11 -68.48 -9.79
CA ASN F 267 -41.13 -69.87 -10.24
C ASN F 267 -39.85 -70.24 -10.97
N GLY F 268 -38.74 -69.64 -10.54
CA GLY F 268 -37.43 -69.91 -11.13
C GLY F 268 -36.50 -70.64 -10.17
N PHE F 269 -35.22 -70.69 -10.52
CA PHE F 269 -34.20 -71.36 -9.72
C PHE F 269 -34.28 -71.00 -8.24
N MET G 1 49.37 -41.82 -65.95
CA MET G 1 50.67 -41.75 -65.30
C MET G 1 50.63 -40.82 -64.09
N ARG G 2 51.21 -41.28 -62.98
CA ARG G 2 51.25 -40.48 -61.77
C ARG G 2 52.56 -39.69 -61.73
N SER G 3 52.59 -38.68 -60.88
CA SER G 3 53.79 -37.87 -60.72
C SER G 3 54.22 -37.84 -59.26
N PHE G 4 55.49 -38.15 -59.02
CA PHE G 4 56.05 -38.15 -57.67
C PHE G 4 56.90 -36.89 -57.54
N LEU G 5 56.47 -35.98 -56.67
CA LEU G 5 57.16 -34.71 -56.49
C LEU G 5 57.70 -34.48 -55.09
N ASN G 6 58.86 -33.84 -55.02
CA ASN G 6 59.47 -33.47 -53.75
C ASN G 6 58.89 -32.10 -53.41
N LEU G 7 57.89 -32.09 -52.54
CA LEU G 7 57.23 -30.84 -52.16
C LEU G 7 58.22 -29.77 -51.73
N ASN G 8 57.80 -28.50 -51.87
CA ASN G 8 58.65 -27.38 -51.49
C ASN G 8 59.03 -27.50 -50.02
N SER G 9 60.16 -26.90 -49.65
CA SER G 9 60.63 -26.95 -48.27
C SER G 9 59.60 -26.38 -47.30
N ILE G 10 59.45 -27.05 -46.16
CA ILE G 10 58.51 -26.59 -45.13
C ILE G 10 59.13 -25.42 -44.39
N PRO G 11 58.47 -24.27 -44.43
CA PRO G 11 58.98 -23.06 -43.81
C PRO G 11 59.02 -23.07 -42.28
N ASN G 12 60.12 -22.55 -41.73
CA ASN G 12 60.31 -22.42 -40.30
C ASN G 12 60.04 -23.66 -39.46
N VAL G 13 60.81 -24.72 -39.71
CA VAL G 13 60.68 -25.95 -38.94
C VAL G 13 61.58 -25.88 -37.70
N ALA G 14 60.98 -25.57 -36.56
CA ALA G 14 61.73 -25.48 -35.32
C ALA G 14 60.84 -25.81 -34.13
N ALA G 15 61.46 -26.18 -33.01
CA ALA G 15 60.72 -26.52 -31.80
C ALA G 15 59.85 -25.36 -31.31
N GLY G 16 58.60 -25.67 -30.98
CA GLY G 16 57.67 -24.67 -30.49
C GLY G 16 57.06 -23.83 -31.61
N ASN G 17 57.42 -24.15 -32.84
CA ASN G 17 56.92 -23.41 -34.00
C ASN G 17 55.62 -23.99 -34.55
N SER G 18 54.86 -23.15 -35.24
CA SER G 18 53.61 -23.58 -35.86
C SER G 18 53.85 -23.56 -37.38
N CYS G 19 54.02 -24.75 -37.95
CA CYS G 19 54.29 -24.85 -39.38
C CYS G 19 53.09 -25.32 -40.17
N SER G 20 53.23 -25.27 -41.49
CA SER G 20 52.14 -25.67 -42.38
C SER G 20 52.68 -26.21 -43.70
N ILE G 21 51.98 -27.20 -44.25
CA ILE G 21 52.36 -27.77 -45.53
C ILE G 21 51.37 -27.26 -46.57
N LYS G 22 51.70 -26.15 -47.21
CA LYS G 22 50.82 -25.55 -48.21
C LYS G 22 50.94 -26.29 -49.53
N LEU G 23 49.84 -26.92 -49.95
CA LEU G 23 49.81 -27.68 -51.18
C LEU G 23 49.34 -26.86 -52.37
N PRO G 24 50.08 -26.95 -53.46
CA PRO G 24 49.74 -26.23 -54.68
C PRO G 24 48.45 -26.77 -55.28
N ILE G 25 47.55 -25.86 -55.63
CA ILE G 25 46.26 -26.24 -56.20
C ILE G 25 46.36 -26.54 -57.70
N GLY G 26 45.53 -27.46 -58.16
CA GLY G 26 45.52 -27.82 -59.59
C GLY G 26 45.37 -29.32 -59.83
N GLN G 27 46.11 -30.13 -59.09
CA GLN G 27 46.08 -31.58 -59.27
C GLN G 27 45.43 -32.34 -58.12
N THR G 28 45.58 -33.66 -58.15
CA THR G 28 45.02 -34.54 -57.12
C THR G 28 46.13 -35.17 -56.29
N TYR G 29 45.96 -35.13 -54.97
CA TYR G 29 46.93 -35.72 -54.06
C TYR G 29 46.41 -37.05 -53.54
N GLU G 30 47.02 -38.14 -54.00
CA GLU G 30 46.63 -39.48 -53.57
C GLU G 30 47.28 -39.83 -52.25
N VAL G 31 48.56 -39.52 -52.13
CA VAL G 31 49.31 -39.79 -50.91
C VAL G 31 50.37 -38.72 -50.67
N ILE G 32 50.59 -38.40 -49.40
CA ILE G 32 51.60 -37.42 -49.02
C ILE G 32 52.52 -38.05 -47.98
N ASP G 33 53.78 -38.27 -48.36
CA ASP G 33 54.76 -38.87 -47.46
C ASP G 33 55.54 -37.82 -46.68
N LEU G 34 55.33 -37.80 -45.37
CA LEU G 34 56.01 -36.83 -44.51
C LEU G 34 57.17 -37.46 -43.76
N ARG G 35 58.38 -37.01 -44.08
CA ARG G 35 59.58 -37.50 -43.41
C ARG G 35 59.89 -36.62 -42.21
N TYR G 36 60.20 -37.25 -41.08
CA TYR G 36 60.48 -36.51 -39.87
C TYR G 36 61.71 -37.04 -39.14
N SER G 37 62.40 -36.16 -38.43
CA SER G 37 63.58 -36.52 -37.66
C SER G 37 63.87 -35.40 -36.66
N GLY G 38 64.45 -35.76 -35.52
CA GLY G 38 64.75 -34.78 -34.49
C GLY G 38 63.47 -34.41 -33.74
N VAL G 39 62.44 -35.23 -33.95
CA VAL G 39 61.14 -35.01 -33.29
C VAL G 39 60.32 -36.29 -33.36
N THR G 40 59.49 -36.52 -32.34
CA THR G 40 58.64 -37.69 -32.30
C THR G 40 57.26 -37.37 -32.90
N PRO G 41 56.57 -38.39 -33.38
CA PRO G 41 55.25 -38.19 -33.97
C PRO G 41 54.31 -37.56 -32.95
N SER G 42 54.51 -37.89 -31.68
CA SER G 42 53.69 -37.35 -30.60
C SER G 42 54.05 -35.89 -30.32
N GLN G 43 55.20 -35.46 -30.84
CA GLN G 43 55.64 -34.09 -30.65
C GLN G 43 55.12 -33.18 -31.76
N ILE G 44 54.43 -33.78 -32.73
CA ILE G 44 53.82 -33.02 -33.83
C ILE G 44 52.33 -32.96 -33.50
N LYS G 45 51.94 -31.93 -32.77
CA LYS G 45 50.56 -31.79 -32.31
C LYS G 45 49.61 -31.01 -33.20
N ASN G 46 48.32 -31.15 -32.91
CA ASN G 46 47.26 -30.46 -33.63
C ASN G 46 47.43 -30.46 -35.14
N VAL G 47 47.40 -31.65 -35.73
CA VAL G 47 47.52 -31.78 -37.17
C VAL G 47 46.15 -31.56 -37.80
N ARG G 48 46.03 -30.54 -38.63
CA ARG G 48 44.77 -30.23 -39.27
C ARG G 48 44.90 -30.12 -40.79
N VAL G 49 44.02 -30.82 -41.48
CA VAL G 49 43.97 -30.77 -42.94
C VAL G 49 42.87 -29.78 -43.29
N GLU G 50 43.25 -28.66 -43.88
CA GLU G 50 42.28 -27.61 -44.21
C GLU G 50 42.12 -27.35 -45.70
N LEU G 51 40.86 -27.28 -46.13
CA LEU G 51 40.52 -26.99 -47.52
C LEU G 51 39.78 -25.67 -47.54
N ASP G 52 40.41 -24.64 -48.10
CA ASP G 52 39.81 -23.32 -48.16
C ASP G 52 39.62 -22.71 -46.78
N GLY G 53 40.53 -23.05 -45.86
CA GLY G 53 40.47 -22.52 -44.50
C GLY G 53 39.59 -23.35 -43.56
N ARG G 54 38.81 -24.27 -44.12
CA ARG G 54 37.92 -25.10 -43.31
C ARG G 54 38.58 -26.43 -42.93
N LEU G 55 38.17 -26.98 -41.79
CA LEU G 55 38.75 -28.23 -41.30
C LEU G 55 38.16 -29.47 -41.97
N LEU G 56 39.04 -30.36 -42.43
CA LEU G 56 38.62 -31.60 -43.06
C LEU G 56 38.84 -32.74 -42.07
N SER G 57 40.12 -32.97 -41.75
CA SER G 57 40.50 -34.01 -40.81
C SER G 57 41.39 -33.43 -39.71
N THR G 58 41.34 -34.04 -38.53
CA THR G 58 42.16 -33.56 -37.42
C THR G 58 42.82 -34.71 -36.66
N TYR G 59 44.08 -34.49 -36.27
CA TYR G 59 44.82 -35.47 -35.49
C TYR G 59 45.44 -34.78 -34.29
N LYS G 60 45.15 -35.29 -33.09
CA LYS G 60 45.72 -34.71 -31.87
C LYS G 60 47.24 -34.64 -32.00
N THR G 61 47.82 -35.72 -32.51
CA THR G 61 49.26 -35.80 -32.75
C THR G 61 49.51 -36.64 -33.99
N LEU G 62 50.71 -36.52 -34.55
CA LEU G 62 51.07 -37.28 -35.75
C LEU G 62 51.06 -38.77 -35.49
N ASN G 63 51.12 -39.16 -34.22
CA ASN G 63 51.12 -40.57 -33.84
C ASN G 63 49.77 -41.23 -34.16
N ASP G 64 48.72 -40.42 -34.20
CA ASP G 64 47.39 -40.93 -34.50
C ASP G 64 47.28 -41.29 -35.98
N LEU G 65 48.12 -40.66 -36.80
CA LEU G 65 48.13 -40.96 -38.23
C LEU G 65 48.90 -42.26 -38.45
N ILE G 66 49.88 -42.50 -37.59
CA ILE G 66 50.68 -43.72 -37.65
C ILE G 66 49.81 -44.91 -37.24
N LEU G 67 48.96 -44.69 -36.25
CA LEU G 67 48.05 -45.72 -35.76
C LEU G 67 46.94 -45.98 -36.76
N GLU G 68 46.51 -44.92 -37.45
CA GLU G 68 45.47 -45.05 -38.47
C GLU G 68 45.95 -45.96 -39.58
N ASN G 69 47.21 -45.82 -39.97
CA ASN G 69 47.79 -46.63 -41.02
C ASN G 69 48.08 -48.05 -40.53
N THR G 70 48.52 -48.15 -39.28
CA THR G 70 48.82 -49.45 -38.68
C THR G 70 47.58 -50.32 -38.61
N ARG G 71 46.44 -49.71 -38.29
CA ARG G 71 45.17 -50.43 -38.18
C ARG G 71 44.79 -51.17 -39.48
N HIS G 72 45.06 -50.53 -40.62
CA HIS G 72 44.74 -51.12 -41.92
C HIS G 72 45.88 -52.00 -42.40
N LYS G 73 46.91 -52.12 -41.57
CA LYS G 73 48.09 -52.91 -41.90
C LYS G 73 48.83 -52.34 -43.10
N ARG G 74 48.89 -51.02 -43.18
CA ARG G 74 49.60 -50.35 -44.26
C ARG G 74 51.09 -50.32 -43.91
N LYS G 75 51.94 -50.17 -44.92
CA LYS G 75 53.38 -50.15 -44.70
C LYS G 75 53.80 -49.03 -43.76
N ILE G 76 54.41 -49.40 -42.64
CA ILE G 76 54.88 -48.43 -41.66
C ILE G 76 56.40 -48.42 -41.64
N LYS G 77 56.98 -47.22 -41.72
CA LYS G 77 58.42 -47.07 -41.70
C LYS G 77 58.82 -45.95 -40.75
N ALA G 78 59.83 -46.22 -39.91
CA ALA G 78 60.31 -45.25 -38.96
C ALA G 78 60.96 -44.06 -39.68
N GLY G 79 60.59 -42.86 -39.28
CA GLY G 79 61.13 -41.66 -39.89
C GLY G 79 60.21 -41.13 -40.99
N VAL G 80 59.13 -41.83 -41.26
CA VAL G 80 58.18 -41.42 -42.28
C VAL G 80 56.74 -41.79 -41.92
N VAL G 81 55.82 -40.90 -42.24
CA VAL G 81 54.40 -41.12 -41.99
C VAL G 81 53.64 -40.57 -43.19
N SER G 82 52.78 -41.41 -43.77
CA SER G 82 52.03 -41.02 -44.96
C SER G 82 50.57 -40.67 -44.71
N PHE G 83 50.07 -39.75 -45.54
CA PHE G 83 48.67 -39.34 -45.48
C PHE G 83 47.99 -40.05 -46.64
N HIS G 84 47.31 -41.15 -46.32
CA HIS G 84 46.63 -41.93 -47.36
C HIS G 84 45.24 -41.39 -47.65
N PHE G 85 45.13 -40.54 -48.66
CA PHE G 85 43.84 -39.99 -49.05
C PHE G 85 43.10 -41.07 -49.82
N VAL G 86 43.81 -41.72 -50.73
CA VAL G 86 43.27 -42.84 -51.47
C VAL G 86 43.27 -44.01 -50.51
N ARG G 87 42.12 -44.66 -50.34
CA ARG G 87 42.00 -45.79 -49.43
C ARG G 87 42.25 -47.12 -50.14
N PRO G 88 43.44 -47.68 -49.93
CA PRO G 88 43.86 -48.92 -50.58
C PRO G 88 43.02 -50.15 -50.24
N GLU G 89 42.30 -50.11 -49.12
CA GLU G 89 41.49 -51.24 -48.68
C GLU G 89 40.11 -51.29 -49.32
N MET G 90 39.76 -50.22 -50.05
CA MET G 90 38.45 -50.14 -50.70
C MET G 90 38.22 -51.23 -51.73
N LYS G 91 37.00 -51.75 -51.76
CA LYS G 91 36.60 -52.77 -52.73
C LYS G 91 35.33 -52.30 -53.43
N GLY G 92 35.29 -52.45 -54.75
CA GLY G 92 34.14 -52.00 -55.53
C GLY G 92 33.01 -53.01 -55.53
N VAL G 93 31.78 -52.50 -55.58
CA VAL G 93 30.60 -53.35 -55.61
C VAL G 93 29.98 -53.31 -57.01
N ASN G 94 29.88 -52.10 -57.55
CA ASN G 94 29.34 -51.91 -58.90
C ASN G 94 30.38 -51.19 -59.76
N VAL G 95 31.57 -51.01 -59.19
CA VAL G 95 32.69 -50.38 -59.86
C VAL G 95 33.94 -51.16 -59.47
N THR G 96 35.05 -50.89 -60.15
CA THR G 96 36.30 -51.59 -59.85
C THR G 96 36.86 -51.15 -58.50
N ASP G 97 37.69 -51.99 -57.91
CA ASP G 97 38.32 -51.68 -56.64
C ASP G 97 39.13 -50.39 -56.76
N LEU G 98 39.84 -50.26 -57.87
CA LEU G 98 40.67 -49.09 -58.12
C LEU G 98 39.86 -47.80 -58.08
N VAL G 99 38.67 -47.82 -58.67
CA VAL G 99 37.80 -46.65 -58.69
C VAL G 99 37.33 -46.30 -57.29
N GLN G 100 37.00 -47.33 -56.52
CA GLN G 100 36.52 -47.14 -55.15
C GLN G 100 37.62 -46.62 -54.22
N GLN G 101 38.86 -46.98 -54.51
CA GLN G 101 39.99 -46.52 -53.69
C GLN G 101 40.41 -45.11 -54.05
N ARG G 102 40.55 -44.85 -55.36
CA ARG G 102 40.97 -43.54 -55.85
C ARG G 102 39.93 -42.47 -55.60
N MET G 103 38.68 -42.88 -55.40
CA MET G 103 37.59 -41.95 -55.16
C MET G 103 37.78 -41.11 -53.90
N PHE G 104 38.75 -41.49 -53.08
CA PHE G 104 39.03 -40.78 -51.84
C PHE G 104 40.20 -39.82 -51.96
N ALA G 105 40.84 -39.81 -53.13
CA ALA G 105 41.98 -38.93 -53.38
C ALA G 105 41.63 -37.48 -53.12
N LEU G 106 42.62 -36.69 -52.69
CA LEU G 106 42.41 -35.28 -52.41
C LEU G 106 42.52 -34.40 -53.64
N GLY G 107 41.40 -34.24 -54.35
CA GLY G 107 41.37 -33.38 -55.52
C GLY G 107 41.42 -31.94 -55.03
N THR G 108 42.04 -31.06 -55.80
CA THR G 108 42.16 -29.66 -55.39
C THR G 108 41.51 -28.67 -56.35
N VAL G 109 40.97 -29.18 -57.46
CA VAL G 109 40.33 -28.33 -58.46
C VAL G 109 39.19 -27.51 -57.86
N GLY G 110 39.25 -26.19 -58.07
CA GLY G 110 38.21 -25.28 -57.57
C GLY G 110 38.56 -24.75 -56.19
N LEU G 111 39.63 -25.28 -55.60
CA LEU G 111 40.07 -24.88 -54.27
C LEU G 111 40.89 -23.59 -54.32
N THR G 112 40.90 -22.87 -53.21
CA THR G 112 41.67 -21.63 -53.10
C THR G 112 42.91 -21.91 -52.26
N THR G 113 42.77 -22.81 -51.29
CA THR G 113 43.88 -23.19 -50.42
C THR G 113 43.75 -24.63 -49.92
N CYS G 114 44.89 -25.32 -49.90
CA CYS G 114 44.96 -26.68 -49.39
C CYS G 114 46.15 -26.72 -48.43
N GLU G 115 45.87 -26.91 -47.15
CA GLU G 115 46.93 -26.88 -46.14
C GLU G 115 46.90 -28.04 -45.16
N ILE G 116 48.08 -28.33 -44.62
CA ILE G 116 48.23 -29.34 -43.58
C ILE G 116 48.99 -28.67 -42.44
N LYS G 117 48.25 -28.07 -41.53
CA LYS G 117 48.84 -27.35 -40.41
C LYS G 117 49.14 -28.26 -39.22
N PHE G 118 50.11 -27.84 -38.40
CA PHE G 118 50.51 -28.60 -37.23
C PHE G 118 51.43 -27.76 -36.36
N ASP G 119 51.56 -28.14 -35.10
CA ASP G 119 52.42 -27.44 -34.17
C ASP G 119 53.57 -28.34 -33.71
N ILE G 120 54.78 -27.80 -33.70
CA ILE G 120 55.95 -28.55 -33.25
C ILE G 120 56.16 -28.33 -31.76
N ASP G 121 56.16 -29.41 -31.00
CA ASP G 121 56.35 -29.31 -29.54
C ASP G 121 57.65 -28.58 -29.20
N GLU G 122 57.65 -27.92 -28.05
CA GLU G 122 58.81 -27.18 -27.59
C GLU G 122 59.99 -28.09 -27.23
N ALA G 123 59.67 -29.32 -26.81
CA ALA G 123 60.68 -30.28 -26.40
C ALA G 123 61.40 -30.94 -27.58
N ALA G 124 60.92 -30.67 -28.79
CA ALA G 124 61.52 -31.25 -30.00
C ALA G 124 63.03 -31.05 -30.04
N ALA G 125 63.76 -32.16 -30.13
CA ALA G 125 65.22 -32.12 -30.16
C ALA G 125 65.77 -31.19 -31.24
N GLY G 126 65.54 -31.55 -32.50
CA GLY G 126 66.01 -30.76 -33.64
C GLY G 126 65.17 -31.09 -34.86
N PRO G 127 63.89 -30.74 -34.78
CA PRO G 127 62.92 -31.03 -35.84
C PRO G 127 63.42 -30.81 -37.27
N LYS G 128 63.14 -31.79 -38.13
CA LYS G 128 63.49 -31.74 -39.54
C LYS G 128 62.35 -32.43 -40.29
N LEU G 129 61.64 -31.68 -41.11
CA LEU G 129 60.51 -32.24 -41.85
C LEU G 129 60.49 -31.89 -43.32
N SER G 130 60.22 -32.90 -44.15
CA SER G 130 60.12 -32.73 -45.59
C SER G 130 58.94 -33.56 -46.08
N ALA G 131 58.42 -33.22 -47.25
CA ALA G 131 57.27 -33.94 -47.79
C ALA G 131 57.40 -34.28 -49.27
N ILE G 132 56.84 -35.42 -49.64
CA ILE G 132 56.82 -35.87 -51.03
C ILE G 132 55.37 -36.13 -51.39
N ALA G 133 54.99 -35.76 -52.61
CA ALA G 133 53.61 -35.94 -53.05
C ALA G 133 53.45 -36.91 -54.22
N GLN G 134 52.51 -37.84 -54.06
CA GLN G 134 52.17 -38.79 -55.12
C GLN G 134 50.87 -38.25 -55.70
N LYS G 135 50.97 -37.53 -56.81
CA LYS G 135 49.81 -36.89 -57.41
C LYS G 135 49.31 -37.53 -58.70
N SER G 136 48.12 -37.10 -59.12
CA SER G 136 47.50 -37.57 -60.34
C SER G 136 46.68 -36.41 -60.91
N VAL G 137 46.05 -36.64 -62.06
CA VAL G 137 45.26 -35.60 -62.70
C VAL G 137 44.28 -34.92 -61.75
N GLY G 138 44.10 -33.62 -61.94
CA GLY G 138 43.23 -32.82 -61.07
C GLY G 138 41.76 -33.23 -61.07
N THR G 139 41.15 -33.15 -59.89
CA THR G 139 39.74 -33.47 -59.69
C THR G 139 39.24 -32.58 -58.56
N ALA G 140 37.92 -32.43 -58.45
CA ALA G 140 37.35 -31.65 -57.37
C ALA G 140 37.62 -32.41 -56.08
N PRO G 141 37.53 -31.73 -54.93
CA PRO G 141 37.75 -32.38 -53.65
C PRO G 141 36.88 -33.63 -53.57
N SER G 142 35.61 -33.49 -53.94
CA SER G 142 34.67 -34.61 -53.97
C SER G 142 34.66 -35.45 -52.69
N TRP G 143 34.52 -36.76 -52.86
CA TRP G 143 34.47 -37.69 -51.74
C TRP G 143 35.79 -37.70 -50.95
N LEU G 144 35.71 -37.33 -49.68
CA LEU G 144 36.89 -37.28 -48.82
C LEU G 144 36.59 -37.89 -47.45
N THR G 145 37.65 -38.33 -46.77
CA THR G 145 37.54 -38.88 -45.42
C THR G 145 37.71 -37.71 -44.46
N MET G 146 36.79 -37.56 -43.51
CA MET G 146 36.86 -36.46 -42.56
C MET G 146 36.97 -36.97 -41.12
N ARG G 147 38.20 -37.07 -40.65
CA ARG G 147 38.48 -37.55 -39.30
C ARG G 147 38.17 -36.47 -38.26
N ARG G 148 37.21 -36.76 -37.38
CA ARG G 148 36.80 -35.80 -36.35
C ARG G 148 37.12 -36.28 -34.94
N ASN G 149 37.45 -35.34 -34.06
CA ASN G 149 37.81 -35.64 -32.69
C ASN G 149 36.71 -35.26 -31.70
N PHE G 150 36.46 -36.13 -30.74
CA PHE G 150 35.46 -35.88 -29.70
C PHE G 150 35.94 -36.43 -28.37
N PHE G 151 35.68 -35.69 -27.29
CA PHE G 151 36.09 -36.12 -25.96
C PHE G 151 34.88 -36.29 -25.06
N LYS G 152 34.74 -37.47 -24.48
CA LYS G 152 33.59 -37.75 -23.62
C LYS G 152 34.00 -38.54 -22.39
N GLN G 153 33.24 -38.35 -21.31
CA GLN G 153 33.52 -39.03 -20.05
C GLN G 153 32.93 -40.43 -20.01
N LEU G 154 33.76 -41.39 -19.62
CA LEU G 154 33.34 -42.77 -19.49
C LEU G 154 33.28 -43.10 -18.01
N ASN G 155 32.29 -43.89 -17.62
CA ASN G 155 32.16 -44.24 -16.24
C ASN G 155 32.57 -45.68 -16.07
N ASN G 156 32.69 -46.06 -14.81
CA ASN G 156 32.96 -47.43 -14.50
C ASN G 156 31.54 -47.99 -14.32
N GLY G 157 31.09 -48.69 -15.36
CA GLY G 157 29.76 -49.23 -15.44
C GLY G 157 29.34 -49.04 -16.89
N THR G 158 28.23 -48.35 -17.13
CA THR G 158 27.75 -48.13 -18.48
C THR G 158 27.60 -46.66 -18.85
N THR G 159 28.21 -46.27 -19.96
CA THR G 159 28.11 -44.91 -20.46
C THR G 159 27.46 -44.93 -21.84
N GLU G 160 26.65 -43.92 -22.12
CA GLU G 160 25.97 -43.82 -23.41
C GLU G 160 26.30 -42.51 -24.13
N ILE G 161 26.71 -42.63 -25.39
CA ILE G 161 27.07 -41.47 -26.20
C ILE G 161 26.16 -41.37 -27.42
N ALA G 162 25.20 -40.46 -27.38
CA ALA G 162 24.24 -40.29 -28.47
C ALA G 162 24.27 -38.90 -29.10
N ASP G 163 25.23 -38.07 -28.69
CA ASP G 163 25.33 -36.71 -29.21
C ASP G 163 26.39 -36.53 -30.31
N LEU G 164 26.67 -37.61 -31.05
CA LEU G 164 27.64 -37.54 -32.13
C LEU G 164 27.03 -36.84 -33.34
N PRO G 165 27.78 -35.91 -33.93
CA PRO G 165 27.29 -35.17 -35.08
C PRO G 165 26.77 -36.10 -36.17
N ARG G 166 25.64 -35.72 -36.77
CA ARG G 166 25.03 -36.52 -37.82
C ARG G 166 24.80 -35.70 -39.09
N PRO G 167 25.88 -35.22 -39.69
CA PRO G 167 25.78 -34.44 -40.92
C PRO G 167 24.97 -35.20 -41.96
N VAL G 168 23.92 -34.58 -42.47
CA VAL G 168 23.03 -35.21 -43.45
C VAL G 168 23.73 -35.53 -44.77
N GLY G 169 23.52 -36.76 -45.25
CA GLY G 169 24.09 -37.20 -46.51
C GLY G 169 25.47 -37.83 -46.35
N TYR G 170 26.08 -37.59 -45.20
CA TYR G 170 27.40 -38.13 -44.90
C TYR G 170 27.31 -39.56 -44.40
N ARG G 171 28.46 -40.21 -44.30
CA ARG G 171 28.52 -41.59 -43.81
C ARG G 171 29.55 -41.71 -42.70
N ILE G 172 29.52 -42.84 -42.00
CA ILE G 172 30.48 -43.10 -40.94
C ILE G 172 31.19 -44.41 -41.25
N ALA G 173 32.49 -44.32 -41.55
CA ALA G 173 33.28 -45.49 -41.88
C ALA G 173 33.63 -46.29 -40.62
N ALA G 174 33.99 -45.58 -39.55
CA ALA G 174 34.35 -46.25 -38.31
C ALA G 174 34.32 -45.31 -37.12
N ILE G 175 34.33 -45.89 -35.92
CA ILE G 175 34.35 -45.15 -34.68
C ILE G 175 35.39 -45.79 -33.77
N HIS G 176 36.34 -44.98 -33.30
CA HIS G 176 37.40 -45.50 -32.43
C HIS G 176 37.31 -44.91 -31.02
N ILE G 177 37.03 -45.77 -30.04
CA ILE G 177 36.95 -45.35 -28.66
C ILE G 177 38.30 -45.53 -27.98
N LYS G 178 38.98 -44.43 -27.70
CA LYS G 178 40.28 -44.47 -27.07
C LYS G 178 40.18 -44.40 -25.55
N ALA G 179 40.16 -45.57 -24.92
CA ALA G 179 40.08 -45.67 -23.46
C ALA G 179 40.74 -46.97 -23.04
N ALA G 180 41.27 -47.01 -21.83
CA ALA G 180 41.97 -48.20 -21.34
C ALA G 180 41.11 -49.23 -20.60
N GLY G 181 39.89 -48.85 -20.22
CA GLY G 181 39.03 -49.76 -19.46
C GLY G 181 37.69 -50.12 -20.12
N VAL G 182 37.66 -50.18 -21.45
CA VAL G 182 36.44 -50.55 -22.16
C VAL G 182 36.33 -52.07 -22.32
N ASP G 183 35.27 -52.64 -21.75
CA ASP G 183 35.05 -54.09 -21.80
C ASP G 183 34.24 -54.51 -23.01
N ALA G 184 33.11 -53.83 -23.21
CA ALA G 184 32.22 -54.15 -24.32
C ALA G 184 31.50 -52.90 -24.79
N VAL G 185 31.03 -52.92 -26.04
CA VAL G 185 30.32 -51.79 -26.61
C VAL G 185 29.14 -52.26 -27.43
N GLU G 186 28.12 -51.43 -27.53
CA GLU G 186 26.93 -51.74 -28.30
C GLU G 186 26.58 -50.53 -29.15
N PHE G 187 26.25 -50.77 -30.41
CA PHE G 187 25.90 -49.68 -31.31
C PHE G 187 24.49 -49.86 -31.86
N GLN G 188 23.69 -48.81 -31.79
CA GLN G 188 22.32 -48.88 -32.29
C GLN G 188 21.86 -47.59 -32.96
N ILE G 189 20.93 -47.73 -33.89
CA ILE G 189 20.37 -46.60 -34.61
C ILE G 189 18.86 -46.76 -34.62
N ASP G 190 18.17 -45.85 -33.95
CA ASP G 190 16.71 -45.90 -33.89
C ASP G 190 16.23 -47.19 -33.22
N GLY G 191 16.86 -47.55 -32.11
CA GLY G 191 16.50 -48.76 -31.36
C GLY G 191 17.11 -50.03 -31.94
N THR G 192 17.35 -50.04 -33.25
CA THR G 192 17.93 -51.21 -33.90
C THR G 192 19.37 -51.43 -33.49
N LYS G 193 19.66 -52.61 -32.94
CA LYS G 193 20.99 -52.96 -32.47
C LYS G 193 21.84 -53.55 -33.59
N TRP G 194 22.57 -52.70 -34.30
CA TRP G 194 23.41 -53.14 -35.40
C TRP G 194 24.65 -53.88 -34.89
N ARG G 195 25.06 -53.53 -33.68
CA ARG G 195 26.20 -54.18 -33.05
C ARG G 195 25.80 -54.53 -31.62
N ASP G 196 25.59 -55.81 -31.37
CA ASP G 196 25.23 -56.27 -30.04
C ASP G 196 26.31 -55.87 -29.05
N LEU G 197 26.02 -56.00 -27.77
CA LEU G 197 27.00 -55.70 -26.74
C LEU G 197 28.14 -56.71 -26.92
N LEU G 198 29.06 -56.40 -27.81
CA LEU G 198 30.18 -57.29 -28.11
C LEU G 198 31.36 -57.08 -27.18
N LYS G 199 31.85 -58.17 -26.60
CA LYS G 199 33.01 -58.10 -25.71
C LYS G 199 34.22 -57.70 -26.53
N LYS G 200 35.15 -56.98 -25.91
CA LYS G 200 36.36 -56.53 -26.59
C LYS G 200 37.07 -57.66 -27.34
N ALA G 201 37.26 -58.80 -26.66
CA ALA G 201 37.93 -59.95 -27.27
C ALA G 201 37.20 -60.41 -28.53
N ASP G 202 35.88 -60.35 -28.51
CA ASP G 202 35.07 -60.78 -29.65
C ASP G 202 35.12 -59.76 -30.78
N ASN G 203 35.05 -58.48 -30.43
CA ASN G 203 35.10 -57.40 -31.40
C ASN G 203 36.47 -57.38 -32.08
N ASP G 204 37.51 -57.53 -31.27
CA ASP G 204 38.89 -57.53 -31.77
C ASP G 204 39.17 -58.73 -32.67
N TYR G 205 38.47 -59.82 -32.44
CA TYR G 205 38.65 -61.03 -33.25
C TYR G 205 38.10 -60.80 -34.65
N ILE G 206 36.94 -60.15 -34.72
CA ILE G 206 36.32 -59.85 -36.01
C ILE G 206 37.20 -58.87 -36.80
N LEU G 207 37.77 -57.89 -36.10
CA LEU G 207 38.64 -56.92 -36.73
C LEU G 207 39.82 -57.62 -37.39
N GLU G 208 40.54 -58.41 -36.61
CA GLU G 208 41.69 -59.16 -37.11
C GLU G 208 41.27 -60.11 -38.23
N GLN G 209 40.03 -60.59 -38.15
CA GLN G 209 39.49 -61.52 -39.14
C GLN G 209 39.46 -60.88 -40.51
N TYR G 210 39.49 -59.55 -40.56
CA TYR G 210 39.44 -58.81 -41.81
C TYR G 210 40.76 -58.11 -42.18
N GLY G 211 41.86 -58.61 -41.62
CA GLY G 211 43.19 -58.07 -41.92
C GLY G 211 43.53 -56.78 -41.21
N LYS G 212 42.75 -56.42 -40.18
CA LYS G 212 43.01 -55.20 -39.43
C LYS G 212 43.83 -55.48 -38.18
N ALA G 213 44.56 -54.48 -37.72
CA ALA G 213 45.38 -54.61 -36.53
C ALA G 213 44.68 -53.91 -35.37
N VAL G 214 44.59 -54.58 -34.23
CA VAL G 214 43.95 -54.00 -33.05
C VAL G 214 44.87 -52.98 -32.38
N LEU G 215 44.36 -51.77 -32.17
CA LEU G 215 45.13 -50.71 -31.54
C LEU G 215 45.02 -50.78 -30.02
N ASP G 216 46.11 -50.48 -29.33
CA ASP G 216 46.14 -50.51 -27.87
C ASP G 216 45.17 -49.49 -27.27
N ASN G 217 44.48 -49.90 -26.20
CA ASN G 217 43.54 -49.03 -25.51
C ASN G 217 42.54 -48.38 -26.46
N THR G 218 42.06 -49.18 -27.42
CA THR G 218 41.10 -48.70 -28.41
C THR G 218 40.06 -49.75 -28.74
N TYR G 219 38.79 -49.33 -28.81
CA TYR G 219 37.71 -50.21 -29.22
C TYR G 219 37.20 -49.69 -30.55
N THR G 220 37.58 -50.36 -31.63
CA THR G 220 37.22 -49.93 -32.97
C THR G 220 35.94 -50.58 -33.49
N ILE G 221 35.03 -49.75 -33.99
CA ILE G 221 33.80 -50.21 -34.59
C ILE G 221 33.89 -49.93 -36.09
N ASP G 222 34.47 -50.89 -36.81
CA ASP G 222 34.68 -50.77 -38.25
C ASP G 222 33.41 -51.11 -39.03
N PHE G 223 32.88 -50.13 -39.75
CA PHE G 223 31.67 -50.33 -40.54
C PHE G 223 32.01 -50.66 -41.99
N MET G 224 33.29 -50.77 -42.29
CA MET G 224 33.74 -51.08 -43.66
C MET G 224 34.76 -52.21 -43.65
N LEU G 225 34.52 -53.22 -42.82
CA LEU G 225 35.42 -54.37 -42.71
C LEU G 225 35.69 -55.07 -44.03
N GLU G 226 34.68 -55.14 -44.89
CA GLU G 226 34.82 -55.79 -46.19
C GLU G 226 35.44 -54.87 -47.24
N GLY G 227 35.52 -53.58 -46.92
CA GLY G 227 36.08 -52.61 -47.85
C GLY G 227 34.96 -51.98 -48.68
N ASP G 228 33.74 -52.43 -48.43
CA ASP G 228 32.56 -51.92 -49.13
C ASP G 228 32.07 -50.63 -48.48
N VAL G 229 32.11 -49.54 -49.24
CA VAL G 229 31.68 -48.24 -48.74
C VAL G 229 30.20 -48.20 -48.37
N TYR G 230 29.42 -49.08 -49.01
CA TYR G 230 27.97 -49.15 -48.77
C TYR G 230 27.62 -49.84 -47.47
N GLN G 231 28.63 -50.32 -46.76
CA GLN G 231 28.41 -51.00 -45.50
C GLN G 231 28.51 -50.00 -44.35
N SER G 232 29.07 -48.83 -44.66
CA SER G 232 29.23 -47.78 -43.67
C SER G 232 27.88 -47.20 -43.27
N VAL G 233 27.86 -46.50 -42.14
CA VAL G 233 26.63 -45.89 -41.64
C VAL G 233 26.22 -44.68 -42.47
N LEU G 234 25.05 -44.76 -43.09
CA LEU G 234 24.53 -43.65 -43.89
C LEU G 234 23.71 -42.74 -42.98
N LEU G 235 24.24 -41.55 -42.70
CA LEU G 235 23.56 -40.60 -41.83
C LEU G 235 22.30 -40.05 -42.47
N ASP G 236 21.26 -40.88 -42.49
CA ASP G 236 19.96 -40.53 -43.05
C ASP G 236 19.32 -39.38 -42.29
N GLN G 237 18.82 -38.40 -43.03
CA GLN G 237 18.17 -37.24 -42.44
C GLN G 237 16.94 -37.64 -41.63
N MET G 238 16.68 -38.95 -41.55
CA MET G 238 15.54 -39.46 -40.83
C MET G 238 15.88 -40.24 -39.56
N ILE G 239 17.17 -40.47 -39.32
CA ILE G 239 17.59 -41.19 -38.12
C ILE G 239 17.24 -40.36 -36.89
N GLN G 240 16.55 -40.99 -35.94
CA GLN G 240 16.14 -40.30 -34.73
C GLN G 240 17.13 -40.47 -33.59
N ASP G 241 17.80 -41.61 -33.55
CA ASP G 241 18.76 -41.90 -32.49
C ASP G 241 19.96 -42.70 -32.96
N LEU G 242 21.16 -42.16 -32.72
CA LEU G 242 22.42 -42.81 -33.06
C LEU G 242 23.12 -42.94 -31.71
N ARG G 243 23.03 -44.12 -31.11
CA ARG G 243 23.57 -44.33 -29.77
C ARG G 243 24.71 -45.33 -29.63
N LEU G 244 25.53 -45.10 -28.61
CA LEU G 244 26.67 -45.96 -28.30
C LEU G 244 26.62 -46.29 -26.81
N LYS G 245 26.55 -47.58 -26.49
CA LYS G 245 26.51 -48.00 -25.09
C LYS G 245 27.84 -48.63 -24.71
N ILE G 246 28.63 -47.90 -23.93
CA ILE G 246 29.95 -48.37 -23.53
C ILE G 246 30.02 -48.92 -22.12
N ASP G 247 30.50 -50.17 -22.00
CA ASP G 247 30.65 -50.81 -20.71
C ASP G 247 32.12 -50.71 -20.31
N SER G 248 32.43 -49.78 -19.42
CA SER G 248 33.81 -49.57 -18.99
C SER G 248 34.06 -50.13 -17.59
N THR G 249 35.33 -50.15 -17.20
CA THR G 249 35.74 -50.65 -15.89
C THR G 249 36.49 -49.54 -15.17
N MET G 250 36.70 -48.43 -15.88
CA MET G 250 37.42 -47.30 -15.34
C MET G 250 36.62 -46.02 -15.53
N ASP G 251 36.93 -45.01 -14.73
CA ASP G 251 36.27 -43.72 -14.86
C ASP G 251 37.29 -42.77 -15.48
N GLU G 252 37.20 -42.60 -16.80
CA GLU G 252 38.14 -41.77 -17.52
C GLU G 252 37.48 -41.00 -18.66
N GLN G 253 38.23 -40.10 -19.27
CA GLN G 253 37.73 -39.33 -20.40
C GLN G 253 38.26 -40.01 -21.67
N ALA G 254 37.35 -40.49 -22.49
CA ALA G 254 37.70 -41.18 -23.72
C ALA G 254 37.77 -40.22 -24.90
N GLU G 255 38.67 -40.49 -25.83
CA GLU G 255 38.76 -39.70 -27.04
C GLU G 255 38.08 -40.51 -28.13
N ILE G 256 36.92 -40.04 -28.58
CA ILE G 256 36.16 -40.74 -29.60
C ILE G 256 36.53 -40.23 -31.00
N ILE G 257 37.10 -41.11 -31.81
CA ILE G 257 37.47 -40.76 -33.18
C ILE G 257 36.39 -41.24 -34.14
N VAL G 258 35.83 -40.32 -34.91
CA VAL G 258 34.81 -40.67 -35.89
C VAL G 258 35.27 -40.36 -37.30
N GLU G 259 35.36 -41.39 -38.12
CA GLU G 259 35.78 -41.23 -39.51
C GLU G 259 34.56 -41.02 -40.39
N TYR G 260 34.27 -39.75 -40.68
CA TYR G 260 33.13 -39.41 -41.53
C TYR G 260 33.53 -39.48 -42.99
N MET G 261 32.53 -39.47 -43.87
CA MET G 261 32.76 -39.52 -45.31
C MET G 261 31.65 -38.78 -46.03
N GLY G 262 31.99 -38.10 -47.11
CA GLY G 262 31.01 -37.36 -47.89
C GLY G 262 31.70 -36.48 -48.93
N VAL G 263 30.92 -35.96 -49.86
CA VAL G 263 31.40 -35.06 -50.90
C VAL G 263 31.67 -33.73 -50.24
N TRP G 264 32.92 -33.32 -50.29
CA TRP G 264 33.34 -32.06 -49.69
C TRP G 264 32.56 -30.88 -50.25
N SER G 265 32.10 -30.02 -49.34
CA SER G 265 31.35 -28.84 -49.73
C SER G 265 31.93 -27.61 -49.03
N ARG G 266 32.03 -26.52 -49.79
CA ARG G 266 32.58 -25.26 -49.28
C ARG G 266 31.84 -24.77 -48.04
N ASN G 267 30.59 -25.19 -47.88
CA ASN G 267 29.79 -24.78 -46.74
C ASN G 267 29.22 -26.00 -46.03
N GLY G 268 29.94 -27.11 -46.10
CA GLY G 268 29.49 -28.35 -45.48
C GLY G 268 30.26 -28.73 -44.22
N PHE G 269 30.04 -29.96 -43.76
CA PHE G 269 30.68 -30.49 -42.56
C PHE G 269 32.18 -30.24 -42.53
N MET H 1 -44.51 24.11 24.42
CA MET H 1 -44.45 24.12 25.87
C MET H 1 -44.82 22.75 26.44
N ARG H 2 -44.03 22.29 27.42
CA ARG H 2 -44.28 21.01 28.06
C ARG H 2 -45.12 21.23 29.31
N SER H 3 -45.73 20.15 29.81
CA SER H 3 -46.52 20.22 31.02
C SER H 3 -46.01 19.23 32.04
N PHE H 4 -45.76 19.71 33.25
CA PHE H 4 -45.30 18.87 34.35
C PHE H 4 -46.48 18.63 35.28
N LEU H 5 -46.92 17.38 35.37
CA LEU H 5 -48.08 17.04 36.17
C LEU H 5 -47.80 16.05 37.30
N ASN H 6 -48.48 16.25 38.42
CA ASN H 6 -48.38 15.35 39.55
C ASN H 6 -49.44 14.28 39.31
N LEU H 7 -49.01 13.14 38.79
CA LEU H 7 -49.94 12.05 38.48
C LEU H 7 -50.85 11.70 39.65
N ASN H 8 -52.02 11.14 39.34
CA ASN H 8 -52.98 10.76 40.37
C ASN H 8 -52.33 9.78 41.33
N SER H 9 -52.85 9.74 42.56
CA SER H 9 -52.31 8.86 43.58
C SER H 9 -52.35 7.40 43.15
N ILE H 10 -51.27 6.67 43.44
CA ILE H 10 -51.20 5.26 43.11
C ILE H 10 -52.04 4.46 44.10
N PRO H 11 -53.04 3.76 43.59
CA PRO H 11 -53.97 3.00 44.43
C PRO H 11 -53.35 1.78 45.12
N ASN H 12 -53.72 1.61 46.38
CA ASN H 12 -53.29 0.47 47.20
C ASN H 12 -51.80 0.18 47.24
N VAL H 13 -51.01 1.15 47.70
CA VAL H 13 -49.57 0.95 47.82
C VAL H 13 -49.25 0.32 49.17
N ALA H 14 -49.02 -1.00 49.17
CA ALA H 14 -48.70 -1.72 50.39
C ALA H 14 -47.83 -2.94 50.09
N ALA H 15 -47.14 -3.43 51.11
CA ALA H 15 -46.27 -4.60 50.94
C ALA H 15 -47.05 -5.82 50.48
N GLY H 16 -46.51 -6.52 49.48
CA GLY H 16 -47.13 -7.72 48.96
C GLY H 16 -48.29 -7.41 48.00
N ASN H 17 -48.52 -6.14 47.75
CA ASN H 17 -49.60 -5.70 46.87
C ASN H 17 -49.15 -5.61 45.40
N SER H 18 -50.11 -5.71 44.50
CA SER H 18 -49.85 -5.57 43.08
C SER H 18 -50.47 -4.25 42.62
N CYS H 19 -49.63 -3.25 42.41
CA CYS H 19 -50.12 -1.94 42.03
C CYS H 19 -49.90 -1.63 40.55
N SER H 20 -50.46 -0.52 40.10
CA SER H 20 -50.34 -0.11 38.70
C SER H 20 -50.41 1.40 38.56
N ILE H 21 -49.65 1.94 37.60
CA ILE H 21 -49.67 3.37 37.33
C ILE H 21 -50.44 3.56 36.03
N LYS H 22 -51.74 3.79 36.15
CA LYS H 22 -52.58 3.98 34.98
C LYS H 22 -52.44 5.39 34.43
N LEU H 23 -51.92 5.49 33.21
CA LEU H 23 -51.70 6.78 32.57
C LEU H 23 -52.87 7.21 31.70
N PRO H 24 -53.31 8.45 31.89
CA PRO H 24 -54.41 9.01 31.11
C PRO H 24 -54.02 9.14 29.65
N ILE H 25 -54.90 8.67 28.77
CA ILE H 25 -54.64 8.71 27.33
C ILE H 25 -54.96 10.08 26.73
N GLY H 26 -54.21 10.47 25.70
CA GLY H 26 -54.44 11.75 25.05
C GLY H 26 -53.16 12.47 24.65
N GLN H 27 -52.20 12.52 25.57
CA GLN H 27 -50.94 13.22 25.32
C GLN H 27 -49.73 12.30 25.17
N THR H 28 -48.55 12.91 25.19
CA THR H 28 -47.30 12.18 25.05
C THR H 28 -46.49 12.23 26.34
N TYR H 29 -46.00 11.07 26.78
CA TYR H 29 -45.20 11.00 28.00
C TYR H 29 -43.72 10.88 27.64
N GLU H 30 -42.97 11.94 27.89
CA GLU H 30 -41.54 11.95 27.60
C GLU H 30 -40.77 11.29 28.74
N VAL H 31 -41.14 11.64 29.97
CA VAL H 31 -40.48 11.09 31.15
C VAL H 31 -41.47 10.92 32.29
N ILE H 32 -41.28 9.86 33.08
CA ILE H 32 -42.13 9.61 34.23
C ILE H 32 -41.25 9.42 35.45
N ASP H 33 -41.30 10.38 36.38
CA ASP H 33 -40.50 10.33 37.59
C ASP H 33 -41.24 9.62 38.72
N LEU H 34 -40.73 8.46 39.12
CA LEU H 34 -41.33 7.68 40.19
C LEU H 34 -40.59 7.83 41.52
N ARG H 35 -41.24 8.43 42.49
CA ARG H 35 -40.65 8.63 43.81
C ARG H 35 -41.01 7.45 44.70
N TYR H 36 -40.02 6.91 45.40
CA TYR H 36 -40.25 5.76 46.27
C TYR H 36 -39.60 5.93 47.64
N SER H 37 -40.21 5.30 48.65
CA SER H 37 -39.69 5.35 50.01
C SER H 37 -40.36 4.22 50.81
N GLY H 38 -39.64 3.70 51.80
CA GLY H 38 -40.15 2.61 52.61
C GLY H 38 -40.06 1.30 51.83
N VAL H 39 -39.29 1.33 50.74
CA VAL H 39 -39.11 0.16 49.88
C VAL H 39 -37.88 0.34 49.00
N THR H 40 -37.21 -0.76 48.68
CA THR H 40 -36.02 -0.70 47.83
C THR H 40 -36.43 -0.95 46.39
N PRO H 41 -35.62 -0.46 45.45
CA PRO H 41 -35.90 -0.64 44.03
C PRO H 41 -35.97 -2.12 43.69
N SER H 42 -35.19 -2.93 44.40
CA SER H 42 -35.19 -4.37 44.19
C SER H 42 -36.45 -5.02 44.77
N GLN H 43 -37.16 -4.27 45.60
CA GLN H 43 -38.39 -4.76 46.22
C GLN H 43 -39.61 -4.45 45.35
N ILE H 44 -39.38 -3.72 44.26
CA ILE H 44 -40.43 -3.41 43.30
C ILE H 44 -40.21 -4.34 42.11
N LYS H 45 -40.82 -5.52 42.17
CA LYS H 45 -40.63 -6.54 41.16
C LYS H 45 -41.61 -6.54 39.98
N ASN H 46 -41.23 -7.28 38.94
CA ASN H 46 -42.03 -7.44 37.74
C ASN H 46 -42.65 -6.15 37.21
N VAL H 47 -41.79 -5.21 36.84
CA VAL H 47 -42.25 -3.94 36.29
C VAL H 47 -42.58 -4.13 34.81
N ARG H 48 -43.83 -3.92 34.45
CA ARG H 48 -44.28 -4.09 33.07
C ARG H 48 -44.94 -2.84 32.49
N VAL H 49 -44.46 -2.39 31.34
CA VAL H 49 -45.05 -1.26 30.65
C VAL H 49 -45.99 -1.84 29.60
N GLU H 50 -47.29 -1.65 29.79
CA GLU H 50 -48.27 -2.21 28.87
C GLU H 50 -49.08 -1.18 28.11
N LEU H 51 -49.20 -1.40 26.80
CA LEU H 51 -49.98 -0.53 25.92
C LEU H 51 -51.13 -1.36 25.37
N ASP H 52 -52.35 -1.03 25.80
CA ASP H 52 -53.53 -1.76 25.35
C ASP H 52 -53.51 -3.21 25.83
N GLY H 53 -52.94 -3.43 27.01
CA GLY H 53 -52.88 -4.76 27.61
C GLY H 53 -51.68 -5.57 27.14
N ARG H 54 -51.02 -5.08 26.10
CA ARG H 54 -49.85 -5.77 25.57
C ARG H 54 -48.56 -5.27 26.22
N LEU H 55 -47.60 -6.17 26.37
CA LEU H 55 -46.33 -5.82 27.01
C LEU H 55 -45.41 -5.05 26.07
N LEU H 56 -44.85 -3.96 26.58
CA LEU H 56 -43.92 -3.15 25.80
C LEU H 56 -42.51 -3.40 26.34
N SER H 57 -42.29 -3.03 27.60
CA SER H 57 -41.00 -3.22 28.25
C SER H 57 -41.20 -3.94 29.58
N THR H 58 -40.18 -4.69 29.98
CA THR H 58 -40.24 -5.43 31.24
C THR H 58 -38.97 -5.31 32.07
N TYR H 59 -39.13 -5.18 33.38
CA TYR H 59 -38.00 -5.08 34.30
C TYR H 59 -38.23 -6.05 35.43
N LYS H 60 -37.27 -6.96 35.65
CA LYS H 60 -37.38 -7.93 36.74
C LYS H 60 -37.64 -7.16 38.05
N THR H 61 -36.89 -6.09 38.25
CA THR H 61 -37.05 -5.24 39.42
C THR H 61 -36.77 -3.79 39.03
N LEU H 62 -37.22 -2.86 39.86
CA LEU H 62 -37.02 -1.44 39.59
C LEU H 62 -35.54 -1.08 39.55
N ASN H 63 -34.72 -1.93 40.14
CA ASN H 63 -33.28 -1.70 40.16
C ASN H 63 -32.67 -1.77 38.77
N ASP H 64 -33.32 -2.50 37.88
CA ASP H 64 -32.85 -2.64 36.51
C ASP H 64 -33.08 -1.35 35.73
N LEU H 65 -34.05 -0.56 36.16
CA LEU H 65 -34.34 0.72 35.53
C LEU H 65 -33.30 1.73 36.01
N ILE H 66 -32.85 1.55 37.24
CA ILE H 66 -31.82 2.42 37.81
C ILE H 66 -30.50 2.18 37.10
N LEU H 67 -30.23 0.91 36.79
CA LEU H 67 -29.01 0.53 36.10
C LEU H 67 -29.06 0.95 34.63
N GLU H 68 -30.26 0.92 34.06
CA GLU H 68 -30.45 1.33 32.68
C GLU H 68 -30.07 2.81 32.52
N ASN H 69 -30.49 3.61 33.49
CA ASN H 69 -30.20 5.05 33.48
C ASN H 69 -28.74 5.31 33.81
N THR H 70 -28.19 4.53 34.74
CA THR H 70 -26.80 4.68 35.15
C THR H 70 -25.85 4.43 33.99
N ARG H 71 -26.18 3.44 33.16
CA ARG H 71 -25.37 3.08 32.01
C ARG H 71 -25.16 4.25 31.05
N HIS H 72 -26.22 5.03 30.85
CA HIS H 72 -26.15 6.17 29.94
C HIS H 72 -25.65 7.41 30.67
N LYS H 73 -25.30 7.23 31.94
CA LYS H 73 -24.81 8.33 32.76
C LYS H 73 -25.87 9.41 32.96
N ARG H 74 -27.12 8.98 33.10
CA ARG H 74 -28.22 9.90 33.33
C ARG H 74 -28.25 10.25 34.83
N LYS H 75 -28.84 11.38 35.15
CA LYS H 75 -28.91 11.83 36.54
C LYS H 75 -29.62 10.82 37.43
N ILE H 76 -28.91 10.33 38.44
CA ILE H 76 -29.45 9.37 39.37
C ILE H 76 -29.60 10.00 40.75
N LYS H 77 -30.77 9.85 41.35
CA LYS H 77 -31.03 10.41 42.66
C LYS H 77 -31.73 9.37 43.54
N ALA H 78 -31.25 9.24 44.77
CA ALA H 78 -31.82 8.29 45.71
C ALA H 78 -33.23 8.70 46.09
N GLY H 79 -34.16 7.75 46.05
CA GLY H 79 -35.55 8.02 46.39
C GLY H 79 -36.39 8.30 45.14
N VAL H 80 -35.74 8.31 43.98
CA VAL H 80 -36.43 8.56 42.72
C VAL H 80 -35.82 7.80 41.56
N VAL H 81 -36.67 7.29 40.69
CA VAL H 81 -36.24 6.57 39.50
C VAL H 81 -37.13 7.00 38.34
N SER H 82 -36.52 7.41 37.24
CA SER H 82 -37.27 7.89 36.09
C SER H 82 -37.37 6.91 34.94
N PHE H 83 -38.47 7.01 34.19
CA PHE H 83 -38.70 6.20 33.01
C PHE H 83 -38.43 7.12 31.82
N HIS H 84 -37.24 7.00 31.25
CA HIS H 84 -36.87 7.84 30.13
C HIS H 84 -37.35 7.26 28.80
N PHE H 85 -38.51 7.70 28.34
CA PHE H 85 -39.04 7.24 27.07
C PHE H 85 -38.28 7.96 25.98
N VAL H 86 -38.11 9.27 26.15
CA VAL H 86 -37.33 10.07 25.24
C VAL H 86 -35.87 9.75 25.54
N ARG H 87 -35.10 9.37 24.52
CA ARG H 87 -33.71 9.01 24.72
C ARG H 87 -32.79 10.21 24.49
N PRO H 88 -32.30 10.77 25.59
CA PRO H 88 -31.45 11.96 25.57
C PRO H 88 -30.11 11.81 24.86
N GLU H 89 -29.65 10.57 24.72
CA GLU H 89 -28.37 10.30 24.07
C GLU H 89 -28.46 10.22 22.55
N MET H 90 -29.67 10.25 22.01
CA MET H 90 -29.87 10.17 20.57
C MET H 90 -29.26 11.34 19.81
N LYS H 91 -28.69 11.03 18.64
CA LYS H 91 -28.09 12.03 17.78
C LYS H 91 -28.67 11.87 16.39
N GLY H 92 -29.04 12.99 15.76
CA GLY H 92 -29.65 12.94 14.44
C GLY H 92 -28.62 12.83 13.31
N VAL H 93 -28.99 12.14 12.25
CA VAL H 93 -28.12 11.98 11.09
C VAL H 93 -28.64 12.84 9.94
N ASN H 94 -29.95 12.77 9.71
CA ASN H 94 -30.60 13.54 8.67
C ASN H 94 -31.68 14.42 9.29
N VAL H 95 -31.75 14.39 10.62
CA VAL H 95 -32.70 15.19 11.39
C VAL H 95 -31.94 15.72 12.60
N THR H 96 -32.55 16.64 13.33
CA THR H 96 -31.91 17.22 14.51
C THR H 96 -31.85 16.21 15.64
N ASP H 97 -30.91 16.42 16.56
CA ASP H 97 -30.76 15.53 17.71
C ASP H 97 -32.07 15.48 18.50
N LEU H 98 -32.69 16.66 18.68
CA LEU H 98 -33.93 16.76 19.42
C LEU H 98 -35.03 15.87 18.84
N VAL H 99 -35.12 15.84 17.51
CA VAL H 99 -36.13 15.03 16.83
C VAL H 99 -35.86 13.55 17.04
N GLN H 100 -34.59 13.17 17.01
CA GLN H 100 -34.19 11.78 17.19
C GLN H 100 -34.41 11.30 18.62
N GLN H 101 -34.31 12.21 19.58
CA GLN H 101 -34.51 11.87 20.98
C GLN H 101 -35.99 11.80 21.33
N ARG H 102 -36.74 12.81 20.90
CA ARG H 102 -38.17 12.90 21.19
C ARG H 102 -38.97 11.82 20.47
N MET H 103 -38.40 11.28 19.40
CA MET H 103 -39.08 10.26 18.62
C MET H 103 -39.41 8.99 19.43
N PHE H 104 -38.73 8.82 20.56
CA PHE H 104 -38.94 7.65 21.42
C PHE H 104 -39.99 7.90 22.51
N ALA H 105 -40.49 9.13 22.57
CA ALA H 105 -41.49 9.49 23.58
C ALA H 105 -42.71 8.56 23.51
N LEU H 106 -43.34 8.34 24.65
CA LEU H 106 -44.51 7.46 24.73
C LEU H 106 -45.81 8.17 24.36
N GLY H 107 -46.14 8.19 23.07
CA GLY H 107 -47.37 8.80 22.60
C GLY H 107 -48.51 7.85 23.00
N THR H 108 -49.67 8.42 23.31
CA THR H 108 -50.81 7.60 23.73
C THR H 108 -52.03 7.71 22.81
N VAL H 109 -51.93 8.57 21.80
CA VAL H 109 -53.05 8.76 20.87
C VAL H 109 -53.45 7.46 20.18
N GLY H 110 -54.75 7.13 20.27
CA GLY H 110 -55.27 5.92 19.65
C GLY H 110 -55.27 4.75 20.63
N LEU H 111 -54.64 4.95 21.78
CA LEU H 111 -54.56 3.91 22.80
C LEU H 111 -55.83 3.82 23.62
N THR H 112 -56.06 2.64 24.20
CA THR H 112 -57.23 2.41 25.05
C THR H 112 -56.76 2.38 26.50
N THR H 113 -55.56 1.87 26.71
CA THR H 113 -54.97 1.81 28.05
C THR H 113 -53.45 1.90 28.03
N CYS H 114 -52.91 2.63 28.99
CA CYS H 114 -51.47 2.79 29.14
C CYS H 114 -51.17 2.58 30.63
N GLU H 115 -50.49 1.48 30.93
CA GLU H 115 -50.22 1.12 32.31
C GLU H 115 -48.78 0.75 32.61
N ILE H 116 -48.41 0.94 33.87
CA ILE H 116 -47.09 0.57 34.36
C ILE H 116 -47.32 -0.28 35.61
N LYS H 117 -47.47 -1.59 35.40
CA LYS H 117 -47.74 -2.52 36.48
C LYS H 117 -46.48 -2.99 37.20
N PHE H 118 -46.64 -3.38 38.46
CA PHE H 118 -45.52 -3.87 39.25
C PHE H 118 -46.04 -4.47 40.55
N ASP H 119 -45.21 -5.30 41.19
CA ASP H 119 -45.57 -5.95 42.43
C ASP H 119 -44.68 -5.47 43.57
N ILE H 120 -45.29 -5.17 44.71
CA ILE H 120 -44.53 -4.72 45.87
C ILE H 120 -44.18 -5.92 46.74
N ASP H 121 -42.89 -6.14 46.96
CA ASP H 121 -42.45 -7.25 47.78
C ASP H 121 -43.09 -7.24 49.16
N GLU H 122 -43.25 -8.43 49.73
CA GLU H 122 -43.87 -8.58 51.05
C GLU H 122 -43.00 -8.00 52.16
N ALA H 123 -41.68 -8.01 51.96
CA ALA H 123 -40.74 -7.51 52.95
C ALA H 123 -40.66 -5.98 53.01
N ALA H 124 -41.32 -5.32 52.08
CA ALA H 124 -41.31 -3.86 52.02
C ALA H 124 -41.66 -3.25 53.38
N ALA H 125 -40.75 -2.42 53.89
CA ALA H 125 -40.93 -1.77 55.19
C ALA H 125 -42.26 -1.01 55.28
N GLY H 126 -42.39 0.05 54.49
CA GLY H 126 -43.59 0.86 54.48
C GLY H 126 -43.68 1.61 53.16
N PRO H 127 -43.86 0.86 52.08
CA PRO H 127 -43.92 1.40 50.73
C PRO H 127 -44.72 2.69 50.57
N LYS H 128 -44.13 3.64 49.86
CA LYS H 128 -44.75 4.92 49.54
C LYS H 128 -44.31 5.30 48.14
N LEU H 129 -45.25 5.35 47.20
CA LEU H 129 -44.92 5.66 45.82
C LEU H 129 -45.82 6.73 45.19
N SER H 130 -45.19 7.65 44.48
CA SER H 130 -45.89 8.72 43.78
C SER H 130 -45.20 8.94 42.44
N ALA H 131 -45.92 9.51 41.49
CA ALA H 131 -45.34 9.72 40.16
C ALA H 131 -45.64 11.10 39.57
N ILE H 132 -44.68 11.61 38.82
CA ILE H 132 -44.79 12.90 38.15
C ILE H 132 -44.57 12.66 36.67
N ALA H 133 -45.35 13.33 35.83
CA ALA H 133 -45.22 13.15 34.39
C ALA H 133 -44.78 14.39 33.63
N GLN H 134 -43.76 14.22 32.79
CA GLN H 134 -43.29 15.30 31.93
C GLN H 134 -43.87 14.97 30.57
N LYS H 135 -44.97 15.65 30.23
CA LYS H 135 -45.68 15.39 28.99
C LYS H 135 -45.54 16.46 27.92
N SER H 136 -46.00 16.12 26.72
CA SER H 136 -45.97 17.02 25.57
C SER H 136 -47.17 16.67 24.70
N VAL H 137 -47.37 17.43 23.62
CA VAL H 137 -48.49 17.18 22.72
C VAL H 137 -48.65 15.72 22.33
N GLY H 138 -49.90 15.28 22.22
CA GLY H 138 -50.22 13.89 21.89
C GLY H 138 -49.70 13.40 20.54
N THR H 139 -49.26 12.14 20.53
CA THR H 139 -48.76 11.48 19.32
C THR H 139 -49.08 10.00 19.44
N ALA H 140 -49.04 9.27 18.33
CA ALA H 140 -49.30 7.84 18.37
C ALA H 140 -48.12 7.21 19.10
N PRO H 141 -48.30 5.99 19.60
CA PRO H 141 -47.23 5.29 20.30
C PRO H 141 -45.97 5.32 19.43
N SER H 142 -46.15 5.03 18.15
CA SER H 142 -45.07 5.09 17.18
C SER H 142 -43.78 4.39 17.62
N TRP H 143 -42.65 4.96 17.24
CA TRP H 143 -41.33 4.40 17.56
C TRP H 143 -41.11 4.32 19.06
N LEU H 144 -40.97 3.10 19.58
CA LEU H 144 -40.78 2.89 21.00
C LEU H 144 -39.65 1.91 21.30
N THR H 145 -39.10 2.00 22.50
CA THR H 145 -38.07 1.09 22.95
C THR H 145 -38.78 -0.07 23.64
N MET H 146 -38.45 -1.29 23.24
CA MET H 146 -39.08 -2.47 23.82
C MET H 146 -38.08 -3.37 24.54
N ARG H 147 -37.93 -3.15 25.84
CA ARG H 147 -37.01 -3.93 26.66
C ARG H 147 -37.57 -5.33 26.94
N ARG H 148 -36.86 -6.35 26.46
CA ARG H 148 -37.28 -7.74 26.64
C ARG H 148 -36.32 -8.54 27.51
N ASN H 149 -36.88 -9.48 28.27
CA ASN H 149 -36.12 -10.30 29.19
C ASN H 149 -35.95 -11.74 28.70
N PHE H 150 -34.74 -12.27 28.83
CA PHE H 150 -34.45 -13.65 28.42
C PHE H 150 -33.48 -14.30 29.41
N PHE H 151 -33.70 -15.57 29.73
CA PHE H 151 -32.83 -16.28 30.66
C PHE H 151 -32.19 -17.49 29.97
N LYS H 152 -30.86 -17.57 30.04
CA LYS H 152 -30.15 -18.68 29.41
C LYS H 152 -28.98 -19.18 30.25
N GLN H 153 -28.78 -20.49 30.23
CA GLN H 153 -27.70 -21.11 30.98
C GLN H 153 -26.34 -20.89 30.28
N LEU H 154 -25.38 -20.33 31.02
CA LEU H 154 -24.05 -20.07 30.49
C LEU H 154 -23.05 -21.11 31.03
N ASN H 155 -22.30 -21.73 30.16
CA ASN H 155 -21.33 -22.74 30.58
C ASN H 155 -19.95 -22.17 30.85
N ASN H 156 -19.11 -22.99 31.44
CA ASN H 156 -17.74 -22.60 31.67
C ASN H 156 -17.03 -23.15 30.44
N GLY H 157 -16.73 -22.23 29.53
CA GLY H 157 -16.13 -22.55 28.24
C GLY H 157 -16.82 -21.63 27.24
N THR H 158 -17.50 -22.22 26.26
CA THR H 158 -18.18 -21.45 25.23
C THR H 158 -19.67 -21.76 25.13
N THR H 159 -20.49 -20.72 25.09
CA THR H 159 -21.93 -20.89 24.92
C THR H 159 -22.39 -20.04 23.75
N GLU H 160 -23.36 -20.55 23.00
CA GLU H 160 -23.89 -19.84 21.83
C GLU H 160 -25.39 -19.62 21.97
N ILE H 161 -25.83 -18.38 21.75
CA ILE H 161 -27.25 -18.04 21.83
C ILE H 161 -27.74 -17.48 20.50
N ALA H 162 -28.46 -18.30 19.75
CA ALA H 162 -28.96 -17.89 18.44
C ALA H 162 -30.48 -17.91 18.32
N ASP H 163 -31.17 -18.14 19.45
CA ASP H 163 -32.63 -18.21 19.44
C ASP H 163 -33.32 -16.93 19.92
N LEU H 164 -32.64 -15.79 19.77
CA LEU H 164 -33.23 -14.52 20.17
C LEU H 164 -34.29 -14.08 19.16
N PRO H 165 -35.43 -13.64 19.65
CA PRO H 165 -36.53 -13.21 18.79
C PRO H 165 -36.06 -12.19 17.76
N ARG H 166 -36.52 -12.35 16.52
CA ARG H 166 -36.15 -11.44 15.45
C ARG H 166 -37.38 -10.84 14.77
N PRO H 167 -38.17 -10.09 15.52
CA PRO H 167 -39.36 -9.44 14.97
C PRO H 167 -38.99 -8.64 13.71
N VAL H 168 -39.68 -8.94 12.61
CA VAL H 168 -39.40 -8.28 11.34
C VAL H 168 -39.69 -6.78 11.34
N GLY H 169 -38.73 -6.01 10.83
CA GLY H 169 -38.86 -4.56 10.74
C GLY H 169 -38.34 -3.85 11.99
N TYR H 170 -38.18 -4.61 13.07
CA TYR H 170 -37.70 -4.07 14.33
C TYR H 170 -36.18 -3.95 14.33
N ARG H 171 -35.64 -3.27 15.34
CA ARG H 171 -34.20 -3.10 15.46
C ARG H 171 -33.75 -3.50 16.87
N ILE H 172 -32.45 -3.63 17.03
CA ILE H 172 -31.86 -3.97 18.32
C ILE H 172 -30.86 -2.89 18.70
N ALA H 173 -31.17 -2.13 19.74
CA ALA H 173 -30.29 -1.05 20.19
C ALA H 173 -29.10 -1.61 20.95
N ALA H 174 -29.35 -2.59 21.81
CA ALA H 174 -28.29 -3.19 22.60
C ALA H 174 -28.68 -4.53 23.20
N ILE H 175 -27.67 -5.26 23.67
CA ILE H 175 -27.87 -6.55 24.30
C ILE H 175 -27.03 -6.57 25.57
N HIS H 176 -27.66 -6.87 26.70
CA HIS H 176 -26.94 -6.92 27.97
C HIS H 176 -26.92 -8.31 28.55
N ILE H 177 -25.72 -8.88 28.65
CA ILE H 177 -25.55 -10.21 29.23
C ILE H 177 -25.23 -10.09 30.71
N LYS H 178 -26.19 -10.47 31.54
CA LYS H 178 -26.02 -10.39 32.98
C LYS H 178 -25.49 -11.69 33.56
N ALA H 179 -24.17 -11.76 33.71
CA ALA H 179 -23.49 -12.93 34.24
C ALA H 179 -22.18 -12.47 34.89
N ALA H 180 -21.72 -13.20 35.89
CA ALA H 180 -20.51 -12.83 36.61
C ALA H 180 -19.21 -13.39 36.04
N GLY H 181 -19.30 -14.39 35.17
CA GLY H 181 -18.10 -15.02 34.63
C GLY H 181 -17.90 -14.93 33.12
N VAL H 182 -18.36 -13.84 32.51
CA VAL H 182 -18.19 -13.66 31.07
C VAL H 182 -16.86 -12.98 30.76
N ASP H 183 -16.01 -13.67 30.00
CA ASP H 183 -14.69 -13.17 29.64
C ASP H 183 -14.71 -12.38 28.33
N ALA H 184 -15.31 -12.98 27.32
CA ALA H 184 -15.38 -12.35 26.00
C ALA H 184 -16.64 -12.76 25.27
N VAL H 185 -17.06 -11.95 24.31
CA VAL H 185 -18.26 -12.23 23.54
C VAL H 185 -18.04 -11.89 22.08
N GLU H 186 -18.76 -12.59 21.21
CA GLU H 186 -18.66 -12.38 19.78
C GLU H 186 -20.07 -12.32 19.20
N PHE H 187 -20.33 -11.34 18.35
CA PHE H 187 -21.65 -11.20 17.75
C PHE H 187 -21.56 -11.30 16.23
N GLN H 188 -22.44 -12.11 15.65
CA GLN H 188 -22.44 -12.27 14.21
C GLN H 188 -23.84 -12.43 13.63
N ILE H 189 -24.00 -12.02 12.38
CA ILE H 189 -25.27 -12.13 11.68
C ILE H 189 -24.98 -12.72 10.30
N ASP H 190 -25.49 -13.92 10.05
CA ASP H 190 -25.28 -14.59 8.78
C ASP H 190 -23.80 -14.84 8.51
N GLY H 191 -23.09 -15.31 9.53
CA GLY H 191 -21.67 -15.62 9.40
C GLY H 191 -20.79 -14.38 9.57
N THR H 192 -21.30 -13.22 9.22
CA THR H 192 -20.55 -11.97 9.34
C THR H 192 -20.31 -11.60 10.80
N LYS H 193 -19.05 -11.46 11.15
CA LYS H 193 -18.67 -11.11 12.53
C LYS H 193 -18.63 -9.60 12.74
N TRP H 194 -19.77 -9.05 13.16
CA TRP H 194 -19.87 -7.61 13.39
C TRP H 194 -19.12 -7.20 14.64
N ARG H 195 -18.99 -8.13 15.57
CA ARG H 195 -18.25 -7.89 16.81
C ARG H 195 -17.34 -9.08 17.05
N ASP H 196 -16.04 -8.88 16.84
CA ASP H 196 -15.06 -9.93 17.04
C ASP H 196 -15.14 -10.41 18.48
N LEU H 197 -14.47 -11.53 18.76
CA LEU H 197 -14.44 -12.04 20.13
C LEU H 197 -13.68 -11.01 20.95
N LEU H 198 -14.40 -10.01 21.44
CA LEU H 198 -13.80 -8.93 22.22
C LEU H 198 -13.73 -9.26 23.71
N LYS H 199 -12.54 -9.09 24.29
CA LYS H 199 -12.36 -9.33 25.72
C LYS H 199 -13.17 -8.29 26.49
N LYS H 200 -13.66 -8.66 27.66
CA LYS H 200 -14.45 -7.77 28.49
C LYS H 200 -13.78 -6.41 28.67
N ALA H 201 -12.50 -6.42 29.03
CA ALA H 201 -11.74 -5.19 29.24
C ALA H 201 -11.75 -4.30 28.00
N ASP H 202 -11.69 -4.92 26.83
CA ASP H 202 -11.67 -4.19 25.58
C ASP H 202 -13.05 -3.64 25.23
N ASN H 203 -14.07 -4.46 25.45
CA ASN H 203 -15.44 -4.06 25.18
C ASN H 203 -15.86 -2.92 26.11
N ASP H 204 -15.50 -3.06 27.39
CA ASP H 204 -15.83 -2.07 28.39
C ASP H 204 -15.11 -0.74 28.15
N TYR H 205 -13.94 -0.81 27.51
CA TYR H 205 -13.18 0.39 27.20
C TYR H 205 -13.89 1.20 26.12
N ILE H 206 -14.40 0.49 25.11
CA ILE H 206 -15.13 1.15 24.03
C ILE H 206 -16.41 1.78 24.57
N LEU H 207 -17.09 1.09 25.48
CA LEU H 207 -18.31 1.59 26.08
C LEU H 207 -18.04 2.92 26.79
N GLU H 208 -17.04 2.93 27.67
CA GLU H 208 -16.68 4.12 28.41
C GLU H 208 -16.20 5.21 27.46
N GLN H 209 -15.62 4.80 26.34
CA GLN H 209 -15.12 5.73 25.34
C GLN H 209 -16.26 6.58 24.76
N TYR H 210 -17.49 6.09 24.91
CA TYR H 210 -18.65 6.81 24.40
C TYR H 210 -19.55 7.39 25.48
N GLY H 211 -18.97 7.62 26.66
CA GLY H 211 -19.69 8.24 27.78
C GLY H 211 -20.62 7.31 28.54
N LYS H 212 -20.49 6.01 28.31
CA LYS H 212 -21.34 5.03 28.99
C LYS H 212 -20.66 4.50 30.25
N ALA H 213 -21.46 4.04 31.19
CA ALA H 213 -20.93 3.47 32.43
C ALA H 213 -21.07 1.95 32.38
N VAL H 214 -20.00 1.25 32.75
CA VAL H 214 -20.01 -0.21 32.73
C VAL H 214 -20.75 -0.74 33.95
N LEU H 215 -21.73 -1.61 33.70
CA LEU H 215 -22.52 -2.20 34.77
C LEU H 215 -21.86 -3.46 35.31
N ASP H 216 -21.96 -3.66 36.62
CA ASP H 216 -21.36 -4.82 37.27
C ASP H 216 -21.96 -6.13 36.78
N ASN H 217 -21.10 -7.13 36.58
CA ASN H 217 -21.54 -8.43 36.13
C ASN H 217 -22.40 -8.35 34.87
N THR H 218 -22.02 -7.47 33.96
CA THR H 218 -22.75 -7.28 32.71
C THR H 218 -21.82 -7.07 31.53
N TYR H 219 -22.15 -7.72 30.41
CA TYR H 219 -21.40 -7.53 29.17
C TYR H 219 -22.36 -6.86 28.20
N THR H 220 -22.20 -5.56 28.00
CA THR H 220 -23.08 -4.81 27.14
C THR H 220 -22.58 -4.69 25.70
N ILE H 221 -23.48 -4.99 24.76
CA ILE H 221 -23.18 -4.87 23.34
C ILE H 221 -24.02 -3.73 22.80
N ASP H 222 -23.48 -2.52 22.91
CA ASP H 222 -24.17 -1.31 22.48
C ASP H 222 -24.06 -1.10 20.98
N PHE H 223 -25.19 -1.13 20.28
CA PHE H 223 -25.21 -0.93 18.84
C PHE H 223 -25.51 0.52 18.46
N MET H 224 -25.65 1.37 19.48
CA MET H 224 -25.94 2.78 19.27
C MET H 224 -24.99 3.67 20.08
N LEU H 225 -23.72 3.28 20.12
CA LEU H 225 -22.72 4.03 20.86
C LEU H 225 -22.62 5.50 20.47
N GLU H 226 -22.80 5.78 19.17
CA GLU H 226 -22.74 7.15 18.66
C GLU H 226 -24.05 7.90 18.87
N GLY H 227 -25.10 7.18 19.19
CA GLY H 227 -26.41 7.79 19.39
C GLY H 227 -27.20 7.72 18.09
N ASP H 228 -26.58 7.17 17.06
CA ASP H 228 -27.22 7.03 15.75
C ASP H 228 -28.10 5.78 15.73
N VAL H 229 -29.40 5.97 15.53
CA VAL H 229 -30.36 4.88 15.50
C VAL H 229 -30.11 3.91 14.35
N TYR H 230 -29.48 4.40 13.28
CA TYR H 230 -29.23 3.58 12.10
C TYR H 230 -27.98 2.71 12.23
N GLN H 231 -27.42 2.67 13.42
CA GLN H 231 -26.25 1.84 13.67
C GLN H 231 -26.71 0.57 14.36
N SER H 232 -27.94 0.58 14.85
CA SER H 232 -28.53 -0.56 15.52
C SER H 232 -28.80 -1.68 14.53
N VAL H 233 -28.99 -2.89 15.05
CA VAL H 233 -29.25 -4.06 14.21
C VAL H 233 -30.66 -4.01 13.63
N LEU H 234 -30.74 -4.00 12.30
CA LEU H 234 -32.04 -4.00 11.62
C LEU H 234 -32.45 -5.44 11.35
N LEU H 235 -33.47 -5.90 12.07
CA LEU H 235 -33.93 -7.29 11.92
C LEU H 235 -34.64 -7.53 10.59
N ASP H 236 -33.84 -7.72 9.54
CA ASP H 236 -34.38 -7.99 8.21
C ASP H 236 -35.00 -9.38 8.13
N GLN H 237 -36.09 -9.49 7.38
CA GLN H 237 -36.80 -10.76 7.23
C GLN H 237 -35.93 -11.85 6.60
N MET H 238 -34.86 -11.44 5.94
CA MET H 238 -33.97 -12.37 5.26
C MET H 238 -32.85 -12.92 6.14
N ILE H 239 -32.59 -12.28 7.27
CA ILE H 239 -31.54 -12.73 8.18
C ILE H 239 -31.76 -14.20 8.51
N GLN H 240 -30.73 -15.01 8.32
CA GLN H 240 -30.82 -16.44 8.59
C GLN H 240 -30.23 -16.83 9.94
N ASP H 241 -29.27 -16.06 10.41
CA ASP H 241 -28.63 -16.36 11.68
C ASP H 241 -28.19 -15.12 12.47
N LEU H 242 -28.69 -15.02 13.69
CA LEU H 242 -28.33 -13.94 14.60
C LEU H 242 -27.75 -14.66 15.81
N ARG H 243 -26.43 -14.71 15.87
CA ARG H 243 -25.76 -15.49 16.91
C ARG H 243 -24.88 -14.70 17.89
N LEU H 244 -24.77 -15.24 19.10
CA LEU H 244 -23.95 -14.66 20.15
C LEU H 244 -23.05 -15.76 20.73
N LYS H 245 -21.74 -15.55 20.67
CA LYS H 245 -20.80 -16.53 21.19
C LYS H 245 -20.18 -16.01 22.48
N ILE H 246 -20.61 -16.57 23.61
CA ILE H 246 -20.13 -16.12 24.91
C ILE H 246 -19.07 -17.02 25.53
N ASP H 247 -17.94 -16.42 25.88
CA ASP H 247 -16.85 -17.14 26.52
C ASP H 247 -16.91 -16.86 28.02
N SER H 248 -17.43 -17.81 28.78
CA SER H 248 -17.57 -17.64 30.22
C SER H 248 -16.53 -18.44 31.01
N THR H 249 -16.46 -18.17 32.30
CA THR H 249 -15.52 -18.85 33.18
C THR H 249 -16.31 -19.53 34.29
N MET H 250 -17.62 -19.30 34.28
CA MET H 250 -18.50 -19.85 35.28
C MET H 250 -19.69 -20.59 34.66
N ASP H 251 -20.28 -21.47 35.45
CA ASP H 251 -21.48 -22.20 35.06
C ASP H 251 -22.60 -21.51 35.82
N GLU H 252 -23.38 -20.70 35.11
CA GLU H 252 -24.44 -19.95 35.77
C GLU H 252 -25.62 -19.63 34.85
N GLN H 253 -26.64 -19.03 35.43
CA GLN H 253 -27.84 -18.64 34.70
C GLN H 253 -27.72 -17.15 34.38
N ALA H 254 -27.69 -16.82 33.10
CA ALA H 254 -27.57 -15.43 32.71
C ALA H 254 -28.91 -14.81 32.34
N GLU H 255 -29.09 -13.55 32.69
CA GLU H 255 -30.30 -12.84 32.31
C GLU H 255 -29.91 -11.97 31.14
N ILE H 256 -30.41 -12.31 29.95
CA ILE H 256 -30.10 -11.57 28.75
C ILE H 256 -31.14 -10.47 28.49
N ILE H 257 -30.70 -9.22 28.55
CA ILE H 257 -31.58 -8.09 28.30
C ILE H 257 -31.40 -7.62 26.86
N VAL H 258 -32.49 -7.58 26.12
CA VAL H 258 -32.45 -7.14 24.72
C VAL H 258 -33.32 -5.90 24.54
N GLU H 259 -32.70 -4.80 24.13
CA GLU H 259 -33.42 -3.56 23.90
C GLU H 259 -33.86 -3.49 22.45
N TYR H 260 -35.10 -3.87 22.19
CA TYR H 260 -35.65 -3.84 20.83
C TYR H 260 -36.18 -2.45 20.52
N MET H 261 -36.46 -2.20 19.24
CA MET H 261 -36.98 -0.91 18.80
C MET H 261 -37.83 -1.13 17.56
N GLY H 262 -38.89 -0.34 17.44
CA GLY H 262 -39.77 -0.44 16.28
C GLY H 262 -41.05 0.35 16.48
N VAL H 263 -41.80 0.51 15.41
CA VAL H 263 -43.07 1.24 15.47
C VAL H 263 -44.07 0.34 16.18
N TRP H 264 -44.58 0.80 17.31
CA TRP H 264 -45.54 0.02 18.08
C TRP H 264 -46.78 -0.33 17.27
N SER H 265 -47.21 -1.59 17.36
CA SER H 265 -48.39 -2.07 16.65
C SER H 265 -49.25 -2.84 17.64
N ARG H 266 -50.56 -2.64 17.60
CA ARG H 266 -51.45 -3.31 18.54
C ARG H 266 -51.37 -4.83 18.42
N ASN H 267 -50.93 -5.31 17.26
CA ASN H 267 -50.78 -6.74 17.03
C ASN H 267 -49.37 -7.10 16.59
N GLY H 268 -48.38 -6.35 17.08
CA GLY H 268 -46.99 -6.58 16.77
C GLY H 268 -46.19 -7.10 17.97
N PHE H 269 -44.87 -7.08 17.84
CA PHE H 269 -43.97 -7.55 18.89
C PHE H 269 -44.33 -6.99 20.27
N MET I 1 -24.49 -0.02 10.60
CA MET I 1 -23.88 -0.84 11.64
C MET I 1 -22.36 -0.79 11.55
N ARG I 2 -21.71 -0.61 12.70
CA ARG I 2 -20.26 -0.57 12.75
C ARG I 2 -19.71 -1.95 13.05
N SER I 3 -18.43 -2.15 12.79
CA SER I 3 -17.78 -3.42 13.06
C SER I 3 -16.57 -3.23 13.97
N PHE I 4 -16.53 -3.98 15.05
CA PHE I 4 -15.42 -3.91 15.99
C PHE I 4 -14.54 -5.15 15.75
N LEU I 5 -13.32 -4.91 15.29
CA LEU I 5 -12.41 -6.00 14.96
C LEU I 5 -11.13 -6.01 15.77
N ASN I 6 -10.66 -7.21 16.09
CA ASN I 6 -9.39 -7.39 16.79
C ASN I 6 -8.33 -7.47 15.70
N LEU I 7 -7.66 -6.34 15.46
CA LEU I 7 -6.63 -6.28 14.41
C LEU I 7 -5.63 -7.41 14.50
N ASN I 8 -5.03 -7.76 13.37
CA ASN I 8 -4.03 -8.82 13.33
C ASN I 8 -2.90 -8.50 14.30
N SER I 9 -2.21 -9.54 14.76
CA SER I 9 -1.11 -9.38 15.69
C SER I 9 -0.02 -8.47 15.13
N ILE I 10 0.51 -7.59 15.98
CA ILE I 10 1.58 -6.69 15.57
C ILE I 10 2.90 -7.47 15.51
N PRO I 11 3.51 -7.51 14.34
CA PRO I 11 4.74 -8.26 14.14
C PRO I 11 5.97 -7.71 14.85
N ASN I 12 6.75 -8.61 15.42
CA ASN I 12 8.00 -8.27 16.10
C ASN I 12 7.94 -7.16 17.13
N VAL I 13 7.15 -7.36 18.17
CA VAL I 13 7.04 -6.37 19.24
C VAL I 13 8.11 -6.63 20.29
N ALA I 14 9.20 -5.88 20.23
CA ALA I 14 10.30 -6.04 21.18
C ALA I 14 11.06 -4.73 21.38
N ALA I 15 11.75 -4.62 22.50
CA ALA I 15 12.51 -3.40 22.81
C ALA I 15 13.54 -3.09 21.73
N GLY I 16 13.60 -1.83 21.34
CA GLY I 16 14.56 -1.38 20.32
C GLY I 16 14.12 -1.74 18.90
N ASN I 17 12.94 -2.34 18.78
CA ASN I 17 12.42 -2.74 17.48
C ASN I 17 11.60 -1.65 16.82
N SER I 18 11.49 -1.72 15.49
CA SER I 18 10.70 -0.77 14.73
C SER I 18 9.50 -1.53 14.18
N CYS I 19 8.34 -1.31 14.80
CA CYS I 19 7.13 -2.02 14.39
C CYS I 19 6.17 -1.14 13.61
N SER I 20 5.12 -1.77 13.09
CA SER I 20 4.15 -1.07 12.29
C SER I 20 2.77 -1.73 12.38
N ILE I 21 1.73 -0.92 12.36
CA ILE I 21 0.36 -1.43 12.38
C ILE I 21 -0.22 -1.27 10.98
N LYS I 22 -0.06 -2.32 10.17
CA LYS I 22 -0.55 -2.29 8.79
C LYS I 22 -2.06 -2.53 8.76
N LEU I 23 -2.79 -1.51 8.32
CA LEU I 23 -4.24 -1.59 8.24
C LEU I 23 -4.73 -2.06 6.88
N PRO I 24 -5.65 -3.02 6.91
CA PRO I 24 -6.23 -3.58 5.69
C PRO I 24 -7.07 -2.52 4.99
N ILE I 25 -6.86 -2.37 3.68
CA ILE I 25 -7.58 -1.39 2.88
C ILE I 25 -8.96 -1.89 2.48
N GLY I 26 -9.92 -0.98 2.37
CA GLY I 26 -11.27 -1.34 1.96
C GLY I 26 -12.35 -0.58 2.72
N GLN I 27 -12.20 -0.48 4.04
CA GLN I 27 -13.20 0.18 4.88
C GLN I 27 -12.72 1.49 5.49
N THR I 28 -13.51 2.00 6.44
CA THR I 28 -13.21 3.26 7.11
C THR I 28 -12.86 3.01 8.57
N TYR I 29 -11.77 3.62 9.04
CA TYR I 29 -11.35 3.48 10.43
C TYR I 29 -11.73 4.73 11.21
N GLU I 30 -12.72 4.60 12.09
CA GLU I 30 -13.17 5.71 12.90
C GLU I 30 -12.27 5.87 14.12
N VAL I 31 -11.95 4.75 14.76
CA VAL I 31 -11.10 4.76 15.94
C VAL I 31 -10.24 3.51 16.01
N ILE I 32 -9.02 3.66 16.50
CA ILE I 32 -8.11 2.53 16.65
C ILE I 32 -7.59 2.50 18.08
N ASP I 33 -8.01 1.48 18.83
CA ASP I 33 -7.60 1.34 20.22
C ASP I 33 -6.34 0.52 20.36
N LEU I 34 -5.26 1.17 20.79
CA LEU I 34 -3.98 0.49 20.96
C LEU I 34 -3.69 0.16 22.44
N ARG I 35 -3.67 -1.13 22.74
CA ARG I 35 -3.38 -1.60 24.10
C ARG I 35 -1.88 -1.82 24.25
N TYR I 36 -1.32 -1.32 25.35
CA TYR I 36 0.12 -1.45 25.59
C TYR I 36 0.42 -1.89 27.01
N SER I 37 1.55 -2.59 27.17
CA SER I 37 1.99 -3.06 28.47
C SER I 37 3.47 -3.44 28.37
N GLY I 38 4.19 -3.30 29.47
CA GLY I 38 5.62 -3.61 29.49
C GLY I 38 6.39 -2.49 28.80
N VAL I 39 5.72 -1.36 28.59
CA VAL I 39 6.33 -0.21 27.94
C VAL I 39 5.51 1.04 28.24
N THR I 40 6.18 2.20 28.32
CA THR I 40 5.50 3.45 28.58
C THR I 40 5.17 4.16 27.27
N PRO I 41 4.15 5.00 27.29
CA PRO I 41 3.75 5.73 26.09
C PRO I 41 4.91 6.55 25.56
N SER I 42 5.76 7.02 26.48
CA SER I 42 6.92 7.82 26.10
C SER I 42 8.01 6.94 25.49
N GLN I 43 7.87 5.64 25.68
CA GLN I 43 8.84 4.69 25.14
C GLN I 43 8.47 4.24 23.74
N ILE I 44 7.31 4.70 23.26
CA ILE I 44 6.84 4.40 21.92
C ILE I 44 7.08 5.68 21.11
N LYS I 45 8.28 5.77 20.52
CA LYS I 45 8.68 6.97 19.80
C LYS I 45 8.38 7.00 18.30
N ASN I 46 8.50 8.19 17.74
CA ASN I 46 8.29 8.43 16.31
C ASN I 46 7.06 7.73 15.73
N VAL I 47 5.89 8.08 16.22
CA VAL I 47 4.64 7.51 15.73
C VAL I 47 4.21 8.26 14.47
N ARG I 48 4.09 7.54 13.36
CA ARG I 48 3.69 8.13 12.09
C ARG I 48 2.51 7.41 11.46
N VAL I 49 1.52 8.18 11.03
CA VAL I 49 0.36 7.62 10.32
C VAL I 49 0.63 7.88 8.83
N GLU I 50 0.84 6.82 8.07
CA GLU I 50 1.15 6.96 6.66
C GLU I 50 0.10 6.37 5.72
N LEU I 51 -0.25 7.15 4.71
CA LEU I 51 -1.20 6.73 3.70
C LEU I 51 -0.47 6.67 2.35
N ASP I 52 -0.27 5.46 1.84
CA ASP I 52 0.43 5.28 0.58
C ASP I 52 1.90 5.71 0.69
N GLY I 53 2.47 5.52 1.87
CA GLY I 53 3.87 5.86 2.11
C GLY I 53 4.10 7.32 2.51
N ARG I 54 3.07 8.15 2.33
CA ARG I 54 3.17 9.57 2.67
C ARG I 54 2.71 9.84 4.11
N LEU I 55 3.43 10.73 4.79
CA LEU I 55 3.12 11.06 6.17
C LEU I 55 1.84 11.87 6.31
N LEU I 56 0.98 11.44 7.23
CA LEU I 56 -0.27 12.14 7.49
C LEU I 56 -0.14 12.89 8.82
N SER I 57 0.04 12.13 9.89
CA SER I 57 0.20 12.69 11.23
C SER I 57 1.46 12.14 11.88
N THR I 58 2.06 12.92 12.78
CA THR I 58 3.27 12.48 13.47
C THR I 58 3.24 12.82 14.94
N TYR I 59 3.72 11.89 15.76
CA TYR I 59 3.80 12.06 17.21
C TYR I 59 5.20 11.72 17.67
N LYS I 60 5.86 12.63 18.36
CA LYS I 60 7.20 12.39 18.88
C LYS I 60 7.18 11.11 19.71
N THR I 61 6.16 10.98 20.55
CA THR I 61 5.97 9.80 21.38
C THR I 61 4.48 9.54 21.53
N LEU I 62 4.13 8.32 21.95
CA LEU I 62 2.73 7.95 22.13
C LEU I 62 2.06 8.79 23.22
N ASN I 63 2.86 9.42 24.05
CA ASN I 63 2.35 10.24 25.14
C ASN I 63 1.66 11.50 24.60
N ASP I 64 2.07 11.92 23.40
CA ASP I 64 1.50 13.10 22.77
C ASP I 64 0.08 12.80 22.28
N LEU I 65 -0.20 11.53 22.02
CA LEU I 65 -1.53 11.10 21.60
C LEU I 65 -2.43 11.06 22.82
N ILE I 66 -1.84 10.73 23.97
CA ILE I 66 -2.57 10.67 25.22
C ILE I 66 -2.98 12.09 25.63
N LEU I 67 -2.07 13.03 25.40
CA LEU I 67 -2.31 14.43 25.73
C LEU I 67 -3.31 15.06 24.76
N GLU I 68 -3.27 14.60 23.51
CA GLU I 68 -4.19 15.08 22.49
C GLU I 68 -5.62 14.74 22.89
N ASN I 69 -5.81 13.52 23.40
CA ASN I 69 -7.13 13.05 23.83
C ASN I 69 -7.55 13.72 25.13
N THR I 70 -6.59 13.91 26.03
CA THR I 70 -6.84 14.53 27.33
C THR I 70 -7.35 15.96 27.15
N ARG I 71 -6.77 16.68 26.19
CA ARG I 71 -7.14 18.06 25.92
C ARG I 71 -8.62 18.22 25.58
N HIS I 72 -9.16 17.26 24.83
CA HIS I 72 -10.57 17.30 24.44
C HIS I 72 -11.43 16.64 25.50
N LYS I 73 -10.80 16.20 26.58
CA LYS I 73 -11.50 15.55 27.68
C LYS I 73 -12.12 14.22 27.25
N ARG I 74 -11.40 13.51 26.39
CA ARG I 74 -11.86 12.20 25.92
C ARG I 74 -11.52 11.16 26.98
N LYS I 75 -12.21 10.04 26.96
CA LYS I 75 -11.98 8.98 27.93
C LYS I 75 -10.55 8.47 27.88
N ILE I 76 -9.83 8.60 29.00
CA ILE I 76 -8.46 8.13 29.10
C ILE I 76 -8.38 6.95 30.04
N LYS I 77 -7.72 5.88 29.59
CA LYS I 77 -7.58 4.68 30.40
C LYS I 77 -6.14 4.18 30.35
N ALA I 78 -5.59 3.86 31.51
CA ALA I 78 -4.22 3.36 31.60
C ALA I 78 -4.10 2.00 30.92
N GLY I 79 -3.08 1.87 30.08
CA GLY I 79 -2.86 0.61 29.37
C GLY I 79 -3.46 0.64 27.96
N VAL I 80 -4.13 1.74 27.64
CA VAL I 80 -4.75 1.89 26.32
C VAL I 80 -4.72 3.33 25.84
N VAL I 81 -4.47 3.50 24.55
CA VAL I 81 -4.47 4.82 23.93
C VAL I 81 -5.14 4.70 22.57
N SER I 82 -6.12 5.55 22.31
CA SER I 82 -6.88 5.48 21.07
C SER I 82 -6.51 6.54 20.04
N PHE I 83 -6.67 6.18 18.77
CA PHE I 83 -6.43 7.10 17.66
C PHE I 83 -7.81 7.54 17.20
N HIS I 84 -8.22 8.73 17.62
CA HIS I 84 -9.53 9.24 17.25
C HIS I 84 -9.50 9.96 15.90
N PHE I 85 -9.83 9.24 14.84
CA PHE I 85 -9.86 9.85 13.51
C PHE I 85 -11.14 10.65 13.42
N VAL I 86 -12.23 10.05 13.87
CA VAL I 86 -13.51 10.75 13.92
C VAL I 86 -13.41 11.68 15.12
N ARG I 87 -13.70 12.97 14.89
CA ARG I 87 -13.63 13.96 15.96
C ARG I 87 -14.97 14.15 16.66
N PRO I 88 -15.08 13.56 17.86
CA PRO I 88 -16.32 13.59 18.64
C PRO I 88 -16.80 14.97 19.07
N GLU I 89 -15.90 15.95 19.08
CA GLU I 89 -16.23 17.30 19.51
C GLU I 89 -16.82 18.16 18.39
N MET I 90 -16.80 17.63 17.16
CA MET I 90 -17.31 18.38 16.02
C MET I 90 -18.80 18.70 16.13
N LYS I 91 -19.16 19.89 15.67
CA LYS I 91 -20.56 20.34 15.66
C LYS I 91 -20.88 20.82 14.26
N GLY I 92 -22.04 20.43 13.74
CA GLY I 92 -22.44 20.80 12.39
C GLY I 92 -23.07 22.19 12.34
N VAL I 93 -22.85 22.89 11.24
CA VAL I 93 -23.42 24.21 11.04
C VAL I 93 -24.54 24.14 10.00
N ASN I 94 -24.28 23.41 8.92
CA ASN I 94 -25.27 23.23 7.87
C ASN I 94 -25.51 21.73 7.66
N VAL I 95 -24.90 20.94 8.53
CA VAL I 95 -25.05 19.49 8.53
C VAL I 95 -25.15 19.05 9.98
N THR I 96 -25.51 17.78 10.20
CA THR I 96 -25.64 17.27 11.55
C THR I 96 -24.27 17.13 12.22
N ASP I 97 -24.27 17.12 13.55
CA ASP I 97 -23.02 16.97 14.30
C ASP I 97 -22.34 15.65 13.92
N LEU I 98 -23.14 14.60 13.80
CA LEU I 98 -22.64 13.28 13.43
C LEU I 98 -21.88 13.29 12.11
N VAL I 99 -22.41 14.01 11.13
CA VAL I 99 -21.78 14.10 9.82
C VAL I 99 -20.45 14.83 9.92
N GLN I 100 -20.43 15.90 10.72
CA GLN I 100 -19.22 16.70 10.90
C GLN I 100 -18.12 15.95 11.64
N GLN I 101 -18.53 15.05 12.53
CA GLN I 101 -17.57 14.25 13.30
C GLN I 101 -17.03 13.09 12.48
N ARG I 102 -17.94 12.36 11.82
CA ARG I 102 -17.56 11.21 11.02
C ARG I 102 -16.76 11.60 9.77
N MET I 103 -16.86 12.86 9.37
CA MET I 103 -16.15 13.32 8.19
C MET I 103 -14.63 13.24 8.35
N PHE I 104 -14.17 13.12 9.59
CA PHE I 104 -12.75 13.01 9.87
C PHE I 104 -12.25 11.56 9.92
N ALA I 105 -13.18 10.63 9.78
CA ALA I 105 -12.84 9.20 9.80
C ALA I 105 -11.80 8.86 8.74
N LEU I 106 -10.96 7.88 9.05
CA LEU I 106 -9.92 7.45 8.12
C LEU I 106 -10.40 6.47 7.07
N GLY I 107 -10.91 6.99 5.96
CA GLY I 107 -11.37 6.16 4.85
C GLY I 107 -10.13 5.61 4.17
N THR I 108 -10.22 4.39 3.63
CA THR I 108 -9.09 3.76 2.98
C THR I 108 -9.32 3.43 1.52
N VAL I 109 -10.52 3.68 1.02
CA VAL I 109 -10.85 3.40 -0.37
C VAL I 109 -9.92 4.11 -1.35
N GLY I 110 -9.33 3.35 -2.27
CA GLY I 110 -8.42 3.90 -3.26
C GLY I 110 -6.97 3.90 -2.78
N LEU I 111 -6.78 3.55 -1.52
CA LEU I 111 -5.45 3.51 -0.91
C LEU I 111 -4.72 2.22 -1.28
N THR I 112 -3.39 2.27 -1.24
CA THR I 112 -2.58 1.09 -1.52
C THR I 112 -2.02 0.57 -0.20
N THR I 113 -1.76 1.49 0.72
CA THR I 113 -1.24 1.13 2.04
C THR I 113 -1.66 2.12 3.12
N CYS I 114 -2.01 1.57 4.29
CA CYS I 114 -2.39 2.38 5.44
C CYS I 114 -1.60 1.82 6.62
N GLU I 115 -0.68 2.62 7.14
CA GLU I 115 0.19 2.16 8.21
C GLU I 115 0.33 3.12 9.39
N ILE I 116 0.63 2.55 10.55
CA ILE I 116 0.88 3.32 11.75
C ILE I 116 2.21 2.82 12.30
N LYS I 117 3.29 3.44 11.85
CA LYS I 117 4.64 3.06 12.25
C LYS I 117 5.09 3.71 13.55
N PHE I 118 6.02 3.06 14.23
CA PHE I 118 6.54 3.57 15.50
C PHE I 118 7.75 2.74 15.92
N ASP I 119 8.56 3.31 16.80
CA ASP I 119 9.76 2.64 17.28
C ASP I 119 9.65 2.36 18.77
N ILE I 120 9.99 1.14 19.17
CA ILE I 120 9.96 0.77 20.58
C ILE I 120 11.31 1.05 21.22
N ASP I 121 11.31 1.88 22.26
CA ASP I 121 12.55 2.23 22.95
C ASP I 121 13.29 0.98 23.44
N GLU I 122 14.61 1.08 23.53
CA GLU I 122 15.45 -0.02 23.97
C GLU I 122 15.25 -0.36 25.45
N ALA I 123 14.87 0.65 26.24
CA ALA I 123 14.67 0.47 27.67
C ALA I 123 13.34 -0.21 28.02
N ALA I 124 12.50 -0.42 27.01
CA ALA I 124 11.20 -1.07 27.22
C ALA I 124 11.33 -2.36 28.01
N ALA I 125 10.65 -2.43 29.15
CA ALA I 125 10.69 -3.61 30.00
C ALA I 125 10.36 -4.90 29.26
N GLY I 126 9.11 -5.02 28.80
CA GLY I 126 8.66 -6.21 28.07
C GLY I 126 7.45 -5.84 27.22
N PRO I 127 7.68 -4.98 26.23
CA PRO I 127 6.63 -4.49 25.34
C PRO I 127 5.60 -5.52 24.88
N LYS I 128 4.33 -5.15 24.98
CA LYS I 128 3.22 -5.98 24.55
C LYS I 128 2.16 -5.05 23.96
N LEU I 129 1.94 -5.15 22.65
CA LEU I 129 0.98 -4.26 21.98
C LEU I 129 -0.03 -4.99 21.09
N SER I 130 -1.29 -4.57 21.20
CA SER I 130 -2.36 -5.13 20.40
C SER I 130 -3.28 -3.99 20.00
N ALA I 131 -4.06 -4.19 18.93
CA ALA I 131 -4.95 -3.14 18.46
C ALA I 131 -6.34 -3.63 18.08
N ILE I 132 -7.33 -2.78 18.32
CA ILE I 132 -8.71 -3.07 18.00
C ILE I 132 -9.20 -1.93 17.10
N ALA I 133 -9.99 -2.27 16.09
CA ALA I 133 -10.49 -1.27 15.16
C ALA I 133 -12.00 -1.10 15.16
N GLN I 134 -12.45 0.14 15.27
CA GLN I 134 -13.86 0.48 15.21
C GLN I 134 -14.07 1.02 13.80
N LYS I 135 -14.54 0.16 12.91
CA LYS I 135 -14.70 0.53 11.51
C LYS I 135 -16.14 0.75 11.06
N SER I 136 -16.26 1.31 9.86
CA SER I 136 -17.56 1.58 9.24
C SER I 136 -17.38 1.44 7.73
N VAL I 137 -18.45 1.60 6.97
CA VAL I 137 -18.40 1.48 5.52
C VAL I 137 -17.25 2.28 4.89
N GLY I 138 -16.64 1.71 3.86
CA GLY I 138 -15.50 2.33 3.19
C GLY I 138 -15.78 3.69 2.55
N THR I 139 -14.80 4.57 2.64
CA THR I 139 -14.87 5.91 2.05
C THR I 139 -13.44 6.30 1.69
N ALA I 140 -13.30 7.30 0.82
CA ALA I 140 -11.97 7.77 0.44
C ALA I 140 -11.36 8.42 1.67
N PRO I 141 -10.04 8.60 1.68
CA PRO I 141 -9.37 9.22 2.80
C PRO I 141 -10.06 10.56 3.11
N SER I 142 -10.32 11.33 2.06
CA SER I 142 -11.03 12.60 2.18
C SER I 142 -10.49 13.51 3.27
N TRP I 143 -11.40 14.25 3.91
CA TRP I 143 -11.04 15.20 4.97
C TRP I 143 -10.36 14.52 6.15
N LEU I 144 -9.11 14.88 6.40
CA LEU I 144 -8.34 14.27 7.48
C LEU I 144 -7.60 15.30 8.33
N THR I 145 -7.27 14.92 9.55
CA THR I 145 -6.50 15.76 10.45
C THR I 145 -5.04 15.41 10.24
N MET I 146 -4.21 16.42 10.00
CA MET I 146 -2.79 16.20 9.76
C MET I 146 -1.92 16.87 10.81
N ARG I 147 -1.57 16.11 11.84
CA ARG I 147 -0.75 16.61 12.93
C ARG I 147 0.71 16.70 12.49
N ARG I 148 1.25 17.93 12.51
CA ARG I 148 2.63 18.17 12.10
C ARG I 148 3.51 18.67 13.25
N ASN I 149 4.78 18.28 13.22
CA ASN I 149 5.73 18.65 14.26
C ASN I 149 6.73 19.70 13.79
N PHE I 150 7.00 20.68 14.65
CA PHE I 150 7.96 21.74 14.36
C PHE I 150 8.73 22.11 15.61
N PHE I 151 10.03 22.35 15.46
CA PHE I 151 10.87 22.72 16.59
C PHE I 151 11.47 24.11 16.37
N LYS I 152 11.18 25.02 17.28
CA LYS I 152 11.70 26.39 17.18
C LYS I 152 12.27 26.84 18.51
N GLN I 153 13.33 27.65 18.45
CA GLN I 153 13.99 28.14 19.64
C GLN I 153 13.27 29.39 20.16
N LEU I 154 13.13 29.47 21.49
CA LEU I 154 12.49 30.62 22.11
C LEU I 154 13.49 31.42 22.94
N ASN I 155 13.29 32.73 22.97
CA ASN I 155 14.21 33.59 23.70
C ASN I 155 13.54 33.98 24.98
N ASN I 156 14.19 34.82 25.80
CA ASN I 156 13.53 35.23 26.99
C ASN I 156 13.22 36.64 26.61
N GLY I 157 11.95 36.90 26.30
CA GLY I 157 11.49 38.18 25.78
C GLY I 157 10.47 37.77 24.70
N THR I 158 10.55 38.37 23.52
CA THR I 158 9.60 38.07 22.45
C THR I 158 10.21 37.26 21.32
N THR I 159 9.49 36.23 20.89
CA THR I 159 9.91 35.39 19.78
C THR I 159 8.79 35.36 18.76
N GLU I 160 9.12 35.56 17.49
CA GLU I 160 8.12 35.55 16.42
C GLU I 160 8.32 34.37 15.47
N ILE I 161 7.24 33.63 15.22
CA ILE I 161 7.28 32.48 14.32
C ILE I 161 6.33 32.68 13.15
N ALA I 162 6.89 33.01 11.99
CA ALA I 162 6.09 33.27 10.80
C ALA I 162 6.39 32.33 9.63
N ASP I 163 7.23 31.32 9.88
CA ASP I 163 7.61 30.38 8.83
C ASP I 163 6.85 29.06 8.87
N LEU I 164 5.64 29.07 9.42
CA LEU I 164 4.83 27.86 9.48
C LEU I 164 4.25 27.56 8.11
N PRO I 165 4.32 26.29 7.70
CA PRO I 165 3.82 25.88 6.39
C PRO I 165 2.38 26.32 6.18
N ARG I 166 2.09 26.82 4.97
CA ARG I 166 0.75 27.27 4.64
C ARG I 166 0.20 26.59 3.40
N PRO I 167 0.03 25.27 3.47
CA PRO I 167 -0.50 24.50 2.35
C PRO I 167 -1.82 25.13 1.88
N VAL I 168 -1.88 25.44 0.59
CA VAL I 168 -3.06 26.09 0.01
C VAL I 168 -4.31 25.21 0.04
N GLY I 169 -5.42 25.80 0.51
CA GLY I 169 -6.69 25.10 0.58
C GLY I 169 -6.89 24.37 1.91
N TYR I 170 -5.79 24.19 2.63
CA TYR I 170 -5.85 23.53 3.92
C TYR I 170 -6.27 24.48 5.03
N ARG I 171 -6.56 23.93 6.20
CA ARG I 171 -6.98 24.73 7.35
C ARG I 171 -6.11 24.40 8.56
N ILE I 172 -6.22 25.23 9.58
CA ILE I 172 -5.50 25.00 10.83
C ILE I 172 -6.51 24.96 11.97
N ALA I 173 -6.65 23.80 12.58
CA ALA I 173 -7.59 23.62 13.67
C ALA I 173 -7.05 24.22 14.96
N ALA I 174 -5.77 24.00 15.22
CA ALA I 174 -5.15 24.50 16.43
C ALA I 174 -3.63 24.52 16.34
N ILE I 175 -3.01 25.25 17.27
CA ILE I 175 -1.55 25.33 17.36
C ILE I 175 -1.18 25.18 18.82
N HIS I 176 -0.30 24.23 19.10
CA HIS I 176 0.13 23.97 20.47
C HIS I 176 1.60 24.28 20.68
N ILE I 177 1.86 25.28 21.52
CA ILE I 177 3.24 25.67 21.81
C ILE I 177 3.70 24.95 23.07
N LYS I 178 4.61 24.00 22.90
CA LYS I 178 5.13 23.22 24.02
C LYS I 178 6.40 23.84 24.59
N ALA I 179 6.21 24.67 25.63
CA ALA I 179 7.32 25.33 26.30
C ALA I 179 6.91 25.61 27.74
N ALA I 180 7.88 25.66 28.64
CA ALA I 180 7.60 25.88 30.05
C ALA I 180 7.57 27.34 30.51
N GLY I 181 8.07 28.25 29.68
CA GLY I 181 8.13 29.66 30.07
C GLY I 181 7.35 30.63 29.19
N VAL I 182 6.23 30.19 28.63
CA VAL I 182 5.42 31.07 27.79
C VAL I 182 4.39 31.83 28.62
N ASP I 183 4.48 33.16 28.60
CA ASP I 183 3.60 34.01 29.38
C ASP I 183 2.35 34.41 28.60
N ALA I 184 2.55 34.88 27.38
CA ALA I 184 1.45 35.32 26.52
C ALA I 184 1.80 35.10 25.06
N VAL I 185 0.76 35.00 24.24
CA VAL I 185 0.95 34.79 22.81
C VAL I 185 -0.03 35.64 22.01
N GLU I 186 0.37 35.99 20.79
CA GLU I 186 -0.45 36.81 19.91
C GLU I 186 -0.43 36.17 18.53
N PHE I 187 -1.60 36.05 17.91
CA PHE I 187 -1.70 35.47 16.58
C PHE I 187 -2.28 36.46 15.59
N GLN I 188 -1.64 36.59 14.44
CA GLN I 188 -2.13 37.51 13.43
C GLN I 188 -1.91 37.00 12.01
N ILE I 189 -2.77 37.45 11.10
CA ILE I 189 -2.69 37.06 9.70
C ILE I 189 -2.83 38.33 8.86
N ASP I 190 -1.77 38.69 8.15
CA ASP I 190 -1.78 39.88 7.32
C ASP I 190 -2.01 41.15 8.16
N GLY I 191 -1.32 41.23 9.29
CA GLY I 191 -1.43 42.39 10.17
C GLY I 191 -2.63 42.32 11.12
N THR I 192 -3.70 41.65 10.68
CA THR I 192 -4.90 41.50 11.48
C THR I 192 -4.66 40.64 12.72
N LYS I 193 -4.90 41.20 13.89
CA LYS I 193 -4.70 40.50 15.16
C LYS I 193 -5.93 39.70 15.55
N TRP I 194 -5.98 38.44 15.13
CA TRP I 194 -7.11 37.58 15.43
C TRP I 194 -7.10 37.15 16.89
N ARG I 195 -5.91 37.12 17.47
CA ARG I 195 -5.75 36.76 18.88
C ARG I 195 -4.82 37.78 19.52
N ASP I 196 -5.38 38.68 20.31
CA ASP I 196 -4.58 39.70 20.99
C ASP I 196 -3.52 39.02 21.85
N LEU I 197 -2.57 39.80 22.34
CA LEU I 197 -1.54 39.27 23.22
C LEU I 197 -2.24 38.81 24.50
N LEU I 198 -2.75 37.58 24.46
CA LEU I 198 -3.49 37.02 25.59
C LEU I 198 -2.58 36.35 26.61
N LYS I 199 -2.75 36.72 27.88
CA LYS I 199 -1.97 36.11 28.95
C LYS I 199 -2.37 34.64 29.07
N LYS I 200 -1.42 33.80 29.45
CA LYS I 200 -1.68 32.37 29.60
C LYS I 200 -2.93 32.08 30.42
N ALA I 201 -3.06 32.74 31.57
CA ALA I 201 -4.21 32.53 32.44
C ALA I 201 -5.52 32.85 31.73
N ASP I 202 -5.50 33.87 30.89
CA ASP I 202 -6.70 34.29 30.15
C ASP I 202 -7.01 33.33 29.01
N ASN I 203 -5.96 32.89 28.31
CA ASN I 203 -6.12 31.96 27.21
C ASN I 203 -6.62 30.62 27.74
N ASP I 204 -6.04 30.17 28.84
CA ASP I 204 -6.40 28.90 29.45
C ASP I 204 -7.82 28.91 30.00
N TYR I 205 -8.30 30.09 30.37
CA TYR I 205 -9.65 30.24 30.91
C TYR I 205 -10.67 30.03 29.78
N ILE I 206 -10.37 30.59 28.62
CA ILE I 206 -11.25 30.45 27.47
C ILE I 206 -11.29 28.98 27.02
N LEU I 207 -10.13 28.33 27.05
CA LEU I 207 -10.04 26.93 26.67
C LEU I 207 -10.97 26.08 27.54
N GLU I 208 -10.79 26.21 28.86
CA GLU I 208 -11.60 25.47 29.82
C GLU I 208 -13.08 25.85 29.67
N GLN I 209 -13.32 27.07 29.25
CA GLN I 209 -14.68 27.58 29.06
C GLN I 209 -15.42 26.77 28.01
N TYR I 210 -14.66 26.08 27.16
CA TYR I 210 -15.24 25.28 26.09
C TYR I 210 -15.08 23.78 26.27
N GLY I 211 -14.92 23.36 27.52
CA GLY I 211 -14.81 21.94 27.86
C GLY I 211 -13.45 21.30 27.57
N LYS I 212 -12.45 22.13 27.31
CA LYS I 212 -11.12 21.61 27.03
C LYS I 212 -10.27 21.57 28.29
N ALA I 213 -9.27 20.69 28.30
CA ALA I 213 -8.37 20.58 29.43
C ALA I 213 -7.03 21.22 29.06
N VAL I 214 -6.51 22.04 29.96
CA VAL I 214 -5.23 22.70 29.73
C VAL I 214 -4.06 21.74 29.94
N LEU I 215 -3.20 21.64 28.94
CA LEU I 215 -2.04 20.75 29.01
C LEU I 215 -0.85 21.45 29.66
N ASP I 216 -0.10 20.71 30.47
CA ASP I 216 1.06 21.25 31.15
C ASP I 216 2.13 21.74 30.18
N ASN I 217 2.73 22.88 30.49
CA ASN I 217 3.79 23.46 29.67
C ASN I 217 3.37 23.59 28.21
N THR I 218 2.13 23.98 27.98
CA THR I 218 1.59 24.14 26.63
C THR I 218 0.66 25.34 26.53
N TYR I 219 0.82 26.10 25.45
CA TYR I 219 -0.04 27.23 25.15
C TYR I 219 -0.84 26.87 23.90
N THR I 220 -2.10 26.48 24.09
CA THR I 220 -2.94 26.06 22.99
C THR I 220 -3.77 27.18 22.38
N ILE I 221 -3.70 27.29 21.06
CA ILE I 221 -4.48 28.27 20.31
C ILE I 221 -5.53 27.50 19.53
N ASP I 222 -6.65 27.22 20.18
CA ASP I 222 -7.75 26.46 19.57
C ASP I 222 -8.61 27.33 18.67
N PHE I 223 -8.64 26.99 17.37
CA PHE I 223 -9.42 27.74 16.39
C PHE I 223 -10.78 27.08 16.15
N MET I 224 -11.05 26.02 16.89
CA MET I 224 -12.32 25.31 16.76
C MET I 224 -12.96 25.06 18.12
N LEU I 225 -12.89 26.06 19.00
CA LEU I 225 -13.45 25.94 20.34
C LEU I 225 -14.92 25.56 20.36
N GLU I 226 -15.68 26.07 19.38
CA GLU I 226 -17.11 25.80 19.30
C GLU I 226 -17.40 24.46 18.64
N GLY I 227 -16.39 23.88 17.98
CA GLY I 227 -16.56 22.61 17.28
C GLY I 227 -16.88 22.88 15.82
N ASP I 228 -16.98 24.16 15.47
CA ASP I 228 -17.26 24.56 14.09
C ASP I 228 -15.99 24.56 13.26
N VAL I 229 -15.96 23.72 12.23
CA VAL I 229 -14.79 23.60 11.37
C VAL I 229 -14.50 24.87 10.57
N TYR I 230 -15.54 25.67 10.33
CA TYR I 230 -15.37 26.89 9.55
C TYR I 230 -14.85 28.08 10.36
N GLN I 231 -14.48 27.80 11.61
CA GLN I 231 -13.92 28.81 12.49
C GLN I 231 -12.40 28.66 12.44
N SER I 232 -11.95 27.53 11.90
CA SER I 232 -10.53 27.25 11.78
C SER I 232 -9.87 28.17 10.75
N VAL I 233 -8.55 28.26 10.82
CA VAL I 233 -7.79 29.11 9.90
C VAL I 233 -7.77 28.52 8.49
N LEU I 234 -8.32 29.27 7.53
CA LEU I 234 -8.32 28.84 6.14
C LEU I 234 -7.05 29.36 5.46
N LEU I 235 -6.13 28.45 5.16
CA LEU I 235 -4.87 28.83 4.54
C LEU I 235 -5.08 29.30 3.09
N ASP I 236 -5.66 30.48 2.95
CA ASP I 236 -5.93 31.06 1.64
C ASP I 236 -4.63 31.52 1.00
N GLN I 237 -4.45 31.19 -0.27
CA GLN I 237 -3.25 31.54 -1.03
C GLN I 237 -2.82 33.00 -0.94
N MET I 238 -3.79 33.91 -0.98
CA MET I 238 -3.48 35.34 -0.94
C MET I 238 -2.92 35.80 0.41
N ILE I 239 -2.86 34.89 1.37
CA ILE I 239 -2.32 35.20 2.68
C ILE I 239 -0.83 35.52 2.54
N GLN I 240 -0.41 36.68 3.05
CA GLN I 240 0.98 37.09 2.93
C GLN I 240 1.77 36.91 4.23
N ASP I 241 1.06 36.88 5.36
CA ASP I 241 1.73 36.72 6.64
C ASP I 241 0.90 35.98 7.69
N LEU I 242 1.47 34.88 8.17
CA LEU I 242 0.85 34.07 9.22
C LEU I 242 1.87 34.09 10.35
N ARG I 243 1.66 34.98 11.32
CA ARG I 243 2.62 35.18 12.40
C ARG I 243 2.17 34.83 13.81
N LEU I 244 3.15 34.44 14.62
CA LEU I 244 2.91 34.08 16.02
C LEU I 244 3.92 34.86 16.88
N LYS I 245 3.42 35.66 17.81
CA LYS I 245 4.28 36.45 18.68
C LYS I 245 4.25 35.85 20.08
N ILE I 246 5.33 35.18 20.46
CA ILE I 246 5.41 34.52 21.76
C ILE I 246 6.22 35.29 22.80
N ASP I 247 5.60 35.55 23.94
CA ASP I 247 6.26 36.24 25.05
C ASP I 247 6.68 35.20 26.07
N SER I 248 7.95 34.85 26.06
CA SER I 248 8.49 33.84 26.97
C SER I 248 9.28 34.46 28.13
N THR I 249 9.61 33.61 29.10
CA THR I 249 10.37 34.04 30.27
C THR I 249 11.62 33.19 30.36
N MET I 250 11.72 32.22 29.44
CA MET I 250 12.85 31.30 29.41
C MET I 250 13.46 31.23 28.02
N ASP I 251 14.71 30.80 27.95
CA ASP I 251 15.41 30.62 26.69
C ASP I 251 15.48 29.13 26.42
N GLU I 252 14.51 28.62 25.65
CA GLU I 252 14.44 27.19 25.37
C GLU I 252 13.97 26.90 23.96
N GLN I 253 13.96 25.62 23.61
CA GLN I 253 13.47 25.17 22.30
C GLN I 253 12.08 24.58 22.49
N ALA I 254 11.11 25.17 21.81
CA ALA I 254 9.72 24.75 21.91
C ALA I 254 9.33 23.80 20.79
N GLU I 255 8.41 22.89 21.10
CA GLU I 255 7.89 21.98 20.10
C GLU I 255 6.53 22.51 19.70
N ILE I 256 6.43 23.03 18.48
CA ILE I 256 5.17 23.59 17.99
C ILE I 256 4.36 22.54 17.26
N ILE I 257 3.19 22.23 17.82
CA ILE I 257 2.29 21.26 17.21
C ILE I 257 1.21 22.00 16.41
N VAL I 258 1.10 21.67 15.13
CA VAL I 258 0.10 22.30 14.27
C VAL I 258 -0.86 21.26 13.72
N GLU I 259 -2.14 21.41 14.06
CA GLU I 259 -3.16 20.49 13.60
C GLU I 259 -3.76 21.01 12.29
N TYR I 260 -3.26 20.50 11.17
CA TYR I 260 -3.76 20.90 9.87
C TYR I 260 -4.99 20.09 9.50
N MET I 261 -5.70 20.54 8.47
CA MET I 261 -6.90 19.85 8.00
C MET I 261 -7.06 20.09 6.51
N GLY I 262 -7.56 19.09 5.80
CA GLY I 262 -7.78 19.22 4.36
C GLY I 262 -8.08 17.88 3.73
N VAL I 263 -8.53 17.93 2.48
CA VAL I 263 -8.84 16.72 1.74
C VAL I 263 -7.53 16.04 1.37
N TRP I 264 -7.33 14.82 1.88
CA TRP I 264 -6.11 14.09 1.61
C TRP I 264 -5.87 13.90 0.12
N SER I 265 -4.64 14.14 -0.31
CA SER I 265 -4.27 14.00 -1.70
C SER I 265 -2.99 13.20 -1.85
N ARG I 266 -2.98 12.37 -2.88
CA ARG I 266 -1.84 11.56 -3.28
C ARG I 266 -0.62 12.46 -3.42
N ASN I 267 -0.86 13.70 -3.85
CA ASN I 267 0.22 14.65 -4.09
C ASN I 267 0.06 15.94 -3.30
N GLY I 268 -0.57 15.85 -2.14
CA GLY I 268 -0.79 17.03 -1.31
C GLY I 268 0.09 17.06 -0.05
N PHE I 269 -0.24 17.99 0.85
CA PHE I 269 0.49 18.18 2.10
C PHE I 269 0.71 16.86 2.85
N MET J 1 -13.73 32.81 11.40
CA MET J 1 -12.72 32.97 12.43
C MET J 1 -13.15 34.01 13.45
N ARG J 2 -12.97 33.69 14.74
CA ARG J 2 -13.32 34.60 15.81
C ARG J 2 -12.11 35.42 16.20
N SER J 3 -12.33 36.51 16.91
CA SER J 3 -11.24 37.36 17.37
C SER J 3 -11.32 37.54 18.88
N PHE J 4 -10.21 37.28 19.55
CA PHE J 4 -10.13 37.44 21.00
C PHE J 4 -9.36 38.71 21.28
N LEU J 5 -10.03 39.70 21.87
CA LEU J 5 -9.42 40.99 22.13
C LEU J 5 -9.38 41.37 23.61
N ASN J 6 -8.29 42.04 23.98
CA ASN J 6 -8.14 42.55 25.33
C ASN J 6 -8.77 43.93 25.33
N LEU J 7 -10.01 44.02 25.81
CA LEU J 7 -10.74 45.27 25.83
C LEU J 7 -9.93 46.41 26.45
N ASN J 8 -10.27 47.63 26.05
CA ASN J 8 -9.58 48.81 26.57
C ASN J 8 -9.70 48.85 28.09
N SER J 9 -8.76 49.51 28.74
CA SER J 9 -8.76 49.61 30.20
C SER J 9 -10.05 50.24 30.72
N ILE J 10 -10.59 49.69 31.80
CA ILE J 10 -11.80 50.23 32.41
C ILE J 10 -11.44 51.49 33.20
N PRO J 11 -12.05 52.61 32.83
CA PRO J 11 -11.75 53.88 33.45
C PRO J 11 -12.22 54.03 34.90
N ASN J 12 -11.37 54.62 35.72
CA ASN J 12 -11.66 54.90 37.12
C ASN J 12 -12.20 53.74 37.95
N VAL J 13 -11.40 52.68 38.07
CA VAL J 13 -11.80 51.53 38.88
C VAL J 13 -11.36 51.74 40.32
N ALA J 14 -12.30 52.15 41.16
CA ALA J 14 -12.00 52.39 42.58
C ALA J 14 -13.24 52.16 43.43
N ALA J 15 -13.03 51.92 44.72
CA ALA J 15 -14.13 51.69 45.65
C ALA J 15 -15.09 52.86 45.70
N GLY J 16 -16.39 52.56 45.63
CA GLY J 16 -17.43 53.58 45.68
C GLY J 16 -17.62 54.30 44.34
N ASN J 17 -16.87 53.86 43.33
CA ASN J 17 -16.95 54.47 42.01
C ASN J 17 -17.99 53.82 41.13
N SER J 18 -18.47 54.56 40.14
CA SER J 18 -19.45 54.05 39.18
C SER J 18 -18.73 53.92 37.84
N CYS J 19 -18.39 52.69 37.48
CA CYS J 19 -17.66 52.45 36.25
C CYS J 19 -18.54 51.88 35.14
N SER J 20 -17.97 51.79 33.95
CA SER J 20 -18.71 51.28 32.80
C SER J 20 -17.77 50.63 31.80
N ILE J 21 -18.26 49.57 31.14
CA ILE J 21 -17.48 48.89 30.12
C ILE J 21 -18.08 49.26 28.77
N LYS J 22 -17.54 50.32 28.17
CA LYS J 22 -18.02 50.79 26.88
C LYS J 22 -17.48 49.93 25.75
N LEU J 23 -18.39 49.24 25.06
CA LEU J 23 -18.02 48.36 23.97
C LEU J 23 -18.07 49.04 22.62
N PRO J 24 -17.00 48.87 21.85
CA PRO J 24 -16.90 49.45 20.51
C PRO J 24 -17.93 48.83 19.57
N ILE J 25 -18.66 49.68 18.85
CA ILE J 25 -19.69 49.22 17.93
C ILE J 25 -19.10 48.77 16.60
N GLY J 26 -19.75 47.79 15.98
CA GLY J 26 -19.29 47.28 14.69
C GLY J 26 -19.38 45.77 14.56
N GLN J 27 -18.92 45.06 15.57
CA GLN J 27 -18.92 43.59 15.54
C GLN J 27 -19.93 42.94 16.47
N THR J 28 -19.79 41.62 16.64
CA THR J 28 -20.67 40.84 17.50
C THR J 28 -19.92 40.32 18.72
N TYR J 29 -20.50 40.49 19.90
CA TYR J 29 -19.89 40.01 21.13
C TYR J 29 -20.57 38.73 21.58
N GLU J 30 -19.86 37.61 21.46
CA GLU J 30 -20.39 36.32 21.86
C GLU J 30 -20.22 36.11 23.36
N VAL J 31 -19.04 36.46 23.87
CA VAL J 31 -18.74 36.33 25.28
C VAL J 31 -17.81 37.45 25.75
N ILE J 32 -18.01 37.89 26.98
CA ILE J 32 -17.17 38.93 27.58
C ILE J 32 -16.66 38.42 28.93
N ASP J 33 -15.35 38.20 29.00
CA ASP J 33 -14.73 37.70 30.22
C ASP J 33 -14.24 38.84 31.11
N LEU J 34 -14.88 38.99 32.27
CA LEU J 34 -14.51 40.05 33.20
C LEU J 34 -13.67 39.52 34.36
N ARG J 35 -12.42 39.97 34.41
CA ARG J 35 -11.51 39.57 35.48
C ARG J 35 -11.60 40.57 36.62
N TYR J 36 -11.69 40.07 37.85
CA TYR J 36 -11.82 40.93 39.01
C TYR J 36 -10.90 40.50 40.16
N SER J 37 -10.48 41.47 40.95
CA SER J 37 -9.62 41.21 42.10
C SER J 37 -9.66 42.43 43.02
N GLY J 38 -9.50 42.20 44.32
CA GLY J 38 -9.55 43.28 45.30
C GLY J 38 -11.00 43.70 45.53
N VAL J 39 -11.92 42.84 45.08
CA VAL J 39 -13.35 43.09 45.24
C VAL J 39 -14.12 41.79 45.04
N THR J 40 -15.24 41.66 45.74
CA THR J 40 -16.08 40.47 45.62
C THR J 40 -17.17 40.71 44.58
N PRO J 41 -17.68 39.63 43.99
CA PRO J 41 -18.73 39.73 42.99
C PRO J 41 -19.94 40.45 43.56
N SER J 42 -20.18 40.25 44.86
CA SER J 42 -21.30 40.87 45.54
C SER J 42 -21.04 42.36 45.77
N GLN J 43 -19.78 42.77 45.63
CA GLN J 43 -19.40 44.16 45.81
C GLN J 43 -19.51 44.94 44.50
N ILE J 44 -19.84 44.24 43.43
CA ILE J 44 -20.05 44.86 42.12
C ILE J 44 -21.56 44.93 41.93
N LYS J 45 -22.16 46.02 42.38
CA LYS J 45 -23.62 46.17 42.35
C LYS J 45 -24.21 46.83 41.11
N ASN J 46 -25.52 46.70 40.98
CA ASN J 46 -26.27 47.29 39.88
C ASN J 46 -25.62 47.14 38.51
N VAL J 47 -25.46 45.90 38.07
CA VAL J 47 -24.87 45.62 36.77
C VAL J 47 -25.96 45.75 35.70
N ARG J 48 -25.77 46.68 34.79
CA ARG J 48 -26.75 46.91 33.73
C ARG J 48 -26.13 46.87 32.35
N VAL J 49 -26.74 46.08 31.47
CA VAL J 49 -26.31 45.98 30.08
C VAL J 49 -27.22 46.92 29.29
N GLU J 50 -26.64 47.98 28.75
CA GLU J 50 -27.44 48.96 28.01
C GLU J 50 -27.09 49.07 26.53
N LEU J 51 -28.14 49.07 25.71
CA LEU J 51 -27.99 49.21 24.27
C LEU J 51 -28.67 50.52 23.87
N ASP J 52 -27.87 51.49 23.44
CA ASP J 52 -28.40 52.80 23.05
C ASP J 52 -29.03 53.52 24.23
N GLY J 53 -28.49 53.30 25.43
CA GLY J 53 -28.98 53.95 26.63
C GLY J 53 -30.13 53.21 27.31
N ARG J 54 -30.70 52.22 26.61
CA ARG J 54 -31.81 51.45 27.17
C ARG J 54 -31.34 50.19 27.87
N LEU J 55 -32.11 49.75 28.86
CA LEU J 55 -31.73 48.56 29.63
C LEU J 55 -32.08 47.26 28.94
N LEU J 56 -31.12 46.34 28.89
CA LEU J 56 -31.33 45.04 28.29
C LEU J 56 -31.45 44.01 29.40
N SER J 57 -30.36 43.84 30.15
CA SER J 57 -30.34 42.89 31.26
C SER J 57 -29.84 43.60 32.53
N THR J 58 -30.28 43.12 33.68
CA THR J 58 -29.88 43.72 34.95
C THR J 58 -29.52 42.67 36.00
N TYR J 59 -28.46 42.95 36.76
CA TYR J 59 -28.02 42.06 37.83
C TYR J 59 -27.83 42.89 39.10
N LYS J 60 -28.50 42.50 40.18
CA LYS J 60 -28.37 43.21 41.45
C LYS J 60 -26.89 43.30 41.83
N THR J 61 -26.19 42.18 41.65
CA THR J 61 -24.75 42.11 41.90
C THR J 61 -24.11 41.15 40.91
N LEU J 62 -22.80 41.24 40.76
CA LEU J 62 -22.07 40.38 39.83
C LEU J 62 -22.19 38.91 40.23
N ASN J 63 -22.56 38.66 41.48
CA ASN J 63 -22.71 37.29 41.98
C ASN J 63 -23.86 36.58 41.30
N ASP J 64 -24.84 37.35 40.83
CA ASP J 64 -26.01 36.80 40.16
C ASP J 64 -25.62 36.28 38.77
N LEU J 65 -24.55 36.85 38.21
CA LEU J 65 -24.07 36.40 36.90
C LEU J 65 -23.29 35.11 37.09
N ILE J 66 -22.65 34.97 38.24
CA ILE J 66 -21.89 33.77 38.58
C ILE J 66 -22.86 32.62 38.78
N LEU J 67 -23.99 32.91 39.42
CA LEU J 67 -25.02 31.92 39.69
C LEU J 67 -25.74 31.53 38.39
N GLU J 68 -25.90 32.50 37.50
CA GLU J 68 -26.55 32.26 36.23
C GLU J 68 -25.75 31.24 35.43
N ASN J 69 -24.42 31.38 35.46
CA ASN J 69 -23.53 30.48 34.75
C ASN J 69 -23.45 29.12 35.45
N THR J 70 -23.45 29.15 36.78
CA THR J 70 -23.38 27.93 37.58
C THR J 70 -24.59 27.04 37.32
N ARG J 71 -25.76 27.65 37.18
CA ARG J 71 -27.00 26.93 36.93
C ARG J 71 -26.93 26.06 35.67
N HIS J 72 -26.31 26.58 34.62
CA HIS J 72 -26.18 25.86 33.36
C HIS J 72 -24.95 24.97 33.37
N LYS J 73 -24.25 24.95 34.50
CA LYS J 73 -23.05 24.16 34.66
C LYS J 73 -21.94 24.62 33.72
N ARG J 74 -21.84 25.93 33.54
CA ARG J 74 -20.81 26.50 32.69
C ARG J 74 -19.52 26.59 33.50
N LYS J 75 -18.38 26.64 32.83
CA LYS J 75 -17.10 26.73 33.50
C LYS J 75 -16.99 27.95 34.41
N ILE J 76 -16.79 27.71 35.70
CA ILE J 76 -16.66 28.77 36.67
C ILE J 76 -15.24 28.83 37.20
N LYS J 77 -14.64 30.02 37.19
CA LYS J 77 -13.29 30.20 37.68
C LYS J 77 -13.21 31.42 38.59
N ALA J 78 -12.55 31.25 39.73
CA ALA J 78 -12.39 32.32 40.69
C ALA J 78 -11.52 33.45 40.11
N GLY J 79 -11.99 34.68 40.23
CA GLY J 79 -11.26 35.82 39.72
C GLY J 79 -11.75 36.22 38.33
N VAL J 80 -12.70 35.46 37.80
CA VAL J 80 -13.25 35.76 36.48
C VAL J 80 -14.74 35.39 36.38
N VAL J 81 -15.48 36.24 35.68
CA VAL J 81 -16.91 36.00 35.46
C VAL J 81 -17.23 36.40 34.03
N SER J 82 -17.86 35.51 33.29
CA SER J 82 -18.16 35.76 31.89
C SER J 82 -19.61 36.11 31.60
N PHE J 83 -19.81 36.92 30.57
CA PHE J 83 -21.13 37.31 30.12
C PHE J 83 -21.41 36.47 28.89
N HIS J 84 -22.17 35.39 29.06
CA HIS J 84 -22.48 34.50 27.95
C HIS J 84 -23.69 34.98 27.15
N PHE J 85 -23.44 35.73 26.09
CA PHE J 85 -24.53 36.20 25.24
C PHE J 85 -24.98 35.03 24.38
N VAL J 86 -24.01 34.32 23.83
CA VAL J 86 -24.30 33.11 23.07
C VAL J 86 -24.64 32.03 24.10
N ARG J 87 -25.79 31.39 23.93
CA ARG J 87 -26.21 30.35 24.87
C ARG J 87 -25.76 28.97 24.41
N PRO J 88 -24.71 28.46 25.06
CA PRO J 88 -24.12 27.17 24.72
C PRO J 88 -25.03 25.95 24.89
N GLU J 89 -26.09 26.10 25.69
CA GLU J 89 -27.01 24.99 25.95
C GLU J 89 -28.10 24.85 24.89
N MET J 90 -28.18 25.83 23.99
CA MET J 90 -29.20 25.82 22.95
C MET J 90 -29.09 24.62 22.01
N LYS J 91 -30.23 24.09 21.63
CA LYS J 91 -30.31 22.96 20.70
C LYS J 91 -31.27 23.33 19.57
N GLY J 92 -30.87 23.06 18.32
CA GLY J 92 -31.68 23.40 17.17
C GLY J 92 -32.77 22.37 16.89
N VAL J 93 -33.90 22.85 16.39
CA VAL J 93 -35.02 21.98 16.06
C VAL J 93 -35.14 21.86 14.54
N ASN J 94 -35.04 23.00 13.87
CA ASN J 94 -35.09 23.06 12.41
C ASN J 94 -33.83 23.70 11.88
N VAL J 95 -32.90 23.96 12.79
CA VAL J 95 -31.60 24.54 12.46
C VAL J 95 -30.57 23.83 13.31
N THR J 96 -29.29 24.06 13.03
CA THR J 96 -28.22 23.42 13.78
C THR J 96 -28.13 24.01 15.19
N ASP J 97 -27.54 23.25 16.11
CA ASP J 97 -27.38 23.70 17.48
C ASP J 97 -26.55 24.98 17.50
N LEU J 98 -25.51 25.02 16.68
CA LEU J 98 -24.63 26.18 16.60
C LEU J 98 -25.39 27.45 16.24
N VAL J 99 -26.31 27.34 15.30
CA VAL J 99 -27.11 28.48 14.87
C VAL J 99 -28.02 28.96 15.99
N GLN J 100 -28.60 28.01 16.72
CA GLN J 100 -29.50 28.32 17.83
C GLN J 100 -28.77 28.96 19.01
N GLN J 101 -27.50 28.60 19.18
CA GLN J 101 -26.70 29.15 20.28
C GLN J 101 -26.17 30.54 19.92
N ARG J 102 -25.60 30.67 18.74
CA ARG J 102 -25.03 31.92 18.27
C ARG J 102 -26.09 33.00 18.05
N MET J 103 -27.34 32.58 17.87
CA MET J 103 -28.43 33.51 17.63
C MET J 103 -28.65 34.47 18.80
N PHE J 104 -28.01 34.19 19.93
CA PHE J 104 -28.15 35.04 21.11
C PHE J 104 -26.99 36.00 21.29
N ALA J 105 -26.00 35.91 20.40
CA ALA J 105 -24.83 36.77 20.46
C ALA J 105 -25.22 38.25 20.43
N LEU J 106 -24.43 39.09 21.08
CA LEU J 106 -24.71 40.51 21.14
C LEU J 106 -24.17 41.27 19.92
N GLY J 107 -24.99 41.34 18.88
CA GLY J 107 -24.63 42.08 17.68
C GLY J 107 -24.73 43.56 18.02
N THR J 108 -23.87 44.38 17.41
CA THR J 108 -23.87 45.81 17.69
C THR J 108 -24.16 46.68 16.47
N VAL J 109 -24.30 46.06 15.31
CA VAL J 109 -24.57 46.78 14.08
C VAL J 109 -25.83 47.64 14.17
N GLY J 110 -25.70 48.93 13.86
CA GLY J 110 -26.81 49.86 13.90
C GLY J 110 -26.94 50.54 15.25
N LEU J 111 -26.14 50.09 16.22
CA LEU J 111 -26.15 50.63 17.56
C LEU J 111 -25.35 51.92 17.66
N THR J 112 -25.70 52.76 18.64
CA THR J 112 -24.99 54.01 18.86
C THR J 112 -24.10 53.85 20.09
N THR J 113 -24.57 53.05 21.04
CA THR J 113 -23.81 52.78 22.25
C THR J 113 -24.11 51.40 22.84
N CYS J 114 -23.07 50.74 23.31
CA CYS J 114 -23.18 49.43 23.95
C CYS J 114 -22.37 49.52 25.24
N GLU J 115 -23.06 49.45 26.37
CA GLU J 115 -22.40 49.60 27.66
C GLU J 115 -22.77 48.54 28.70
N ILE J 116 -21.84 48.33 29.63
CA ILE J 116 -22.05 47.43 30.75
C ILE J 116 -21.70 48.22 32.01
N LYS J 117 -22.70 48.91 32.55
CA LYS J 117 -22.51 49.74 33.73
C LYS J 117 -22.63 48.97 35.02
N PHE J 118 -21.98 49.48 36.07
CA PHE J 118 -22.00 48.85 37.38
C PHE J 118 -21.40 49.79 38.42
N ASP J 119 -21.70 49.53 39.69
CA ASP J 119 -21.19 50.35 40.78
C ASP J 119 -20.27 49.53 41.67
N ILE J 120 -19.13 50.10 42.03
CA ILE J 120 -18.18 49.41 42.91
C ILE J 120 -18.47 49.79 44.36
N ASP J 121 -18.73 48.79 45.19
CA ASP J 121 -19.04 49.03 46.59
C ASP J 121 -17.91 49.82 47.28
N GLU J 122 -18.29 50.59 48.29
CA GLU J 122 -17.33 51.41 49.03
C GLU J 122 -16.36 50.56 49.86
N ALA J 123 -16.81 49.37 50.27
CA ALA J 123 -15.99 48.48 51.07
C ALA J 123 -14.94 47.72 50.27
N ALA J 124 -14.99 47.85 48.95
CA ALA J 124 -14.04 47.17 48.08
C ALA J 124 -12.60 47.40 48.52
N ALA J 125 -11.89 46.31 48.79
CA ALA J 125 -10.50 46.37 49.24
C ALA J 125 -9.62 47.20 48.31
N GLY J 126 -9.41 46.71 47.09
CA GLY J 126 -8.59 47.39 46.10
C GLY J 126 -8.98 46.93 44.71
N PRO J 127 -10.22 47.25 44.32
CA PRO J 127 -10.78 46.83 43.03
C PRO J 127 -9.84 46.92 41.83
N LYS J 128 -9.83 45.85 41.04
CA LYS J 128 -9.03 45.77 39.82
C LYS J 128 -9.85 44.98 38.82
N LEU J 129 -10.26 45.63 37.73
CA LEU J 129 -11.08 44.98 36.73
C LEU J 129 -10.60 45.18 35.30
N SER J 130 -10.60 44.10 34.54
CA SER J 130 -10.21 44.12 33.14
C SER J 130 -11.17 43.22 32.37
N ALA J 131 -11.27 43.42 31.06
CA ALA J 131 -12.19 42.63 30.26
C ALA J 131 -11.59 42.16 28.94
N ILE J 132 -12.00 40.97 28.52
CA ILE J 132 -11.56 40.38 27.27
C ILE J 132 -12.82 40.05 26.46
N ALA J 133 -12.77 40.29 25.15
CA ALA J 133 -13.92 40.03 24.30
C ALA J 133 -13.71 38.95 23.26
N GLN J 134 -14.66 38.02 23.19
CA GLN J 134 -14.63 36.97 22.17
C GLN J 134 -15.66 37.42 21.14
N LYS J 135 -15.19 38.03 20.07
CA LYS J 135 -16.09 38.58 19.06
C LYS J 135 -16.14 37.80 17.75
N SER J 136 -17.11 38.16 16.92
CA SER J 136 -17.30 37.56 15.61
C SER J 136 -17.87 38.63 14.68
N VAL J 137 -18.08 38.28 13.42
CA VAL J 137 -18.61 39.23 12.45
C VAL J 137 -19.84 39.99 12.95
N GLY J 138 -19.93 41.25 12.59
CA GLY J 138 -21.03 42.12 13.03
C GLY J 138 -22.42 41.67 12.59
N THR J 139 -23.38 41.86 13.49
CA THR J 139 -24.78 41.54 13.24
C THR J 139 -25.62 42.52 14.05
N ALA J 140 -26.89 42.66 13.70
CA ALA J 140 -27.78 43.54 14.45
C ALA J 140 -27.97 42.91 15.83
N PRO J 141 -28.42 43.70 16.80
CA PRO J 141 -28.65 43.18 18.14
C PRO J 141 -29.51 41.93 18.06
N SER J 142 -30.59 42.01 17.27
CA SER J 142 -31.47 40.87 17.05
C SER J 142 -31.92 40.16 18.33
N TRP J 143 -32.02 38.83 18.25
CA TRP J 143 -32.44 38.02 19.40
C TRP J 143 -31.46 38.12 20.57
N LEU J 144 -31.95 38.61 21.69
CA LEU J 144 -31.12 38.77 22.88
C LEU J 144 -31.86 38.29 24.13
N THR J 145 -31.10 37.94 25.17
CA THR J 145 -31.66 37.54 26.44
C THR J 145 -31.79 38.80 27.30
N MET J 146 -32.97 39.02 27.86
CA MET J 146 -33.22 40.21 28.66
C MET J 146 -33.59 39.85 30.11
N ARG J 147 -32.58 39.82 30.97
CA ARG J 147 -32.78 39.49 32.37
C ARG J 147 -33.40 40.67 33.13
N ARG J 148 -34.59 40.44 33.67
CA ARG J 148 -35.31 41.49 34.41
C ARG J 148 -35.48 41.15 35.88
N ASN J 149 -35.46 42.18 36.71
CA ASN J 149 -35.57 42.04 38.16
C ASN J 149 -36.93 42.49 38.68
N PHE J 150 -37.50 41.71 39.59
CA PHE J 150 -38.79 42.04 40.20
C PHE J 150 -38.77 41.63 41.68
N PHE J 151 -39.36 42.48 42.53
CA PHE J 151 -39.42 42.19 43.96
C PHE J 151 -40.87 42.08 44.41
N LYS J 152 -41.21 40.97 45.03
CA LYS J 152 -42.58 40.76 45.49
C LYS J 152 -42.62 40.10 46.86
N GLN J 153 -43.69 40.36 47.60
CA GLN J 153 -43.84 39.82 48.94
C GLN J 153 -44.43 38.43 48.93
N LEU J 154 -43.79 37.53 49.68
CA LEU J 154 -44.26 36.15 49.79
C LEU J 154 -44.81 35.99 51.19
N ASN J 155 -45.87 35.21 51.30
CA ASN J 155 -46.47 34.99 52.61
C ASN J 155 -46.15 33.59 53.04
N ASN J 156 -46.45 33.34 54.29
CA ASN J 156 -46.33 32.02 54.81
C ASN J 156 -47.73 31.45 54.57
N GLY J 157 -47.82 30.64 53.52
CA GLY J 157 -49.06 30.07 53.06
C GLY J 157 -48.96 30.11 51.54
N THR J 158 -49.93 30.74 50.88
CA THR J 158 -49.94 30.81 49.44
C THR J 158 -49.93 32.23 48.89
N THR J 159 -48.98 32.52 48.00
CA THR J 159 -48.89 33.82 47.36
C THR J 159 -49.06 33.65 45.86
N GLU J 160 -49.71 34.62 45.21
CA GLU J 160 -49.92 34.56 43.77
C GLU J 160 -49.34 35.80 43.09
N ILE J 161 -48.56 35.57 42.04
CA ILE J 161 -47.94 36.66 41.28
C ILE J 161 -48.38 36.61 39.83
N ALA J 162 -49.30 37.50 39.46
CA ALA J 162 -49.83 37.54 38.11
C ALA J 162 -49.57 38.86 37.38
N ASP J 163 -48.80 39.74 37.99
CA ASP J 163 -48.51 41.04 37.40
C ASP J 163 -47.15 41.13 36.70
N LEU J 164 -46.66 39.99 36.22
CA LEU J 164 -45.38 39.98 35.52
C LEU J 164 -45.55 40.54 34.11
N PRO J 165 -44.63 41.42 33.71
CA PRO J 165 -44.70 42.04 32.38
C PRO J 165 -44.85 40.99 31.28
N ARG J 166 -45.71 41.28 30.32
CA ARG J 166 -45.94 40.37 29.20
C ARG J 166 -45.73 41.04 27.86
N PRO J 167 -44.50 41.50 27.60
CA PRO J 167 -44.19 42.15 26.33
C PRO J 167 -44.61 41.26 25.17
N VAL J 168 -45.43 41.82 24.28
CA VAL J 168 -45.94 41.07 23.13
C VAL J 168 -44.86 40.63 22.15
N GLY J 169 -44.92 39.36 21.76
CA GLY J 169 -43.96 38.81 20.81
C GLY J 169 -42.73 38.23 21.49
N TYR J 170 -42.53 38.60 22.74
CA TYR J 170 -41.38 38.12 23.50
C TYR J 170 -41.65 36.75 24.10
N ARG J 171 -40.61 36.12 24.65
CA ARG J 171 -40.74 34.80 25.25
C ARG J 171 -40.13 34.82 26.65
N ILE J 172 -40.40 33.77 27.42
CA ILE J 172 -39.85 33.63 28.75
C ILE J 172 -39.09 32.31 28.82
N ALA J 173 -37.77 32.41 28.97
CA ALA J 173 -36.93 31.22 29.04
C ALA J 173 -37.03 30.56 30.41
N ALA J 174 -37.04 31.37 31.45
CA ALA J 174 -37.12 30.85 32.81
C ALA J 174 -37.52 31.90 33.83
N ILE J 175 -37.93 31.43 35.02
CA ILE J 175 -38.30 32.30 36.11
C ILE J 175 -37.63 31.78 37.37
N HIS J 176 -36.88 32.65 38.05
CA HIS J 176 -36.18 32.24 39.26
C HIS J 176 -36.72 32.97 40.49
N ILE J 177 -37.31 32.20 41.40
CA ILE J 177 -37.85 32.76 42.63
C ILE J 177 -36.79 32.67 43.74
N LYS J 178 -36.25 33.81 44.12
CA LYS J 178 -35.22 33.85 45.14
C LYS J 178 -35.82 34.09 46.53
N ALA J 179 -36.05 32.98 47.24
CA ALA J 179 -36.62 33.02 48.58
C ALA J 179 -36.15 31.78 49.33
N ALA J 180 -36.05 31.87 50.65
CA ALA J 180 -35.57 30.76 51.46
C ALA J 180 -36.64 29.80 51.96
N GLY J 181 -37.91 30.19 51.88
CA GLY J 181 -38.99 29.33 52.40
C GLY J 181 -40.04 28.88 51.38
N VAL J 182 -39.62 28.68 50.13
CA VAL J 182 -40.54 28.22 49.10
C VAL J 182 -40.61 26.69 49.06
N ASP J 183 -41.80 26.16 49.30
CA ASP J 183 -42.01 24.71 49.34
C ASP J 183 -42.39 24.15 47.97
N ALA J 184 -43.38 24.79 47.33
CA ALA J 184 -43.86 24.34 46.03
C ALA J 184 -44.37 25.53 45.22
N VAL J 185 -44.40 25.36 43.91
CA VAL J 185 -44.86 26.41 43.02
C VAL J 185 -45.70 25.84 41.90
N GLU J 186 -46.63 26.64 41.39
CA GLU J 186 -47.51 26.22 40.31
C GLU J 186 -47.54 27.33 39.27
N PHE J 187 -47.43 26.96 38.00
CA PHE J 187 -47.45 27.96 36.93
C PHE J 187 -48.60 27.69 35.98
N GLN J 188 -49.36 28.72 35.67
CA GLN J 188 -50.50 28.58 34.75
C GLN J 188 -50.70 29.78 33.85
N ILE J 189 -51.26 29.52 32.68
CA ILE J 189 -51.54 30.57 31.70
C ILE J 189 -52.96 30.38 31.20
N ASP J 190 -53.83 31.33 31.51
CA ASP J 190 -55.22 31.25 31.10
C ASP J 190 -55.91 30.03 31.70
N GLY J 191 -55.69 29.79 32.99
CA GLY J 191 -56.29 28.66 33.68
C GLY J 191 -55.53 27.35 33.48
N THR J 192 -54.88 27.21 32.33
CA THR J 192 -54.13 26.00 32.01
C THR J 192 -52.91 25.85 32.92
N LYS J 193 -52.85 24.74 33.64
CA LYS J 193 -51.74 24.47 34.55
C LYS J 193 -50.57 23.78 33.85
N TRP J 194 -49.65 24.58 33.33
CA TRP J 194 -48.49 24.05 32.63
C TRP J 194 -47.50 23.39 33.58
N ARG J 195 -47.51 23.86 34.83
CA ARG J 195 -46.65 23.31 35.86
C ARG J 195 -47.50 23.10 37.11
N ASP J 196 -47.80 21.84 37.41
CA ASP J 196 -48.59 21.51 38.56
C ASP J 196 -47.89 22.02 39.82
N LEU J 197 -48.60 22.02 40.94
CA LEU J 197 -48.00 22.45 42.19
C LEU J 197 -46.90 21.44 42.51
N LEU J 198 -45.71 21.69 41.95
CA LEU J 198 -44.57 20.79 42.12
C LEU J 198 -43.77 21.12 43.37
N LYS J 199 -43.50 20.10 44.19
CA LYS J 199 -42.71 20.28 45.38
C LYS J 199 -41.28 20.61 44.99
N LYS J 200 -40.61 21.42 45.80
CA LYS J 200 -39.23 21.82 45.52
C LYS J 200 -38.33 20.64 45.16
N ALA J 201 -38.39 19.58 45.98
CA ALA J 201 -37.58 18.40 45.74
C ALA J 201 -37.84 17.78 44.37
N ASP J 202 -39.10 17.83 43.94
CA ASP J 202 -39.49 17.27 42.65
C ASP J 202 -39.06 18.17 41.50
N ASN J 203 -39.23 19.48 41.69
CA ASN J 203 -38.83 20.45 40.67
C ASN J 203 -37.32 20.43 40.49
N ASP J 204 -36.60 20.39 41.61
CA ASP J 204 -35.15 20.37 41.59
C ASP J 204 -34.59 19.10 40.97
N TYR J 205 -35.35 18.01 41.06
CA TYR J 205 -34.93 16.74 40.49
C TYR J 205 -34.98 16.82 38.96
N ILE J 206 -36.04 17.43 38.45
CA ILE J 206 -36.18 17.58 37.00
C ILE J 206 -35.10 18.50 36.46
N LEU J 207 -34.78 19.55 37.20
CA LEU J 207 -33.73 20.49 36.80
C LEU J 207 -32.41 19.74 36.64
N GLU J 208 -32.00 19.04 37.69
CA GLU J 208 -30.76 18.28 37.67
C GLU J 208 -30.79 17.21 36.58
N GLN J 209 -32.00 16.71 36.30
CA GLN J 209 -32.18 15.68 35.29
C GLN J 209 -31.75 16.19 33.91
N TYR J 210 -31.70 17.50 33.75
CA TYR J 210 -31.31 18.10 32.49
C TYR J 210 -29.95 18.79 32.50
N GLY J 211 -29.09 18.37 33.44
CA GLY J 211 -27.74 18.90 33.54
C GLY J 211 -27.63 20.28 34.19
N LYS J 212 -28.70 20.72 34.86
CA LYS J 212 -28.69 22.02 35.53
C LYS J 212 -28.33 21.87 37.00
N ALA J 213 -27.79 22.93 37.58
CA ALA J 213 -27.42 22.93 38.98
C ALA J 213 -28.44 23.75 39.77
N VAL J 214 -28.92 23.18 40.87
CA VAL J 214 -29.90 23.87 41.71
C VAL J 214 -29.24 24.97 42.54
N LEU J 215 -29.78 26.18 42.45
CA LEU J 215 -29.24 27.31 43.19
C LEU J 215 -29.85 27.39 44.58
N ASP J 216 -29.05 27.79 45.56
CA ASP J 216 -29.51 27.90 46.94
C ASP J 216 -30.60 28.95 47.08
N ASN J 217 -31.61 28.63 47.89
CA ASN J 217 -32.72 29.55 48.15
C ASN J 217 -33.34 30.07 46.85
N THR J 218 -33.48 29.18 45.87
CA THR J 218 -34.05 29.54 44.59
C THR J 218 -34.95 28.43 44.03
N TYR J 219 -36.10 28.82 43.50
CA TYR J 219 -37.01 27.89 42.86
C TYR J 219 -37.04 28.26 41.39
N THR J 220 -36.33 27.49 40.57
CA THR J 220 -36.23 27.76 39.15
C THR J 220 -37.26 27.05 38.29
N ILE J 221 -37.94 27.81 37.45
CA ILE J 221 -38.92 27.26 36.52
C ILE J 221 -38.33 27.39 35.12
N ASP J 222 -37.56 26.39 34.73
CA ASP J 222 -36.89 26.36 33.44
C ASP J 222 -37.83 25.92 32.32
N PHE J 223 -38.07 26.81 31.37
CA PHE J 223 -38.95 26.51 30.24
C PHE J 223 -38.17 26.04 29.02
N MET J 224 -36.86 25.92 29.18
CA MET J 224 -35.98 25.49 28.09
C MET J 224 -35.03 24.39 28.55
N LEU J 225 -35.55 23.46 29.34
CA LEU J 225 -34.76 22.36 29.86
C LEU J 225 -34.07 21.52 28.78
N GLU J 226 -34.74 21.35 27.65
CA GLU J 226 -34.19 20.58 26.54
C GLU J 226 -33.25 21.40 25.68
N GLY J 227 -33.26 22.71 25.87
CA GLY J 227 -32.41 23.61 25.07
C GLY J 227 -33.18 24.11 23.86
N ASP J 228 -34.43 23.67 23.74
CA ASP J 228 -35.29 24.09 22.64
C ASP J 228 -35.96 25.42 22.96
N VAL J 229 -35.66 26.43 22.15
CA VAL J 229 -36.21 27.77 22.35
C VAL J 229 -37.73 27.80 22.20
N TYR J 230 -38.26 26.86 21.43
CA TYR J 230 -39.70 26.78 21.19
C TYR J 230 -40.48 26.21 22.36
N GLN J 231 -39.77 25.84 23.41
CA GLN J 231 -40.40 25.27 24.59
C GLN J 231 -40.67 26.38 25.59
N SER J 232 -40.03 27.52 25.37
CA SER J 232 -40.19 28.68 26.24
C SER J 232 -41.59 29.27 26.12
N VAL J 233 -41.97 30.08 27.09
CA VAL J 233 -43.29 30.70 27.10
C VAL J 233 -43.39 31.82 26.05
N LEU J 234 -44.30 31.65 25.09
CA LEU J 234 -44.50 32.67 24.07
C LEU J 234 -45.56 33.64 24.55
N LEU J 235 -45.13 34.86 24.87
CA LEU J 235 -46.05 35.88 25.37
C LEU J 235 -47.04 36.35 24.30
N ASP J 236 -48.01 35.49 24.01
CA ASP J 236 -49.05 35.75 23.03
C ASP J 236 -49.89 36.96 23.42
N GLN J 237 -50.10 37.85 22.46
CA GLN J 237 -50.90 39.05 22.68
C GLN J 237 -52.33 38.71 23.07
N MET J 238 -52.61 37.42 23.20
CA MET J 238 -53.95 36.95 23.55
C MET J 238 -54.05 36.29 24.92
N ILE J 239 -52.92 36.12 25.60
CA ILE J 239 -52.92 35.54 26.94
C ILE J 239 -53.65 36.48 27.89
N GLN J 240 -54.62 35.94 28.62
CA GLN J 240 -55.41 36.74 29.56
C GLN J 240 -54.85 36.70 30.97
N ASP J 241 -54.24 35.58 31.33
CA ASP J 241 -53.70 35.41 32.68
C ASP J 241 -52.41 34.59 32.72
N LEU J 242 -51.37 35.19 33.28
CA LEU J 242 -50.07 34.54 33.45
C LEU J 242 -49.86 34.55 34.96
N ARG J 243 -50.15 33.44 35.62
CA ARG J 243 -50.09 33.38 37.07
C ARG J 243 -49.09 32.41 37.68
N LEU J 244 -48.63 32.77 38.88
CA LEU J 244 -47.67 31.97 39.63
C LEU J 244 -48.22 31.79 41.04
N LYS J 245 -48.41 30.54 41.46
CA LYS J 245 -48.91 30.26 42.80
C LYS J 245 -47.79 29.69 43.66
N ILE J 246 -47.30 30.51 44.58
CA ILE J 246 -46.18 30.11 45.43
C ILE J 246 -46.60 29.71 46.84
N ASP J 247 -46.21 28.49 47.24
CA ASP J 247 -46.49 27.99 48.56
C ASP J 247 -45.23 28.15 49.41
N SER J 248 -45.22 29.17 50.26
CA SER J 248 -44.07 29.46 51.10
C SER J 248 -44.30 29.04 52.55
N THR J 249 -43.23 29.09 53.35
CA THR J 249 -43.29 28.74 54.75
C THR J 249 -42.80 29.92 55.57
N MET J 250 -42.36 30.95 54.86
CA MET J 250 -41.83 32.16 55.49
C MET J 250 -42.51 33.39 54.92
N ASP J 251 -42.47 34.48 55.67
CA ASP J 251 -43.04 35.74 55.20
C ASP J 251 -41.85 36.64 54.85
N GLU J 252 -41.50 36.68 53.57
CA GLU J 252 -40.36 37.46 53.12
C GLU J 252 -40.60 38.09 51.76
N GLN J 253 -39.67 38.95 51.33
CA GLN J 253 -39.76 39.58 50.04
C GLN J 253 -38.85 38.80 49.09
N ALA J 254 -39.45 38.22 48.07
CA ALA J 254 -38.71 37.42 47.10
C ALA J 254 -38.26 38.25 45.91
N GLU J 255 -37.09 37.91 45.38
CA GLU J 255 -36.59 38.58 44.18
C GLU J 255 -36.89 37.65 43.02
N ILE J 256 -37.83 38.05 42.17
CA ILE J 256 -38.22 37.23 41.03
C ILE J 256 -37.41 37.62 39.79
N ILE J 257 -36.61 36.67 39.30
CA ILE J 257 -35.80 36.88 38.11
C ILE J 257 -36.51 36.28 36.90
N VAL J 258 -36.75 37.11 35.89
CA VAL J 258 -37.42 36.65 34.68
C VAL J 258 -36.51 36.82 33.47
N GLU J 259 -36.16 35.71 32.83
CA GLU J 259 -35.30 35.75 31.66
C GLU J 259 -36.15 35.84 30.40
N TYR J 260 -36.32 37.07 29.90
CA TYR J 260 -37.11 37.30 28.70
C TYR J 260 -36.24 37.09 27.47
N MET J 261 -36.90 36.99 26.31
CA MET J 261 -36.20 36.80 25.04
C MET J 261 -37.01 37.45 23.92
N GLY J 262 -36.31 38.03 22.95
CA GLY J 262 -36.97 38.66 21.83
C GLY J 262 -35.97 39.45 20.98
N VAL J 263 -36.40 39.86 19.80
CA VAL J 263 -35.58 40.66 18.89
C VAL J 263 -35.54 42.06 19.46
N TRP J 264 -34.33 42.48 19.79
CA TRP J 264 -34.13 43.80 20.37
C TRP J 264 -34.66 44.90 19.47
N SER J 265 -35.38 45.83 20.07
CA SER J 265 -35.94 46.97 19.35
C SER J 265 -35.61 48.27 20.07
N ARG J 266 -35.25 49.28 19.29
CA ARG J 266 -34.88 50.59 19.81
C ARG J 266 -35.97 51.19 20.68
N ASN J 267 -37.22 50.76 20.46
CA ASN J 267 -38.35 51.27 21.22
C ASN J 267 -39.13 50.11 21.84
N GLY J 268 -38.45 49.01 22.10
CA GLY J 268 -39.10 47.83 22.66
C GLY J 268 -38.78 47.59 24.14
N PHE J 269 -39.17 46.41 24.62
CA PHE J 269 -38.97 46.02 26.02
C PHE J 269 -37.55 46.30 26.52
N MET K 1 -51.94 64.05 44.17
CA MET K 1 -52.44 63.20 45.30
C MET K 1 -51.39 63.10 46.40
N ILE K 2 -51.83 63.25 47.64
CA ILE K 2 -50.96 63.16 48.81
C ILE K 2 -51.09 61.75 49.39
N VAL K 3 -49.98 61.00 49.38
CA VAL K 3 -50.02 59.56 49.69
C VAL K 3 -48.99 59.17 50.77
N LYS K 4 -49.38 58.23 51.62
CA LYS K 4 -48.51 57.75 52.71
C LYS K 4 -47.41 56.81 52.22
N LYS K 5 -46.33 56.75 53.00
CA LYS K 5 -45.30 55.72 52.85
C LYS K 5 -44.74 55.39 54.24
N LYS K 6 -45.05 54.20 54.74
CA LYS K 6 -44.61 53.78 56.07
C LYS K 6 -43.47 52.77 56.02
N LEU K 7 -42.92 52.43 57.19
CA LEU K 7 -41.79 51.51 57.28
C LEU K 7 -42.05 50.32 58.21
N ALA K 8 -41.16 49.35 58.13
CA ALA K 8 -41.18 48.19 59.01
C ALA K 8 -39.85 47.45 58.94
N ALA K 9 -39.50 46.98 57.75
CA ALA K 9 -38.23 46.24 57.53
C ALA K 9 -37.95 45.95 56.06
N GLY K 10 -38.89 45.25 55.41
CA GLY K 10 -38.69 44.78 54.05
C GLY K 10 -39.20 45.71 52.97
N GLU K 11 -39.47 45.15 51.80
CA GLU K 11 -39.96 45.91 50.65
C GLU K 11 -41.42 46.28 50.82
N PHE K 12 -41.78 47.48 50.37
CA PHE K 12 -43.16 47.94 50.35
C PHE K 12 -43.57 48.18 48.90
N ALA K 13 -44.86 47.98 48.62
CA ALA K 13 -45.39 48.13 47.26
C ALA K 13 -46.79 48.74 47.29
N GLU K 14 -46.84 50.07 47.24
CA GLU K 14 -48.11 50.79 47.19
C GLU K 14 -48.48 51.12 45.75
N THR K 15 -49.41 50.33 45.21
CA THR K 15 -49.79 50.42 43.80
C THR K 15 -51.23 50.89 43.65
N PHE K 16 -51.43 52.21 43.72
CA PHE K 16 -52.75 52.80 43.45
C PHE K 16 -52.92 52.98 41.95
N LYS K 17 -54.04 52.51 41.42
CA LYS K 17 -54.25 52.42 39.97
C LYS K 17 -54.61 53.77 39.32
N ASN K 18 -53.64 54.68 39.27
CA ASN K 18 -53.75 55.92 38.50
C ASN K 18 -52.54 56.83 38.70
N GLY K 19 -51.63 56.79 37.73
CA GLY K 19 -50.51 57.73 37.68
C GLY K 19 -50.93 58.98 36.94
N ASN K 20 -51.80 59.77 37.57
CA ASN K 20 -52.12 61.10 37.08
C ASN K 20 -50.93 62.02 37.31
N ASN K 21 -50.13 61.66 38.31
CA ASN K 21 -48.92 62.39 38.65
C ASN K 21 -47.68 61.68 38.10
N ILE K 22 -47.72 61.44 36.79
CA ILE K 22 -46.62 60.80 36.06
C ILE K 22 -45.66 61.88 35.54
N THR K 23 -46.13 62.69 34.59
CA THR K 23 -45.36 63.83 34.10
C THR K 23 -45.56 64.98 35.08
N ILE K 24 -44.96 64.84 36.26
CA ILE K 24 -45.33 65.64 37.43
C ILE K 24 -44.20 65.77 38.44
N ILE K 25 -44.18 66.88 39.17
CA ILE K 25 -43.16 67.15 40.17
C ILE K 25 -43.48 66.44 41.48
N LYS K 26 -42.60 65.54 41.91
CA LYS K 26 -42.78 64.82 43.17
C LYS K 26 -42.18 65.59 44.33
N ALA K 27 -42.98 65.85 45.36
CA ALA K 27 -42.49 66.42 46.61
C ALA K 27 -42.20 65.28 47.57
N VAL K 28 -41.18 64.49 47.24
CA VAL K 28 -40.87 63.27 47.98
C VAL K 28 -40.13 63.57 49.28
N GLY K 29 -40.52 62.88 50.35
CA GLY K 29 -39.85 62.98 51.65
C GLY K 29 -38.98 61.77 51.90
N GLU K 30 -37.83 61.98 52.52
CA GLU K 30 -36.80 60.93 52.64
C GLU K 30 -35.98 61.03 53.94
N LEU K 31 -35.81 59.88 54.60
CA LEU K 31 -35.00 59.77 55.82
C LEU K 31 -33.76 58.92 55.57
N VAL K 32 -32.84 58.96 56.52
CA VAL K 32 -31.60 58.14 56.55
C VAL K 32 -31.18 57.53 55.18
N LEU K 33 -31.41 56.25 54.93
CA LEU K 33 -30.86 55.59 53.73
C LEU K 33 -31.81 54.55 53.12
N ARG K 34 -32.35 54.86 51.94
CA ARG K 34 -33.26 53.96 51.23
C ARG K 34 -32.92 53.85 49.75
N ALA K 35 -33.65 52.97 49.06
CA ALA K 35 -33.67 52.93 47.61
C ALA K 35 -35.13 52.73 47.16
N TYR K 36 -35.49 53.33 46.03
CA TYR K 36 -36.85 53.25 45.50
C TYR K 36 -36.82 52.88 44.01
N GLY K 37 -37.98 52.81 43.38
CA GLY K 37 -38.05 52.52 41.96
C GLY K 37 -39.33 52.98 41.28
N ALA K 38 -39.27 53.07 39.96
CA ALA K 38 -40.37 53.56 39.13
C ALA K 38 -40.88 52.42 38.24
N ASP K 39 -42.13 52.01 38.45
CA ASP K 39 -42.76 50.97 37.63
C ASP K 39 -43.97 51.52 36.88
N GLY K 40 -43.78 51.80 35.60
CA GLY K 40 -44.85 52.26 34.71
C GLY K 40 -44.58 51.84 33.29
N GLY K 41 -44.64 50.52 33.06
CA GLY K 41 -44.23 49.92 31.79
C GLY K 41 -42.84 49.32 31.92
N GLU K 42 -41.89 50.16 32.35
CA GLU K 42 -40.51 49.73 32.60
C GLU K 42 -40.25 49.65 34.10
N GLY K 43 -39.38 48.73 34.50
CA GLY K 43 -38.95 48.59 35.90
C GLY K 43 -37.65 49.33 36.16
N LEU K 44 -37.73 50.46 36.86
CA LEU K 44 -36.57 51.32 37.10
C LEU K 44 -36.17 51.34 38.58
N ARG K 45 -34.98 51.88 38.85
CA ARG K 45 -34.46 52.03 40.20
C ARG K 45 -34.29 53.51 40.56
N THR K 46 -34.12 53.78 41.86
CA THR K 46 -33.86 55.12 42.36
C THR K 46 -33.21 55.04 43.74
N ILE K 47 -32.21 55.88 43.98
CA ILE K 47 -31.57 55.98 45.29
C ILE K 47 -31.47 57.45 45.68
N VAL K 48 -31.98 57.78 46.87
CA VAL K 48 -32.06 59.18 47.28
C VAL K 48 -32.23 59.27 48.80
N ARG K 49 -31.40 60.11 49.44
CA ARG K 49 -31.26 60.14 50.90
C ARG K 49 -31.59 61.49 51.56
N GLN K 50 -32.09 62.44 50.77
CA GLN K 50 -32.48 63.76 51.29
C GLN K 50 -33.71 64.30 50.55
N GLY K 51 -34.55 65.04 51.28
CA GLY K 51 -35.76 65.64 50.71
C GLY K 51 -35.49 66.37 49.41
N VAL K 52 -36.04 65.86 48.31
CA VAL K 52 -35.73 66.36 46.97
C VAL K 52 -36.99 66.54 46.13
N SER K 53 -36.91 67.42 45.14
CA SER K 53 -37.99 67.64 44.17
C SER K 53 -37.67 66.88 42.88
N ILE K 54 -38.49 65.88 42.55
CA ILE K 54 -38.25 65.01 41.40
C ILE K 54 -39.07 65.46 40.20
N LYS K 55 -38.64 65.07 39.00
CA LYS K 55 -39.36 65.37 37.77
C LYS K 55 -40.27 64.20 37.37
N GLY K 56 -40.84 64.25 36.16
CA GLY K 56 -41.84 63.29 35.72
C GLY K 56 -41.31 62.06 34.98
N MET K 57 -41.89 60.91 35.30
CA MET K 57 -41.65 59.64 34.60
C MET K 57 -42.94 58.83 34.63
N ASN K 58 -42.97 57.68 33.97
CA ASN K 58 -44.17 56.82 33.97
C ASN K 58 -44.27 55.99 35.25
N TYR K 59 -45.49 55.81 35.75
CA TYR K 59 -45.75 55.20 37.05
C TYR K 59 -47.12 54.53 37.13
N THR K 60 -47.11 53.22 37.37
CA THR K 60 -48.31 52.47 37.75
C THR K 60 -48.15 51.91 39.17
N SER K 61 -46.92 51.58 39.56
CA SER K 61 -46.61 51.11 40.91
C SER K 61 -45.28 51.69 41.38
N VAL K 62 -45.11 51.76 42.70
CA VAL K 62 -43.86 52.26 43.31
C VAL K 62 -43.09 51.12 43.96
N MET K 63 -41.79 51.05 43.68
CA MET K 63 -40.90 50.10 44.33
C MET K 63 -40.22 50.79 45.51
N LEU K 64 -40.13 50.10 46.63
CA LEU K 64 -39.55 50.66 47.86
C LEU K 64 -38.54 49.68 48.47
N HIS K 65 -37.27 49.84 48.09
CA HIS K 65 -36.19 49.00 48.62
C HIS K 65 -35.76 49.53 50.00
N THR K 66 -35.31 48.64 50.87
CA THR K 66 -34.99 49.03 52.24
C THR K 66 -33.61 48.54 52.69
N GLU K 67 -32.82 49.45 53.24
CA GLU K 67 -31.55 49.12 53.88
C GLU K 67 -31.73 49.23 55.39
N TYR K 68 -32.21 50.39 55.83
CA TYR K 68 -32.52 50.62 57.24
C TYR K 68 -34.02 50.45 57.45
N ALA K 69 -34.39 49.51 58.33
CA ALA K 69 -35.78 49.18 58.61
C ALA K 69 -36.47 50.26 59.44
N GLN K 70 -35.67 50.98 60.22
CA GLN K 70 -36.21 51.85 61.26
C GLN K 70 -36.01 53.33 60.94
N GLU K 71 -36.44 53.71 59.75
CA GLU K 71 -36.53 55.12 59.34
C GLU K 71 -37.99 55.51 59.52
N ILE K 72 -38.41 56.66 58.98
CA ILE K 72 -39.72 57.21 59.35
C ILE K 72 -40.63 57.55 58.17
N GLU K 73 -41.93 57.47 58.43
CA GLU K 73 -42.98 57.62 57.42
C GLU K 73 -42.87 58.93 56.65
N TYR K 74 -43.32 58.90 55.39
CA TYR K 74 -43.31 60.10 54.55
C TYR K 74 -44.56 60.21 53.68
N TRP K 75 -44.77 61.42 53.16
CA TRP K 75 -45.84 61.70 52.23
C TRP K 75 -45.27 62.23 50.92
N VAL K 76 -45.16 61.37 49.92
CA VAL K 76 -44.64 61.76 48.61
C VAL K 76 -45.76 62.36 47.75
N GLY K 77 -46.01 63.66 47.95
CA GLY K 77 -47.04 64.38 47.21
C GLY K 77 -46.60 64.72 45.80
N ASP K 78 -47.12 63.97 44.83
CA ASP K 78 -46.82 64.22 43.43
C ASP K 78 -47.87 65.17 42.85
N LEU K 79 -47.43 66.30 42.29
CA LEU K 79 -48.33 67.31 41.73
C LEU K 79 -47.78 67.93 40.43
N ASP K 80 -48.68 68.28 39.51
CA ASP K 80 -48.33 68.86 38.21
C ASP K 80 -47.29 69.96 38.34
N TYR K 81 -47.61 70.96 39.16
CA TYR K 81 -46.69 72.04 39.48
C TYR K 81 -46.74 72.31 40.99
N SER K 82 -45.59 72.18 41.65
CA SER K 82 -45.50 72.35 43.10
C SER K 82 -44.36 73.30 43.46
N PHE K 83 -44.72 74.50 43.93
CA PHE K 83 -43.76 75.51 44.34
C PHE K 83 -44.16 76.11 45.69
N GLN K 84 -43.27 75.99 46.68
CA GLN K 84 -43.52 76.50 48.03
C GLN K 84 -42.33 77.28 48.55
N GLU K 85 -42.48 78.61 48.63
CA GLU K 85 -41.42 79.50 49.09
C GLU K 85 -41.98 80.68 49.87
N GLN K 86 -41.57 80.81 51.14
CA GLN K 86 -41.89 81.98 51.98
C GLN K 86 -41.34 81.82 53.40
N THR K 87 -40.50 82.75 53.82
CA THR K 87 -40.01 82.82 55.19
C THR K 87 -40.62 84.04 55.89
N THR K 88 -40.42 85.21 55.29
CA THR K 88 -41.00 86.45 55.79
C THR K 88 -42.21 86.84 54.94
N LYS K 89 -39.86 88.25 55.81
CA LYS K 89 -39.25 89.28 56.61
C LYS K 89 -40.29 89.97 57.47
N SER K 90 -39.86 90.46 58.61
CA SER K 90 -40.68 91.21 59.55
C SER K 90 -40.52 92.70 59.25
N ARG K 91 -41.65 93.38 59.10
CA ARG K 91 -41.65 94.84 58.91
C ARG K 91 -41.80 95.55 60.26
N ASP K 92 -42.72 95.07 61.08
CA ASP K 92 -43.16 95.77 62.28
C ASP K 92 -42.56 95.23 63.57
N VAL K 93 -42.21 96.15 64.46
CA VAL K 93 -41.93 95.82 65.85
C VAL K 93 -43.07 96.35 66.73
N ASN K 94 -43.42 95.58 67.73
CA ASN K 94 -44.38 95.99 68.74
C ASN K 94 -43.84 95.54 70.10
N SER K 95 -43.79 96.49 71.04
CA SER K 95 -43.26 96.22 72.38
C SER K 95 -44.37 96.41 73.42
N PHE K 96 -44.49 95.45 74.32
CA PHE K 96 -45.54 95.50 75.32
C PHE K 96 -45.21 94.61 76.51
N GLN K 97 -46.10 94.61 77.50
CA GLN K 97 -45.91 93.82 78.72
C GLN K 97 -47.08 92.84 78.86
N ILE K 98 -46.76 91.58 79.25
CA ILE K 98 -47.78 90.55 79.63
C ILE K 98 -47.70 90.52 81.17
N PRO K 99 -48.80 90.71 81.91
CA PRO K 99 -49.61 89.98 82.89
C PRO K 99 -49.28 88.51 83.12
N LEU K 100 -48.25 88.22 83.94
CA LEU K 100 -47.98 86.83 84.34
C LEU K 100 -48.88 86.44 85.53
N ARG K 101 -49.76 85.48 85.30
CA ARG K 101 -50.68 85.07 86.36
C ARG K 101 -50.45 83.59 86.69
N ASP K 102 -51.39 82.98 87.41
CA ASP K 102 -51.18 81.66 88.01
C ASP K 102 -51.60 80.49 87.11
N GLY K 103 -50.96 79.35 87.33
CA GLY K 103 -51.26 78.14 86.55
C GLY K 103 -50.66 78.21 85.16
N VAL K 104 -50.86 77.16 84.36
CA VAL K 104 -50.37 77.20 82.98
C VAL K 104 -51.31 78.07 82.16
N ARG K 105 -50.74 79.11 81.55
CA ARG K 105 -51.48 80.06 80.74
C ARG K 105 -50.74 80.28 79.43
N GLU K 106 -51.46 80.78 78.44
CA GLU K 106 -50.83 81.09 77.17
C GLU K 106 -49.97 82.35 77.28
N LEU K 107 -48.73 82.25 76.81
CA LEU K 107 -47.85 83.42 76.74
C LEU K 107 -48.05 84.15 75.42
N LEU K 108 -48.05 83.38 74.33
CA LEU K 108 -48.31 83.90 73.01
C LEU K 108 -49.33 83.04 72.28
N PRO K 109 -50.25 83.68 71.52
CA PRO K 109 -51.25 82.93 70.77
C PRO K 109 -50.72 82.46 69.41
N GLU K 110 -51.39 81.49 68.77
CA GLU K 110 -51.06 81.20 67.38
C GLU K 110 -51.36 82.46 66.58
N ASP K 111 -50.36 82.91 65.83
CA ASP K 111 -50.46 84.15 65.08
C ASP K 111 -49.55 84.04 63.86
N ALA K 112 -50.17 83.77 62.71
CA ALA K 112 -49.45 83.58 61.43
C ALA K 112 -48.49 84.73 61.10
N SER K 113 -48.76 85.93 61.61
CA SER K 113 -47.91 87.08 61.30
C SER K 113 -46.57 87.14 62.08
N ARG K 114 -46.53 86.56 63.29
CA ARG K 114 -45.32 86.56 64.16
C ARG K 114 -44.32 85.62 63.49
N ASN K 115 -43.22 86.12 62.95
CA ASN K 115 -41.80 85.86 63.21
C ASN K 115 -40.91 85.66 64.43
N ARG K 116 -40.96 86.56 65.40
CA ARG K 116 -39.98 86.51 66.46
C ARG K 116 -40.51 87.23 67.66
N ALA K 117 -40.17 86.72 68.85
CA ALA K 117 -40.42 87.43 70.09
C ALA K 117 -39.17 87.38 70.98
N SER K 118 -38.72 88.53 71.47
CA SER K 118 -37.65 88.55 72.48
C SER K 118 -38.30 88.91 73.82
N ILE K 119 -38.09 88.05 74.81
CA ILE K 119 -38.88 88.06 76.04
C ILE K 119 -37.93 88.11 77.25
N LYS K 120 -38.30 88.89 78.27
CA LYS K 120 -37.60 88.84 79.54
C LYS K 120 -38.62 88.79 80.68
N SER K 121 -38.51 87.77 81.53
CA SER K 121 -39.40 87.63 82.68
C SER K 121 -38.68 88.08 83.95
N PRO K 122 -39.37 88.82 84.85
CA PRO K 122 -38.73 89.23 86.08
C PRO K 122 -38.68 88.12 87.13
N VAL K 123 -39.32 87.00 86.81
CA VAL K 123 -39.33 85.81 87.67
C VAL K 123 -38.97 84.57 86.85
N ASP K 124 -38.44 83.54 87.52
CA ASP K 124 -38.23 82.26 86.84
C ASP K 124 -39.52 81.82 86.15
N ILE K 125 -39.39 81.39 84.90
CA ILE K 125 -40.56 81.10 84.08
C ILE K 125 -40.34 79.80 83.30
N TRP K 126 -41.35 78.95 83.31
CA TRP K 126 -41.30 77.68 82.58
C TRP K 126 -42.07 77.87 81.29
N ILE K 127 -41.46 77.45 80.18
CA ILE K 127 -42.01 77.69 78.84
C ILE K 127 -42.14 76.36 78.10
N GLY K 128 -43.28 76.17 77.44
CA GLY K 128 -43.53 74.94 76.71
C GLY K 128 -44.64 75.07 75.68
N GLY K 129 -44.91 73.96 75.00
CA GLY K 129 -45.95 73.86 73.99
C GLY K 129 -47.25 73.43 74.63
N GLU K 130 -48.15 72.90 73.82
CA GLU K 130 -49.50 72.56 74.27
C GLU K 130 -49.57 71.40 75.26
N ASN K 131 -48.45 70.67 75.39
CA ASN K 131 -48.36 69.55 76.34
C ASN K 131 -48.05 69.87 77.81
N MET K 132 -47.59 71.09 77.99
CA MET K 132 -47.12 71.54 79.27
C MET K 132 -48.28 71.62 80.23
N THR K 133 -48.06 71.03 81.40
CA THR K 133 -48.97 70.94 82.50
C THR K 133 -48.25 71.27 83.81
N ALA K 134 -48.96 71.56 84.86
CA ALA K 134 -48.26 71.82 86.09
C ALA K 134 -49.25 71.41 87.16
N LEU K 135 -49.63 70.15 87.10
CA LEU K 135 -50.34 69.51 88.16
C LEU K 135 -49.52 69.59 89.36
N ASN K 136 -50.02 70.27 90.38
CA ASN K 136 -49.41 70.33 91.71
C ASN K 136 -48.14 71.13 91.87
N GLY K 137 -47.96 72.14 91.05
CA GLY K 137 -46.75 72.93 91.09
C GLY K 137 -45.53 72.26 90.53
N ILE K 138 -45.73 71.18 89.82
CA ILE K 138 -44.62 70.54 89.20
C ILE K 138 -44.81 70.54 87.72
N VAL K 139 -43.88 71.18 87.01
CA VAL K 139 -44.08 71.41 85.59
C VAL K 139 -43.61 70.22 84.78
N ASP K 140 -44.47 69.74 83.89
CA ASP K 140 -44.08 68.73 82.94
C ASP K 140 -44.27 69.25 81.53
N GLY K 141 -43.33 68.93 80.65
CA GLY K 141 -43.36 69.40 79.27
C GLY K 141 -42.97 70.86 79.16
N GLY K 142 -42.18 71.34 80.12
CA GLY K 142 -41.69 72.71 80.09
C GLY K 142 -40.19 72.76 80.34
N ARG K 143 -39.59 73.92 80.10
CA ARG K 143 -38.25 74.18 80.61
C ARG K 143 -38.15 75.59 81.18
N LYS K 144 -37.24 75.72 82.14
CA LYS K 144 -37.06 76.97 82.86
C LYS K 144 -36.19 77.96 82.08
N PHE K 145 -36.63 79.21 82.08
CA PHE K 145 -35.77 80.37 81.82
C PHE K 145 -35.69 81.19 83.11
N GLU K 146 -34.51 81.71 83.41
CA GLU K 146 -34.28 82.41 84.67
C GLU K 146 -34.84 83.83 84.70
N ALA K 147 -35.20 84.29 85.89
CA ALA K 147 -35.53 85.70 86.12
C ALA K 147 -34.44 86.55 85.48
N GLY K 148 -34.86 87.56 84.71
CA GLY K 148 -33.95 88.50 84.07
C GLY K 148 -33.25 88.00 82.83
N GLN K 149 -33.48 86.74 82.46
CA GLN K 149 -32.83 86.16 81.28
C GLN K 149 -33.61 86.54 80.03
N GLU K 150 -32.93 87.16 79.07
CA GLU K 150 -33.57 87.44 77.79
C GLU K 150 -33.50 86.18 76.94
N PHE K 151 -34.64 85.76 76.40
CA PHE K 151 -34.67 84.61 75.50
C PHE K 151 -35.59 84.90 74.30
N GLN K 152 -35.52 84.05 73.28
CA GLN K 152 -36.33 84.29 72.10
C GLN K 152 -37.17 83.06 71.77
N ILE K 153 -38.33 83.31 71.18
CA ILE K 153 -39.18 82.28 70.60
C ILE K 153 -39.44 82.71 69.15
N ASN K 154 -39.17 81.82 68.19
CA ASN K 154 -39.30 82.17 66.77
C ASN K 154 -40.42 81.43 66.04
N THR K 155 -41.36 80.88 66.79
CA THR K 155 -42.49 80.16 66.21
C THR K 155 -43.65 81.11 65.93
N PHE K 156 -44.66 80.62 65.22
CA PHE K 156 -45.90 81.37 65.06
C PHE K 156 -47.06 80.71 65.80
N GLY K 157 -46.79 79.62 66.51
CA GLY K 157 -47.84 78.86 67.20
C GLY K 157 -48.04 79.35 68.64
N SER K 158 -48.94 78.67 69.37
CA SER K 158 -49.17 78.86 70.83
C SER K 158 -47.77 78.65 71.39
N VAL K 159 -47.32 79.51 72.28
CA VAL K 159 -46.69 79.13 73.55
C VAL K 159 -47.31 79.35 74.93
N ASN K 160 -47.04 78.40 75.82
CA ASN K 160 -47.53 78.45 77.20
C ASN K 160 -46.44 78.75 78.22
N TYR K 161 -46.85 79.34 79.35
CA TYR K 161 -45.94 79.59 80.45
C TYR K 161 -46.52 79.09 81.77
N TRP K 162 -45.64 78.89 82.76
CA TRP K 162 -46.01 78.72 84.16
C TRP K 162 -45.02 79.47 85.05
N VAL K 163 -45.52 80.19 86.04
CA VAL K 163 -44.64 80.85 87.01
C VAL K 163 -45.02 80.51 88.46
N SER K 164 -46.29 80.26 88.70
CA SER K 164 -46.80 80.12 90.07
C SER K 164 -48.18 79.48 90.10
N ASP K 165 -48.50 78.82 91.21
CA ASP K 165 -49.86 78.34 91.46
C ASP K 165 -50.61 79.19 92.49
N GLU K 166 -50.47 80.47 92.77
CA GLU K 166 -51.08 81.38 93.74
C GLU K 166 -52.16 82.24 93.09
N GLU K 167 -53.41 82.02 93.51
CA GLU K 167 -54.54 82.75 92.93
C GLU K 167 -54.51 84.25 93.27
N ILE K 168 -54.13 84.56 94.50
CA ILE K 168 -53.99 85.97 94.92
C ILE K 168 -52.58 86.28 95.44
N ARG K 169 -52.37 87.48 95.96
CA ARG K 169 -51.07 87.80 96.57
C ARG K 169 -51.20 87.78 98.07
N VAL K 170 -50.04 87.78 99.63
CA VAL K 170 -50.07 87.60 101.09
C VAL K 170 -49.07 88.56 101.70
N PHE K 171 -49.57 89.46 102.53
CA PHE K 171 -48.74 90.47 103.17
C PHE K 171 -48.06 89.91 104.40
N LYS K 172 -48.85 89.29 105.27
CA LYS K 172 -48.37 88.77 106.53
C LYS K 172 -49.23 87.60 106.97
N GLU K 173 -48.61 86.69 107.71
CA GLU K 173 -49.35 85.73 108.51
C GLU K 173 -48.83 85.89 109.93
N TYR K 174 -49.74 86.04 110.88
CA TYR K 174 -49.36 86.16 112.30
C TYR K 174 -49.86 84.98 113.11
N SER K 175 -49.04 84.52 114.04
CA SER K 175 -49.47 83.58 115.06
C SER K 175 -49.69 84.31 116.39
N ALA K 176 -49.09 85.49 116.53
CA ALA K 176 -49.21 86.29 117.76
C ALA K 176 -50.52 87.05 117.80
N ARG K 177 -51.14 87.09 118.98
CA ARG K 177 -52.35 87.89 119.20
C ARG K 177 -52.08 89.35 118.88
N ALA K 178 -53.04 90.01 118.23
CA ALA K 178 -52.90 91.41 117.87
C ALA K 178 -53.06 92.27 119.11
N LYS K 179 -52.44 93.45 119.12
CA LYS K 179 -52.55 94.36 120.26
C LYS K 179 -53.78 95.28 120.21
N TYR K 180 -54.31 95.60 121.39
CA TYR K 180 -55.27 96.70 121.51
C TYR K 180 -54.58 98.01 121.16
N ALA K 181 -55.23 98.81 120.30
CA ALA K 181 -54.64 100.11 119.96
C ALA K 181 -55.68 101.15 119.60
N GLN K 182 -55.53 102.32 120.21
CA GLN K 182 -56.29 103.52 119.85
C GLN K 182 -55.52 104.21 118.74
N ASN K 183 -56.17 105.12 118.03
CA ASN K 183 -55.50 105.77 116.92
C ASN K 183 -54.59 106.88 117.43
N GLU K 184 -53.39 106.48 117.86
CA GLU K 184 -52.42 107.36 118.51
C GLU K 184 -51.31 107.83 117.55
N GLY K 185 -51.43 107.45 116.28
CA GLY K 185 -50.45 107.82 115.28
C GLY K 185 -49.36 106.79 115.09
N ARG K 186 -48.68 106.89 113.96
CA ARG K 186 -47.68 105.90 113.56
C ARG K 186 -46.54 105.75 114.58
N THR K 187 -45.93 106.86 114.98
CA THR K 187 -44.83 106.83 115.95
C THR K 187 -45.19 106.07 117.23
N ALA K 188 -46.37 106.35 117.78
CA ALA K 188 -46.79 105.75 119.06
C ALA K 188 -46.98 104.23 118.93
N LEU K 189 -47.54 103.80 117.82
CA LEU K 189 -47.81 102.37 117.61
C LEU K 189 -46.49 101.59 117.45
N GLU K 190 -45.55 102.18 116.73
CA GLU K 190 -44.24 101.57 116.54
C GLU K 190 -43.46 101.54 117.85
N ALA K 191 -43.57 102.63 118.61
CA ALA K 191 -42.88 102.72 119.91
C ALA K 191 -43.37 101.65 120.88
N ASN K 192 -44.63 101.20 120.69
CA ASN K 192 -45.24 100.20 121.55
C ASN K 192 -45.30 98.82 120.91
N ASN K 193 -44.45 98.64 119.90
CA ASN K 193 -44.26 97.37 119.23
C ASN K 193 -45.52 96.74 118.68
N VAL K 194 -46.35 97.55 118.01
CA VAL K 194 -47.49 97.03 117.26
C VAL K 194 -46.93 96.63 115.88
N PRO K 195 -46.92 95.33 115.54
CA PRO K 195 -46.45 94.90 114.22
C PRO K 195 -47.19 95.54 113.05
N PHE K 196 -46.42 95.88 112.03
CA PHE K 196 -46.94 96.51 110.82
C PHE K 196 -46.38 95.84 109.57
N PHE K 197 -46.98 96.17 108.43
CA PHE K 197 -46.38 95.85 107.14
C PHE K 197 -46.64 97.03 106.23
N ASP K 198 -45.87 97.11 105.14
CA ASP K 198 -46.02 98.20 104.19
C ASP K 198 -46.64 97.72 102.89
N ILE K 199 -47.46 98.58 102.28
CA ILE K 199 -47.92 98.34 100.91
C ILE K 199 -47.28 99.39 100.03
N ASP K 200 -46.54 98.95 99.02
CA ASP K 200 -45.96 99.87 98.05
C ASP K 200 -46.95 100.03 96.90
N VAL K 201 -47.66 101.15 96.89
CA VAL K 201 -48.68 101.43 95.88
C VAL K 201 -48.04 101.98 94.61
N PRO K 202 -48.08 101.19 93.51
CA PRO K 202 -47.42 101.61 92.29
C PRO K 202 -48.17 102.77 91.65
N PRO K 203 -47.50 103.53 90.76
CA PRO K 203 -48.16 104.63 90.05
C PRO K 203 -49.43 104.15 89.35
N GLU K 204 -49.39 102.93 88.81
CA GLU K 204 -50.54 102.35 88.10
C GLU K 204 -51.75 102.15 89.02
N LEU K 205 -51.56 102.31 90.33
CA LEU K 205 -52.64 102.13 91.33
C LEU K 205 -52.89 103.40 92.14
N ASP K 206 -52.26 104.49 91.73
CA ASP K 206 -52.39 105.80 92.37
C ASP K 206 -53.86 106.26 92.41
N GLY K 207 -54.44 106.21 93.60
CA GLY K 207 -55.83 106.61 93.83
C GLY K 207 -56.87 105.66 93.24
N VAL K 208 -56.49 104.40 93.08
CA VAL K 208 -57.39 103.37 92.60
C VAL K 208 -57.83 102.48 93.77
N PRO K 209 -59.14 102.38 94.03
CA PRO K 209 -59.57 101.55 95.18
C PRO K 209 -59.25 100.07 95.00
N PHE K 210 -58.93 99.41 96.11
CA PHE K 210 -58.60 97.99 96.09
C PHE K 210 -59.04 97.30 97.38
N SER K 211 -59.25 95.99 97.29
CA SER K 211 -59.69 95.17 98.40
C SER K 211 -58.50 94.71 99.25
N LEU K 212 -58.58 95.00 100.54
CA LEU K 212 -57.63 94.50 101.51
C LEU K 212 -58.36 93.66 102.54
N LYS K 213 -57.91 92.43 102.72
CA LYS K 213 -58.63 91.48 103.56
C LYS K 213 -57.75 90.90 104.64
N ALA K 214 -58.38 90.36 105.69
CA ALA K 214 -57.67 89.55 106.67
C ALA K 214 -58.56 88.41 107.15
N ARG K 215 -57.93 87.26 107.38
CA ARG K 215 -58.55 86.14 108.07
C ARG K 215 -58.27 86.38 109.55
N VAL K 216 -59.34 86.55 110.31
CA VAL K 216 -59.22 87.04 111.68
C VAL K 216 -59.86 86.04 112.64
N ARG K 217 -59.11 85.69 113.68
CA ARG K 217 -59.55 84.71 114.67
C ARG K 217 -59.70 85.40 116.02
N HIS K 218 -60.91 85.34 116.56
CA HIS K 218 -61.16 85.82 117.91
C HIS K 218 -61.29 84.60 118.82
N LYS K 219 -60.57 84.64 119.94
CA LYS K 219 -60.64 83.58 120.94
C LYS K 219 -60.51 84.18 122.33
N SER K 220 -61.57 84.03 123.13
CA SER K 220 -61.64 84.63 124.46
C SER K 220 -61.76 83.61 125.60
N LYS K 221 -62.41 82.47 125.33
CA LYS K 221 -62.65 81.43 126.35
C LYS K 221 -61.36 80.94 126.97
N GLY K 222 -61.19 81.19 128.28
CA GLY K 222 -60.01 80.75 129.02
C GLY K 222 -58.71 81.50 128.73
N VAL K 223 -58.75 82.42 127.76
CA VAL K 223 -57.54 83.13 127.35
C VAL K 223 -57.13 84.16 128.41
N ASP K 224 -55.89 84.05 128.88
CA ASP K 224 -55.38 84.80 130.03
C ASP K 224 -56.24 84.54 131.29
N GLY K 225 -56.99 83.45 131.26
CA GLY K 225 -57.84 83.06 132.38
C GLY K 225 -59.23 83.69 132.39
N LEU K 226 -59.63 84.29 131.26
CA LEU K 226 -60.97 84.89 131.13
C LEU K 226 -62.06 83.82 131.25
N GLY K 227 -63.17 84.17 131.90
CA GLY K 227 -64.34 83.28 132.01
C GLY K 227 -64.83 82.76 130.68
N ASP K 228 -65.29 81.50 130.68
CA ASP K 228 -65.72 80.82 129.46
C ASP K 228 -67.00 81.42 128.85
N TYR K 229 -67.87 82.04 129.72
CA TYR K 229 -69.08 82.66 129.16
C TYR K 229 -69.10 84.21 129.20
N THR K 230 -67.92 84.82 129.44
CA THR K 230 -67.75 86.28 129.37
C THR K 230 -67.92 86.77 127.93
N SER K 231 -68.70 87.84 127.73
CA SER K 231 -68.94 88.38 126.39
C SER K 231 -67.91 89.43 126.01
N ILE K 232 -67.13 89.15 124.96
CA ILE K 232 -66.11 90.07 124.47
C ILE K 232 -66.53 90.70 123.13
N SER K 233 -66.56 92.03 123.11
CA SER K 233 -66.82 92.77 121.87
C SER K 233 -65.49 92.99 121.14
N VAL K 234 -65.51 92.74 119.84
CA VAL K 234 -64.32 92.91 119.00
C VAL K 234 -64.64 93.78 117.78
N LYS K 235 -63.62 94.48 117.31
CA LYS K 235 -63.74 95.31 116.11
C LYS K 235 -62.32 95.46 115.55
N PRO K 236 -61.87 94.48 114.73
CA PRO K 236 -60.53 94.54 114.16
C PRO K 236 -60.45 95.67 113.13
N ALA K 237 -59.25 96.22 112.97
CA ALA K 237 -59.07 97.32 112.02
C ALA K 237 -57.70 97.28 111.40
N PHE K 238 -57.56 97.92 110.23
CA PHE K 238 -56.24 98.33 109.75
C PHE K 238 -56.12 99.82 109.98
N TYR K 239 -55.07 100.23 110.70
CA TYR K 239 -54.69 101.63 110.74
C TYR K 239 -53.64 101.86 109.66
N ILE K 240 -53.95 102.72 108.68
CA ILE K 240 -53.05 102.92 107.54
C ILE K 240 -52.61 104.38 107.46
N THR K 241 -51.32 104.62 107.22
CA THR K 241 -50.85 105.99 107.01
C THR K 241 -51.53 106.58 105.77
N GLU K 242 -52.00 107.82 105.86
CA GLU K 242 -52.62 108.48 104.72
C GLU K 242 -51.54 109.05 103.78
N GLY K 243 -50.46 109.54 104.38
CA GLY K 243 -49.24 109.80 103.63
C GLY K 243 -48.38 108.55 103.67
N ASP K 244 -47.07 108.73 103.53
CA ASP K 244 -46.14 107.60 103.50
C ASP K 244 -45.67 107.14 104.89
N GLU K 245 -44.60 106.32 104.94
CA GLU K 245 -44.10 105.75 106.21
C GLU K 245 -43.60 106.81 107.19
N THR K 246 -43.18 107.95 106.66
CA THR K 246 -42.59 109.02 107.48
C THR K 246 -43.64 110.02 108.01
N THR K 247 -44.89 109.83 107.61
CA THR K 247 -46.00 110.66 108.10
C THR K 247 -46.60 109.97 109.32
N ASP K 248 -47.29 110.72 110.18
CA ASP K 248 -47.76 110.13 111.44
C ASP K 248 -49.24 109.76 111.52
N THR K 249 -50.06 110.49 110.76
CA THR K 249 -51.50 110.32 110.81
C THR K 249 -51.96 108.98 110.25
N LEU K 250 -52.85 108.31 110.97
CA LEU K 250 -53.38 107.03 110.53
C LEU K 250 -54.88 107.12 110.24
N ILE K 251 -55.33 106.35 109.25
CA ILE K 251 -56.75 106.18 108.97
C ILE K 251 -57.19 104.78 109.42
N LYS K 252 -58.30 104.72 110.17
CA LYS K 252 -58.82 103.45 110.67
C LYS K 252 -59.80 102.85 109.67
N TYR K 253 -59.54 101.61 109.21
CA TYR K 253 -60.50 100.91 108.33
C TYR K 253 -61.10 99.70 109.00
N THR K 254 -62.43 99.61 108.94
CA THR K 254 -63.17 98.50 109.55
C THR K 254 -64.27 97.99 108.63
N SER K 255 -64.73 96.76 108.86
CA SER K 255 -65.86 96.21 108.08
C SER K 255 -66.91 95.48 108.91
N TYR K 256 -66.50 94.96 110.06
CA TYR K 256 -67.44 94.25 110.94
C TYR K 256 -67.09 94.45 112.42
N GLY K 257 -68.10 94.26 113.27
CA GLY K 257 -67.91 94.10 114.71
C GLY K 257 -68.59 92.81 115.13
N SER K 258 -68.10 92.20 116.21
CA SER K 258 -68.67 90.94 116.69
C SER K 258 -68.68 90.91 118.20
N THR K 259 -69.68 90.25 118.79
CA THR K 259 -69.77 90.13 120.24
C THR K 259 -70.16 88.71 120.63
N GLY K 260 -69.50 88.19 121.64
CA GLY K 260 -69.86 86.91 122.24
C GLY K 260 -68.70 86.30 122.99
N SER K 261 -68.85 85.03 123.35
CA SER K 261 -67.75 84.25 123.89
C SER K 261 -67.13 83.48 122.74
N HIS K 262 -65.90 83.84 122.41
CA HIS K 262 -65.23 83.34 121.21
C HIS K 262 -64.38 82.11 121.53
N SER K 263 -64.71 81.00 120.88
CA SER K 263 -63.98 79.75 121.09
C SER K 263 -62.78 79.61 120.15
N GLY K 264 -62.75 80.44 119.10
CA GLY K 264 -61.61 80.52 118.19
C GLY K 264 -61.35 79.30 117.33
N TYR K 265 -62.40 78.61 116.92
CA TYR K 265 -62.26 77.45 116.03
C TYR K 265 -61.92 77.93 114.62
N ASP K 266 -61.00 77.23 113.96
CA ASP K 266 -60.44 77.69 112.68
C ASP K 266 -61.48 77.90 111.58
N PHE K 267 -62.53 77.08 111.60
CA PHE K 267 -63.64 77.18 110.64
C PHE K 267 -64.58 78.35 110.91
N ASP K 268 -64.47 78.94 112.11
CA ASP K 268 -65.28 80.08 112.50
C ASP K 268 -64.60 81.43 112.25
N ASP K 269 -63.37 81.40 111.72
CA ASP K 269 -62.63 82.63 111.44
C ASP K 269 -63.44 83.62 110.61
N ASN K 270 -63.29 84.90 110.93
CA ASN K 270 -63.97 85.97 110.20
C ASN K 270 -63.11 86.53 109.07
N THR K 271 -63.74 87.25 108.15
CA THR K 271 -62.97 87.99 107.15
C THR K 271 -63.18 89.49 107.29
N LEU K 272 -62.10 90.19 107.60
CA LEU K 272 -62.09 91.63 107.55
C LEU K 272 -61.92 91.98 106.05
N ASP K 273 -62.82 92.79 105.50
CA ASP K 273 -62.78 93.12 104.08
C ASP K 273 -63.13 94.59 103.86
N VAL K 274 -62.11 95.39 103.54
CA VAL K 274 -62.30 96.81 103.29
C VAL K 274 -61.74 97.21 101.93
N MET K 275 -62.38 98.18 101.29
CA MET K 275 -61.80 98.86 100.16
C MET K 275 -60.92 99.99 100.70
N VAL K 276 -59.75 100.15 100.10
CA VAL K 276 -58.82 101.21 100.49
C VAL K 276 -58.37 101.95 99.23
N THR K 277 -58.28 103.28 99.32
CA THR K 277 -57.82 104.10 98.20
C THR K 277 -56.60 104.89 98.65
N LEU K 278 -55.46 104.60 98.02
CA LEU K 278 -54.20 105.20 98.45
C LEU K 278 -53.43 105.88 97.33
N SER K 279 -52.75 106.96 97.67
CA SER K 279 -51.81 107.61 96.77
C SER K 279 -50.62 106.70 96.48
N ALA K 280 -49.95 106.95 95.35
CA ALA K 280 -48.75 106.23 94.99
C ALA K 280 -47.70 106.36 96.08
N GLY K 281 -46.98 105.28 96.33
CA GLY K 281 -45.93 105.28 97.33
C GLY K 281 -46.18 104.25 98.41
N VAL K 282 -45.32 104.28 99.42
CA VAL K 282 -45.40 103.31 100.50
C VAL K 282 -46.37 103.82 101.56
N HIS K 283 -47.25 102.94 102.00
CA HIS K 283 -48.13 103.19 103.13
C HIS K 283 -47.92 102.09 104.16
N ARG K 284 -47.91 102.48 105.42
CA ARG K 284 -47.72 101.54 106.53
C ARG K 284 -49.07 101.14 107.13
N VAL K 285 -49.22 99.83 107.38
CA VAL K 285 -50.48 99.24 107.86
C VAL K 285 -50.27 98.51 109.18
N PHE K 286 -51.07 98.89 110.19
CA PHE K 286 -51.06 98.26 111.52
C PHE K 286 -52.37 97.48 111.74
N PRO K 287 -52.32 96.13 111.65
CA PRO K 287 -53.49 95.34 112.02
C PRO K 287 -53.70 95.38 113.53
N VAL K 288 -54.85 95.87 113.97
CA VAL K 288 -55.10 96.09 115.41
C VAL K 288 -56.50 95.66 115.87
N GLU K 289 -56.63 95.46 117.17
CA GLU K 289 -57.94 95.36 117.82
C GLU K 289 -58.32 96.75 118.37
N THR K 290 -59.48 97.29 117.98
CA THR K 290 -59.82 98.66 118.35
C THR K 290 -60.70 98.74 119.60
N GLU K 291 -61.27 97.60 119.98
CA GLU K 291 -62.23 97.56 121.08
C GLU K 291 -61.56 96.96 122.31
N LEU K 292 -61.51 97.72 123.40
CA LEU K 292 -61.05 97.21 124.69
C LEU K 292 -62.28 97.00 125.56
N ASP K 293 -62.70 95.75 125.67
CA ASP K 293 -63.96 95.37 126.31
C ASP K 293 -63.89 95.57 127.81
N TYR K 294 -64.94 96.13 128.39
CA TYR K 294 -65.02 96.39 129.82
C TYR K 294 -64.64 95.16 130.67
N ASP K 295 -65.16 93.99 130.27
CA ASP K 295 -64.97 92.75 131.01
C ASP K 295 -63.52 92.26 131.01
N ALA K 296 -62.81 92.53 129.92
CA ALA K 296 -61.39 92.23 129.79
C ALA K 296 -60.56 93.06 130.76
N VAL K 297 -60.89 94.35 130.85
CA VAL K 297 -60.24 95.25 131.81
C VAL K 297 -60.42 94.76 133.26
N GLN K 298 -61.66 94.43 133.63
CA GLN K 298 -61.97 94.03 135.01
C GLN K 298 -61.41 92.66 135.40
N GLU K 299 -61.61 91.66 134.54
CA GLU K 299 -61.25 90.27 134.85
C GLU K 299 -59.75 89.99 134.74
N VAL K 300 -59.14 90.42 133.64
CA VAL K 300 -57.76 90.03 133.33
C VAL K 300 -56.82 91.23 133.15
N GLN K 301 -57.31 92.42 133.50
CA GLN K 301 -56.49 93.65 133.53
C GLN K 301 -55.88 94.02 132.18
N HIS K 302 -56.62 93.76 131.10
CA HIS K 302 -56.23 94.18 129.76
C HIS K 302 -56.22 95.71 129.67
N ASP K 303 -55.29 96.24 128.88
CA ASP K 303 -55.15 97.67 128.69
C ASP K 303 -54.61 97.90 127.30
N TRP K 304 -54.62 99.15 126.85
CA TRP K 304 -54.09 99.49 125.53
C TRP K 304 -52.66 99.00 125.35
N TYR K 305 -52.38 98.53 124.13
CA TYR K 305 -51.08 97.92 123.75
C TYR K 305 -50.83 96.51 124.28
N ASP K 306 -51.74 95.99 125.11
CA ASP K 306 -51.66 94.60 125.56
C ASP K 306 -52.16 93.70 124.43
N GLU K 307 -51.88 92.40 124.52
CA GLU K 307 -52.42 91.44 123.56
C GLU K 307 -53.93 91.28 123.76
N SER K 308 -54.66 91.34 122.65
CA SER K 308 -56.11 91.22 122.70
C SER K 308 -56.55 89.77 122.55
N PHE K 309 -57.82 89.56 122.25
CA PHE K 309 -58.33 88.22 121.95
C PHE K 309 -58.42 88.04 120.43
N THR K 310 -57.73 88.89 119.68
CA THR K 310 -57.85 88.94 118.22
C THR K 310 -56.52 88.64 117.56
N THR K 311 -56.52 87.72 116.60
CA THR K 311 -55.31 87.39 115.83
C THR K 311 -55.56 87.55 114.33
N PHE K 312 -54.63 88.21 113.65
CA PHE K 312 -54.70 88.36 112.20
C PHE K 312 -53.98 87.18 111.54
N ILE K 313 -54.72 86.09 111.39
CA ILE K 313 -54.18 84.83 110.86
C ILE K 313 -53.46 85.00 109.51
N GLU K 314 -54.10 85.72 108.60
CA GLU K 314 -53.52 86.09 107.31
C GLU K 314 -54.02 87.45 106.88
N VAL K 315 -53.12 88.29 106.39
CA VAL K 315 -53.50 89.55 105.77
C VAL K 315 -53.11 89.43 104.30
N TYR K 316 -54.08 89.67 103.41
CA TYR K 316 -53.90 89.39 101.99
C TYR K 316 -54.79 90.28 101.14
N SER K 317 -54.90 89.93 99.85
CA SER K 317 -55.25 90.90 98.83
C SER K 317 -55.61 90.22 97.51
N ASP K 318 -56.45 90.87 96.73
CA ASP K 318 -57.10 90.21 95.58
C ASP K 318 -57.33 91.19 94.44
N ASP K 319 -56.68 92.34 94.52
CA ASP K 319 -56.69 93.32 93.45
C ASP K 319 -55.88 92.79 92.26
N PRO K 320 -56.51 92.70 91.06
CA PRO K 320 -55.85 92.20 89.84
C PRO K 320 -54.50 92.85 89.55
N LEU K 321 -54.31 94.08 90.01
CA LEU K 321 -53.02 94.77 89.86
C LEU K 321 -51.92 94.16 90.73
N LEU K 322 -52.31 93.49 91.81
CA LEU K 322 -51.33 92.90 92.73
C LEU K 322 -51.26 91.38 92.67
N THR K 323 -52.33 90.75 92.18
CA THR K 323 -52.35 89.29 92.06
C THR K 323 -51.49 88.83 90.87
N VAL K 324 -51.25 89.72 89.91
CA VAL K 324 -50.32 89.50 88.81
C VAL K 324 -48.94 89.23 89.42
N LYS K 325 -47.85 88.10 88.98
CA LYS K 325 -46.53 87.75 89.49
C LYS K 325 -45.47 88.71 88.93
N GLY K 326 -45.97 89.60 88.05
CA GLY K 326 -45.26 90.72 87.37
C GLY K 326 -45.22 90.22 85.95
N TYR K 327 -44.40 90.75 85.07
CA TYR K 327 -44.79 91.60 83.95
C TYR K 327 -43.66 91.21 82.99
N ALA K 328 -43.94 90.31 82.05
CA ALA K 328 -42.96 89.86 81.05
C ALA K 328 -42.81 90.93 79.98
N GLN K 329 -41.56 91.24 79.63
CA GLN K 329 -41.28 92.28 78.64
C GLN K 329 -41.21 91.59 77.29
N ILE K 330 -41.97 92.09 76.31
CA ILE K 330 -42.04 91.46 75.00
C ILE K 330 -41.73 92.45 73.89
N LEU K 331 -40.78 92.08 73.04
CA LEU K 331 -40.61 92.75 71.75
C LEU K 331 -40.97 91.73 70.69
N MET K 332 -41.99 92.06 69.89
CA MET K 332 -42.51 91.14 68.90
C MET K 332 -42.27 91.70 67.50
N GLU K 333 -41.88 90.81 66.58
CA GLU K 333 -41.67 91.15 65.17
C GLU K 333 -42.63 90.34 64.30
N ARG K 334 -43.27 91.03 63.36
CA ARG K 334 -44.27 90.43 62.50
C ARG K 334 -44.14 90.88 61.06
N THR K 335 -44.63 90.07 60.12
CA THR K 335 -44.64 90.43 58.70
C THR K 335 -45.57 91.61 58.41
N MET L 1 13.76 18.53 -32.51
CA MET L 1 14.83 17.81 -31.77
C MET L 1 15.76 17.07 -32.74
N ASN L 2 15.52 15.77 -32.94
CA ASN L 2 16.33 14.95 -33.84
C ASN L 2 15.46 14.23 -34.87
N THR L 3 16.06 13.90 -36.01
CA THR L 3 15.40 13.14 -37.07
C THR L 3 16.15 11.83 -37.28
N SER L 4 15.48 10.72 -37.00
CA SER L 4 16.11 9.39 -37.06
C SER L 4 16.34 8.91 -38.50
N VAL L 5 17.48 8.27 -38.73
CA VAL L 5 17.83 7.74 -40.05
C VAL L 5 17.28 6.31 -40.16
N PRO L 6 17.10 5.80 -41.39
CA PRO L 6 16.41 4.52 -41.56
C PRO L 6 17.27 3.30 -41.27
N THR L 7 16.68 2.31 -40.59
CA THR L 7 17.30 1.00 -40.39
C THR L 7 16.41 -0.02 -41.08
N SER L 8 16.96 -0.72 -42.07
CA SER L 8 16.18 -1.62 -42.92
C SER L 8 16.97 -2.84 -43.39
N VAL L 9 16.29 -3.77 -44.05
CA VAL L 9 16.90 -4.98 -44.61
C VAL L 9 17.35 -4.73 -46.06
N PRO L 10 18.68 -4.82 -46.33
CA PRO L 10 19.19 -4.59 -47.68
C PRO L 10 19.49 -5.89 -48.45
N THR L 11 20.19 -5.76 -49.57
CA THR L 11 20.53 -6.89 -50.43
C THR L 11 21.40 -7.94 -49.74
N ASN L 12 20.74 -8.92 -49.12
CA ASN L 12 21.41 -10.08 -48.52
C ASN L 12 20.79 -11.36 -49.05
N GLN L 13 21.55 -12.08 -49.89
CA GLN L 13 21.07 -13.30 -50.53
C GLN L 13 21.79 -14.54 -50.01
N SER L 14 21.09 -15.35 -49.22
CA SER L 14 21.63 -16.60 -48.69
C SER L 14 21.32 -17.75 -49.64
N VAL L 15 22.33 -18.20 -50.39
CA VAL L 15 22.16 -19.29 -51.36
C VAL L 15 22.65 -20.62 -50.77
N TRP L 16 21.72 -21.36 -50.17
CA TRP L 16 22.02 -22.68 -49.60
C TRP L 16 22.10 -23.72 -50.70
N GLY L 17 23.31 -24.27 -50.91
CA GLY L 17 23.52 -25.29 -51.92
C GLY L 17 22.96 -26.64 -51.50
N ASN L 18 21.65 -26.79 -51.68
CA ASN L 18 20.96 -28.03 -51.31
C ASN L 18 21.27 -29.17 -52.28
N VAL L 19 22.34 -29.90 -51.99
CA VAL L 19 22.77 -31.02 -52.84
C VAL L 19 22.10 -32.33 -52.37
N SER L 20 21.25 -32.89 -53.21
CA SER L 20 20.58 -34.15 -52.95
C SER L 20 20.82 -35.12 -54.10
N THR L 21 21.58 -36.19 -53.83
CA THR L 21 21.97 -37.13 -54.87
C THR L 21 22.09 -38.54 -54.28
N GLY L 22 21.60 -39.54 -55.02
CA GLY L 22 21.56 -40.92 -54.54
C GLY L 22 22.92 -41.57 -54.43
N LEU L 23 23.26 -42.02 -53.22
CA LEU L 23 24.58 -42.58 -52.91
C LEU L 23 25.04 -43.64 -53.93
N ASP L 24 24.13 -44.52 -54.32
CA ASP L 24 24.42 -45.54 -55.32
C ASP L 24 24.60 -44.92 -56.71
N ALA L 25 23.81 -43.89 -57.01
CA ALA L 25 23.94 -43.13 -58.26
C ALA L 25 25.23 -42.32 -58.30
N LEU L 26 25.74 -41.93 -57.12
CA LEU L 26 27.03 -41.25 -57.03
C LEU L 26 28.16 -42.25 -57.24
N ILE L 27 28.12 -43.35 -56.50
CA ILE L 27 29.10 -44.43 -56.64
C ILE L 27 29.35 -44.79 -58.11
N SER L 28 28.27 -44.81 -58.90
CA SER L 28 28.37 -45.00 -60.35
C SER L 28 29.01 -43.78 -61.02
N GLY L 29 28.57 -42.59 -60.61
CA GLY L 29 29.13 -41.32 -61.11
C GLY L 29 30.62 -41.18 -60.84
N TRP L 30 31.04 -41.54 -59.63
CA TRP L 30 32.46 -41.61 -59.28
C TRP L 30 33.16 -42.70 -60.10
N ALA L 31 32.45 -43.79 -60.36
CA ALA L 31 32.96 -44.88 -61.21
C ALA L 31 33.05 -44.45 -62.68
N ARG L 32 32.12 -43.60 -63.13
CA ARG L 32 32.13 -43.08 -64.50
C ARG L 32 33.30 -42.14 -64.76
N VAL L 33 33.63 -41.31 -63.77
CA VAL L 33 34.76 -40.39 -63.89
C VAL L 33 36.09 -41.14 -63.90
N GLU L 34 36.13 -42.31 -63.24
CA GLU L 34 37.30 -43.19 -63.30
C GLU L 34 37.51 -43.74 -64.72
N GLN L 35 36.40 -44.04 -65.40
CA GLN L 35 36.45 -44.52 -66.79
C GLN L 35 36.90 -43.41 -67.75
N ILE L 36 36.53 -42.16 -67.45
CA ILE L 36 36.96 -41.01 -68.24
C ILE L 36 38.47 -40.79 -68.09
N LYS L 37 38.97 -40.92 -66.87
CA LYS L 37 40.41 -40.85 -66.59
C LYS L 37 41.16 -41.99 -67.27
N ALA L 38 40.54 -43.16 -67.34
CA ALA L 38 41.11 -44.33 -68.01
C ALA L 38 41.19 -44.13 -69.53
N ALA L 39 40.23 -43.40 -70.08
CA ALA L 39 40.23 -43.06 -71.51
C ALA L 39 41.40 -42.13 -71.85
N LYS L 40 41.69 -41.21 -70.95
CA LYS L 40 42.84 -40.31 -71.08
C LYS L 40 44.16 -41.05 -70.87
N ALA L 41 44.15 -42.05 -70.00
CA ALA L 41 45.34 -42.84 -69.69
C ALA L 41 45.79 -43.72 -70.86
N SER L 42 44.84 -44.19 -71.67
CA SER L 42 45.14 -45.05 -72.81
C SER L 42 45.87 -44.30 -73.93
N THR L 43 45.57 -43.01 -74.09
CA THR L 43 46.14 -42.20 -75.17
C THR L 43 47.28 -41.33 -74.66
N GLY L 44 48.31 -41.16 -75.50
CA GLY L 44 49.43 -40.27 -75.18
C GLY L 44 49.03 -38.80 -75.23
N GLN L 45 48.03 -38.48 -76.02
CA GLN L 45 47.47 -37.14 -76.09
C GLN L 45 46.77 -36.74 -74.78
N GLY L 46 46.28 -37.74 -74.05
CA GLY L 46 45.71 -37.52 -72.72
C GLY L 46 46.77 -37.19 -71.69
N ARG L 47 47.94 -37.82 -71.81
CA ARG L 47 49.07 -37.55 -70.92
C ARG L 47 49.64 -36.15 -71.11
N VAL L 48 49.73 -35.71 -72.38
CA VAL L 48 50.32 -34.41 -72.71
C VAL L 48 49.44 -33.23 -72.26
N GLU L 49 48.14 -33.43 -72.17
CA GLU L 49 47.22 -32.40 -71.69
C GLU L 49 47.43 -32.09 -70.21
N GLN L 50 47.68 -33.12 -69.41
CA GLN L 50 47.87 -32.98 -67.97
C GLN L 50 49.22 -32.38 -67.60
N ALA L 51 50.19 -32.43 -68.52
CA ALA L 51 51.52 -31.88 -68.29
C ALA L 51 51.53 -30.34 -68.29
N MET L 52 50.50 -29.74 -68.88
CA MET L 52 50.40 -28.27 -68.98
C MET L 52 49.68 -27.63 -67.78
N THR L 53 49.36 -28.42 -66.75
CA THR L 53 48.60 -27.93 -65.61
C THR L 53 49.34 -28.12 -64.27
N PRO L 54 50.05 -27.06 -63.82
CA PRO L 54 50.65 -27.02 -62.49
C PRO L 54 49.78 -26.22 -61.50
N GLU L 55 50.28 -26.04 -60.29
CA GLU L 55 49.59 -25.21 -59.28
C GLU L 55 50.51 -24.13 -58.74
N LEU L 56 49.94 -22.93 -58.56
CA LEU L 56 50.67 -21.79 -57.99
C LEU L 56 49.87 -21.17 -56.85
N ASP L 57 50.51 -20.28 -56.09
CA ASP L 57 49.88 -19.67 -54.92
C ASP L 57 48.94 -18.52 -55.30
N ASN L 58 49.29 -17.77 -56.35
CA ASN L 58 48.47 -16.63 -56.77
C ASN L 58 48.94 -16.05 -58.11
N GLY L 59 48.35 -14.91 -58.49
CA GLY L 59 48.75 -14.18 -59.70
C GLY L 59 48.96 -12.70 -59.42
N ALA L 60 49.31 -11.95 -60.46
CA ALA L 60 49.54 -10.52 -60.35
C ALA L 60 49.59 -9.86 -61.73
N ALA L 61 49.23 -8.57 -61.78
CA ALA L 61 49.24 -7.81 -63.03
C ALA L 61 49.24 -6.30 -62.75
N VAL L 62 49.98 -5.57 -63.58
CA VAL L 62 50.08 -4.11 -63.46
C VAL L 62 50.26 -3.45 -64.83
N VAL L 63 49.74 -2.23 -64.96
CA VAL L 63 49.83 -1.49 -66.23
C VAL L 63 49.46 -0.02 -66.05
N VAL L 64 49.60 0.74 -67.13
CA VAL L 64 49.27 2.17 -67.13
C VAL L 64 49.10 2.69 -68.55
N GLU L 65 48.20 3.67 -68.72
CA GLU L 65 47.92 4.26 -70.02
C GLU L 65 47.59 5.75 -69.88
N THR M 7 49.30 16.35 -70.05
CA THR M 7 49.58 16.84 -68.66
C THR M 7 48.44 17.72 -68.17
N SER M 8 48.19 17.68 -66.86
CA SER M 8 47.14 18.49 -66.24
C SER M 8 47.60 19.06 -64.89
N VAL M 9 47.02 20.20 -64.52
CA VAL M 9 47.41 20.90 -63.29
C VAL M 9 46.33 21.93 -62.91
N PRO M 10 46.20 22.26 -61.61
CA PRO M 10 45.35 23.38 -61.21
C PRO M 10 46.15 24.63 -60.83
N THR M 11 45.51 25.80 -60.93
CA THR M 11 46.15 27.07 -60.56
C THR M 11 45.10 28.12 -60.17
N ASN M 12 45.27 28.70 -58.97
CA ASN M 12 44.43 29.79 -58.46
C ASN M 12 42.96 29.41 -58.23
N GLN M 13 42.55 29.36 -56.96
CA GLN M 13 41.18 29.02 -56.59
C GLN M 13 40.68 29.84 -55.40
N SER M 14 39.37 29.77 -55.16
CA SER M 14 38.73 30.42 -54.01
C SER M 14 37.77 29.44 -53.33
N VAL M 15 37.60 29.60 -52.01
CA VAL M 15 36.79 28.67 -51.23
C VAL M 15 36.36 29.27 -49.89
N TRP M 16 35.27 28.74 -49.33
CA TRP M 16 34.78 29.16 -48.02
C TRP M 16 35.75 28.74 -46.90
N GLY M 17 35.78 29.50 -45.82
CA GLY M 17 36.74 29.30 -44.74
C GLY M 17 36.35 28.25 -43.73
N ASN M 18 37.31 27.41 -43.34
CA ASN M 18 37.12 26.38 -42.30
C ASN M 18 35.97 25.41 -42.58
N VAL M 19 35.63 25.21 -43.85
CA VAL M 19 34.46 24.43 -44.25
C VAL M 19 34.87 23.04 -44.74
N SER M 20 33.93 22.10 -44.62
CA SER M 20 34.14 20.73 -45.11
C SER M 20 34.27 20.70 -46.62
N THR M 21 35.27 19.95 -47.12
CA THR M 21 35.59 19.88 -48.54
C THR M 21 35.10 18.55 -49.12
N GLY M 22 35.63 18.16 -50.28
CA GLY M 22 35.30 16.88 -50.90
C GLY M 22 35.72 15.66 -50.09
N LEU M 23 36.65 15.84 -49.15
CA LEU M 23 37.07 14.77 -48.24
C LEU M 23 35.91 14.28 -47.39
N ASP M 24 35.07 15.20 -46.91
CA ASP M 24 33.88 14.83 -46.13
C ASP M 24 32.82 14.12 -46.97
N ALA M 25 32.83 14.36 -48.29
CA ALA M 25 31.99 13.62 -49.22
C ALA M 25 32.42 12.15 -49.29
N LEU M 26 33.72 11.90 -49.14
CA LEU M 26 34.24 10.54 -49.03
C LEU M 26 33.94 9.96 -47.65
N ILE M 27 34.11 10.76 -46.60
CA ILE M 27 33.83 10.33 -45.22
C ILE M 27 32.42 9.78 -45.05
N SER M 28 31.46 10.40 -45.74
CA SER M 28 30.08 9.90 -45.77
C SER M 28 30.02 8.50 -46.40
N GLY M 29 30.83 8.28 -47.43
CA GLY M 29 30.97 6.97 -48.05
C GLY M 29 31.49 5.90 -47.09
N TRP M 30 32.46 6.28 -46.25
CA TRP M 30 32.95 5.40 -45.19
C TRP M 30 31.87 5.18 -44.12
N ALA M 31 31.04 6.20 -43.89
CA ALA M 31 29.89 6.08 -43.00
C ALA M 31 28.81 5.18 -43.59
N ARG M 32 28.64 5.24 -44.91
CA ARG M 32 27.69 4.38 -45.62
C ARG M 32 28.12 2.92 -45.61
N VAL M 33 29.41 2.67 -45.80
CA VAL M 33 29.94 1.30 -45.80
C VAL M 33 29.85 0.65 -44.41
N GLU M 34 29.91 1.48 -43.36
CA GLU M 34 29.70 1.00 -41.99
C GLU M 34 28.26 0.54 -41.79
N GLN M 35 27.31 1.27 -42.38
CA GLN M 35 25.90 0.90 -42.32
C GLN M 35 25.61 -0.37 -43.13
N ILE M 36 26.36 -0.57 -44.21
CA ILE M 36 26.26 -1.79 -45.01
C ILE M 36 26.74 -3.00 -44.22
N LYS M 37 27.85 -2.82 -43.47
CA LYS M 37 28.37 -3.87 -42.59
C LYS M 37 27.42 -4.15 -41.43
N ALA M 38 26.80 -3.10 -40.89
CA ALA M 38 25.83 -3.23 -39.80
C ALA M 38 24.57 -3.98 -40.24
N ALA M 39 24.22 -3.84 -41.52
CA ALA M 39 23.09 -4.55 -42.11
C ALA M 39 23.36 -6.05 -42.18
N LYS M 40 24.60 -6.41 -42.52
CA LYS M 40 25.03 -7.80 -42.52
C LYS M 40 25.14 -8.35 -41.09
N ALA M 41 25.48 -7.48 -40.15
CA ALA M 41 25.61 -7.86 -38.74
C ALA M 41 24.27 -8.23 -38.10
N SER M 42 23.20 -7.57 -38.54
CA SER M 42 21.85 -7.81 -37.98
C SER M 42 21.31 -9.19 -38.33
N THR M 43 21.67 -9.71 -39.51
CA THR M 43 21.16 -10.99 -39.99
C THR M 43 22.20 -12.10 -39.81
N GLY M 44 21.73 -13.30 -39.47
CA GLY M 44 22.59 -14.47 -39.37
C GLY M 44 23.08 -14.95 -40.73
N GLN M 45 22.31 -14.65 -41.78
CA GLN M 45 22.71 -14.91 -43.16
C GLN M 45 23.91 -14.06 -43.57
N GLY M 46 24.04 -12.89 -42.97
CA GLY M 46 25.21 -12.03 -43.17
C GLY M 46 26.45 -12.59 -42.51
N ARG M 47 26.29 -13.20 -41.34
CA ARG M 47 27.38 -13.84 -40.62
C ARG M 47 27.91 -15.07 -41.37
N VAL M 48 27.01 -15.85 -41.95
CA VAL M 48 27.38 -17.06 -42.69
C VAL M 48 28.08 -16.74 -44.02
N GLU M 49 27.77 -15.58 -44.60
CA GLU M 49 28.47 -15.10 -45.80
C GLU M 49 29.93 -14.77 -45.49
N GLN M 50 30.19 -14.25 -44.30
CA GLN M 50 31.55 -13.92 -43.86
C GLN M 50 32.36 -15.15 -43.44
N ALA M 51 31.67 -16.27 -43.22
CA ALA M 51 32.33 -17.52 -42.80
C ALA M 51 33.18 -18.16 -43.90
N MET M 52 32.95 -17.77 -45.15
CA MET M 52 33.73 -18.28 -46.29
C MET M 52 34.91 -17.38 -46.63
N THR M 53 35.62 -16.92 -45.59
CA THR M 53 36.74 -15.98 -45.77
C THR M 53 38.04 -16.55 -45.18
N PRO M 54 38.94 -17.04 -46.04
CA PRO M 54 40.27 -17.49 -45.63
C PRO M 54 41.33 -16.40 -45.80
N GLU M 55 42.30 -16.36 -44.88
CA GLU M 55 43.41 -15.42 -44.95
C GLU M 55 44.73 -16.15 -45.17
N LEU M 56 45.36 -15.89 -46.32
CA LEU M 56 46.67 -16.48 -46.65
C LEU M 56 47.63 -15.42 -47.20
N ASP M 57 48.88 -15.81 -47.37
CA ASP M 57 49.94 -14.87 -47.79
C ASP M 57 49.87 -14.44 -49.25
N ASN M 58 49.19 -15.23 -50.08
CA ASN M 58 49.12 -14.96 -51.53
C ASN M 58 47.72 -14.60 -52.00
N GLY M 59 47.65 -13.85 -53.09
CA GLY M 59 46.37 -13.42 -53.68
C GLY M 59 46.53 -12.75 -55.04
N ALA M 60 45.43 -12.70 -55.79
CA ALA M 60 45.43 -12.10 -57.13
C ALA M 60 45.36 -10.58 -57.04
N ALA M 61 46.27 -9.90 -57.74
CA ALA M 61 46.33 -8.45 -57.77
C ALA M 61 46.11 -7.93 -59.19
N VAL M 62 45.36 -6.83 -59.30
CA VAL M 62 45.10 -6.19 -60.60
C VAL M 62 45.07 -4.67 -60.43
N VAL M 63 45.75 -3.97 -61.34
CA VAL M 63 45.82 -2.51 -61.29
C VAL M 63 46.16 -1.93 -62.67
N VAL M 64 45.34 -1.00 -63.15
CA VAL M 64 45.52 -0.40 -64.46
C VAL M 64 44.59 0.81 -64.64
N GLU M 65 45.02 1.76 -65.47
CA GLU M 65 44.20 2.90 -65.83
C GLU M 65 43.24 2.54 -66.97
N ALA M 66 42.16 3.30 -67.11
CA ALA M 66 41.17 3.07 -68.16
C ALA M 66 40.31 4.30 -68.38
N VAL N 5 -46.78 -32.26 1.12
CA VAL N 5 -47.11 -31.59 2.42
C VAL N 5 -46.26 -32.17 3.55
N PRO N 6 -45.67 -31.31 4.41
CA PRO N 6 -44.85 -31.79 5.51
C PRO N 6 -45.68 -32.34 6.68
N THR N 7 -45.11 -33.29 7.41
CA THR N 7 -45.77 -33.90 8.56
C THR N 7 -44.73 -34.48 9.54
N SER N 8 -45.06 -34.42 10.83
CA SER N 8 -44.18 -34.94 11.89
C SER N 8 -44.69 -36.27 12.41
N VAL N 9 -43.80 -37.27 12.49
CA VAL N 9 -44.17 -38.61 12.92
C VAL N 9 -42.92 -39.45 13.25
N PRO N 10 -42.97 -40.23 14.34
CA PRO N 10 -41.86 -41.13 14.67
C PRO N 10 -41.88 -42.42 13.84
N THR N 11 -40.93 -43.32 14.11
CA THR N 11 -40.79 -44.60 13.41
C THR N 11 -40.21 -44.43 12.01
N ASN N 12 -39.57 -45.48 11.50
CA ASN N 12 -39.04 -45.48 10.14
C ASN N 12 -40.17 -45.35 9.13
N GLN N 13 -40.15 -44.26 8.36
CA GLN N 13 -41.20 -43.99 7.37
C GLN N 13 -41.15 -45.03 6.25
N SER N 14 -42.33 -45.48 5.82
CA SER N 14 -42.42 -46.54 4.81
C SER N 14 -41.86 -46.10 3.47
N VAL N 15 -42.28 -44.93 3.00
CA VAL N 15 -41.80 -44.36 1.76
C VAL N 15 -41.08 -43.03 2.03
N TRP N 16 -39.93 -42.83 1.39
CA TRP N 16 -39.14 -41.62 1.54
C TRP N 16 -38.97 -40.90 0.22
N GLY N 17 -38.66 -39.60 0.29
CA GLY N 17 -38.41 -38.80 -0.90
C GLY N 17 -37.02 -39.04 -1.46
N ASN N 18 -36.96 -39.74 -2.59
CA ASN N 18 -35.68 -40.05 -3.24
C ASN N 18 -35.42 -39.11 -4.42
N VAL N 19 -35.68 -37.82 -4.22
CA VAL N 19 -35.56 -36.83 -5.28
C VAL N 19 -34.33 -35.96 -5.06
N SER N 20 -33.49 -35.87 -6.10
CA SER N 20 -32.29 -35.03 -6.08
C SER N 20 -32.38 -34.04 -7.23
N THR N 21 -33.49 -33.29 -7.26
CA THR N 21 -33.87 -32.45 -8.39
C THR N 21 -32.79 -31.46 -8.88
N GLY N 22 -32.67 -30.32 -8.20
CA GLY N 22 -31.78 -29.26 -8.65
C GLY N 22 -30.31 -29.55 -8.43
N LEU N 23 -30.02 -30.41 -7.45
CA LEU N 23 -28.63 -30.77 -7.13
C LEU N 23 -27.99 -31.61 -8.24
N ASP N 24 -28.76 -32.55 -8.81
CA ASP N 24 -28.27 -33.38 -9.92
C ASP N 24 -27.99 -32.54 -11.18
N ALA N 25 -28.85 -31.58 -11.46
CA ALA N 25 -28.66 -30.67 -12.59
C ALA N 25 -27.36 -29.88 -12.47
N LEU N 26 -27.00 -29.52 -11.24
CA LEU N 26 -25.71 -28.88 -10.97
C LEU N 26 -24.58 -29.91 -11.08
N ILE N 27 -24.74 -31.04 -10.40
CA ILE N 27 -23.74 -32.12 -10.41
C ILE N 27 -23.34 -32.54 -11.83
N SER N 28 -24.30 -32.54 -12.75
CA SER N 28 -24.01 -32.83 -14.16
C SER N 28 -23.10 -31.75 -14.76
N GLY N 29 -23.32 -30.50 -14.37
CA GLY N 29 -22.46 -29.39 -14.79
C GLY N 29 -21.02 -29.53 -14.33
N TRP N 30 -20.84 -30.04 -13.11
CA TRP N 30 -19.50 -30.37 -12.60
C TRP N 30 -18.89 -31.52 -13.39
N ALA N 31 -19.72 -32.49 -13.78
CA ALA N 31 -19.28 -33.61 -14.60
C ALA N 31 -18.93 -33.17 -16.03
N ARG N 32 -19.64 -32.16 -16.52
CA ARG N 32 -19.38 -31.60 -17.85
C ARG N 32 -18.05 -30.84 -17.90
N VAL N 33 -17.77 -30.06 -16.86
CA VAL N 33 -16.53 -29.30 -16.78
C VAL N 33 -15.29 -30.19 -16.62
N GLU N 34 -15.48 -31.37 -16.00
CA GLU N 34 -14.42 -32.37 -15.90
C GLU N 34 -14.01 -32.89 -17.28
N GLN N 35 -15.00 -33.06 -18.16
CA GLN N 35 -14.74 -33.49 -19.54
C GLN N 35 -14.04 -32.40 -20.36
N ILE N 36 -14.31 -31.13 -20.03
CA ILE N 36 -13.65 -29.99 -20.67
C ILE N 36 -12.18 -29.95 -20.25
N LYS N 37 -11.91 -30.20 -18.96
CA LYS N 37 -10.54 -30.29 -18.45
C LYS N 37 -9.78 -31.45 -19.10
N ALA N 38 -10.46 -32.58 -19.27
CA ALA N 38 -9.86 -33.76 -19.91
C ALA N 38 -9.62 -33.53 -21.41
N ALA N 39 -10.46 -32.72 -22.04
CA ALA N 39 -10.32 -32.37 -23.45
C ALA N 39 -9.03 -31.57 -23.70
N LYS N 40 -8.70 -30.70 -22.76
CA LYS N 40 -7.44 -29.93 -22.82
C LYS N 40 -6.23 -30.84 -22.59
N ALA N 41 -6.33 -31.71 -21.59
CA ALA N 41 -5.22 -32.59 -21.21
C ALA N 41 -4.86 -33.62 -22.29
N SER N 42 -5.80 -33.91 -23.19
CA SER N 42 -5.58 -34.88 -24.27
C SER N 42 -4.68 -34.36 -25.40
N THR N 43 -4.43 -33.04 -25.41
CA THR N 43 -3.59 -32.42 -26.44
C THR N 43 -2.50 -31.56 -25.79
N GLY N 44 -1.38 -31.40 -26.49
CA GLY N 44 -0.26 -30.59 -26.00
C GLY N 44 -0.56 -29.10 -25.88
N GLN N 45 -1.53 -28.62 -26.66
CA GLN N 45 -1.95 -27.21 -26.61
C GLN N 45 -2.66 -26.85 -25.30
N GLY N 46 -3.30 -27.84 -24.67
CA GLY N 46 -3.98 -27.63 -23.39
C GLY N 46 -3.01 -27.39 -22.25
N ARG N 47 -1.88 -28.10 -22.25
CA ARG N 47 -0.85 -27.94 -21.23
C ARG N 47 -0.13 -26.60 -21.34
N VAL N 48 0.10 -26.15 -22.57
CA VAL N 48 0.79 -24.87 -22.81
C VAL N 48 -0.07 -23.66 -22.44
N GLU N 49 -1.39 -23.82 -22.54
CA GLU N 49 -2.33 -22.75 -22.13
C GLU N 49 -2.30 -22.53 -20.62
N GLN N 50 -2.22 -23.62 -19.85
CA GLN N 50 -2.17 -23.55 -18.39
C GLN N 50 -0.83 -23.01 -17.87
N ALA N 51 0.22 -23.11 -18.69
CA ALA N 51 1.54 -22.61 -18.31
C ALA N 51 1.61 -21.08 -18.28
N MET N 52 0.70 -20.42 -18.99
CA MET N 52 0.66 -18.96 -19.07
C MET N 52 0.12 -18.30 -17.79
N THR N 53 -0.65 -19.05 -17.00
CA THR N 53 -1.35 -18.49 -15.83
C THR N 53 -0.57 -18.67 -14.53
N PRO N 54 -0.29 -17.57 -13.80
CA PRO N 54 0.28 -17.62 -12.46
C PRO N 54 -0.74 -17.35 -11.36
N GLU N 55 -0.31 -17.47 -10.10
CA GLU N 55 -1.13 -17.13 -8.94
C GLU N 55 -0.42 -16.10 -8.08
N LEU N 56 -0.81 -14.83 -8.23
CA LEU N 56 -0.16 -13.71 -7.53
C LEU N 56 -1.16 -12.68 -7.04
N ASP N 57 -0.66 -11.67 -6.32
CA ASP N 57 -1.48 -10.56 -5.83
C ASP N 57 -1.94 -9.65 -6.96
N ASN N 58 -2.85 -8.73 -6.63
CA ASN N 58 -3.40 -7.79 -7.61
C ASN N 58 -2.37 -6.74 -8.05
N GLY N 59 -2.56 -6.19 -9.25
CA GLY N 59 -1.62 -5.24 -9.84
C GLY N 59 -2.19 -3.85 -10.01
N ALA N 60 -1.38 -2.85 -9.71
CA ALA N 60 -1.77 -1.43 -9.82
C ALA N 60 -1.11 -0.78 -11.04
N ALA N 61 -1.60 0.40 -11.39
CA ALA N 61 -1.05 1.18 -12.51
C ALA N 61 -1.15 2.68 -12.22
N VAL N 62 -0.34 3.46 -12.93
CA VAL N 62 -0.34 4.92 -12.80
C VAL N 62 0.47 5.55 -13.93
N VAL N 63 -0.05 6.64 -14.50
CA VAL N 63 0.61 7.32 -15.61
C VAL N 63 0.17 8.78 -15.72
N VAL N 64 1.06 9.61 -16.27
CA VAL N 64 0.78 11.03 -16.49
C VAL N 64 1.72 11.53 -17.60
N GLU N 65 1.43 12.72 -18.14
CA GLU N 65 2.25 13.43 -19.16
C GLU N 65 1.52 13.48 -20.50
N ALA N 66 2.06 14.29 -21.42
CA ALA N 66 1.46 14.50 -22.74
C ALA N 66 2.37 13.99 -23.86
N PRO N 67 2.05 12.80 -24.41
CA PRO N 67 2.79 12.27 -25.56
C PRO N 67 2.18 12.69 -26.89
N THR O 21 -12.34 25.53 -7.52
CA THR O 21 -12.50 24.80 -6.22
C THR O 21 -13.04 25.74 -5.15
N GLY O 22 -13.98 25.24 -4.35
CA GLY O 22 -14.55 26.00 -3.23
C GLY O 22 -14.58 25.15 -1.98
N LEU O 23 -13.85 25.60 -0.95
CA LEU O 23 -13.67 24.81 0.27
C LEU O 23 -15.00 24.50 0.96
N ASP O 24 -15.88 25.49 1.04
CA ASP O 24 -17.21 25.31 1.63
C ASP O 24 -18.09 24.39 0.78
N ALA O 25 -17.94 24.49 -0.54
CA ALA O 25 -18.66 23.63 -1.48
C ALA O 25 -18.18 22.18 -1.41
N LEU O 26 -16.90 22.00 -1.10
CA LEU O 26 -16.34 20.66 -0.88
C LEU O 26 -16.84 20.08 0.45
N ILE O 27 -16.68 20.86 1.53
CA ILE O 27 -17.13 20.45 2.87
C ILE O 27 -18.59 20.02 2.90
N SER O 28 -19.43 20.72 2.13
CA SER O 28 -20.83 20.31 1.98
C SER O 28 -20.90 18.90 1.39
N GLY O 29 -20.12 18.66 0.33
CA GLY O 29 -20.01 17.33 -0.26
C GLY O 29 -19.65 16.26 0.74
N TRP O 30 -18.73 16.58 1.65
CA TRP O 30 -18.35 15.66 2.74
C TRP O 30 -19.47 15.52 3.78
N ALA O 31 -20.25 16.58 3.99
CA ALA O 31 -21.41 16.52 4.87
C ALA O 31 -22.52 15.70 4.22
N ARG O 32 -22.69 15.90 2.92
CA ARG O 32 -23.68 15.16 2.13
C ARG O 32 -23.24 13.73 1.83
N VAL O 33 -21.94 13.47 1.93
CA VAL O 33 -21.40 12.12 1.81
C VAL O 33 -21.86 11.26 2.98
N GLU O 34 -21.92 11.87 4.16
CA GLU O 34 -22.37 11.19 5.38
C GLU O 34 -23.87 10.87 5.36
N GLN O 35 -24.64 11.68 4.62
CA GLN O 35 -26.09 11.48 4.52
C GLN O 35 -26.45 10.20 3.74
N ILE O 36 -25.70 9.93 2.67
CA ILE O 36 -25.93 8.74 1.85
C ILE O 36 -25.48 7.47 2.58
N LYS O 37 -24.46 7.58 3.43
CA LYS O 37 -24.06 6.50 4.32
C LYS O 37 -25.16 6.22 5.35
N ALA O 38 -25.80 7.29 5.83
CA ALA O 38 -26.91 7.18 6.78
C ALA O 38 -28.14 6.54 6.15
N ALA O 39 -28.32 6.74 4.84
CA ALA O 39 -29.41 6.11 4.09
C ALA O 39 -29.28 4.59 4.06
N LYS O 40 -28.03 4.11 3.95
CA LYS O 40 -27.75 2.68 3.99
C LYS O 40 -27.89 2.13 5.41
N ALA O 41 -27.39 2.88 6.39
CA ALA O 41 -27.43 2.45 7.79
C ALA O 41 -28.85 2.28 8.33
N SER O 42 -29.79 3.05 7.80
CA SER O 42 -31.19 2.97 8.22
C SER O 42 -31.87 1.66 7.81
N THR O 43 -31.49 1.12 6.65
CA THR O 43 -32.11 -0.08 6.10
C THR O 43 -31.22 -1.31 6.34
N GLY O 44 -31.85 -2.48 6.39
CA GLY O 44 -31.13 -3.75 6.54
C GLY O 44 -30.31 -4.13 5.32
N GLN O 45 -30.77 -3.71 4.13
CA GLN O 45 -30.07 -3.99 2.88
C GLN O 45 -28.76 -3.22 2.76
N GLY O 46 -28.66 -2.06 3.42
CA GLY O 46 -27.42 -1.30 3.45
C GLY O 46 -26.31 -2.02 4.21
N ARG O 47 -26.68 -2.75 5.26
CA ARG O 47 -25.73 -3.56 6.03
C ARG O 47 -25.26 -4.77 5.24
N VAL O 48 -26.17 -5.41 4.50
CA VAL O 48 -25.83 -6.59 3.70
C VAL O 48 -24.98 -6.24 2.47
N GLU O 49 -25.09 -5.00 2.00
CA GLU O 49 -24.24 -4.50 0.91
C GLU O 49 -22.77 -4.41 1.33
N GLN O 50 -22.54 -4.03 2.59
CA GLN O 50 -21.19 -3.86 3.13
C GLN O 50 -20.57 -5.17 3.64
N ALA O 51 -21.34 -6.26 3.62
CA ALA O 51 -20.87 -7.54 4.14
C ALA O 51 -19.72 -8.15 3.32
N MET O 52 -19.70 -7.87 2.02
CA MET O 52 -18.71 -8.47 1.11
C MET O 52 -17.34 -7.78 1.14
N THR O 53 -17.24 -6.62 1.78
CA THR O 53 -15.99 -5.85 1.84
C THR O 53 -14.96 -6.51 2.77
N PRO O 54 -13.81 -6.96 2.23
CA PRO O 54 -12.78 -7.58 3.05
C PRO O 54 -11.60 -6.65 3.34
N GLU O 55 -10.59 -7.18 4.05
CA GLU O 55 -9.36 -6.44 4.34
C GLU O 55 -8.14 -7.22 3.83
N LEU O 56 -7.48 -6.68 2.81
CA LEU O 56 -6.25 -7.25 2.27
C LEU O 56 -5.28 -6.15 1.85
N ASP O 57 -4.04 -6.56 1.54
CA ASP O 57 -2.99 -5.63 1.09
C ASP O 57 -2.80 -5.71 -0.44
N ASN O 58 -3.87 -6.06 -1.16
CA ASN O 58 -3.83 -6.20 -2.61
C ASN O 58 -4.84 -5.26 -3.26
N GLY O 59 -4.34 -4.22 -3.93
CA GLY O 59 -5.19 -3.23 -4.57
C GLY O 59 -4.81 -2.97 -6.01
N ALA O 60 -5.80 -2.65 -6.84
CA ALA O 60 -5.59 -2.33 -8.25
C ALA O 60 -5.98 -0.87 -8.52
N ALA O 61 -4.99 0.01 -8.44
CA ALA O 61 -5.20 1.45 -8.60
C ALA O 61 -4.95 1.91 -10.03
N VAL O 62 -5.54 3.05 -10.39
CA VAL O 62 -5.32 3.68 -11.69
C VAL O 62 -5.51 5.21 -11.57
N VAL O 63 -4.45 5.89 -11.16
CA VAL O 63 -4.45 7.34 -11.00
C VAL O 63 -3.76 7.99 -12.19
N VAL O 64 -4.53 8.76 -12.96
CA VAL O 64 -4.03 9.36 -14.21
C VAL O 64 -4.87 10.57 -14.62
N GLU O 65 -4.25 11.51 -15.32
CA GLU O 65 -4.94 12.67 -15.86
C GLU O 65 -5.92 12.26 -16.96
N ALA O 66 -6.98 13.04 -17.11
CA ALA O 66 -8.00 12.79 -18.14
C ALA O 66 -8.42 14.10 -18.80
N PRO O 67 -8.52 14.12 -20.13
CA PRO O 67 -8.90 15.34 -20.85
C PRO O 67 -10.40 15.61 -20.79
N LYS O 68 -10.78 16.87 -21.01
CA LYS O 68 -12.18 17.29 -21.02
C LYS O 68 -12.48 18.25 -22.17
N LYS O 69 -13.63 18.06 -22.80
CA LYS O 69 -14.19 19.01 -23.76
C LYS O 69 -13.41 19.13 -25.08
N ALA O 70 -14.11 19.62 -26.11
CA ALA O 70 -13.53 19.85 -27.43
C ALA O 70 -14.51 20.66 -28.27
N ALA O 71 -14.10 21.86 -28.68
CA ALA O 71 -14.96 22.76 -29.45
C ALA O 71 -14.17 23.45 -30.57
N GLN O 72 -14.78 23.48 -31.77
CA GLN O 72 -14.25 24.14 -32.99
C GLN O 72 -13.83 23.19 -34.12
N PRO O 73 -13.05 22.13 -33.83
CA PRO O 73 -12.57 21.30 -34.94
C PRO O 73 -13.65 20.41 -35.57
N SER O 74 -14.45 19.77 -34.72
CA SER O 74 -15.56 18.94 -35.20
C SER O 74 -16.65 19.81 -35.82
N GLU O 75 -16.87 20.99 -35.25
CA GLU O 75 -17.84 21.95 -35.78
C GLU O 75 -17.49 22.36 -37.21
N THR O 76 -16.34 23.00 -37.38
CA THR O 76 -15.90 23.49 -38.69
C THR O 76 -16.06 22.45 -39.80
N LEU O 77 -15.73 21.20 -39.49
CA LEU O 77 -15.91 20.09 -40.43
C LEU O 77 -17.39 19.72 -40.60
N VAL O 78 -18.14 19.71 -39.49
CA VAL O 78 -19.57 19.37 -39.53
C VAL O 78 -20.47 20.57 -39.87
N PHE O 79 -19.86 21.72 -40.20
CA PHE O 79 -20.57 22.85 -40.82
C PHE O 79 -20.28 22.90 -42.32
N GLY O 80 -19.09 22.46 -42.73
CA GLY O 80 -18.71 22.43 -44.13
C GLY O 80 -19.49 21.42 -44.96
N VAL O 81 -19.60 20.19 -44.45
CA VAL O 81 -20.24 19.10 -45.21
C VAL O 81 -21.77 19.22 -45.34
N PRO O 82 -22.49 19.66 -44.28
CA PRO O 82 -23.94 19.79 -44.47
C PRO O 82 -24.35 21.03 -45.28
N GLN O 83 -23.62 22.14 -45.14
CA GLN O 83 -23.91 23.35 -45.90
C GLN O 83 -23.82 23.07 -47.40
N LYS O 84 -22.81 22.30 -47.82
CA LYS O 84 -22.69 21.84 -49.20
C LYS O 84 -23.85 20.91 -49.57
N THR O 85 -24.19 20.00 -48.65
CA THR O 85 -25.31 19.07 -48.87
C THR O 85 -26.65 19.80 -48.99
N LEU O 86 -26.83 20.84 -48.18
CA LEU O 86 -28.03 21.68 -48.27
C LEU O 86 -28.06 22.45 -49.59
N LEU O 87 -26.94 23.08 -49.93
CA LEU O 87 -26.80 23.82 -51.20
C LEU O 87 -27.17 22.98 -52.43
N LEU O 88 -26.80 21.70 -52.40
CA LEU O 88 -27.21 20.76 -53.45
C LEU O 88 -28.72 20.54 -53.46
N GLY O 89 -29.33 20.56 -52.28
CA GLY O 89 -30.78 20.46 -52.14
C GLY O 89 -31.52 21.65 -52.75
N PHE O 90 -31.03 22.85 -52.46
CA PHE O 90 -31.61 24.07 -53.04
C PHE O 90 -31.54 24.06 -54.56
N GLY O 91 -30.39 23.65 -55.11
CA GLY O 91 -30.21 23.52 -56.55
C GLY O 91 -31.19 22.56 -57.20
N GLY O 92 -31.48 21.47 -56.50
CA GLY O 92 -32.48 20.50 -56.96
C GLY O 92 -33.91 21.02 -56.85
N LEU O 93 -34.19 21.72 -55.76
CA LEU O 93 -35.52 22.33 -55.55
C LEU O 93 -35.76 23.52 -56.49
N LEU O 94 -34.70 24.24 -56.84
CA LEU O 94 -34.79 25.36 -57.77
C LEU O 94 -35.11 24.90 -59.19
N VAL O 95 -34.40 23.90 -59.67
CA VAL O 95 -34.63 23.35 -61.02
C VAL O 95 -36.03 22.72 -61.14
N LEU O 96 -36.52 22.15 -60.03
CA LEU O 96 -37.89 21.62 -59.98
C LEU O 96 -38.92 22.76 -59.96
N GLY O 97 -38.59 23.85 -59.26
CA GLY O 97 -39.44 25.04 -59.23
C GLY O 97 -39.44 25.78 -60.56
N LEU O 98 -38.27 25.83 -61.20
CA LEU O 98 -38.12 26.51 -62.50
C LEU O 98 -38.77 25.73 -63.65
N VAL O 99 -38.76 24.40 -63.57
CA VAL O 99 -39.38 23.57 -64.61
C VAL O 99 -40.91 23.64 -64.55
N MET O 100 -41.46 23.86 -63.36
CA MET O 100 -42.90 24.06 -63.19
C MET O 100 -43.36 25.37 -63.81
N ARG O 101 -42.49 26.38 -63.81
CA ARG O 101 -42.76 27.65 -64.49
C ARG O 101 -42.78 27.49 -66.00
N GLY O 102 -41.93 26.59 -66.51
CA GLY O 102 -41.91 26.26 -67.93
C GLY O 102 -43.17 25.55 -68.42
N ASN O 103 -43.81 24.82 -67.51
CA ASN O 103 -45.05 24.09 -67.83
C ASN O 103 -46.32 24.96 -67.74
N LYS O 104 -46.18 26.22 -67.32
CA LYS O 104 -47.31 27.14 -67.24
C LYS O 104 -47.89 27.42 -68.62
N MET P 1 -8.54 23.45 -103.02
CA MET P 1 -7.24 23.56 -103.75
C MET P 1 -6.71 24.99 -103.69
N ALA P 2 -7.55 25.95 -104.10
CA ALA P 2 -7.19 27.36 -104.09
C ALA P 2 -7.13 27.92 -102.67
N ASN P 3 -8.11 27.54 -101.85
CA ASN P 3 -8.17 27.97 -100.45
C ASN P 3 -7.05 27.34 -99.61
N PHE P 4 -6.72 26.08 -99.91
CA PHE P 4 -5.65 25.38 -99.21
C PHE P 4 -4.27 25.96 -99.54
N LEU P 5 -4.08 26.32 -100.81
CA LEU P 5 -2.82 26.92 -101.27
C LEU P 5 -2.64 28.34 -100.71
N THR P 6 -3.73 29.10 -100.63
CA THR P 6 -3.71 30.46 -100.10
C THR P 6 -3.45 30.47 -98.59
N LYS P 7 -4.07 29.53 -97.88
CA LYS P 7 -3.90 29.39 -96.43
C LYS P 7 -2.50 28.88 -96.08
N ASN P 8 -1.95 28.01 -96.93
CA ASN P 8 -0.62 27.45 -96.72
C ASN P 8 0.48 28.51 -96.85
N PHE P 9 0.32 29.43 -97.81
CA PHE P 9 1.29 30.49 -98.04
C PHE P 9 1.30 31.51 -96.90
N VAL P 10 0.11 31.87 -96.42
CA VAL P 10 -0.03 32.84 -95.33
C VAL P 10 0.42 32.26 -93.98
N TRP P 11 0.06 31.01 -93.71
CA TRP P 11 0.39 30.35 -92.45
C TRP P 11 1.88 30.03 -92.34
N ILE P 12 2.46 29.55 -93.45
CA ILE P 12 3.89 29.22 -93.48
C ILE P 12 4.77 30.46 -93.33
N LEU P 13 4.33 31.57 -93.92
CA LEU P 13 5.03 32.85 -93.79
C LEU P 13 4.96 33.39 -92.36
N ALA P 14 3.82 33.15 -91.70
CA ALA P 14 3.64 33.53 -90.30
C ALA P 14 4.52 32.69 -89.37
N ALA P 15 4.67 31.41 -89.70
CA ALA P 15 5.53 30.50 -88.93
C ALA P 15 7.01 30.85 -89.10
N GLY P 16 7.38 31.37 -90.27
CA GLY P 16 8.75 31.81 -90.54
C GLY P 16 9.12 33.04 -89.71
N VAL P 17 8.15 33.93 -89.50
CA VAL P 17 8.35 35.13 -88.68
C VAL P 17 8.55 34.78 -87.21
N GLY P 18 7.79 33.80 -86.73
CA GLY P 18 7.92 33.30 -85.36
C GLY P 18 9.25 32.58 -85.15
N VAL P 19 9.71 31.87 -86.17
CA VAL P 19 11.00 31.18 -86.13
C VAL P 19 12.17 32.16 -86.11
N TRP P 20 12.02 33.28 -86.81
CA TRP P 20 13.05 34.32 -86.84
C TRP P 20 13.17 35.03 -85.50
N PHE P 21 12.03 35.31 -84.87
CA PHE P 21 11.98 35.94 -83.56
C PHE P 21 12.48 34.99 -82.46
N TYR P 22 12.11 33.72 -82.57
CA TYR P 22 12.55 32.69 -81.63
C TYR P 22 14.05 32.41 -81.78
N GLN P 23 14.56 32.51 -83.01
CA GLN P 23 15.99 32.36 -83.28
C GLN P 23 16.80 33.51 -82.67
N LYS P 24 16.26 34.73 -82.79
CA LYS P 24 16.91 35.92 -82.24
C LYS P 24 16.96 35.90 -80.71
N ALA P 25 15.92 35.35 -80.09
CA ALA P 25 15.85 35.21 -78.63
C ALA P 25 16.90 34.21 -78.13
N ASP P 26 17.02 33.09 -78.83
CA ASP P 26 18.02 32.07 -78.50
C ASP P 26 19.43 32.52 -78.88
N ASN P 27 19.53 33.25 -80.00
CA ASN P 27 20.83 33.75 -80.48
C ASN P 27 21.31 34.99 -79.72
N ALA P 28 20.43 35.60 -78.92
CA ALA P 28 20.81 36.72 -78.07
C ALA P 28 21.94 36.30 -77.13
N ALA P 29 21.72 35.18 -76.43
CA ALA P 29 22.78 34.52 -75.67
C ALA P 29 23.57 33.62 -76.60
N LYS P 30 24.74 33.18 -76.16
CA LYS P 30 25.58 32.29 -76.96
C LYS P 30 24.92 30.92 -77.13
N THR P 31 25.15 30.29 -78.28
CA THR P 31 24.57 28.98 -78.58
C THR P 31 25.07 27.94 -77.60
N ALA P 32 24.15 27.33 -76.85
CA ALA P 32 24.49 26.40 -75.78
C ALA P 32 24.73 24.96 -76.25
N THR P 33 24.64 24.71 -77.56
CA THR P 33 24.85 23.38 -78.12
C THR P 33 26.34 23.02 -78.10
N LYS P 34 26.67 21.93 -77.40
CA LYS P 34 28.06 21.47 -77.29
C LYS P 34 28.22 20.10 -77.96
N PRO P 35 29.23 19.98 -78.81
CA PRO P 35 29.50 18.75 -79.56
C PRO P 35 30.84 18.14 -79.17
N ILE P 36 30.85 17.44 -78.04
CA ILE P 36 32.06 16.79 -77.51
C ILE P 36 31.79 16.22 -76.11
N ALA P 37 32.59 15.23 -75.72
CA ALA P 37 32.47 14.59 -74.40
C ALA P 37 33.76 14.66 -73.57
N ASP P 38 34.78 15.35 -74.08
CA ASP P 38 36.08 15.41 -73.39
C ASP P 38 36.07 16.48 -72.30
N PHE P 39 35.74 17.71 -72.69
CA PHE P 39 35.75 18.86 -71.77
C PHE P 39 34.62 18.79 -70.73
N LEU P 40 33.48 18.25 -71.13
CA LEU P 40 32.32 18.15 -70.24
C LEU P 40 32.56 17.17 -69.09
N ALA P 41 33.23 16.06 -69.38
CA ALA P 41 33.53 15.04 -68.37
C ALA P 41 34.64 15.50 -67.40
N GLU P 42 35.68 16.11 -67.95
CA GLU P 42 36.82 16.55 -67.15
C GLU P 42 36.49 17.74 -66.25
N LEU P 43 35.72 18.69 -66.77
CA LEU P 43 35.31 19.88 -66.02
C LEU P 43 34.39 19.53 -64.85
N GLN P 44 33.52 18.53 -65.06
CA GLN P 44 32.62 18.05 -64.00
C GLN P 44 33.40 17.35 -62.90
N PHE P 45 34.44 16.61 -63.28
CA PHE P 45 35.31 15.94 -62.31
C PHE P 45 36.15 16.96 -61.53
N LEU P 46 36.59 18.02 -62.21
CA LEU P 46 37.34 19.10 -61.58
C LEU P 46 36.46 19.94 -60.66
N VAL P 47 35.18 20.02 -60.97
CA VAL P 47 34.21 20.76 -60.15
C VAL P 47 34.00 20.11 -58.80
N ASN P 48 33.90 18.79 -58.79
CA ASN P 48 33.75 18.01 -57.56
C ASN P 48 35.05 17.99 -56.73
N GLY P 49 36.19 18.10 -57.42
CA GLY P 49 37.50 18.11 -56.76
C GLY P 49 37.77 19.41 -56.03
N SER P 50 37.42 20.53 -56.66
CA SER P 50 37.64 21.86 -56.07
C SER P 50 36.72 22.14 -54.88
N ASN P 51 35.54 21.51 -54.88
CA ASN P 51 34.55 21.65 -53.81
C ASN P 51 33.94 23.05 -53.76
N TYR P 52 33.70 23.63 -54.93
CA TYR P 52 33.02 24.92 -55.03
C TYR P 52 31.52 24.72 -54.88
N VAL P 53 30.86 25.68 -54.24
CA VAL P 53 29.42 25.58 -53.97
C VAL P 53 28.59 25.81 -55.24
N LYS P 54 28.03 24.73 -55.78
CA LYS P 54 27.18 24.78 -56.97
C LYS P 54 27.96 25.23 -58.21
N PHE P 55 28.51 24.27 -58.94
CA PHE P 55 29.27 24.55 -60.16
C PHE P 55 28.37 25.14 -61.25
N PRO P 56 27.13 24.67 -61.32
CA PRO P 56 26.15 25.19 -62.26
C PRO P 56 25.71 26.61 -61.91
N ASN P 57 25.57 26.88 -60.61
CA ASN P 57 25.18 28.21 -60.13
C ASN P 57 26.32 29.22 -60.33
N ALA P 58 27.55 28.80 -60.04
CA ALA P 58 28.72 29.65 -60.22
C ALA P 58 29.00 29.92 -61.70
N GLY P 59 28.74 28.94 -62.56
CA GLY P 59 28.94 29.07 -63.99
C GLY P 59 27.94 30.05 -64.63
N PHE P 60 26.69 29.98 -64.18
CA PHE P 60 25.63 30.87 -64.68
C PHE P 60 25.88 32.32 -64.27
N VAL P 61 26.36 32.53 -63.05
CA VAL P 61 26.68 33.88 -62.55
C VAL P 61 27.94 34.44 -63.21
N LEU P 62 28.94 33.59 -63.41
CA LEU P 62 30.21 34.00 -64.01
C LEU P 62 30.10 34.26 -65.52
N THR P 63 29.31 33.44 -66.20
CA THR P 63 29.15 33.54 -67.66
C THR P 63 28.49 34.86 -68.07
N ARG P 64 27.46 35.25 -67.36
CA ARG P 64 26.73 36.49 -67.65
C ARG P 64 27.53 37.73 -67.23
N ASP P 65 28.18 37.66 -66.07
CA ASP P 65 28.92 38.79 -65.52
C ASP P 65 30.23 39.04 -66.27
N ALA P 66 30.99 37.98 -66.51
CA ALA P 66 32.31 38.07 -67.16
C ALA P 66 32.26 38.02 -68.69
N LEU P 67 31.04 37.98 -69.25
CA LEU P 67 30.83 37.96 -70.71
C LEU P 67 30.99 36.56 -71.29
N GLN P 68 30.34 36.32 -72.43
CA GLN P 68 30.32 35.00 -73.06
C GLN P 68 31.66 34.63 -73.70
N ASP P 69 32.33 35.61 -74.31
CA ASP P 69 33.62 35.39 -74.96
C ASP P 69 34.69 34.99 -73.96
N ASP P 70 34.73 35.67 -72.82
CA ASP P 70 35.68 35.36 -71.75
C ASP P 70 35.31 34.06 -71.04
N PHE P 71 34.01 33.78 -70.93
CA PHE P 71 33.52 32.56 -70.28
C PHE P 71 33.78 31.33 -71.13
N ILE P 72 33.47 31.41 -72.42
CA ILE P 72 33.62 30.27 -73.34
C ILE P 72 35.09 29.87 -73.51
N ALA P 73 35.98 30.86 -73.58
CA ALA P 73 37.41 30.61 -73.71
C ALA P 73 37.98 30.01 -72.42
N TYR P 74 37.57 30.57 -71.28
CA TYR P 74 38.01 30.08 -69.97
C TYR P 74 37.38 28.74 -69.62
N ASP P 75 36.15 28.50 -70.09
CA ASP P 75 35.46 27.23 -69.86
C ASP P 75 36.07 26.09 -70.68
N ASP P 76 36.60 26.41 -71.86
CA ASP P 76 37.29 25.43 -72.71
C ASP P 76 38.49 24.84 -71.98
N ARG P 77 39.29 25.72 -71.38
CA ARG P 77 40.40 25.29 -70.52
C ARG P 77 39.82 24.85 -69.18
N ILE P 78 39.52 23.54 -69.08
CA ILE P 78 38.84 22.97 -67.92
C ILE P 78 39.58 23.25 -66.61
N LYS P 79 40.89 23.04 -66.61
CA LYS P 79 41.73 23.28 -65.44
C LYS P 79 43.01 24.00 -65.83
N ALA P 80 43.80 24.37 -64.82
CA ALA P 80 45.09 25.04 -65.02
C ALA P 80 44.94 26.48 -65.50
N TRP P 81 46.07 27.17 -65.58
CA TRP P 81 46.13 28.54 -66.07
C TRP P 81 47.59 28.93 -66.30
N LEU P 82 47.97 29.05 -67.57
CA LEU P 82 49.33 29.43 -67.95
C LEU P 82 49.33 30.40 -69.12
N GLY P 83 50.43 31.15 -69.27
CA GLY P 83 50.63 32.09 -70.37
C GLY P 83 49.68 33.29 -70.28
N THR P 84 49.49 33.99 -71.40
CA THR P 84 48.63 35.18 -71.46
C THR P 84 47.15 34.86 -71.22
N HIS P 85 46.73 33.64 -71.55
CA HIS P 85 45.35 33.20 -71.32
C HIS P 85 45.00 33.17 -69.83
N ASP P 86 45.98 32.78 -69.01
CA ASP P 86 45.80 32.75 -67.56
C ASP P 86 45.82 34.15 -66.96
N ARG P 87 46.78 34.97 -67.39
CA ARG P 87 46.95 36.32 -66.87
C ARG P 87 45.74 37.22 -67.17
N HIS P 88 45.18 37.08 -68.36
CA HIS P 88 44.01 37.86 -68.76
C HIS P 88 42.76 37.43 -68.00
N LYS P 89 42.60 36.12 -67.82
CA LYS P 89 41.44 35.56 -67.11
C LYS P 89 41.52 35.82 -65.60
N ASP P 90 42.73 35.78 -65.04
CA ASP P 90 42.93 36.02 -63.61
C ASP P 90 42.60 37.46 -63.22
N PHE P 91 43.07 38.41 -64.03
CA PHE P 91 42.80 39.83 -63.79
C PHE P 91 41.75 40.35 -64.78
N LEU P 92 40.56 39.75 -64.72
CA LEU P 92 39.45 40.13 -65.58
C LEU P 92 38.31 40.73 -64.76
N ALA P 93 37.52 41.60 -65.38
CA ALA P 93 36.40 42.27 -64.71
C ALA P 93 35.49 43.01 -65.70
N GLU P 94 34.49 43.70 -65.16
CA GLU P 94 33.56 44.51 -65.97
C GLU P 94 34.16 45.88 -66.25
N ILE P 95 33.32 46.84 -66.67
CA ILE P 95 33.80 48.19 -66.97
C ILE P 95 32.70 49.25 -66.89
N LEU P 96 33.11 50.46 -66.49
CA LEU P 96 32.25 51.63 -66.48
C LEU P 96 32.95 52.76 -67.24
N ASP P 97 32.36 53.95 -67.26
CA ASP P 97 32.95 55.09 -67.97
C ASP P 97 32.41 56.45 -67.51
N HIS P 98 33.21 57.48 -67.75
CA HIS P 98 32.82 58.86 -67.46
C HIS P 98 33.46 59.82 -68.47
N GLU P 99 32.68 60.78 -68.96
CA GLU P 99 33.17 61.75 -69.94
C GLU P 99 32.24 62.93 -70.09
N ARG P 100 32.75 64.03 -70.65
CA ARG P 100 31.96 65.23 -70.90
C ARG P 100 31.22 65.09 -72.23
N ARG P 101 29.97 65.53 -72.28
CA ARG P 101 29.16 65.44 -73.49
C ARG P 101 27.96 66.41 -73.49
N VAL P 102 26.77 65.89 -73.22
CA VAL P 102 25.54 66.68 -73.35
C VAL P 102 25.33 67.67 -72.21
N LYS P 103 25.75 67.29 -71.00
CA LYS P 103 25.56 68.11 -69.80
C LYS P 103 26.43 69.37 -69.84
N PRO P 104 27.72 69.20 -70.12
CA PRO P 104 28.66 70.31 -70.17
C PRO P 104 28.41 71.22 -71.37
N VAL P 105 27.99 70.64 -72.49
CA VAL P 105 27.69 71.40 -73.69
C VAL P 105 26.45 72.28 -73.51
N TYR P 106 25.45 71.75 -72.80
CA TYR P 106 24.22 72.49 -72.51
C TYR P 106 24.47 73.64 -71.53
N ARG P 107 25.36 73.42 -70.57
CA ARG P 107 25.74 74.44 -69.60
C ARG P 107 26.51 75.59 -70.24
N LYS P 108 27.34 75.26 -71.23
CA LYS P 108 28.10 76.25 -71.98
C LYS P 108 27.18 77.15 -72.82
N LEU P 109 26.09 76.57 -73.33
CA LEU P 109 25.09 77.33 -74.08
C LEU P 109 24.35 78.32 -73.18
N ILE P 110 24.13 77.93 -71.93
CA ILE P 110 23.51 78.81 -70.93
C ILE P 110 24.42 80.00 -70.60
N GLY P 111 25.72 79.73 -70.53
CA GLY P 111 26.72 80.78 -70.30
C GLY P 111 26.84 81.70 -71.52
N ASN P 112 26.77 81.12 -72.71
CA ASN P 112 26.80 81.88 -73.95
C ASN P 112 25.52 82.71 -74.13
N ILE P 113 24.39 82.14 -73.72
CA ILE P 113 23.11 82.85 -73.74
C ILE P 113 23.10 84.01 -72.75
N ILE P 114 23.80 83.84 -71.62
CA ILE P 114 23.96 84.88 -70.62
C ILE P 114 25.25 85.65 -70.85
N ASP P 115 25.32 86.34 -71.99
CA ASP P 115 26.45 87.20 -72.34
C ASP P 115 25.91 88.48 -72.97
N ALA P 116 26.25 89.67 -72.41
CA ALA P 116 27.20 89.84 -71.31
C ALA P 116 26.66 89.43 -69.93
N SER P 117 25.41 88.95 -69.87
CA SER P 117 24.84 88.33 -68.67
C SER P 117 23.92 89.28 -67.89
N THR P 118 22.98 88.68 -67.16
CA THR P 118 22.07 89.41 -66.29
C THR P 118 22.05 88.75 -64.91
N ILE P 119 21.92 89.56 -63.87
CA ILE P 119 21.98 89.08 -62.49
C ILE P 119 20.67 88.43 -62.05
N ARG P 120 20.78 87.18 -61.58
CA ARG P 120 19.65 86.45 -61.01
C ARG P 120 20.07 85.86 -59.67
N ALA P 121 19.22 86.01 -58.66
CA ALA P 121 19.56 85.59 -57.29
C ALA P 121 18.34 85.28 -56.43
N ALA P 122 18.61 84.75 -55.24
CA ALA P 122 17.58 84.43 -54.27
C ALA P 122 18.18 84.38 -52.86
N SER P 123 17.34 84.64 -51.85
CA SER P 123 17.77 84.74 -50.45
C SER P 123 16.89 85.75 -49.71
N GLY P 124 16.54 86.84 -50.40
CA GLY P 124 15.65 87.85 -49.85
C GLY P 124 14.20 87.34 -49.79
N VAL P 125 13.27 88.23 -49.42
CA VAL P 125 11.84 87.92 -49.32
C VAL P 125 11.32 88.25 -47.92
N GLU P 126 10.06 87.90 -47.67
CA GLU P 126 9.40 88.21 -46.39
C GLU P 126 9.86 87.34 -45.23
N LEU P 127 10.53 86.23 -45.51
CA LEU P 127 11.02 85.31 -44.48
C LEU P 127 12.14 85.94 -43.67
CA CA Q . 25.74 28.52 -28.55
CA CA R . 13.05 -2.99 -23.70
CA CA S . 40.49 1.82 -42.86
CA CA T . -3.49 -52.46 -25.05
CA CA U . -15.05 -26.92 -6.36
CA CA V . -31.59 -56.99 -6.78
CA CA W . 38.00 -37.18 -53.82
CA CA X . -42.78 7.26 20.00
CA CA Y . -12.25 11.58 6.13
CA CA Z . -28.42 38.39 18.55
CA CA AA . -68.29 92.69 127.31
#